data_6O1J
#
_entry.id   6O1J
#
_cell.length_a   80.301
_cell.length_b   259.921
_cell.length_c   80.350
_cell.angle_alpha   90.000
_cell.angle_beta   118.810
_cell.angle_gamma   90.000
#
_symmetry.space_group_name_H-M   'P 1 21 1'
#
loop_
_entity.id
_entity.type
_entity.pdbx_description
1 polymer AlfC
2 non-polymer beta-L-fucopyranose
3 water water
#
_entity_poly.entity_id   1
_entity_poly.type   'polypeptide(L)'
_entity_poly.pdbx_seq_one_letter_code
;MNDNVAWFKQAKYGMMIHWGLYSLLAGEYRGESSSAYAEWIQSKFQIPNAEYGNLATAFNPLYFDAKKIVALAKQCGMQY
LVVTTKHHDGFAMYHSKVDAYNVYDATPFHRDIIGELAEACQKAGLKFGLYYSQDLDWHDPNGGGYKSNDVETAGTTWDN
SWDFPDEDQKNFDLCFDNKILPQIKEIMSNYGDIATAWFDVPMTLSEAQSQTIYDTVRELQPNCLINSRLGNGKYDFVSL
GDAEIPKNKEDMNKTDVDYNEITGFKPSPLGLYETAGTINDSWGFSYHDQNWKTPRTLYRYKQHLNDFGINYLLNVGLDP
LGRVPMMAEENLLAAKALEDEANRL
;
_entity_poly.pdbx_strand_id   A,B,C,D,E,F,G,H
#
loop_
_chem_comp.id
_chem_comp.type
_chem_comp.name
_chem_comp.formula
FUL L-saccharide, beta linking beta-L-fucopyranose 'C6 H12 O5'
#
# COMPACT_ATOMS: atom_id res chain seq x y z
N MET A 1 -9.00 2.39 42.01
CA MET A 1 -9.10 2.62 40.53
C MET A 1 -10.00 1.54 39.93
N ASN A 2 -10.65 1.80 38.78
CA ASN A 2 -11.38 0.77 38.00
C ASN A 2 -10.39 0.08 37.05
N ASP A 3 -9.85 -1.06 37.45
CA ASP A 3 -8.83 -1.78 36.64
C ASP A 3 -9.56 -2.83 35.79
N ASN A 4 -10.90 -2.81 35.76
CA ASN A 4 -11.69 -3.45 34.68
C ASN A 4 -11.34 -2.75 33.35
N VAL A 5 -10.98 -1.46 33.39
CA VAL A 5 -10.55 -0.71 32.16
C VAL A 5 -9.33 -1.43 31.57
N ALA A 6 -8.24 -1.51 32.31
CA ALA A 6 -7.00 -2.21 31.88
C ALA A 6 -7.33 -3.67 31.58
N TRP A 7 -8.13 -4.34 32.43
CA TRP A 7 -8.51 -5.76 32.23
C TRP A 7 -9.25 -5.91 30.89
N PHE A 8 -10.20 -5.03 30.58
CA PHE A 8 -11.03 -5.12 29.35
C PHE A 8 -10.14 -4.93 28.11
N LYS A 9 -9.19 -4.01 28.21
CA LYS A 9 -8.24 -3.67 27.09
C LYS A 9 -7.52 -4.95 26.62
N GLN A 10 -7.19 -5.86 27.53
CA GLN A 10 -6.32 -7.05 27.25
C GLN A 10 -7.14 -8.35 27.25
N ALA A 11 -8.46 -8.27 27.41
CA ALA A 11 -9.33 -9.43 27.65
C ALA A 11 -9.50 -10.26 26.35
N LYS A 12 -9.57 -9.59 25.20
CA LYS A 12 -9.44 -10.19 23.83
C LYS A 12 -10.64 -11.05 23.43
N TYR A 13 -11.20 -11.86 24.33
CA TYR A 13 -12.11 -12.99 23.98
C TYR A 13 -13.12 -13.21 25.11
N GLY A 14 -14.40 -13.20 24.73
CA GLY A 14 -15.54 -13.48 25.63
C GLY A 14 -16.51 -14.46 25.00
N MET A 15 -17.27 -15.15 25.82
CA MET A 15 -18.43 -15.97 25.40
C MET A 15 -19.70 -15.16 25.66
N MET A 16 -20.56 -15.06 24.65
CA MET A 16 -21.95 -14.59 24.83
C MET A 16 -22.88 -15.81 24.82
N ILE A 17 -23.98 -15.73 25.57
CA ILE A 17 -25.01 -16.80 25.63
C ILE A 17 -26.35 -16.15 25.32
N HIS A 18 -27.02 -16.64 24.28
CA HIS A 18 -28.45 -16.39 24.04
C HIS A 18 -29.21 -17.64 24.42
N TRP A 19 -30.12 -17.50 25.38
CA TRP A 19 -30.98 -18.61 25.85
C TRP A 19 -32.31 -18.04 26.34
N GLY A 20 -33.40 -18.62 25.88
CA GLY A 20 -34.77 -18.20 26.24
C GLY A 20 -35.82 -19.14 25.70
N LEU A 21 -37.08 -18.77 25.87
CA LEU A 21 -38.25 -19.50 25.34
C LEU A 21 -38.07 -19.71 23.82
N TYR A 22 -37.51 -18.73 23.12
CA TYR A 22 -37.27 -18.78 21.65
C TYR A 22 -36.42 -19.99 21.30
N SER A 23 -35.52 -20.41 22.19
CA SER A 23 -34.62 -21.57 21.99
C SER A 23 -35.43 -22.86 21.79
N LEU A 24 -36.65 -22.95 22.36
CA LEU A 24 -37.47 -24.19 22.26
C LEU A 24 -38.05 -24.31 20.85
N LEU A 25 -38.51 -23.22 20.23
CA LEU A 25 -39.04 -23.22 18.84
C LEU A 25 -37.92 -23.47 17.83
N ALA A 26 -36.68 -23.09 18.19
CA ALA A 26 -35.44 -23.51 17.49
C ALA A 26 -35.51 -23.08 16.02
N GLY A 27 -36.05 -21.89 15.75
CA GLY A 27 -35.99 -21.24 14.43
C GLY A 27 -37.10 -21.68 13.51
N GLU A 28 -38.14 -22.28 14.07
CA GLU A 28 -39.25 -22.89 13.30
C GLU A 28 -40.57 -22.61 14.02
N TYR A 29 -41.61 -22.22 13.29
CA TYR A 29 -42.98 -22.02 13.83
C TYR A 29 -44.02 -22.47 12.82
N ARG A 30 -44.83 -23.47 13.20
CA ARG A 30 -45.94 -24.04 12.40
C ARG A 30 -45.49 -24.25 10.95
N GLY A 31 -44.32 -24.90 10.78
CA GLY A 31 -43.80 -25.35 9.49
C GLY A 31 -43.10 -24.22 8.72
N GLU A 32 -42.81 -23.09 9.34
CA GLU A 32 -42.15 -21.96 8.63
C GLU A 32 -40.91 -21.51 9.40
N SER A 33 -39.99 -20.90 8.68
CA SER A 33 -38.65 -20.56 9.20
C SER A 33 -38.68 -19.19 9.87
N SER A 34 -37.99 -19.03 10.99
CA SER A 34 -37.52 -17.71 11.49
C SER A 34 -36.74 -17.02 10.37
N SER A 35 -36.48 -15.71 10.52
CA SER A 35 -35.38 -15.04 9.79
C SER A 35 -34.05 -15.66 10.25
N ALA A 36 -32.92 -15.09 9.84
CA ALA A 36 -31.58 -15.55 10.28
C ALA A 36 -31.52 -15.51 11.82
N TYR A 37 -32.31 -14.62 12.48
CA TYR A 37 -32.29 -14.46 13.96
C TYR A 37 -33.46 -15.23 14.58
N ALA A 38 -33.22 -16.45 15.08
CA ALA A 38 -34.24 -17.36 15.66
C ALA A 38 -34.81 -16.76 16.95
N GLU A 39 -34.04 -15.94 17.68
CA GLU A 39 -34.49 -15.27 18.94
C GLU A 39 -35.58 -14.22 18.65
N TRP A 40 -35.77 -13.81 17.40
CA TRP A 40 -36.81 -12.83 16.98
C TRP A 40 -38.11 -13.53 16.56
N ILE A 41 -38.30 -14.82 16.88
CA ILE A 41 -39.39 -15.64 16.27
C ILE A 41 -40.76 -15.10 16.71
N GLN A 42 -40.87 -14.54 17.92
CA GLN A 42 -42.18 -14.09 18.47
C GLN A 42 -42.71 -12.96 17.58
N SER A 43 -41.85 -12.01 17.21
CA SER A 43 -42.17 -10.86 16.33
C SER A 43 -42.40 -11.33 14.89
N LYS A 44 -41.56 -12.27 14.43
CA LYS A 44 -41.58 -12.80 13.04
C LYS A 44 -42.96 -13.36 12.72
N PHE A 45 -43.58 -14.08 13.65
CA PHE A 45 -44.89 -14.77 13.43
C PHE A 45 -46.01 -14.13 14.28
N GLN A 46 -45.71 -13.00 14.94
CA GLN A 46 -46.67 -12.28 15.82
C GLN A 46 -47.37 -13.29 16.73
N ILE A 47 -46.59 -14.10 17.45
CA ILE A 47 -47.13 -15.17 18.34
C ILE A 47 -47.73 -14.48 19.56
N PRO A 48 -49.05 -14.59 19.83
CA PRO A 48 -49.65 -13.94 21.00
C PRO A 48 -48.93 -14.34 22.30
N ASN A 49 -48.77 -13.39 23.22
CA ASN A 49 -48.15 -13.61 24.56
C ASN A 49 -48.69 -14.86 25.28
N ALA A 50 -50.03 -15.10 25.26
CA ALA A 50 -50.63 -16.28 25.93
C ALA A 50 -49.97 -17.58 25.41
N GLU A 51 -49.89 -17.74 24.09
CA GLU A 51 -49.28 -18.94 23.42
C GLU A 51 -47.76 -18.96 23.65
N TYR A 52 -47.06 -17.89 23.30
CA TYR A 52 -45.58 -17.81 23.39
C TYR A 52 -45.15 -18.09 24.83
N GLY A 53 -45.80 -17.42 25.79
CA GLY A 53 -45.52 -17.60 27.23
C GLY A 53 -45.73 -19.03 27.71
N ASN A 54 -46.64 -19.79 27.10
CA ASN A 54 -46.89 -21.20 27.48
C ASN A 54 -45.65 -22.06 27.16
N LEU A 55 -44.74 -21.61 26.29
CA LEU A 55 -43.44 -22.32 26.07
C LEU A 55 -42.71 -22.50 27.42
N ALA A 56 -42.89 -21.58 28.36
CA ALA A 56 -42.30 -21.68 29.71
C ALA A 56 -42.67 -23.02 30.35
N THR A 57 -43.87 -23.54 30.12
CA THR A 57 -44.34 -24.82 30.73
C THR A 57 -43.52 -25.99 30.18
N ALA A 58 -42.85 -25.81 29.04
CA ALA A 58 -42.05 -26.87 28.38
C ALA A 58 -40.55 -26.60 28.56
N PHE A 59 -40.18 -25.57 29.31
CA PHE A 59 -38.75 -25.23 29.53
C PHE A 59 -38.23 -26.10 30.68
N ASN A 60 -37.54 -27.18 30.34
CA ASN A 60 -36.95 -28.14 31.33
C ASN A 60 -35.62 -28.67 30.77
N PRO A 61 -34.60 -27.80 30.65
CA PRO A 61 -33.29 -28.18 30.09
C PRO A 61 -32.43 -29.04 31.03
N LEU A 62 -32.65 -30.36 30.99
CA LEU A 62 -32.09 -31.33 31.96
C LEU A 62 -30.56 -31.36 31.87
N TYR A 63 -29.96 -30.94 30.74
CA TYR A 63 -28.48 -31.04 30.56
C TYR A 63 -27.80 -29.67 30.79
N PHE A 64 -28.52 -28.65 31.26
CA PHE A 64 -27.92 -27.34 31.58
C PHE A 64 -26.88 -27.55 32.68
N ASP A 65 -25.66 -27.15 32.39
CA ASP A 65 -24.52 -27.26 33.34
C ASP A 65 -23.63 -26.02 33.17
N ALA A 66 -23.84 -25.03 34.04
CA ALA A 66 -23.14 -23.74 34.05
C ALA A 66 -21.63 -23.97 34.17
N LYS A 67 -21.22 -24.95 34.97
CA LYS A 67 -19.80 -25.31 35.19
C LYS A 67 -19.17 -25.76 33.87
N LYS A 68 -19.84 -26.64 33.10
CA LYS A 68 -19.28 -27.19 31.85
C LYS A 68 -19.25 -26.09 30.79
N ILE A 69 -20.23 -25.19 30.80
CA ILE A 69 -20.28 -24.08 29.82
C ILE A 69 -19.09 -23.14 30.12
N VAL A 70 -18.83 -22.87 31.40
CA VAL A 70 -17.74 -21.92 31.76
C VAL A 70 -16.39 -22.59 31.48
N ALA A 71 -16.26 -23.88 31.74
CA ALA A 71 -15.04 -24.69 31.46
C ALA A 71 -14.71 -24.67 29.97
N LEU A 72 -15.71 -24.74 29.07
CA LEU A 72 -15.48 -24.60 27.61
C LEU A 72 -14.91 -23.21 27.30
N ALA A 73 -15.55 -22.15 27.80
CA ALA A 73 -15.10 -20.75 27.59
C ALA A 73 -13.65 -20.61 28.07
N LYS A 74 -13.35 -21.14 29.26
CA LYS A 74 -12.02 -21.04 29.89
C LYS A 74 -10.97 -21.77 29.02
N GLN A 75 -11.27 -23.00 28.61
CA GLN A 75 -10.39 -23.81 27.72
C GLN A 75 -10.09 -23.03 26.44
N CYS A 76 -11.03 -22.20 25.97
CA CYS A 76 -10.89 -21.43 24.70
C CYS A 76 -10.13 -20.12 24.93
N GLY A 77 -9.70 -19.81 26.16
CA GLY A 77 -9.00 -18.57 26.49
C GLY A 77 -9.95 -17.40 26.60
N MET A 78 -11.25 -17.65 26.75
CA MET A 78 -12.25 -16.56 26.98
C MET A 78 -12.11 -16.11 28.44
N GLN A 79 -12.10 -14.79 28.68
CA GLN A 79 -11.85 -14.21 30.02
C GLN A 79 -13.15 -13.69 30.63
N TYR A 80 -14.24 -13.74 29.89
CA TYR A 80 -15.56 -13.30 30.39
C TYR A 80 -16.69 -13.98 29.61
N LEU A 81 -17.87 -13.91 30.21
CA LEU A 81 -19.13 -14.49 29.74
C LEU A 81 -20.20 -13.42 29.90
N VAL A 82 -20.93 -13.14 28.82
CA VAL A 82 -22.10 -12.22 28.77
C VAL A 82 -23.33 -13.09 28.48
N VAL A 83 -24.38 -12.98 29.29
CA VAL A 83 -25.59 -13.82 29.08
C VAL A 83 -26.85 -12.95 29.07
N THR A 84 -27.80 -13.32 28.21
CA THR A 84 -29.16 -12.73 28.11
C THR A 84 -29.91 -12.94 29.43
N THR A 85 -30.09 -11.89 30.23
CA THR A 85 -30.95 -11.89 31.45
C THR A 85 -32.41 -11.69 31.05
N LYS A 86 -32.65 -10.93 29.98
CA LYS A 86 -33.99 -10.69 29.40
C LYS A 86 -33.82 -10.17 27.97
N HIS A 87 -34.29 -10.94 26.99
CA HIS A 87 -34.22 -10.59 25.55
C HIS A 87 -35.49 -9.82 25.19
N HIS A 88 -35.71 -9.54 23.90
CA HIS A 88 -36.79 -8.64 23.40
C HIS A 88 -38.16 -9.17 23.83
N ASP A 89 -38.26 -10.51 24.00
CA ASP A 89 -39.57 -11.16 24.31
C ASP A 89 -40.02 -10.77 25.72
N GLY A 90 -39.08 -10.27 26.54
CA GLY A 90 -39.36 -9.77 27.90
C GLY A 90 -39.39 -10.87 28.95
N PHE A 91 -38.96 -12.09 28.61
CA PHE A 91 -38.92 -13.24 29.54
C PHE A 91 -37.61 -13.22 30.32
N ALA A 92 -37.65 -13.05 31.65
CA ALA A 92 -36.41 -12.93 32.47
C ALA A 92 -35.83 -14.33 32.70
N MET A 93 -34.51 -14.49 32.56
CA MET A 93 -33.79 -15.78 32.72
C MET A 93 -33.13 -15.83 34.11
N TYR A 94 -33.67 -15.05 35.03
CA TYR A 94 -33.27 -14.99 36.45
C TYR A 94 -34.55 -14.88 37.28
N HIS A 95 -34.46 -15.08 38.58
CA HIS A 95 -35.64 -15.00 39.50
C HIS A 95 -35.98 -13.51 39.76
N SER A 96 -36.84 -12.93 38.92
CA SER A 96 -37.27 -11.51 39.03
C SER A 96 -38.40 -11.40 40.07
N LYS A 97 -38.23 -10.55 41.07
CA LYS A 97 -39.29 -10.31 42.09
C LYS A 97 -40.40 -9.47 41.46
N VAL A 98 -40.06 -8.56 40.54
CA VAL A 98 -41.03 -7.57 39.99
C VAL A 98 -41.89 -8.22 38.88
N ASP A 99 -41.43 -9.29 38.22
CA ASP A 99 -42.20 -9.94 37.13
C ASP A 99 -42.09 -11.47 37.24
N ALA A 100 -43.25 -12.15 37.39
CA ALA A 100 -43.36 -13.61 37.51
C ALA A 100 -43.08 -14.31 36.16
N TYR A 101 -43.05 -13.54 35.06
CA TYR A 101 -42.70 -14.01 33.70
C TYR A 101 -41.19 -14.22 33.62
N ASN A 102 -40.70 -15.27 34.27
CA ASN A 102 -39.25 -15.53 34.43
C ASN A 102 -39.03 -17.04 34.57
N VAL A 103 -37.79 -17.49 34.35
CA VAL A 103 -37.39 -18.91 34.21
C VAL A 103 -37.59 -19.62 35.56
N TYR A 104 -37.50 -18.90 36.66
CA TYR A 104 -37.61 -19.46 38.03
C TYR A 104 -39.08 -19.77 38.36
N ASP A 105 -39.95 -18.80 38.17
CA ASP A 105 -41.38 -18.87 38.59
C ASP A 105 -42.22 -19.67 37.58
N ALA A 106 -41.98 -19.53 36.28
CA ALA A 106 -42.92 -19.94 35.20
C ALA A 106 -42.56 -21.28 34.57
N THR A 107 -41.39 -21.87 34.88
CA THR A 107 -40.93 -23.13 34.23
C THR A 107 -40.81 -24.23 35.27
N PRO A 108 -41.00 -25.51 34.85
CA PRO A 108 -40.71 -26.65 35.70
C PRO A 108 -39.23 -26.80 36.09
N PHE A 109 -38.33 -26.13 35.35
CA PHE A 109 -36.88 -26.16 35.65
C PHE A 109 -36.65 -25.49 36.99
N HIS A 110 -37.34 -24.36 37.21
CA HIS A 110 -37.51 -23.73 38.55
C HIS A 110 -36.13 -23.42 39.11
N ARG A 111 -35.25 -22.84 38.30
CA ARG A 111 -33.86 -22.53 38.68
C ARG A 111 -33.46 -21.16 38.12
N ASP A 112 -32.59 -20.46 38.84
CA ASP A 112 -32.05 -19.15 38.42
C ASP A 112 -30.78 -19.41 37.58
N ILE A 113 -30.92 -19.31 36.25
CA ILE A 113 -29.85 -19.67 35.27
C ILE A 113 -28.73 -18.62 35.33
N ILE A 114 -29.09 -17.35 35.49
CA ILE A 114 -28.11 -16.24 35.65
C ILE A 114 -27.28 -16.49 36.91
N GLY A 115 -27.94 -16.84 38.02
CA GLY A 115 -27.29 -17.16 39.30
C GLY A 115 -26.28 -18.29 39.16
N GLU A 116 -26.64 -19.35 38.44
CA GLU A 116 -25.78 -20.54 38.26
C GLU A 116 -24.58 -20.16 37.39
N LEU A 117 -24.77 -19.31 36.36
CA LEU A 117 -23.66 -18.85 35.50
C LEU A 117 -22.77 -17.86 36.29
N ALA A 118 -23.35 -16.97 37.10
CA ALA A 118 -22.57 -16.05 37.97
C ALA A 118 -21.66 -16.87 38.89
N GLU A 119 -22.20 -17.89 39.55
CA GLU A 119 -21.44 -18.75 40.50
C GLU A 119 -20.34 -19.50 39.73
N ALA A 120 -20.65 -20.05 38.55
CA ALA A 120 -19.69 -20.84 37.74
C ALA A 120 -18.52 -19.96 37.29
N CYS A 121 -18.81 -18.72 36.85
CA CYS A 121 -17.79 -17.72 36.41
C CYS A 121 -16.89 -17.30 37.58
N GLN A 122 -17.47 -17.09 38.77
CA GLN A 122 -16.72 -16.70 40.00
C GLN A 122 -15.70 -17.81 40.30
N LYS A 123 -16.12 -19.08 40.27
CA LYS A 123 -15.26 -20.22 40.70
C LYS A 123 -14.14 -20.45 39.69
N ALA A 124 -14.35 -20.14 38.42
CA ALA A 124 -13.40 -20.38 37.31
C ALA A 124 -12.49 -19.16 37.09
N GLY A 125 -12.79 -18.03 37.76
CA GLY A 125 -12.04 -16.76 37.63
C GLY A 125 -12.36 -16.02 36.36
N LEU A 126 -13.55 -16.22 35.78
CA LEU A 126 -14.02 -15.45 34.59
C LEU A 126 -14.86 -14.26 35.06
N LYS A 127 -14.74 -13.14 34.35
CA LYS A 127 -15.56 -11.93 34.57
C LYS A 127 -16.95 -12.23 34.03
N PHE A 128 -17.97 -11.57 34.57
CA PHE A 128 -19.39 -11.89 34.27
C PHE A 128 -20.09 -10.62 33.81
N GLY A 129 -20.73 -10.70 32.65
CA GLY A 129 -21.47 -9.60 32.01
C GLY A 129 -22.92 -9.98 31.78
N LEU A 130 -23.77 -8.97 31.66
CA LEU A 130 -25.24 -9.15 31.58
C LEU A 130 -25.76 -8.37 30.39
N TYR A 131 -26.53 -9.08 29.55
CA TYR A 131 -27.32 -8.55 28.43
C TYR A 131 -28.75 -8.31 28.96
N TYR A 132 -29.31 -7.14 28.69
CA TYR A 132 -30.69 -6.77 29.07
C TYR A 132 -31.27 -5.88 27.97
N SER A 133 -32.40 -6.30 27.40
CA SER A 133 -33.22 -5.54 26.42
C SER A 133 -34.02 -4.44 27.16
N GLN A 134 -33.44 -3.25 27.30
CA GLN A 134 -33.96 -2.10 28.09
C GLN A 134 -35.06 -1.37 27.33
N ASP A 135 -35.13 -1.53 26.02
CA ASP A 135 -36.03 -0.78 25.12
C ASP A 135 -37.17 -1.72 24.71
N LEU A 136 -36.87 -2.77 23.95
CA LEU A 136 -37.89 -3.71 23.41
C LEU A 136 -38.32 -4.66 24.54
N ASP A 137 -39.62 -4.83 24.71
CA ASP A 137 -40.22 -5.83 25.62
C ASP A 137 -41.61 -6.18 25.09
N TRP A 138 -41.69 -7.35 24.44
CA TRP A 138 -42.90 -7.80 23.71
C TRP A 138 -43.99 -8.25 24.71
N HIS A 139 -43.58 -8.57 25.93
CA HIS A 139 -44.51 -8.97 27.02
C HIS A 139 -45.16 -7.74 27.66
N ASP A 140 -44.55 -6.56 27.54
CA ASP A 140 -45.05 -5.33 28.19
C ASP A 140 -45.94 -4.55 27.22
N PRO A 141 -47.15 -4.13 27.65
CA PRO A 141 -48.03 -3.30 26.83
C PRO A 141 -47.36 -2.02 26.28
N ASN A 142 -46.41 -1.46 27.03
CA ASN A 142 -45.73 -0.18 26.69
C ASN A 142 -44.27 -0.43 26.32
N GLY A 143 -43.94 -1.66 25.91
CA GLY A 143 -42.60 -2.01 25.39
C GLY A 143 -42.23 -1.10 24.24
N GLY A 144 -40.93 -0.85 24.07
CA GLY A 144 -40.40 0.12 23.09
C GLY A 144 -40.46 -0.41 21.67
N GLY A 145 -40.20 0.47 20.70
CA GLY A 145 -40.09 0.13 19.27
C GLY A 145 -41.25 0.68 18.44
N TYR A 146 -42.32 1.14 19.09
CA TYR A 146 -43.58 1.58 18.43
C TYR A 146 -43.37 2.89 17.65
N LYS A 147 -42.19 3.52 17.71
CA LYS A 147 -41.90 4.76 16.93
C LYS A 147 -40.98 4.43 15.75
N SER A 148 -40.57 3.18 15.59
CA SER A 148 -39.42 2.79 14.73
C SER A 148 -39.85 1.88 13.56
N ASN A 149 -41.16 1.69 13.34
CA ASN A 149 -41.66 0.65 12.41
C ASN A 149 -41.61 1.12 10.95
N ASP A 150 -40.98 2.26 10.67
CA ASP A 150 -40.60 2.71 9.31
C ASP A 150 -39.36 1.94 8.82
N VAL A 151 -38.65 1.20 9.69
CA VAL A 151 -37.47 0.36 9.30
C VAL A 151 -37.79 -1.11 9.59
N GLU A 152 -37.43 -1.99 8.64
CA GLU A 152 -37.69 -3.46 8.72
C GLU A 152 -36.83 -4.08 9.83
N THR A 153 -37.23 -5.27 10.29
CA THR A 153 -36.62 -6.00 11.44
C THR A 153 -36.40 -7.45 11.06
N ALA A 154 -35.75 -8.21 11.96
CA ALA A 154 -35.55 -9.66 11.82
C ALA A 154 -36.82 -10.42 12.24
N GLY A 155 -37.89 -9.68 12.57
CA GLY A 155 -39.26 -10.21 12.79
C GLY A 155 -40.25 -9.50 11.90
N THR A 156 -41.29 -8.89 12.48
CA THR A 156 -42.20 -7.93 11.80
C THR A 156 -41.90 -6.54 12.35
N THR A 157 -42.56 -6.14 13.44
CA THR A 157 -42.39 -4.83 14.11
C THR A 157 -41.36 -4.93 15.23
N TRP A 158 -40.81 -3.79 15.64
CA TRP A 158 -39.86 -3.68 16.78
C TRP A 158 -40.59 -4.01 18.08
N ASP A 159 -41.84 -3.54 18.21
CA ASP A 159 -42.72 -3.74 19.39
C ASP A 159 -43.65 -4.94 19.18
N ASN A 160 -44.32 -5.38 20.25
CA ASN A 160 -45.54 -6.24 20.19
C ASN A 160 -46.71 -5.39 19.73
N SER A 161 -47.02 -5.44 18.43
CA SER A 161 -48.12 -4.67 17.78
C SER A 161 -49.35 -5.56 17.54
N TRP A 162 -49.30 -6.84 17.97
CA TRP A 162 -50.40 -7.82 17.76
C TRP A 162 -51.23 -7.95 19.04
N ASP A 163 -50.60 -8.19 20.19
CA ASP A 163 -51.27 -8.16 21.51
C ASP A 163 -51.62 -6.72 21.88
N PHE A 164 -50.83 -5.75 21.43
CA PHE A 164 -50.95 -4.31 21.79
C PHE A 164 -50.96 -3.45 20.53
N PRO A 165 -52.06 -3.48 19.74
CA PRO A 165 -52.13 -2.78 18.46
C PRO A 165 -52.35 -1.26 18.46
N ASP A 166 -52.71 -0.66 19.59
CA ASP A 166 -53.03 0.80 19.67
C ASP A 166 -51.73 1.58 19.92
N GLU A 167 -51.03 1.94 18.85
CA GLU A 167 -49.67 2.54 18.91
C GLU A 167 -49.73 3.96 19.50
N ASP A 168 -50.81 4.71 19.25
CA ASP A 168 -50.97 6.11 19.77
C ASP A 168 -51.20 6.17 21.29
N GLN A 169 -51.67 5.09 21.91
CA GLN A 169 -51.95 5.06 23.38
C GLN A 169 -50.70 4.54 24.13
N LYS A 170 -49.66 4.15 23.40
CA LYS A 170 -48.45 3.52 23.98
C LYS A 170 -47.56 4.61 24.55
N ASN A 171 -47.04 4.37 25.76
CA ASN A 171 -46.19 5.33 26.52
C ASN A 171 -45.10 4.51 27.21
N PHE A 172 -43.93 4.42 26.57
CA PHE A 172 -42.76 3.65 27.04
C PHE A 172 -42.46 3.95 28.52
N ASP A 173 -42.61 5.20 28.92
CA ASP A 173 -42.34 5.68 30.32
C ASP A 173 -42.89 4.64 31.31
N LEU A 174 -44.12 4.17 31.09
CA LEU A 174 -44.82 3.21 32.00
C LEU A 174 -44.03 1.89 32.11
N CYS A 175 -43.57 1.36 30.97
CA CYS A 175 -42.71 0.15 30.89
C CYS A 175 -41.38 0.43 31.60
N PHE A 176 -40.79 1.60 31.34
CA PHE A 176 -39.49 2.00 31.91
C PHE A 176 -39.56 2.02 33.45
N ASP A 177 -40.62 2.63 33.98
CA ASP A 177 -40.78 2.90 35.44
C ASP A 177 -41.12 1.58 36.16
N ASN A 178 -41.95 0.74 35.55
CA ASN A 178 -42.60 -0.42 36.23
C ASN A 178 -41.84 -1.72 36.01
N LYS A 179 -41.11 -1.87 34.90
CA LYS A 179 -40.41 -3.15 34.61
C LYS A 179 -38.91 -2.95 34.36
N ILE A 180 -38.56 -2.03 33.44
CA ILE A 180 -37.18 -1.92 32.89
C ILE A 180 -36.20 -1.60 34.02
N LEU A 181 -36.41 -0.49 34.73
CA LEU A 181 -35.44 -0.01 35.76
C LEU A 181 -35.47 -0.91 36.99
N PRO A 182 -36.65 -1.27 37.53
CA PRO A 182 -36.72 -2.27 38.61
C PRO A 182 -35.89 -3.53 38.27
N GLN A 183 -36.07 -4.10 37.07
CA GLN A 183 -35.33 -5.35 36.69
C GLN A 183 -33.82 -5.06 36.57
N ILE A 184 -33.42 -3.91 36.02
CA ILE A 184 -31.97 -3.57 35.93
C ILE A 184 -31.37 -3.51 37.33
N LYS A 185 -32.12 -2.99 38.30
CA LYS A 185 -31.66 -2.93 39.72
C LYS A 185 -31.47 -4.35 40.26
N GLU A 186 -32.41 -5.26 39.96
CA GLU A 186 -32.38 -6.69 40.39
C GLU A 186 -31.09 -7.37 39.91
N ILE A 187 -30.81 -7.32 38.61
CA ILE A 187 -29.66 -8.07 37.99
C ILE A 187 -28.36 -7.44 38.48
N MET A 188 -28.36 -6.14 38.78
CA MET A 188 -27.12 -5.42 39.19
C MET A 188 -26.90 -5.52 40.71
N SER A 189 -27.84 -6.13 41.46
CA SER A 189 -27.82 -6.22 42.94
C SER A 189 -27.59 -7.66 43.40
N ASN A 190 -28.06 -8.65 42.64
CA ASN A 190 -28.26 -10.02 43.17
C ASN A 190 -27.23 -11.03 42.65
N TYR A 191 -26.33 -10.71 41.73
CA TYR A 191 -25.51 -11.76 41.05
C TYR A 191 -24.02 -11.43 41.11
N GLY A 192 -23.60 -10.80 42.19
CA GLY A 192 -22.17 -10.48 42.45
C GLY A 192 -21.68 -9.38 41.54
N ASP A 193 -20.36 -9.30 41.39
CA ASP A 193 -19.66 -8.23 40.61
C ASP A 193 -19.94 -8.43 39.11
N ILE A 194 -20.48 -7.42 38.45
CA ILE A 194 -20.80 -7.42 36.99
C ILE A 194 -19.73 -6.58 36.28
N ALA A 195 -18.93 -7.22 35.42
CA ALA A 195 -17.80 -6.60 34.69
C ALA A 195 -18.32 -5.74 33.54
N THR A 196 -19.38 -6.21 32.88
CA THR A 196 -19.87 -5.65 31.59
C THR A 196 -21.40 -5.59 31.63
N ALA A 197 -21.97 -4.56 31.01
CA ALA A 197 -23.43 -4.32 30.89
C ALA A 197 -23.79 -4.09 29.43
N TRP A 198 -24.57 -5.00 28.87
CA TRP A 198 -24.83 -5.13 27.43
C TRP A 198 -26.29 -4.73 27.15
N PHE A 199 -26.50 -3.46 26.84
CA PHE A 199 -27.82 -2.92 26.46
C PHE A 199 -27.95 -2.98 24.93
N ASP A 200 -29.17 -3.07 24.44
CA ASP A 200 -29.42 -3.31 23.00
C ASP A 200 -30.36 -2.24 22.52
N VAL A 201 -30.49 -2.22 21.18
CA VAL A 201 -31.33 -1.41 20.27
C VAL A 201 -32.06 -0.29 21.00
N PRO A 202 -31.42 0.89 21.19
CA PRO A 202 -32.03 1.98 21.94
C PRO A 202 -32.89 2.89 21.06
N MET A 203 -34.12 2.51 20.79
CA MET A 203 -34.97 3.13 19.74
C MET A 203 -35.96 4.10 20.35
N THR A 204 -36.34 3.90 21.61
CA THR A 204 -37.48 4.61 22.26
C THR A 204 -37.00 5.44 23.45
N LEU A 205 -36.04 4.94 24.24
CA LEU A 205 -35.49 5.60 25.46
C LEU A 205 -35.13 7.06 25.16
N SER A 206 -35.63 7.97 26.00
CA SER A 206 -35.12 9.37 26.09
C SER A 206 -33.69 9.36 26.64
N GLU A 207 -32.94 10.42 26.36
CA GLU A 207 -31.63 10.78 26.97
C GLU A 207 -31.72 10.55 28.49
N ALA A 208 -32.75 11.10 29.14
CA ALA A 208 -32.93 11.06 30.62
C ALA A 208 -33.04 9.60 31.08
N GLN A 209 -33.78 8.77 30.35
CA GLN A 209 -33.99 7.34 30.67
C GLN A 209 -32.66 6.58 30.52
N SER A 210 -31.89 6.85 29.47
CA SER A 210 -30.52 6.29 29.27
C SER A 210 -29.62 6.70 30.45
N GLN A 211 -29.69 7.98 30.85
CA GLN A 211 -28.88 8.57 31.94
C GLN A 211 -29.21 7.83 33.25
N THR A 212 -30.51 7.69 33.55
CA THR A 212 -31.02 6.99 34.76
C THR A 212 -30.48 5.55 34.81
N ILE A 213 -30.42 4.86 33.66
CA ILE A 213 -29.89 3.45 33.61
C ILE A 213 -28.39 3.50 33.93
N TYR A 214 -27.65 4.33 33.21
CA TYR A 214 -26.20 4.55 33.40
C TYR A 214 -25.93 4.80 34.91
N ASP A 215 -26.64 5.76 35.49
CA ASP A 215 -26.42 6.21 36.90
C ASP A 215 -26.71 5.06 37.86
N THR A 216 -27.74 4.27 37.57
CA THR A 216 -28.18 3.09 38.39
C THR A 216 -27.08 2.00 38.38
N VAL A 217 -26.58 1.66 37.21
CA VAL A 217 -25.50 0.63 37.05
C VAL A 217 -24.25 1.15 37.79
N ARG A 218 -23.86 2.39 37.57
CA ARG A 218 -22.73 3.05 38.27
C ARG A 218 -22.85 2.90 39.80
N GLU A 219 -24.03 3.18 40.37
CA GLU A 219 -24.26 3.13 41.84
C GLU A 219 -24.12 1.68 42.33
N LEU A 220 -24.80 0.73 41.66
CA LEU A 220 -24.90 -0.68 42.11
C LEU A 220 -23.62 -1.44 41.74
N GLN A 221 -23.00 -1.08 40.63
CA GLN A 221 -21.81 -1.78 40.07
C GLN A 221 -20.76 -0.77 39.65
N PRO A 222 -20.07 -0.12 40.60
CA PRO A 222 -19.13 0.96 40.27
C PRO A 222 -18.17 0.68 39.12
N ASN A 223 -17.71 -0.57 38.97
CA ASN A 223 -16.61 -0.94 38.03
C ASN A 223 -17.17 -1.58 36.75
N CYS A 224 -18.49 -1.66 36.60
CA CYS A 224 -19.17 -2.25 35.41
C CYS A 224 -18.97 -1.35 34.19
N LEU A 225 -18.43 -1.90 33.10
CA LEU A 225 -18.25 -1.16 31.81
C LEU A 225 -19.54 -1.30 30.99
N ILE A 226 -20.14 -0.17 30.62
CA ILE A 226 -21.43 -0.10 29.88
C ILE A 226 -21.17 0.00 28.38
N ASN A 227 -21.90 -0.78 27.60
CA ASN A 227 -21.79 -0.92 26.13
C ASN A 227 -22.46 0.32 25.49
N SER A 228 -22.00 0.71 24.31
CA SER A 228 -22.37 1.97 23.60
C SER A 228 -23.81 1.95 23.10
N ARG A 229 -24.52 0.83 23.19
CA ARG A 229 -25.93 0.69 22.69
C ARG A 229 -26.93 0.92 23.84
N LEU A 230 -26.55 1.66 24.88
CA LEU A 230 -27.51 2.06 25.95
C LEU A 230 -28.33 3.23 25.45
N GLY A 231 -27.76 4.03 24.55
CA GLY A 231 -28.44 5.14 23.88
C GLY A 231 -27.90 6.47 24.31
N ASN A 232 -28.02 7.46 23.42
CA ASN A 232 -27.91 8.89 23.79
C ASN A 232 -26.56 9.15 24.45
N GLY A 233 -25.50 8.38 24.16
CA GLY A 233 -24.09 8.72 24.49
C GLY A 233 -23.65 8.26 25.87
N LYS A 234 -24.40 7.34 26.48
CA LYS A 234 -24.07 6.83 27.86
C LYS A 234 -23.34 5.47 27.94
N TYR A 235 -22.01 5.43 28.00
CA TYR A 235 -21.24 4.16 27.86
C TYR A 235 -19.78 4.31 28.24
N ASP A 236 -19.08 3.17 28.34
CA ASP A 236 -17.64 3.05 28.71
C ASP A 236 -16.85 2.41 27.58
N PHE A 237 -17.48 1.52 26.80
CA PHE A 237 -16.84 0.83 25.65
C PHE A 237 -17.81 0.88 24.47
N VAL A 238 -17.26 0.92 23.27
CA VAL A 238 -18.06 0.97 22.01
C VAL A 238 -18.21 -0.45 21.51
N SER A 239 -19.45 -0.86 21.30
CA SER A 239 -19.88 -2.06 20.54
C SER A 239 -19.79 -1.70 19.05
N LEU A 240 -18.79 -2.26 18.36
CA LEU A 240 -18.58 -2.08 16.90
C LEU A 240 -19.45 -3.08 16.13
N GLY A 241 -20.20 -2.59 15.14
CA GLY A 241 -20.86 -3.43 14.14
C GLY A 241 -19.83 -4.04 13.21
N ASP A 242 -20.24 -5.06 12.45
CA ASP A 242 -19.37 -5.75 11.44
C ASP A 242 -18.78 -4.73 10.47
N ALA A 243 -19.54 -3.72 10.06
CA ALA A 243 -19.14 -2.69 9.06
C ALA A 243 -18.17 -1.66 9.67
N GLU A 244 -17.94 -1.68 10.97
CA GLU A 244 -17.14 -0.64 11.68
C GLU A 244 -15.74 -1.14 12.05
N ILE A 245 -15.38 -2.33 11.57
CA ILE A 245 -14.12 -3.06 11.92
C ILE A 245 -13.02 -2.56 11.00
N PRO A 246 -11.82 -2.22 11.49
CA PRO A 246 -10.76 -1.75 10.60
C PRO A 246 -10.44 -2.74 9.46
N LYS A 247 -9.96 -2.23 8.31
CA LYS A 247 -9.62 -3.08 7.12
C LYS A 247 -8.26 -3.74 7.37
N GLY A 264 -22.71 7.63 12.25
CA GLY A 264 -21.22 7.68 12.24
C GLY A 264 -20.63 6.82 13.34
N PHE A 265 -19.28 6.77 13.41
CA PHE A 265 -18.50 6.01 14.42
C PHE A 265 -18.64 6.71 15.77
N LYS A 266 -18.64 5.90 16.83
CA LYS A 266 -18.85 6.42 18.21
C LYS A 266 -17.49 6.69 18.82
N PRO A 267 -17.23 7.90 19.39
CA PRO A 267 -16.00 8.10 20.17
C PRO A 267 -15.85 7.00 21.23
N SER A 268 -14.62 6.57 21.49
CA SER A 268 -14.25 5.69 22.63
C SER A 268 -13.14 6.35 23.44
N PRO A 269 -13.47 7.26 24.38
CA PRO A 269 -12.44 8.02 25.08
C PRO A 269 -11.55 7.17 25.98
N LEU A 270 -11.98 5.96 26.36
CA LEU A 270 -11.14 5.00 27.14
C LEU A 270 -10.41 4.04 26.18
N GLY A 271 -10.64 4.16 24.86
CA GLY A 271 -10.08 3.25 23.83
C GLY A 271 -10.53 1.80 24.00
N LEU A 272 -11.74 1.59 24.52
CA LEU A 272 -12.30 0.25 24.78
C LEU A 272 -13.23 -0.12 23.63
N TYR A 273 -13.02 -1.28 23.03
CA TYR A 273 -13.79 -1.77 21.86
C TYR A 273 -14.09 -3.26 21.99
N GLU A 274 -15.28 -3.61 21.51
CA GLU A 274 -15.78 -4.99 21.45
C GLU A 274 -16.65 -5.14 20.21
N THR A 275 -16.47 -6.24 19.49
CA THR A 275 -17.45 -6.71 18.47
C THR A 275 -18.05 -8.01 18.99
N ALA A 276 -19.39 -8.09 19.00
CA ALA A 276 -20.12 -9.35 19.19
C ALA A 276 -20.34 -10.01 17.83
N GLY A 277 -20.14 -11.34 17.74
CA GLY A 277 -20.51 -12.15 16.57
C GLY A 277 -21.04 -13.48 17.07
N THR A 278 -21.70 -14.25 16.20
CA THR A 278 -22.23 -15.59 16.51
C THR A 278 -21.51 -16.61 15.62
N ILE A 279 -21.62 -17.90 15.90
CA ILE A 279 -20.85 -18.96 15.21
C ILE A 279 -21.59 -19.36 13.91
N ASN A 280 -22.89 -19.63 13.98
CA ASN A 280 -23.78 -19.73 12.80
C ASN A 280 -24.34 -18.32 12.56
N ASP A 281 -25.53 -18.16 11.95
CA ASP A 281 -26.03 -16.82 11.55
C ASP A 281 -27.04 -16.33 12.56
N SER A 282 -27.47 -17.18 13.48
CA SER A 282 -28.51 -16.85 14.49
C SER A 282 -27.85 -16.63 15.86
N TRP A 283 -28.46 -15.78 16.68
CA TRP A 283 -28.05 -15.61 18.10
C TRP A 283 -28.69 -16.69 18.94
N GLY A 284 -30.02 -16.81 18.88
CA GLY A 284 -30.74 -17.96 19.44
C GLY A 284 -30.48 -19.24 18.67
N PHE A 285 -30.59 -20.38 19.34
CA PHE A 285 -30.48 -21.74 18.77
C PHE A 285 -31.48 -21.87 17.62
N SER A 286 -31.01 -22.44 16.51
CA SER A 286 -31.88 -22.70 15.33
C SER A 286 -31.54 -24.05 14.72
N TYR A 287 -32.49 -24.99 14.69
CA TYR A 287 -32.28 -26.37 14.16
C TYR A 287 -31.74 -26.28 12.73
N HIS A 288 -32.34 -25.41 11.92
CA HIS A 288 -32.14 -25.37 10.45
C HIS A 288 -30.82 -24.66 10.09
N ASP A 289 -30.24 -23.88 11.00
CA ASP A 289 -29.02 -23.10 10.73
C ASP A 289 -27.80 -23.95 11.11
N GLN A 290 -27.22 -24.58 10.10
CA GLN A 290 -25.97 -25.35 10.21
C GLN A 290 -24.82 -24.58 9.56
N ASN A 291 -24.92 -23.25 9.43
CA ASN A 291 -23.91 -22.39 8.76
C ASN A 291 -22.84 -21.96 9.76
N TRP A 292 -22.16 -22.94 10.34
CA TRP A 292 -21.13 -22.74 11.39
C TRP A 292 -19.87 -22.12 10.77
N LYS A 293 -19.44 -20.95 11.22
CA LYS A 293 -18.11 -20.41 10.81
C LYS A 293 -17.05 -21.46 11.14
N THR A 294 -16.10 -21.70 10.23
CA THR A 294 -15.02 -22.69 10.45
C THR A 294 -14.06 -22.21 11.55
N PRO A 295 -13.33 -23.16 12.17
CA PRO A 295 -12.25 -22.83 13.10
C PRO A 295 -11.30 -21.77 12.54
N ARG A 296 -10.88 -21.90 11.28
CA ARG A 296 -9.98 -20.91 10.62
C ARG A 296 -10.65 -19.54 10.61
N THR A 297 -11.93 -19.46 10.23
CA THR A 297 -12.70 -18.19 10.21
C THR A 297 -12.75 -17.58 11.62
N LEU A 298 -13.07 -18.38 12.64
CA LEU A 298 -13.18 -17.91 14.05
C LEU A 298 -11.81 -17.39 14.52
N TYR A 299 -10.72 -18.13 14.27
CA TYR A 299 -9.36 -17.80 14.77
C TYR A 299 -8.87 -16.53 14.05
N ARG A 300 -9.00 -16.49 12.73
CA ARG A 300 -8.52 -15.34 11.91
C ARG A 300 -9.29 -14.06 12.25
N TYR A 301 -10.62 -14.14 12.44
CA TYR A 301 -11.42 -12.95 12.82
C TYR A 301 -10.96 -12.47 14.20
N LYS A 302 -10.76 -13.41 15.13
CA LYS A 302 -10.29 -13.09 16.49
C LYS A 302 -8.95 -12.37 16.40
N GLN A 303 -7.98 -12.94 15.68
CA GLN A 303 -6.62 -12.38 15.57
C GLN A 303 -6.69 -10.97 15.00
N HIS A 304 -7.49 -10.77 13.95
CA HIS A 304 -7.71 -9.45 13.30
C HIS A 304 -8.25 -8.44 14.33
N LEU A 305 -9.37 -8.76 14.98
CA LEU A 305 -9.99 -7.88 16.02
C LEU A 305 -8.93 -7.55 17.10
N ASN A 306 -8.28 -8.57 17.69
CA ASN A 306 -7.33 -8.41 18.81
C ASN A 306 -6.16 -7.51 18.39
N ASP A 307 -5.69 -7.65 17.15
CA ASP A 307 -4.55 -6.87 16.60
C ASP A 307 -4.91 -5.37 16.59
N PHE A 308 -6.18 -5.03 16.47
CA PHE A 308 -6.70 -3.64 16.41
C PHE A 308 -7.20 -3.20 17.80
N GLY A 309 -6.94 -3.98 18.84
CA GLY A 309 -7.36 -3.67 20.23
C GLY A 309 -8.87 -3.83 20.43
N ILE A 310 -9.51 -4.72 19.67
CA ILE A 310 -10.97 -5.01 19.81
C ILE A 310 -11.18 -6.39 20.43
N ASN A 311 -12.04 -6.46 21.44
CA ASN A 311 -12.47 -7.75 22.06
C ASN A 311 -13.44 -8.44 21.10
N TYR A 312 -13.28 -9.74 20.95
CA TYR A 312 -14.25 -10.62 20.23
C TYR A 312 -15.15 -11.28 21.28
N LEU A 313 -16.41 -10.84 21.35
CA LEU A 313 -17.46 -11.51 22.13
C LEU A 313 -18.21 -12.50 21.22
N LEU A 314 -17.99 -13.79 21.41
CA LEU A 314 -18.46 -14.85 20.45
C LEU A 314 -19.60 -15.64 21.10
N ASN A 315 -20.77 -15.56 20.46
CA ASN A 315 -22.08 -16.02 20.96
C ASN A 315 -22.27 -17.53 20.77
N VAL A 316 -22.78 -18.21 21.81
CA VAL A 316 -23.39 -19.56 21.73
C VAL A 316 -24.88 -19.43 21.96
N GLY A 317 -25.69 -20.11 21.15
CA GLY A 317 -27.13 -20.29 21.37
C GLY A 317 -27.42 -21.67 21.95
N LEU A 318 -27.65 -21.75 23.27
CA LEU A 318 -27.95 -23.03 23.94
C LEU A 318 -29.24 -23.64 23.41
N ASP A 319 -29.27 -24.96 23.34
CA ASP A 319 -30.35 -25.73 22.71
C ASP A 319 -31.44 -25.88 23.77
N PRO A 320 -32.58 -26.52 23.44
CA PRO A 320 -33.66 -26.71 24.41
C PRO A 320 -33.28 -27.50 25.67
N LEU A 321 -32.22 -28.34 25.62
CA LEU A 321 -31.79 -29.15 26.78
C LEU A 321 -30.72 -28.41 27.57
N GLY A 322 -30.41 -27.16 27.17
CA GLY A 322 -29.42 -26.31 27.86
C GLY A 322 -28.01 -26.55 27.38
N ARG A 323 -27.85 -27.07 26.17
CA ARG A 323 -26.54 -27.58 25.67
C ARG A 323 -25.92 -26.60 24.69
N VAL A 324 -24.58 -26.54 24.70
CA VAL A 324 -23.77 -25.98 23.58
C VAL A 324 -23.92 -26.93 22.41
N PRO A 325 -24.43 -26.50 21.25
CA PRO A 325 -24.46 -27.39 20.10
C PRO A 325 -23.08 -28.02 19.82
N MET A 326 -23.09 -29.29 19.46
CA MET A 326 -21.88 -30.10 19.15
C MET A 326 -20.94 -29.32 18.23
N MET A 327 -21.47 -28.70 17.17
CA MET A 327 -20.62 -28.03 16.16
C MET A 327 -20.06 -26.69 16.73
N ALA A 328 -20.82 -25.96 17.56
CA ALA A 328 -20.35 -24.74 18.25
C ALA A 328 -19.13 -25.11 19.11
N GLU A 329 -19.25 -26.19 19.89
CA GLU A 329 -18.18 -26.69 20.77
C GLU A 329 -16.95 -27.16 19.95
N GLU A 330 -17.15 -27.94 18.88
CA GLU A 330 -16.00 -28.45 18.06
C GLU A 330 -15.27 -27.27 17.43
N ASN A 331 -16.02 -26.27 16.93
CA ASN A 331 -15.40 -25.15 16.16
C ASN A 331 -14.67 -24.22 17.13
N LEU A 332 -15.21 -24.02 18.34
CA LEU A 332 -14.54 -23.20 19.37
C LEU A 332 -13.20 -23.85 19.75
N LEU A 333 -13.19 -25.15 20.02
CA LEU A 333 -11.98 -25.88 20.47
C LEU A 333 -10.95 -25.94 19.34
N ALA A 334 -11.39 -26.11 18.10
CA ALA A 334 -10.48 -26.20 16.92
C ALA A 334 -9.88 -24.81 16.64
N ALA A 335 -10.65 -23.74 16.80
CA ALA A 335 -10.16 -22.35 16.63
C ALA A 335 -9.07 -22.10 17.67
N LYS A 336 -9.26 -22.59 18.90
CA LYS A 336 -8.27 -22.45 19.99
C LYS A 336 -6.99 -23.23 19.64
N ALA A 337 -7.11 -24.45 19.09
CA ALA A 337 -5.93 -25.27 18.69
C ALA A 337 -5.15 -24.55 17.58
N LEU A 338 -5.85 -23.93 16.61
CA LEU A 338 -5.20 -23.13 15.54
C LEU A 338 -4.48 -21.93 16.16
N GLU A 339 -5.12 -21.24 17.10
CA GLU A 339 -4.59 -20.03 17.76
C GLU A 339 -3.31 -20.38 18.54
N ASP A 340 -3.34 -21.45 19.32
CA ASP A 340 -2.20 -21.90 20.16
C ASP A 340 -1.02 -22.27 19.25
N GLU A 341 -1.29 -23.01 18.16
CA GLU A 341 -0.28 -23.41 17.15
C GLU A 341 0.34 -22.16 16.51
N ALA A 342 -0.47 -21.17 16.12
CA ALA A 342 0.00 -19.91 15.49
C ALA A 342 0.88 -19.13 16.47
N ASN A 343 0.57 -19.18 17.78
CA ASN A 343 1.25 -18.38 18.83
C ASN A 343 2.56 -19.05 19.29
N ARG A 344 2.73 -20.35 19.03
CA ARG A 344 3.98 -21.09 19.33
C ARG A 344 4.99 -20.83 18.21
N LEU A 345 4.58 -21.05 16.96
CA LEU A 345 5.42 -20.83 15.75
C LEU A 345 5.59 -19.33 15.52
N MET B 1 24.95 6.42 3.82
CA MET B 1 25.07 7.86 4.18
C MET B 1 23.66 8.40 4.47
N ASN B 2 23.57 9.43 5.32
CA ASN B 2 22.30 10.18 5.57
C ASN B 2 22.18 11.30 4.53
N ASP B 3 21.45 11.08 3.44
CA ASP B 3 21.35 12.10 2.36
C ASP B 3 20.11 12.97 2.60
N ASN B 4 19.47 12.81 3.75
CA ASN B 4 18.57 13.87 4.30
C ASN B 4 19.39 15.14 4.56
N VAL B 5 20.67 15.00 4.91
CA VAL B 5 21.59 16.15 5.16
C VAL B 5 21.65 16.97 3.86
N ALA B 6 22.14 16.37 2.75
CA ALA B 6 22.23 17.04 1.44
C ALA B 6 20.83 17.53 1.04
N TRP B 7 19.82 16.68 1.19
CA TRP B 7 18.43 17.01 0.79
C TRP B 7 17.95 18.25 1.58
N PHE B 8 18.20 18.31 2.89
CA PHE B 8 17.70 19.41 3.76
C PHE B 8 18.36 20.73 3.35
N LYS B 9 19.64 20.66 2.99
CA LYS B 9 20.45 21.84 2.60
C LYS B 9 19.75 22.60 1.46
N GLN B 10 19.13 21.87 0.52
CA GLN B 10 18.62 22.41 -0.78
C GLN B 10 17.08 22.45 -0.78
N ALA B 11 16.44 22.07 0.33
CA ALA B 11 14.99 21.84 0.41
C ALA B 11 14.23 23.18 0.34
N LYS B 12 14.76 24.23 0.98
CA LYS B 12 14.36 25.65 0.86
C LYS B 12 12.98 25.93 1.48
N TYR B 13 11.99 25.01 1.38
CA TYR B 13 10.56 25.32 1.63
C TYR B 13 9.83 24.08 2.14
N GLY B 14 9.15 24.22 3.28
CA GLY B 14 8.30 23.20 3.89
C GLY B 14 6.93 23.75 4.29
N MET B 15 5.95 22.88 4.40
CA MET B 15 4.63 23.21 5.00
C MET B 15 4.61 22.66 6.43
N MET B 16 4.24 23.51 7.38
CA MET B 16 3.91 23.10 8.76
C MET B 16 2.37 23.08 8.88
N ILE B 17 1.84 22.15 9.66
CA ILE B 17 0.39 22.04 9.93
C ILE B 17 0.18 22.09 11.44
N HIS B 18 -0.62 23.05 11.92
CA HIS B 18 -1.19 23.00 13.28
C HIS B 18 -2.66 22.66 13.15
N TRP B 19 -3.05 21.53 13.75
CA TRP B 19 -4.46 21.08 13.75
C TRP B 19 -4.73 20.32 15.03
N GLY B 20 -5.85 20.69 15.70
CA GLY B 20 -6.26 20.04 16.95
C GLY B 20 -7.65 20.52 17.38
N LEU B 21 -8.02 20.15 18.60
CA LEU B 21 -9.28 20.54 19.26
C LEU B 21 -9.36 22.06 19.28
N TYR B 22 -8.23 22.75 19.49
CA TYR B 22 -8.13 24.23 19.54
C TYR B 22 -8.67 24.84 18.25
N SER B 23 -8.53 24.14 17.13
CA SER B 23 -9.00 24.60 15.81
C SER B 23 -10.52 24.79 15.78
N LEU B 24 -11.28 24.04 16.60
CA LEU B 24 -12.76 24.12 16.62
C LEU B 24 -13.20 25.43 17.28
N LEU B 25 -12.55 25.87 18.36
CA LEU B 25 -12.90 27.15 19.05
C LEU B 25 -12.48 28.34 18.19
N ALA B 26 -11.47 28.16 17.33
CA ALA B 26 -11.12 29.07 16.23
C ALA B 26 -10.83 30.46 16.78
N GLY B 27 -10.17 30.54 17.93
CA GLY B 27 -9.57 31.78 18.47
C GLY B 27 -10.54 32.54 19.33
N GLU B 28 -11.64 31.91 19.72
CA GLU B 28 -12.76 32.54 20.43
C GLU B 28 -13.25 31.58 21.52
N TYR B 29 -13.50 32.10 22.71
CA TYR B 29 -14.10 31.32 23.83
C TYR B 29 -15.04 32.21 24.62
N ARG B 30 -16.32 31.80 24.68
CA ARG B 30 -17.41 32.49 25.44
C ARG B 30 -17.32 33.99 25.21
N GLY B 31 -17.25 34.40 23.94
CA GLY B 31 -17.31 35.81 23.53
C GLY B 31 -16.01 36.57 23.73
N GLU B 32 -14.90 35.87 23.99
CA GLU B 32 -13.58 36.55 24.21
C GLU B 32 -12.52 35.95 23.28
N SER B 33 -11.50 36.74 22.98
CA SER B 33 -10.45 36.42 21.99
C SER B 33 -9.34 35.63 22.66
N SER B 34 -8.82 34.62 21.97
CA SER B 34 -7.48 34.04 22.26
C SER B 34 -6.44 35.16 22.23
N SER B 35 -5.22 34.89 22.69
CA SER B 35 -4.03 35.68 22.29
C SER B 35 -3.83 35.51 20.78
N ALA B 36 -2.75 36.09 20.23
CA ALA B 36 -2.35 35.89 18.82
C ALA B 36 -2.28 34.39 18.50
N TYR B 37 -1.96 33.54 19.48
CA TYR B 37 -1.82 32.07 19.29
C TYR B 37 -3.11 31.35 19.72
N ALA B 38 -3.98 31.03 18.75
CA ALA B 38 -5.32 30.39 18.98
C ALA B 38 -5.12 28.98 19.53
N GLU B 39 -4.00 28.29 19.20
CA GLU B 39 -3.70 26.94 19.70
C GLU B 39 -3.45 26.95 21.21
N TRP B 40 -3.18 28.10 21.83
CA TRP B 40 -2.98 28.24 23.31
C TRP B 40 -4.29 28.54 24.06
N ILE B 41 -5.45 28.32 23.45
CA ILE B 41 -6.76 28.84 24.00
C ILE B 41 -7.08 28.14 25.32
N GLN B 42 -6.68 26.88 25.51
CA GLN B 42 -7.03 26.11 26.72
C GLN B 42 -6.39 26.77 27.94
N SER B 43 -5.11 27.16 27.83
CA SER B 43 -4.34 27.84 28.89
C SER B 43 -4.86 29.27 29.07
N LYS B 44 -5.16 29.96 27.96
CA LYS B 44 -5.61 31.37 27.93
C LYS B 44 -6.86 31.54 28.82
N PHE B 45 -7.81 30.60 28.75
CA PHE B 45 -9.11 30.70 29.47
C PHE B 45 -9.21 29.63 30.57
N GLN B 46 -8.11 28.92 30.84
CA GLN B 46 -8.07 27.83 31.86
C GLN B 46 -9.30 26.93 31.68
N ILE B 47 -9.53 26.43 30.48
CA ILE B 47 -10.71 25.58 30.16
C ILE B 47 -10.48 24.22 30.79
N PRO B 48 -11.32 23.77 31.75
CA PRO B 48 -11.14 22.46 32.37
C PRO B 48 -11.05 21.34 31.32
N ASN B 49 -10.18 20.35 31.53
CA ASN B 49 -10.00 19.15 30.67
C ASN B 49 -11.34 18.48 30.31
N ALA B 50 -12.29 18.32 31.26
CA ALA B 50 -13.59 17.68 30.95
C ALA B 50 -14.29 18.43 29.81
N GLU B 51 -14.37 19.76 29.88
CA GLU B 51 -15.01 20.62 28.85
C GLU B 51 -14.18 20.65 27.57
N TYR B 52 -12.88 20.98 27.66
CA TYR B 52 -12.00 21.12 26.47
C TYR B 52 -11.98 19.78 25.72
N GLY B 53 -11.78 18.67 26.46
CA GLY B 53 -11.79 17.30 25.89
C GLY B 53 -13.08 16.96 25.17
N ASN B 54 -14.22 17.51 25.59
CA ASN B 54 -15.53 17.23 24.94
C ASN B 54 -15.52 17.79 23.51
N LEU B 55 -14.70 18.77 23.18
CA LEU B 55 -14.53 19.24 21.78
C LEU B 55 -14.23 18.05 20.84
N ALA B 56 -13.53 17.02 21.33
CA ALA B 56 -13.27 15.79 20.54
C ALA B 56 -14.58 15.22 19.96
N THR B 57 -15.68 15.29 20.71
CA THR B 57 -16.99 14.71 20.30
C THR B 57 -17.54 15.50 19.09
N ALA B 58 -17.04 16.71 18.85
CA ALA B 58 -17.48 17.58 17.73
C ALA B 58 -16.45 17.63 16.62
N PHE B 59 -15.36 16.87 16.73
CA PHE B 59 -14.28 16.86 15.70
C PHE B 59 -14.68 15.91 14.59
N ASN B 60 -15.21 16.44 13.49
CA ASN B 60 -15.66 15.66 12.31
C ASN B 60 -15.38 16.48 11.05
N PRO B 61 -14.07 16.65 10.69
CA PRO B 61 -13.67 17.44 9.53
C PRO B 61 -13.95 16.76 8.18
N LEU B 62 -15.16 16.90 7.67
CA LEU B 62 -15.65 16.14 6.49
C LEU B 62 -14.83 16.46 5.24
N TYR B 63 -14.13 17.61 5.18
CA TYR B 63 -13.40 18.04 3.95
C TYR B 63 -11.90 17.76 4.10
N PHE B 64 -11.44 17.11 5.18
CA PHE B 64 -10.00 16.77 5.35
C PHE B 64 -9.61 15.85 4.20
N ASP B 65 -8.58 16.26 3.46
CA ASP B 65 -8.03 15.46 2.34
C ASP B 65 -6.52 15.66 2.34
N ALA B 66 -5.79 14.70 2.91
CA ALA B 66 -4.31 14.70 3.04
C ALA B 66 -3.67 14.80 1.65
N LYS B 67 -4.27 14.15 0.64
CA LYS B 67 -3.78 14.18 -0.76
C LYS B 67 -3.85 15.60 -1.30
N LYS B 68 -4.95 16.32 -1.10
CA LYS B 68 -5.14 17.70 -1.62
C LYS B 68 -4.21 18.64 -0.87
N ILE B 69 -3.97 18.41 0.42
CA ILE B 69 -3.07 19.28 1.23
C ILE B 69 -1.64 19.07 0.73
N VAL B 70 -1.26 17.84 0.41
CA VAL B 70 0.13 17.53 -0.04
C VAL B 70 0.31 18.09 -1.45
N ALA B 71 -0.72 17.98 -2.31
CA ALA B 71 -0.71 18.53 -3.68
C ALA B 71 -0.52 20.06 -3.64
N LEU B 72 -1.14 20.77 -2.70
CA LEU B 72 -0.96 22.23 -2.52
C LEU B 72 0.51 22.53 -2.17
N ALA B 73 1.06 21.82 -1.17
CA ALA B 73 2.47 21.99 -0.74
C ALA B 73 3.38 21.77 -1.96
N LYS B 74 3.14 20.70 -2.73
CA LYS B 74 3.96 20.31 -3.90
C LYS B 74 3.89 21.41 -4.98
N GLN B 75 2.69 21.87 -5.30
CA GLN B 75 2.44 22.96 -6.29
C GLN B 75 3.24 24.21 -5.86
N CYS B 76 3.42 24.43 -4.56
CA CYS B 76 4.12 25.63 -4.03
C CYS B 76 5.64 25.41 -3.98
N GLY B 77 6.15 24.25 -4.41
CA GLY B 77 7.57 23.93 -4.37
C GLY B 77 8.05 23.51 -2.97
N MET B 78 7.13 23.18 -2.07
CA MET B 78 7.48 22.70 -0.71
C MET B 78 7.91 21.24 -0.83
N GLN B 79 9.03 20.88 -0.20
CA GLN B 79 9.67 19.53 -0.35
C GLN B 79 9.41 18.67 0.87
N TYR B 80 8.74 19.23 1.88
CA TYR B 80 8.38 18.49 3.12
C TYR B 80 7.20 19.15 3.82
N LEU B 81 6.62 18.36 4.70
CA LEU B 81 5.50 18.69 5.57
C LEU B 81 5.87 18.26 6.99
N VAL B 82 5.75 19.19 7.94
CA VAL B 82 5.86 18.97 9.40
C VAL B 82 4.46 19.16 10.01
N VAL B 83 4.01 18.22 10.83
CA VAL B 83 2.64 18.28 11.41
C VAL B 83 2.69 18.05 12.92
N THR B 84 1.84 18.78 13.65
CA THR B 84 1.60 18.61 15.10
C THR B 84 1.01 17.22 15.35
N THR B 85 1.79 16.31 15.93
CA THR B 85 1.31 14.97 16.37
C THR B 85 0.64 15.11 17.73
N LYS B 86 1.16 16.02 18.57
CA LYS B 86 0.58 16.37 19.90
C LYS B 86 1.08 17.74 20.32
N HIS B 87 0.14 18.70 20.45
CA HIS B 87 0.45 20.09 20.88
C HIS B 87 0.36 20.14 22.41
N HIS B 88 0.48 21.34 23.01
CA HIS B 88 0.58 21.54 24.48
C HIS B 88 -0.64 20.97 25.20
N ASP B 89 -1.78 20.93 24.51
CA ASP B 89 -3.07 20.50 25.12
C ASP B 89 -3.00 18.99 25.43
N GLY B 90 -2.07 18.28 24.78
CA GLY B 90 -1.81 16.85 25.02
C GLY B 90 -2.72 15.95 24.23
N PHE B 91 -3.46 16.48 23.27
CA PHE B 91 -4.38 15.70 22.40
C PHE B 91 -3.60 15.17 21.20
N ALA B 92 -3.46 13.84 21.07
CA ALA B 92 -2.66 13.23 19.99
C ALA B 92 -3.47 13.24 18.70
N MET B 93 -2.85 13.57 17.57
CA MET B 93 -3.51 13.64 16.23
C MET B 93 -3.18 12.39 15.42
N TYR B 94 -2.83 11.33 16.13
CA TYR B 94 -2.54 9.98 15.58
C TYR B 94 -3.16 8.97 16.54
N HIS B 95 -3.28 7.72 16.12
CA HIS B 95 -3.87 6.62 16.92
C HIS B 95 -2.82 6.18 17.94
N SER B 96 -2.83 6.79 19.14
CA SER B 96 -1.88 6.45 20.23
C SER B 96 -2.42 5.24 20.99
N LYS B 97 -1.62 4.18 21.13
CA LYS B 97 -1.99 2.98 21.90
C LYS B 97 -1.95 3.33 23.40
N VAL B 98 -1.02 4.19 23.81
CA VAL B 98 -0.81 4.49 25.26
C VAL B 98 -1.86 5.47 25.80
N ASP B 99 -2.45 6.32 24.96
CA ASP B 99 -3.43 7.36 25.41
C ASP B 99 -4.61 7.45 24.46
N ALA B 100 -5.81 7.20 24.98
CA ALA B 100 -7.09 7.20 24.22
C ALA B 100 -7.52 8.64 23.89
N TYR B 101 -6.90 9.64 24.51
CA TYR B 101 -7.07 11.09 24.23
C TYR B 101 -6.39 11.44 22.92
N ASN B 102 -6.98 10.98 21.81
CA ASN B 102 -6.38 11.09 20.47
C ASN B 102 -7.51 11.14 19.42
N VAL B 103 -7.18 11.61 18.22
CA VAL B 103 -8.13 11.93 17.13
C VAL B 103 -8.81 10.65 16.65
N TYR B 104 -8.13 9.50 16.77
CA TYR B 104 -8.65 8.18 16.30
C TYR B 104 -9.72 7.68 17.25
N ASP B 105 -9.41 7.62 18.54
CA ASP B 105 -10.27 6.99 19.58
C ASP B 105 -11.41 7.91 20.01
N ALA B 106 -11.17 9.22 20.13
CA ALA B 106 -12.05 10.15 20.91
C ALA B 106 -13.00 10.95 20.00
N THR B 107 -12.83 10.92 18.69
CA THR B 107 -13.62 11.72 17.74
C THR B 107 -14.46 10.81 16.86
N PRO B 108 -15.64 11.29 16.41
CA PRO B 108 -16.44 10.60 15.40
C PRO B 108 -15.75 10.47 14.04
N PHE B 109 -14.72 11.27 13.78
CA PHE B 109 -13.93 11.23 12.53
C PHE B 109 -13.21 9.88 12.46
N HIS B 110 -12.64 9.47 13.59
CA HIS B 110 -12.21 8.07 13.85
C HIS B 110 -11.18 7.69 12.77
N ARG B 111 -10.23 8.58 12.52
CA ARG B 111 -9.18 8.39 11.49
C ARG B 111 -7.85 8.87 12.03
N ASP B 112 -6.76 8.23 11.60
CA ASP B 112 -5.36 8.60 11.96
C ASP B 112 -4.89 9.65 10.94
N ILE B 113 -4.88 10.92 11.33
CA ILE B 113 -4.58 12.08 10.45
C ILE B 113 -3.10 12.11 10.10
N ILE B 114 -2.23 11.78 11.07
CA ILE B 114 -0.77 11.65 10.85
C ILE B 114 -0.53 10.55 9.80
N GLY B 115 -1.18 9.40 9.96
CA GLY B 115 -1.06 8.26 9.02
C GLY B 115 -1.48 8.63 7.62
N GLU B 116 -2.56 9.39 7.46
CA GLU B 116 -3.09 9.80 6.13
C GLU B 116 -2.11 10.81 5.52
N LEU B 117 -1.51 11.70 6.32
CA LEU B 117 -0.52 12.68 5.81
C LEU B 117 0.79 11.94 5.49
N ALA B 118 1.23 10.97 6.31
CA ALA B 118 2.43 10.14 6.03
C ALA B 118 2.26 9.45 4.67
N GLU B 119 1.10 8.80 4.45
CA GLU B 119 0.81 8.06 3.18
C GLU B 119 0.80 9.05 2.01
N ALA B 120 0.13 10.22 2.18
CA ALA B 120 -0.01 11.24 1.11
C ALA B 120 1.37 11.77 0.70
N CYS B 121 2.23 12.07 1.67
CA CYS B 121 3.61 12.59 1.48
C CYS B 121 4.48 11.53 0.76
N GLN B 122 4.37 10.27 1.15
CA GLN B 122 5.13 9.14 0.54
C GLN B 122 4.77 9.06 -0.94
N LYS B 123 3.48 9.14 -1.28
CA LYS B 123 3.00 8.92 -2.68
C LYS B 123 3.39 10.08 -3.58
N ALA B 124 3.53 11.28 -3.03
CA ALA B 124 3.82 12.52 -3.77
C ALA B 124 5.33 12.80 -3.80
N GLY B 125 6.13 12.03 -3.05
CA GLY B 125 7.59 12.20 -2.94
C GLY B 125 7.98 13.36 -2.05
N LEU B 126 7.11 13.77 -1.09
CA LEU B 126 7.48 14.79 -0.06
C LEU B 126 8.02 14.12 1.19
N LYS B 127 9.02 14.72 1.81
CA LYS B 127 9.61 14.26 3.09
C LYS B 127 8.63 14.61 4.21
N PHE B 128 8.63 13.83 5.29
CA PHE B 128 7.58 13.93 6.34
C PHE B 128 8.26 14.14 7.69
N GLY B 129 7.84 15.16 8.40
CA GLY B 129 8.41 15.60 9.70
C GLY B 129 7.34 15.70 10.74
N LEU B 130 7.71 15.60 12.03
CA LEU B 130 6.76 15.49 13.15
C LEU B 130 7.13 16.51 14.23
N TYR B 131 6.11 17.27 14.66
CA TYR B 131 6.13 18.16 15.85
C TYR B 131 5.56 17.37 17.04
N TYR B 132 6.20 17.46 18.20
CA TYR B 132 5.71 16.85 19.46
C TYR B 132 6.08 17.73 20.65
N SER B 133 5.07 18.15 21.44
CA SER B 133 5.22 18.87 22.73
C SER B 133 5.69 17.92 23.83
N GLN B 134 7.02 17.76 24.00
CA GLN B 134 7.66 16.77 24.89
C GLN B 134 7.62 17.24 26.35
N ASP B 135 7.47 18.54 26.58
CA ASP B 135 7.50 19.14 27.94
C ASP B 135 6.06 19.44 28.40
N LEU B 136 5.36 20.34 27.72
CA LEU B 136 4.01 20.81 28.12
C LEU B 136 2.97 19.77 27.71
N ASP B 137 2.07 19.42 28.63
CA ASP B 137 0.92 18.52 28.40
C ASP B 137 -0.16 18.86 29.41
N TRP B 138 -1.18 19.61 28.94
CA TRP B 138 -2.24 20.19 29.80
C TRP B 138 -3.24 19.10 30.21
N HIS B 139 -3.27 17.99 29.47
CA HIS B 139 -4.12 16.81 29.80
C HIS B 139 -3.48 15.97 30.90
N ASP B 140 -2.16 16.06 31.09
CA ASP B 140 -1.45 15.19 32.06
C ASP B 140 -1.33 15.90 33.40
N PRO B 141 -1.68 15.23 34.51
CA PRO B 141 -1.49 15.79 35.86
C PRO B 141 -0.07 16.29 36.14
N ASN B 142 0.93 15.64 35.53
CA ASN B 142 2.36 15.94 35.78
C ASN B 142 2.99 16.57 34.54
N GLY B 143 2.18 17.18 33.66
CA GLY B 143 2.64 17.92 32.48
C GLY B 143 3.60 19.02 32.88
N GLY B 144 4.56 19.35 32.01
CA GLY B 144 5.65 20.28 32.33
C GLY B 144 5.21 21.73 32.37
N GLY B 145 6.09 22.61 32.86
CA GLY B 145 5.87 24.07 32.86
C GLY B 145 5.66 24.63 34.25
N TYR B 146 5.42 23.76 35.25
CA TYR B 146 5.06 24.17 36.64
C TYR B 146 6.24 24.82 37.36
N LYS B 147 7.42 24.87 36.75
CA LYS B 147 8.63 25.52 37.34
C LYS B 147 8.88 26.88 36.66
N SER B 148 8.09 27.24 35.65
CA SER B 148 8.44 28.31 34.68
C SER B 148 7.45 29.50 34.73
N ASN B 149 6.54 29.54 35.71
CA ASN B 149 5.39 30.48 35.70
C ASN B 149 5.80 31.88 36.20
N ASP B 150 7.11 32.12 36.39
CA ASP B 150 7.67 33.48 36.59
C ASP B 150 7.75 34.22 35.25
N VAL B 151 7.53 33.57 34.10
CA VAL B 151 7.52 34.22 32.76
C VAL B 151 6.13 34.06 32.12
N GLU B 152 5.61 35.13 31.50
CA GLU B 152 4.28 35.18 30.83
C GLU B 152 4.28 34.27 29.58
N THR B 153 3.08 33.90 29.12
CA THR B 153 2.83 32.95 28.01
C THR B 153 1.77 33.52 27.07
N ALA B 154 1.48 32.81 25.97
CA ALA B 154 0.39 33.15 25.02
C ALA B 154 -0.95 32.66 25.57
N GLY B 155 -0.95 32.11 26.79
CA GLY B 155 -2.17 31.71 27.56
C GLY B 155 -2.14 32.34 28.95
N THR B 156 -2.23 31.54 30.01
CA THR B 156 -1.94 31.98 31.40
C THR B 156 -0.62 31.33 31.84
N THR B 157 -0.67 30.12 32.39
CA THR B 157 0.51 29.34 32.87
C THR B 157 1.02 28.40 31.77
N TRP B 158 2.27 27.96 31.90
CA TRP B 158 2.90 26.97 30.98
C TRP B 158 2.22 25.62 31.13
N ASP B 159 1.87 25.25 32.37
CA ASP B 159 1.21 23.97 32.75
C ASP B 159 -0.31 24.16 32.87
N ASN B 160 -1.05 23.05 32.98
CA ASN B 160 -2.46 23.05 33.46
C ASN B 160 -2.44 23.21 34.99
N SER B 161 -2.64 24.44 35.46
CA SER B 161 -2.63 24.85 36.88
C SER B 161 -4.06 24.99 37.42
N TRP B 162 -5.08 24.71 36.61
CA TRP B 162 -6.51 24.87 36.98
C TRP B 162 -7.09 23.49 37.35
N ASP B 163 -6.95 22.49 36.47
CA ASP B 163 -7.33 21.08 36.79
C ASP B 163 -6.35 20.50 37.80
N PHE B 164 -5.08 20.95 37.78
CA PHE B 164 -3.98 20.43 38.63
C PHE B 164 -3.29 21.58 39.35
N PRO B 165 -3.94 22.18 40.37
CA PRO B 165 -3.39 23.36 41.05
C PRO B 165 -2.32 23.12 42.13
N ASP B 166 -2.05 21.86 42.52
CA ASP B 166 -1.07 21.50 43.57
C ASP B 166 0.31 21.36 42.92
N GLU B 167 1.04 22.47 42.80
CA GLU B 167 2.33 22.57 42.07
C GLU B 167 3.42 21.78 42.81
N ASP B 168 3.38 21.74 44.16
CA ASP B 168 4.38 21.02 45.00
C ASP B 168 4.28 19.49 44.88
N GLN B 169 3.14 18.93 44.48
CA GLN B 169 2.93 17.46 44.35
C GLN B 169 3.28 17.02 42.92
N LYS B 170 3.61 17.97 42.02
CA LYS B 170 3.78 17.69 40.59
C LYS B 170 5.20 17.14 40.37
N ASN B 171 5.30 16.07 39.58
CA ASN B 171 6.57 15.35 39.27
C ASN B 171 6.52 14.97 37.79
N PHE B 172 7.11 15.80 36.93
CA PHE B 172 7.15 15.62 35.45
C PHE B 172 7.59 14.20 35.09
N ASP B 173 8.54 13.63 35.84
CA ASP B 173 9.09 12.26 35.60
C ASP B 173 7.92 11.31 35.25
N LEU B 174 6.82 11.37 35.99
CA LEU B 174 5.64 10.47 35.84
C LEU B 174 5.02 10.66 34.44
N CYS B 175 4.84 11.90 34.01
CA CYS B 175 4.35 12.26 32.66
C CYS B 175 5.36 11.76 31.61
N PHE B 176 6.65 11.99 31.85
CA PHE B 176 7.74 11.60 30.91
C PHE B 176 7.73 10.09 30.69
N ASP B 177 7.62 9.32 31.76
CA ASP B 177 7.78 7.84 31.75
C ASP B 177 6.53 7.21 31.12
N ASN B 178 5.35 7.75 31.41
CA ASN B 178 4.06 7.06 31.15
C ASN B 178 3.43 7.58 29.86
N LYS B 179 3.71 8.82 29.43
CA LYS B 179 3.07 9.37 28.21
C LYS B 179 4.12 9.84 27.19
N ILE B 180 5.04 10.72 27.59
CA ILE B 180 5.90 11.50 26.66
C ILE B 180 6.76 10.53 25.83
N LEU B 181 7.56 9.69 26.47
CA LEU B 181 8.54 8.80 25.78
C LEU B 181 7.79 7.68 25.04
N PRO B 182 6.82 6.98 25.68
CA PRO B 182 5.99 6.03 24.96
C PRO B 182 5.42 6.61 23.65
N GLN B 183 4.84 7.82 23.70
CA GLN B 183 4.24 8.46 22.51
C GLN B 183 5.33 8.79 21.48
N ILE B 184 6.50 9.27 21.91
CA ILE B 184 7.59 9.60 20.94
C ILE B 184 8.01 8.32 20.22
N LYS B 185 8.02 7.17 20.92
CA LYS B 185 8.36 5.86 20.31
C LYS B 185 7.31 5.51 19.25
N GLU B 186 6.02 5.73 19.56
CA GLU B 186 4.87 5.44 18.67
C GLU B 186 5.02 6.21 17.34
N ILE B 187 5.21 7.53 17.40
CA ILE B 187 5.23 8.38 16.16
C ILE B 187 6.49 8.05 15.35
N MET B 188 7.56 7.63 16.02
CA MET B 188 8.85 7.33 15.35
C MET B 188 8.90 5.88 14.84
N SER B 189 7.88 5.07 15.13
CA SER B 189 7.83 3.62 14.78
C SER B 189 6.74 3.34 13.74
N ASN B 190 5.66 4.11 13.71
CA ASN B 190 4.41 3.66 13.04
C ASN B 190 4.12 4.40 11.73
N TYR B 191 4.88 5.40 11.32
CA TYR B 191 4.49 6.28 10.19
C TYR B 191 5.62 6.37 9.15
N GLY B 192 6.38 5.30 9.01
CA GLY B 192 7.50 5.16 8.06
C GLY B 192 8.64 6.11 8.39
N ASP B 193 9.41 6.49 7.36
CA ASP B 193 10.64 7.31 7.48
C ASP B 193 10.26 8.75 7.87
N ILE B 194 10.81 9.24 8.98
CA ILE B 194 10.62 10.62 9.47
C ILE B 194 11.88 11.43 9.14
N ALA B 195 11.75 12.44 8.28
CA ALA B 195 12.89 13.28 7.79
C ALA B 195 13.32 14.26 8.87
N THR B 196 12.36 14.81 9.63
CA THR B 196 12.57 15.95 10.56
C THR B 196 11.81 15.69 11.87
N ALA B 197 12.39 16.15 13.00
CA ALA B 197 11.81 16.01 14.36
C ALA B 197 11.82 17.37 15.04
N TRP B 198 10.62 17.84 15.38
CA TRP B 198 10.37 19.22 15.84
C TRP B 198 9.92 19.18 17.29
N PHE B 199 10.85 19.28 18.25
CA PHE B 199 10.52 19.39 19.70
C PHE B 199 10.53 20.86 20.07
N ASP B 200 10.01 21.17 21.26
CA ASP B 200 9.91 22.54 21.81
C ASP B 200 11.05 22.79 22.81
N VAL B 201 11.37 24.05 23.09
CA VAL B 201 12.37 24.45 24.12
C VAL B 201 11.95 23.80 25.45
N PRO B 202 12.76 22.84 25.94
CA PRO B 202 12.47 22.13 27.18
C PRO B 202 12.59 22.97 28.46
N MET B 203 11.48 23.15 29.16
CA MET B 203 11.44 23.99 30.39
C MET B 203 11.57 23.14 31.67
N THR B 204 11.14 21.89 31.61
CA THR B 204 11.00 21.00 32.79
C THR B 204 11.91 19.77 32.66
N LEU B 205 12.09 19.24 31.45
CA LEU B 205 12.95 18.07 31.13
C LEU B 205 14.32 18.22 31.78
N SER B 206 14.78 17.20 32.51
CA SER B 206 16.20 16.99 32.88
C SER B 206 17.03 16.72 31.62
N GLU B 207 18.33 17.01 31.72
CA GLU B 207 19.35 16.66 30.72
C GLU B 207 19.16 15.20 30.27
N ALA B 208 19.05 14.29 31.24
CA ALA B 208 18.92 12.83 31.00
C ALA B 208 17.68 12.52 30.16
N GLN B 209 16.55 13.19 30.45
CA GLN B 209 15.26 13.01 29.73
C GLN B 209 15.42 13.49 28.28
N SER B 210 16.07 14.64 28.07
CA SER B 210 16.41 15.18 26.72
C SER B 210 17.30 14.18 25.96
N GLN B 211 18.30 13.64 26.65
CA GLN B 211 19.29 12.67 26.09
C GLN B 211 18.52 11.43 25.61
N THR B 212 17.66 10.90 26.48
CA THR B 212 16.81 9.70 26.21
C THR B 212 15.96 9.95 24.95
N ILE B 213 15.41 11.16 24.76
CA ILE B 213 14.58 11.47 23.57
C ILE B 213 15.49 11.43 22.33
N TYR B 214 16.58 12.19 22.37
CA TYR B 214 17.62 12.18 21.30
C TYR B 214 17.95 10.73 20.90
N ASP B 215 18.34 9.93 21.89
CA ASP B 215 18.86 8.54 21.67
C ASP B 215 17.72 7.68 21.06
N THR B 216 16.48 7.88 21.49
CA THR B 216 15.29 7.14 21.01
C THR B 216 15.04 7.45 19.54
N VAL B 217 15.04 8.74 19.15
CA VAL B 217 14.79 9.17 17.74
C VAL B 217 15.92 8.59 16.88
N ARG B 218 17.16 8.74 17.32
CA ARG B 218 18.37 8.15 16.66
C ARG B 218 18.19 6.66 16.38
N GLU B 219 17.76 5.87 17.36
CA GLU B 219 17.57 4.38 17.25
C GLU B 219 16.47 4.08 16.24
N LEU B 220 15.31 4.71 16.39
CA LEU B 220 14.09 4.39 15.61
C LEU B 220 14.19 5.01 14.22
N GLN B 221 14.81 6.19 14.12
CA GLN B 221 14.87 6.96 12.85
C GLN B 221 16.30 7.46 12.64
N PRO B 222 17.25 6.58 12.28
CA PRO B 222 18.66 6.99 12.17
C PRO B 222 18.89 8.27 11.34
N ASN B 223 18.07 8.51 10.31
CA ASN B 223 18.28 9.56 9.28
C ASN B 223 17.37 10.78 9.55
N CYS B 224 16.64 10.79 10.66
CA CYS B 224 15.80 11.94 11.09
C CYS B 224 16.69 13.09 11.56
N LEU B 225 16.50 14.28 11.00
CA LEU B 225 17.20 15.51 11.45
C LEU B 225 16.42 16.13 12.63
N ILE B 226 17.09 16.30 13.76
CA ILE B 226 16.50 16.80 15.03
C ILE B 226 16.75 18.32 15.10
N ASN B 227 15.71 19.07 15.47
CA ASN B 227 15.71 20.55 15.58
C ASN B 227 16.46 20.95 16.86
N SER B 228 17.08 22.12 16.88
CA SER B 228 18.00 22.60 17.94
C SER B 228 17.25 22.92 19.24
N ARG B 229 15.92 22.87 19.25
CA ARG B 229 15.08 23.13 20.46
C ARG B 229 15.02 21.94 21.44
N LEU B 230 15.61 20.80 21.10
CA LEU B 230 15.72 19.65 22.03
C LEU B 230 16.89 19.91 22.98
N GLY B 231 17.90 20.67 22.57
CA GLY B 231 18.80 21.38 23.50
C GLY B 231 20.27 21.24 23.14
N ASN B 232 21.13 21.85 23.95
CA ASN B 232 22.60 21.89 23.73
C ASN B 232 23.12 20.45 23.44
N GLY B 233 23.50 20.23 22.18
CA GLY B 233 24.34 19.10 21.74
C GLY B 233 23.51 17.97 21.17
N LYS B 234 22.17 18.12 21.13
CA LYS B 234 21.15 17.09 20.85
C LYS B 234 20.39 17.66 19.66
N TYR B 235 21.03 17.89 18.51
CA TYR B 235 20.32 18.31 17.28
C TYR B 235 21.21 18.15 16.04
N ASP B 236 20.57 18.28 14.87
CA ASP B 236 21.18 18.16 13.53
C ASP B 236 21.04 19.45 12.73
N PHE B 237 19.98 20.22 12.98
CA PHE B 237 19.75 21.54 12.32
C PHE B 237 19.32 22.55 13.37
N VAL B 238 19.65 23.83 13.15
CA VAL B 238 19.32 24.91 14.10
C VAL B 238 18.02 25.57 13.62
N SER B 239 17.05 25.59 14.53
CA SER B 239 15.79 26.36 14.43
C SER B 239 16.09 27.80 14.80
N LEU B 240 16.14 28.70 13.82
CA LEU B 240 16.39 30.15 14.02
C LEU B 240 15.08 30.87 14.27
N GLY B 241 15.00 31.68 15.32
CA GLY B 241 13.91 32.67 15.50
C GLY B 241 14.05 33.81 14.50
N ASP B 242 12.98 34.59 14.30
CA ASP B 242 12.95 35.73 13.34
C ASP B 242 14.10 36.69 13.66
N ALA B 243 14.41 36.93 14.94
CA ALA B 243 15.43 37.90 15.41
C ALA B 243 16.86 37.36 15.21
N GLU B 244 17.02 36.09 14.84
CA GLU B 244 18.35 35.40 14.82
C GLU B 244 18.86 35.22 13.39
N ILE B 245 18.16 35.80 12.40
CA ILE B 245 18.37 35.51 10.94
C ILE B 245 19.57 36.31 10.41
N PRO B 267 26.17 26.55 17.34
CA PRO B 267 26.77 26.00 16.15
C PRO B 267 25.78 25.19 15.30
N SER B 268 25.97 25.25 13.97
CA SER B 268 25.40 24.27 13.00
C SER B 268 26.51 23.65 12.18
N PRO B 269 27.18 22.58 12.68
CA PRO B 269 28.36 22.04 11.99
C PRO B 269 28.03 21.38 10.65
N LEU B 270 26.77 21.03 10.40
CA LEU B 270 26.26 20.50 9.10
C LEU B 270 25.78 21.65 8.20
N GLY B 271 25.80 22.90 8.69
CA GLY B 271 25.29 24.08 7.97
C GLY B 271 23.80 23.98 7.66
N LEU B 272 23.02 23.33 8.53
CA LEU B 272 21.57 23.11 8.33
C LEU B 272 20.81 24.16 9.17
N TYR B 273 19.93 24.92 8.53
CA TYR B 273 19.13 25.99 9.18
C TYR B 273 17.69 25.99 8.70
N GLU B 274 16.77 26.31 9.62
CA GLU B 274 15.34 26.41 9.33
C GLU B 274 14.71 27.48 10.22
N THR B 275 13.89 28.33 9.62
CA THR B 275 13.02 29.30 10.32
C THR B 275 11.56 28.92 10.06
N ALA B 276 10.79 28.73 11.13
CA ALA B 276 9.34 28.49 11.05
C ALA B 276 8.60 29.84 11.11
N GLY B 277 7.57 30.02 10.30
CA GLY B 277 6.64 31.18 10.36
C GLY B 277 5.22 30.76 10.04
N THR B 278 4.19 31.59 10.36
CA THR B 278 2.82 31.34 9.96
C THR B 278 2.33 32.42 8.97
N ILE B 279 1.17 32.23 8.31
CA ILE B 279 0.73 33.17 7.25
C ILE B 279 -0.01 34.36 7.89
N ASN B 280 -0.97 34.08 8.79
CA ASN B 280 -1.55 35.15 9.66
C ASN B 280 -0.69 35.18 10.94
N ASP B 281 -1.21 35.57 12.10
CA ASP B 281 -0.37 35.75 13.31
C ASP B 281 -0.51 34.55 14.24
N SER B 282 -1.44 33.64 13.95
CA SER B 282 -1.72 32.46 14.80
C SER B 282 -1.15 31.20 14.14
N TRP B 283 -0.75 30.20 14.93
CA TRP B 283 -0.38 28.86 14.40
C TRP B 283 -1.65 28.05 14.19
N GLY B 284 -2.49 27.91 15.21
CA GLY B 284 -3.84 27.33 15.04
C GLY B 284 -4.79 28.27 14.31
N PHE B 285 -5.78 27.71 13.63
CA PHE B 285 -6.91 28.39 12.97
C PHE B 285 -7.61 29.35 13.95
N SER B 286 -7.81 30.58 13.47
CA SER B 286 -8.47 31.66 14.21
C SER B 286 -9.38 32.42 13.27
N TYR B 287 -10.70 32.40 13.51
CA TYR B 287 -11.74 33.10 12.69
C TYR B 287 -11.35 34.58 12.58
N HIS B 288 -10.97 35.18 13.72
CA HIS B 288 -10.84 36.66 13.86
C HIS B 288 -9.55 37.16 13.24
N ASP B 289 -8.56 36.29 13.03
CA ASP B 289 -7.24 36.71 12.50
C ASP B 289 -7.29 36.61 10.97
N GLN B 290 -7.51 37.72 10.31
CA GLN B 290 -7.45 37.87 8.84
C GLN B 290 -6.19 38.63 8.44
N ASN B 291 -5.15 38.65 9.29
CA ASN B 291 -3.89 39.38 9.05
C ASN B 291 -2.92 38.49 8.24
N TRP B 292 -3.36 38.08 7.07
CA TRP B 292 -2.62 37.18 6.14
C TRP B 292 -1.44 37.95 5.54
N LYS B 293 -0.21 37.48 5.76
CA LYS B 293 0.96 38.02 5.03
C LYS B 293 0.67 37.93 3.52
N THR B 294 0.98 38.99 2.79
CA THR B 294 0.72 39.07 1.32
C THR B 294 1.65 38.12 0.57
N PRO B 295 1.24 37.70 -0.65
CA PRO B 295 2.11 36.92 -1.53
C PRO B 295 3.51 37.53 -1.63
N ARG B 296 3.61 38.85 -1.82
CA ARG B 296 4.91 39.53 -1.93
C ARG B 296 5.73 39.32 -0.66
N THR B 297 5.11 39.46 0.52
CA THR B 297 5.76 39.27 1.83
C THR B 297 6.25 37.82 1.95
N LEU B 298 5.41 36.83 1.60
CA LEU B 298 5.78 35.39 1.71
C LEU B 298 6.96 35.10 0.77
N TYR B 299 6.91 35.56 -0.47
CA TYR B 299 7.96 35.28 -1.50
C TYR B 299 9.27 35.94 -1.08
N ARG B 300 9.22 37.22 -0.71
CA ARG B 300 10.43 38.01 -0.34
C ARG B 300 11.09 37.41 0.91
N TYR B 301 10.30 37.04 1.93
CA TYR B 301 10.87 36.41 3.15
C TYR B 301 11.54 35.09 2.78
N LYS B 302 10.88 34.30 1.94
CA LYS B 302 11.41 33.00 1.47
C LYS B 302 12.75 33.24 0.77
N GLN B 303 12.79 34.16 -0.19
CA GLN B 303 14.00 34.47 -1.01
C GLN B 303 15.13 34.88 -0.05
N HIS B 304 14.84 35.75 0.92
CA HIS B 304 15.81 36.22 1.94
C HIS B 304 16.37 35.03 2.73
N LEU B 305 15.50 34.22 3.33
CA LEU B 305 15.92 33.00 4.09
C LEU B 305 16.78 32.09 3.20
N ASN B 306 16.29 31.74 2.01
CA ASN B 306 16.97 30.78 1.09
C ASN B 306 18.35 31.32 0.70
N ASP B 307 18.48 32.64 0.50
CA ASP B 307 19.75 33.31 0.13
C ASP B 307 20.80 33.11 1.24
N PHE B 308 20.37 32.94 2.49
CA PHE B 308 21.25 32.72 3.66
C PHE B 308 21.39 31.22 3.97
N GLY B 309 20.88 30.35 3.10
CA GLY B 309 20.91 28.88 3.31
C GLY B 309 19.94 28.43 4.38
N ILE B 310 18.84 29.17 4.60
CA ILE B 310 17.82 28.82 5.63
C ILE B 310 16.55 28.32 4.96
N ASN B 311 16.04 27.19 5.43
CA ASN B 311 14.75 26.62 5.00
C ASN B 311 13.63 27.47 5.64
N TYR B 312 12.62 27.78 4.85
CA TYR B 312 11.35 28.43 5.32
C TYR B 312 10.33 27.32 5.55
N LEU B 313 10.06 26.99 6.82
CA LEU B 313 8.93 26.12 7.19
C LEU B 313 7.68 27.00 7.45
N LEU B 314 6.69 26.97 6.57
CA LEU B 314 5.57 27.94 6.56
C LEU B 314 4.29 27.21 6.96
N ASN B 315 3.71 27.64 8.07
CA ASN B 315 2.58 27.00 8.81
C ASN B 315 1.22 27.31 8.19
N VAL B 316 0.40 26.28 8.05
CA VAL B 316 -1.07 26.38 7.78
C VAL B 316 -1.78 25.89 9.04
N GLY B 317 -2.80 26.66 9.49
CA GLY B 317 -3.73 26.20 10.53
C GLY B 317 -5.04 25.76 9.93
N LEU B 318 -5.26 24.45 9.83
CA LEU B 318 -6.48 23.88 9.18
C LEU B 318 -7.74 24.29 9.97
N ASP B 319 -8.82 24.47 9.27
CA ASP B 319 -10.11 24.97 9.85
C ASP B 319 -10.82 23.76 10.44
N PRO B 320 -12.00 23.96 11.09
CA PRO B 320 -12.72 22.84 11.71
C PRO B 320 -13.16 21.74 10.73
N LEU B 321 -13.31 22.04 9.43
CA LEU B 321 -13.75 21.04 8.43
C LEU B 321 -12.52 20.37 7.78
N GLY B 322 -11.32 20.67 8.28
CA GLY B 322 -10.05 20.08 7.83
C GLY B 322 -9.47 20.78 6.63
N ARG B 323 -9.82 22.06 6.43
CA ARG B 323 -9.52 22.80 5.18
C ARG B 323 -8.37 23.76 5.41
N VAL B 324 -7.56 23.97 4.37
CA VAL B 324 -6.64 25.12 4.24
C VAL B 324 -7.52 26.34 4.09
N PRO B 325 -7.43 27.35 4.98
CA PRO B 325 -8.24 28.54 4.81
C PRO B 325 -8.05 29.13 3.41
N MET B 326 -9.14 29.59 2.81
CA MET B 326 -9.17 30.14 1.43
C MET B 326 -8.02 31.14 1.24
N MET B 327 -7.79 32.03 2.21
CA MET B 327 -6.78 33.11 2.02
C MET B 327 -5.35 32.53 2.18
N ALA B 328 -5.14 31.54 3.04
CA ALA B 328 -3.83 30.82 3.17
C ALA B 328 -3.49 30.20 1.81
N GLU B 329 -4.45 29.52 1.20
CA GLU B 329 -4.27 28.86 -0.12
C GLU B 329 -4.03 29.88 -1.23
N GLU B 330 -4.81 30.96 -1.30
CA GLU B 330 -4.63 31.99 -2.36
C GLU B 330 -3.26 32.63 -2.21
N ASN B 331 -2.85 32.94 -0.99
CA ASN B 331 -1.57 33.69 -0.77
C ASN B 331 -0.37 32.76 -1.03
N LEU B 332 -0.49 31.47 -0.69
CA LEU B 332 0.55 30.46 -1.00
C LEU B 332 0.74 30.37 -2.50
N LEU B 333 -0.35 30.22 -3.26
CA LEU B 333 -0.29 30.05 -4.73
C LEU B 333 0.24 31.33 -5.39
N ALA B 334 -0.16 32.50 -4.90
CA ALA B 334 0.28 33.79 -5.48
C ALA B 334 1.78 34.01 -5.18
N ALA B 335 2.26 33.63 -3.99
CA ALA B 335 3.67 33.74 -3.62
C ALA B 335 4.50 32.87 -4.59
N LYS B 336 3.99 31.69 -4.93
CA LYS B 336 4.63 30.76 -5.86
C LYS B 336 4.68 31.37 -7.27
N ALA B 337 3.59 32.01 -7.71
CA ALA B 337 3.52 32.66 -9.05
C ALA B 337 4.54 33.81 -9.12
N LEU B 338 4.68 34.60 -8.03
CA LEU B 338 5.68 35.69 -7.96
C LEU B 338 7.09 35.09 -8.03
N GLU B 339 7.34 34.00 -7.29
CA GLU B 339 8.66 33.33 -7.20
C GLU B 339 9.05 32.81 -8.59
N ASP B 340 8.15 32.12 -9.27
CA ASP B 340 8.40 31.52 -10.61
C ASP B 340 8.70 32.64 -11.61
N GLU B 341 7.92 33.71 -11.58
CA GLU B 341 8.10 34.91 -12.47
C GLU B 341 9.47 35.54 -12.21
N ALA B 342 9.86 35.72 -10.95
CA ALA B 342 11.16 36.31 -10.56
C ALA B 342 12.31 35.42 -11.05
N ASN B 343 12.14 34.10 -11.06
CA ASN B 343 13.19 33.11 -11.40
C ASN B 343 13.31 32.92 -12.92
N ARG B 344 12.31 33.31 -13.70
CA ARG B 344 12.34 33.27 -15.18
C ARG B 344 13.09 34.53 -15.67
N LEU B 345 12.68 35.72 -15.21
CA LEU B 345 13.30 37.02 -15.57
C LEU B 345 14.66 37.14 -14.87
N ASN C 2 -61.12 -60.75 4.42
CA ASN C 2 -60.17 -59.66 4.81
C ASN C 2 -59.83 -58.81 3.58
N ASP C 3 -60.51 -57.68 3.41
CA ASP C 3 -60.31 -56.81 2.22
C ASP C 3 -59.27 -55.74 2.56
N ASN C 4 -58.61 -55.84 3.74
CA ASN C 4 -57.32 -55.16 3.99
C ASN C 4 -56.29 -55.70 2.99
N VAL C 5 -56.42 -56.96 2.56
CA VAL C 5 -55.50 -57.59 1.55
C VAL C 5 -55.58 -56.74 0.26
N ALA C 6 -56.76 -56.66 -0.35
CA ALA C 6 -57.00 -55.84 -1.57
C ALA C 6 -56.63 -54.38 -1.28
N TRP C 7 -57.04 -53.85 -0.14
CA TRP C 7 -56.75 -52.44 0.24
C TRP C 7 -55.23 -52.22 0.28
N PHE C 8 -54.48 -53.13 0.91
CA PHE C 8 -53.00 -52.99 1.08
C PHE C 8 -52.31 -53.01 -0.27
N LYS C 9 -52.79 -53.86 -1.18
CA LYS C 9 -52.24 -54.05 -2.54
C LYS C 9 -52.19 -52.70 -3.28
N GLN C 10 -53.21 -51.84 -3.07
CA GLN C 10 -53.42 -50.60 -3.86
C GLN C 10 -53.09 -49.35 -3.02
N ALA C 11 -52.63 -49.53 -1.78
CA ALA C 11 -52.48 -48.44 -0.80
C ALA C 11 -51.29 -47.54 -1.18
N LYS C 12 -50.19 -48.13 -1.69
CA LYS C 12 -49.06 -47.44 -2.37
C LYS C 12 -48.20 -46.62 -1.40
N TYR C 13 -48.78 -45.93 -0.42
CA TYR C 13 -48.10 -44.85 0.35
C TYR C 13 -48.65 -44.80 1.77
N GLY C 14 -47.74 -44.85 2.74
CA GLY C 14 -48.02 -44.70 4.18
C GLY C 14 -47.06 -43.74 4.85
N MET C 15 -47.48 -43.17 5.97
CA MET C 15 -46.61 -42.39 6.88
C MET C 15 -46.21 -43.29 8.06
N MET C 16 -44.91 -43.34 8.34
CA MET C 16 -44.38 -43.92 9.59
C MET C 16 -44.02 -42.76 10.53
N ILE C 17 -44.18 -42.95 11.83
CA ILE C 17 -43.78 -41.97 12.87
C ILE C 17 -42.85 -42.67 13.84
N HIS C 18 -41.64 -42.14 14.01
CA HIS C 18 -40.77 -42.44 15.16
C HIS C 18 -40.83 -41.26 16.10
N TRP C 19 -41.25 -41.51 17.33
CA TRP C 19 -41.34 -40.51 18.39
C TRP C 19 -41.14 -41.17 19.75
N GLY C 20 -40.24 -40.61 20.56
CA GLY C 20 -39.92 -41.12 21.89
C GLY C 20 -39.02 -40.18 22.65
N LEU C 21 -38.57 -40.63 23.79
CA LEU C 21 -37.58 -39.94 24.65
C LEU C 21 -36.33 -39.60 23.83
N TYR C 22 -35.92 -40.49 22.92
CA TYR C 22 -34.73 -40.32 22.05
C TYR C 22 -34.86 -39.04 21.22
N SER C 23 -36.09 -38.65 20.88
CA SER C 23 -36.38 -37.43 20.09
C SER C 23 -35.88 -36.17 20.82
N LEU C 24 -35.81 -36.19 22.16
CA LEU C 24 -35.45 -35.00 22.96
C LEU C 24 -33.93 -34.76 22.85
N LEU C 25 -33.11 -35.79 22.86
CA LEU C 25 -31.64 -35.69 22.70
C LEU C 25 -31.28 -35.28 21.26
N ALA C 26 -32.14 -35.63 20.31
CA ALA C 26 -32.13 -35.10 18.92
C ALA C 26 -30.75 -35.35 18.28
N GLY C 27 -30.19 -36.52 18.52
CA GLY C 27 -29.01 -37.05 17.80
C GLY C 27 -27.71 -36.63 18.42
N GLU C 28 -27.76 -36.10 19.64
CA GLU C 28 -26.61 -35.48 20.33
C GLU C 28 -26.62 -35.92 21.81
N TYR C 29 -25.46 -36.29 22.34
CA TYR C 29 -25.28 -36.61 23.77
C TYR C 29 -23.90 -36.15 24.23
N ARG C 30 -23.87 -35.24 25.19
CA ARG C 30 -22.65 -34.70 25.85
C ARG C 30 -21.60 -34.38 24.78
N GLY C 31 -22.01 -33.63 23.76
CA GLY C 31 -21.12 -33.07 22.74
C GLY C 31 -20.70 -34.09 21.67
N GLU C 32 -21.35 -35.26 21.62
CA GLU C 32 -21.05 -36.26 20.58
C GLU C 32 -22.32 -36.67 19.84
N SER C 33 -22.10 -37.16 18.65
CA SER C 33 -23.16 -37.47 17.67
C SER C 33 -23.63 -38.90 17.92
N SER C 34 -24.94 -39.13 17.80
CA SER C 34 -25.52 -40.46 17.55
C SER C 34 -24.87 -41.06 16.30
N SER C 35 -25.06 -42.34 16.05
CA SER C 35 -24.92 -42.91 14.68
C SER C 35 -25.97 -42.25 13.78
N ALA C 36 -26.08 -42.71 12.53
CA ALA C 36 -27.11 -42.23 11.60
C ALA C 36 -28.51 -42.39 12.23
N TYR C 37 -28.70 -43.36 13.13
CA TYR C 37 -30.00 -43.65 13.78
C TYR C 37 -30.05 -43.01 15.19
N ALA C 38 -30.66 -41.84 15.31
CA ALA C 38 -30.75 -41.05 16.56
C ALA C 38 -31.63 -41.78 17.60
N GLU C 39 -32.57 -42.63 17.18
CA GLU C 39 -33.43 -43.46 18.08
C GLU C 39 -32.62 -44.52 18.81
N TRP C 40 -31.39 -44.82 18.38
CA TRP C 40 -30.48 -45.79 19.04
C TRP C 40 -29.56 -45.12 20.07
N ILE C 41 -29.81 -43.87 20.47
CA ILE C 41 -28.81 -43.06 21.22
C ILE C 41 -28.53 -43.69 22.59
N GLN C 42 -29.51 -44.35 23.20
CA GLN C 42 -29.36 -44.90 24.58
C GLN C 42 -28.27 -45.98 24.55
N SER C 43 -28.31 -46.86 23.55
CA SER C 43 -27.33 -47.96 23.35
C SER C 43 -25.98 -47.38 22.90
N LYS C 44 -26.00 -46.38 22.02
CA LYS C 44 -24.80 -45.74 21.43
C LYS C 44 -23.89 -45.22 22.56
N PHE C 45 -24.45 -44.60 23.60
CA PHE C 45 -23.68 -43.97 24.70
C PHE C 45 -23.89 -44.73 26.02
N GLN C 46 -24.54 -45.89 25.97
CA GLN C 46 -24.86 -46.73 27.18
C GLN C 46 -25.39 -45.82 28.30
N ILE C 47 -26.42 -45.03 28.00
CA ILE C 47 -27.01 -44.06 28.96
C ILE C 47 -27.80 -44.88 29.98
N PRO C 48 -27.43 -44.85 31.28
CA PRO C 48 -28.18 -45.60 32.30
C PRO C 48 -29.68 -45.27 32.28
N ASN C 49 -30.53 -46.29 32.49
CA ASN C 49 -32.01 -46.15 32.57
C ASN C 49 -32.46 -45.00 33.47
N ALA C 50 -31.86 -44.82 34.65
CA ALA C 50 -32.25 -43.73 35.59
C ALA C 50 -32.14 -42.37 34.88
N GLU C 51 -31.02 -42.09 34.21
CA GLU C 51 -30.77 -40.81 33.47
C GLU C 51 -31.66 -40.74 32.23
N TYR C 52 -31.62 -41.75 31.36
CA TYR C 52 -32.37 -41.74 30.08
C TYR C 52 -33.86 -41.58 30.39
N GLY C 53 -34.37 -42.38 31.33
CA GLY C 53 -35.79 -42.32 31.78
C GLY C 53 -36.19 -40.95 32.30
N ASN C 54 -35.26 -40.17 32.88
CA ASN C 54 -35.57 -38.82 33.39
C ASN C 54 -35.94 -37.89 32.22
N LEU C 55 -35.54 -38.20 30.97
CA LEU C 55 -36.03 -37.43 29.78
C LEU C 55 -37.55 -37.33 29.80
N ALA C 56 -38.26 -38.36 30.31
CA ALA C 56 -39.73 -38.36 30.41
C ALA C 56 -40.22 -37.09 31.13
N THR C 57 -39.48 -36.62 32.15
CA THR C 57 -39.89 -35.43 32.96
C THR C 57 -39.83 -34.17 32.08
N ALA C 58 -39.13 -34.21 30.96
CA ALA C 58 -38.96 -33.06 30.05
C ALA C 58 -39.78 -33.26 28.77
N PHE C 59 -40.57 -34.32 28.69
CA PHE C 59 -41.40 -34.59 27.49
C PHE C 59 -42.71 -33.80 27.62
N ASN C 60 -42.79 -32.65 26.95
CA ASN C 60 -43.97 -31.75 26.96
C ASN C 60 -44.12 -31.13 25.57
N PRO C 61 -44.47 -31.93 24.53
CA PRO C 61 -44.61 -31.44 23.17
C PRO C 61 -45.86 -30.61 22.92
N LEU C 62 -45.77 -29.31 23.20
CA LEU C 62 -46.93 -28.37 23.20
C LEU C 62 -47.55 -28.26 21.80
N TYR C 63 -46.84 -28.60 20.72
CA TYR C 63 -47.35 -28.41 19.32
C TYR C 63 -47.78 -29.76 18.74
N PHE C 64 -47.81 -30.84 19.52
CA PHE C 64 -48.31 -32.16 19.04
C PHE C 64 -49.77 -31.99 18.65
N ASP C 65 -50.07 -32.32 17.40
CA ASP C 65 -51.44 -32.24 16.85
C ASP C 65 -51.63 -33.41 15.89
N ALA C 66 -52.26 -34.48 16.38
CA ALA C 66 -52.50 -35.73 15.64
C ALA C 66 -53.35 -35.43 14.39
N LYS C 67 -54.30 -34.50 14.49
CA LYS C 67 -55.17 -34.08 13.38
C LYS C 67 -54.30 -33.48 12.26
N LYS C 68 -53.36 -32.57 12.59
CA LYS C 68 -52.52 -31.88 11.57
C LYS C 68 -51.55 -32.89 10.96
N ILE C 69 -51.08 -33.86 11.73
CA ILE C 69 -50.13 -34.89 11.22
C ILE C 69 -50.90 -35.77 10.23
N VAL C 70 -52.14 -36.14 10.54
CA VAL C 70 -52.96 -37.02 9.67
C VAL C 70 -53.37 -36.24 8.41
N ALA C 71 -53.69 -34.97 8.54
CA ALA C 71 -54.04 -34.06 7.42
C ALA C 71 -52.87 -33.94 6.44
N LEU C 72 -51.63 -33.87 6.93
CA LEU C 72 -50.41 -33.85 6.06
C LEU C 72 -50.33 -35.16 5.28
N ALA C 73 -50.43 -36.30 5.97
CA ALA C 73 -50.38 -37.63 5.35
C ALA C 73 -51.46 -37.71 4.26
N LYS C 74 -52.69 -37.28 4.56
CA LYS C 74 -53.84 -37.35 3.64
C LYS C 74 -53.57 -36.48 2.40
N GLN C 75 -53.13 -35.23 2.60
CA GLN C 75 -52.78 -34.30 1.49
C GLN C 75 -51.75 -34.96 0.57
N CYS C 76 -50.86 -35.81 1.12
CA CYS C 76 -49.76 -36.43 0.36
C CYS C 76 -50.23 -37.72 -0.34
N GLY C 77 -51.50 -38.11 -0.19
CA GLY C 77 -52.05 -39.34 -0.77
C GLY C 77 -51.66 -40.57 0.03
N MET C 78 -51.20 -40.40 1.27
CA MET C 78 -50.89 -41.56 2.15
C MET C 78 -52.21 -42.13 2.66
N GLN C 79 -52.37 -43.45 2.64
CA GLN C 79 -53.65 -44.12 2.99
C GLN C 79 -53.55 -44.77 4.36
N TYR C 80 -52.40 -44.70 5.00
CA TYR C 80 -52.22 -45.26 6.37
C TYR C 80 -51.05 -44.60 7.08
N LEU C 81 -51.05 -44.79 8.39
CA LEU C 81 -50.05 -44.27 9.35
C LEU C 81 -49.64 -45.43 10.26
N VAL C 82 -48.34 -45.66 10.37
CA VAL C 82 -47.71 -46.64 11.30
C VAL C 82 -46.92 -45.82 12.32
N VAL C 83 -47.10 -46.09 13.60
CA VAL C 83 -46.44 -45.28 14.67
C VAL C 83 -45.79 -46.23 15.67
N THR C 84 -44.61 -45.84 16.17
CA THR C 84 -43.86 -46.50 17.27
C THR C 84 -44.70 -46.43 18.54
N THR C 85 -45.25 -47.56 18.97
CA THR C 85 -45.95 -47.71 20.27
C THR C 85 -44.92 -47.93 21.37
N LYS C 86 -43.81 -48.61 21.03
CA LYS C 86 -42.68 -48.86 21.95
C LYS C 86 -41.45 -49.26 21.13
N HIS C 87 -40.41 -48.45 21.16
CA HIS C 87 -39.13 -48.67 20.44
C HIS C 87 -38.19 -49.45 21.36
N HIS C 88 -36.93 -49.65 20.95
CA HIS C 88 -35.96 -50.54 21.63
C HIS C 88 -35.73 -50.08 23.08
N ASP C 89 -35.91 -48.78 23.35
CA ASP C 89 -35.62 -48.21 24.69
C ASP C 89 -36.67 -48.72 25.69
N GLY C 90 -37.80 -49.24 25.20
CA GLY C 90 -38.84 -49.88 26.01
C GLY C 90 -39.82 -48.87 26.60
N PHE C 91 -39.80 -47.61 26.14
CA PHE C 91 -40.71 -46.54 26.62
C PHE C 91 -41.99 -46.57 25.79
N ALA C 92 -43.14 -46.85 26.40
CA ALA C 92 -44.41 -46.98 25.66
C ALA C 92 -44.96 -45.58 25.36
N MET C 93 -45.48 -45.37 24.13
CA MET C 93 -46.03 -44.05 23.68
C MET C 93 -47.57 -44.09 23.78
N TYR C 94 -48.08 -44.99 24.59
CA TYR C 94 -49.52 -45.17 24.88
C TYR C 94 -49.65 -45.42 26.38
N HIS C 95 -50.87 -45.34 26.91
CA HIS C 95 -51.13 -45.53 28.35
C HIS C 95 -51.13 -47.04 28.64
N SER C 96 -49.97 -47.60 28.99
CA SER C 96 -49.80 -49.04 29.29
C SER C 96 -50.19 -49.29 30.75
N LYS C 97 -51.10 -50.22 30.99
CA LYS C 97 -51.52 -50.60 32.38
C LYS C 97 -50.41 -51.43 33.00
N VAL C 98 -49.69 -52.23 32.22
CA VAL C 98 -48.69 -53.21 32.74
C VAL C 98 -47.36 -52.50 33.05
N ASP C 99 -47.04 -51.37 32.43
CA ASP C 99 -45.75 -50.66 32.66
C ASP C 99 -45.98 -49.14 32.73
N ALA C 100 -45.63 -48.54 33.86
CA ALA C 100 -45.79 -47.08 34.14
C ALA C 100 -44.73 -46.27 33.38
N TYR C 101 -43.72 -46.92 32.79
CA TYR C 101 -42.70 -46.32 31.91
C TYR C 101 -43.33 -46.04 30.54
N ASN C 102 -44.18 -45.02 30.50
CA ASN C 102 -45.00 -44.71 29.29
C ASN C 102 -45.32 -43.21 29.28
N VAL C 103 -45.72 -42.69 28.11
CA VAL C 103 -45.86 -41.23 27.81
C VAL C 103 -47.01 -40.65 28.66
N TYR C 104 -47.98 -41.49 29.03
CA TYR C 104 -49.17 -41.06 29.81
C TYR C 104 -48.80 -40.85 31.27
N ASP C 105 -48.16 -41.85 31.88
CA ASP C 105 -47.88 -41.88 33.34
C ASP C 105 -46.65 -41.04 33.70
N ALA C 106 -45.60 -41.04 32.88
CA ALA C 106 -44.24 -40.61 33.27
C ALA C 106 -43.92 -39.20 32.77
N THR C 107 -44.75 -38.60 31.92
CA THR C 107 -44.47 -37.25 31.33
C THR C 107 -45.50 -36.24 31.82
N PRO C 108 -45.12 -34.95 31.91
CA PRO C 108 -46.07 -33.87 32.18
C PRO C 108 -47.11 -33.68 31.06
N PHE C 109 -46.84 -34.21 29.87
CA PHE C 109 -47.77 -34.13 28.71
C PHE C 109 -49.03 -34.91 29.06
N HIS C 110 -48.85 -36.10 29.66
CA HIS C 110 -49.90 -36.85 30.36
C HIS C 110 -51.05 -37.13 29.38
N ARG C 111 -50.70 -37.58 28.18
CA ARG C 111 -51.67 -37.87 27.10
C ARG C 111 -51.26 -39.16 26.39
N ASP C 112 -52.23 -39.91 25.90
CA ASP C 112 -52.02 -41.14 25.08
C ASP C 112 -51.90 -40.73 23.62
N ILE C 113 -50.67 -40.70 23.12
CA ILE C 113 -50.33 -40.21 21.74
C ILE C 113 -50.82 -41.21 20.69
N ILE C 114 -50.74 -42.50 20.97
CA ILE C 114 -51.27 -43.57 20.09
C ILE C 114 -52.78 -43.39 19.95
N GLY C 115 -53.47 -43.19 21.08
CA GLY C 115 -54.94 -42.94 21.12
C GLY C 115 -55.34 -41.75 20.27
N GLU C 116 -54.58 -40.65 20.35
CA GLU C 116 -54.90 -39.40 19.62
C GLU C 116 -54.66 -39.65 18.12
N LEU C 117 -53.62 -40.41 17.76
CA LEU C 117 -53.37 -40.75 16.33
C LEU C 117 -54.42 -41.73 15.83
N ALA C 118 -54.82 -42.73 16.63
CA ALA C 118 -55.89 -43.70 16.28
C ALA C 118 -57.19 -42.92 15.96
N GLU C 119 -57.57 -41.99 16.84
CA GLU C 119 -58.81 -41.18 16.68
C GLU C 119 -58.68 -40.30 15.43
N ALA C 120 -57.54 -39.66 15.21
CA ALA C 120 -57.30 -38.73 14.08
C ALA C 120 -57.40 -39.50 12.75
N CYS C 121 -56.81 -40.70 12.68
CA CYS C 121 -56.81 -41.60 11.49
C CYS C 121 -58.24 -42.07 11.18
N GLN C 122 -59.01 -42.44 12.21
CA GLN C 122 -60.41 -42.90 12.08
C GLN C 122 -61.24 -41.78 11.43
N LYS C 123 -61.10 -40.54 11.91
CA LYS C 123 -61.94 -39.39 11.47
C LYS C 123 -61.60 -38.98 10.04
N ALA C 124 -60.34 -39.18 9.61
CA ALA C 124 -59.83 -38.76 8.29
C ALA C 124 -59.98 -39.90 7.26
N GLY C 125 -60.34 -41.11 7.71
CA GLY C 125 -60.49 -42.30 6.86
C GLY C 125 -59.16 -42.93 6.48
N LEU C 126 -58.11 -42.74 7.30
CA LEU C 126 -56.80 -43.42 7.10
C LEU C 126 -56.75 -44.69 7.93
N LYS C 127 -56.11 -45.73 7.41
CA LYS C 127 -55.84 -47.00 8.13
C LYS C 127 -54.74 -46.74 9.16
N PHE C 128 -54.73 -47.51 10.23
CA PHE C 128 -53.82 -47.26 11.39
C PHE C 128 -53.03 -48.53 11.68
N GLY C 129 -51.71 -48.39 11.74
CA GLY C 129 -50.75 -49.49 11.96
C GLY C 129 -49.88 -49.18 13.17
N LEU C 130 -49.31 -50.23 13.78
CA LEU C 130 -48.57 -50.13 15.05
C LEU C 130 -47.22 -50.82 14.90
N TYR C 131 -46.15 -50.10 15.27
CA TYR C 131 -44.77 -50.61 15.43
C TYR C 131 -44.58 -50.98 16.91
N TYR C 132 -44.01 -52.15 17.19
CA TYR C 132 -43.67 -52.59 18.56
C TYR C 132 -42.38 -53.41 18.53
N SER C 133 -41.39 -53.00 19.32
CA SER C 133 -40.12 -53.72 19.55
C SER C 133 -40.34 -54.91 20.49
N GLN C 134 -40.65 -56.09 19.93
CA GLN C 134 -41.08 -57.30 20.69
C GLN C 134 -39.85 -58.01 21.29
N ASP C 135 -38.66 -57.76 20.73
CA ASP C 135 -37.41 -58.47 21.12
C ASP C 135 -36.57 -57.57 22.02
N LEU C 136 -36.10 -56.44 21.49
CA LEU C 136 -35.20 -55.51 22.24
C LEU C 136 -36.06 -54.66 23.19
N ASP C 137 -35.63 -54.54 24.44
CA ASP C 137 -36.23 -53.66 25.46
C ASP C 137 -35.14 -53.29 26.48
N TRP C 138 -34.58 -52.09 26.35
CA TRP C 138 -33.41 -51.62 27.13
C TRP C 138 -33.82 -51.29 28.56
N HIS C 139 -35.12 -51.05 28.78
CA HIS C 139 -35.67 -50.80 30.13
C HIS C 139 -35.87 -52.12 30.90
N ASP C 140 -35.97 -53.25 30.21
CA ASP C 140 -36.27 -54.55 30.88
C ASP C 140 -34.97 -55.29 31.16
N PRO C 141 -34.79 -55.78 32.41
CA PRO C 141 -33.62 -56.60 32.76
C PRO C 141 -33.38 -57.80 31.83
N ASN C 142 -34.44 -58.37 31.28
CA ASN C 142 -34.39 -59.59 30.43
C ASN C 142 -34.74 -59.24 28.98
N GLY C 143 -34.58 -57.98 28.59
CA GLY C 143 -34.75 -57.51 27.20
C GLY C 143 -33.84 -58.29 26.27
N GLY C 144 -34.27 -58.49 25.02
CA GLY C 144 -33.59 -59.38 24.06
C GLY C 144 -32.32 -58.76 23.50
N GLY C 145 -31.54 -59.56 22.76
CA GLY C 145 -30.34 -59.12 22.03
C GLY C 145 -29.05 -59.62 22.64
N TYR C 146 -29.11 -60.17 23.86
CA TYR C 146 -27.92 -60.61 24.64
C TYR C 146 -27.24 -61.83 24.01
N LYS C 147 -27.81 -62.41 22.95
CA LYS C 147 -27.20 -63.58 22.24
C LYS C 147 -26.58 -63.13 20.91
N SER C 148 -26.71 -61.83 20.56
CA SER C 148 -26.50 -61.34 19.18
C SER C 148 -25.33 -60.35 19.08
N ASN C 149 -24.53 -60.19 20.13
CA ASN C 149 -23.53 -59.07 20.20
C ASN C 149 -22.24 -59.40 19.44
N ASP C 150 -22.23 -60.51 18.68
CA ASP C 150 -21.17 -60.80 17.68
C ASP C 150 -21.39 -59.98 16.39
N VAL C 151 -22.54 -59.30 16.25
CA VAL C 151 -22.82 -58.41 15.07
C VAL C 151 -23.01 -56.97 15.56
N GLU C 152 -22.43 -56.01 14.82
CA GLU C 152 -22.41 -54.57 15.19
C GLU C 152 -23.83 -53.99 15.08
N THR C 153 -24.06 -52.87 15.76
CA THR C 153 -25.38 -52.18 15.81
C THR C 153 -25.20 -50.69 15.53
N ALA C 154 -26.31 -49.96 15.43
CA ALA C 154 -26.34 -48.48 15.29
C ALA C 154 -26.13 -47.84 16.67
N GLY C 155 -25.91 -48.63 17.72
CA GLY C 155 -25.51 -48.21 19.07
C GLY C 155 -24.24 -48.91 19.50
N THR C 156 -24.25 -49.60 20.65
CA THR C 156 -23.18 -50.55 21.06
C THR C 156 -23.75 -51.97 20.94
N THR C 157 -24.38 -52.46 22.01
CA THR C 157 -24.98 -53.82 22.08
C THR C 157 -26.45 -53.76 21.69
N TRP C 158 -27.01 -54.91 21.30
CA TRP C 158 -28.46 -55.06 20.97
C TRP C 158 -29.29 -54.86 22.23
N ASP C 159 -28.81 -55.38 23.37
CA ASP C 159 -29.45 -55.33 24.71
C ASP C 159 -28.90 -54.16 25.52
N ASN C 160 -29.56 -53.86 26.64
CA ASN C 160 -28.98 -53.01 27.73
C ASN C 160 -28.00 -53.89 28.52
N SER C 161 -26.70 -53.76 28.20
CA SER C 161 -25.58 -54.51 28.81
C SER C 161 -24.85 -53.67 29.85
N TRP C 162 -25.31 -52.43 30.12
CA TRP C 162 -24.67 -51.48 31.06
C TRP C 162 -25.44 -51.49 32.39
N ASP C 163 -26.76 -51.31 32.36
CA ASP C 163 -27.62 -51.46 33.57
C ASP C 163 -27.72 -52.94 33.94
N PHE C 164 -27.65 -53.85 32.96
CA PHE C 164 -27.84 -55.30 33.13
C PHE C 164 -26.66 -56.05 32.50
N PRO C 165 -25.46 -56.01 33.12
CA PRO C 165 -24.26 -56.62 32.53
C PRO C 165 -24.09 -58.14 32.64
N ASP C 166 -24.90 -58.84 33.43
CA ASP C 166 -24.77 -60.30 33.69
C ASP C 166 -25.56 -61.06 32.61
N GLU C 167 -24.90 -61.34 31.49
CA GLU C 167 -25.51 -61.90 30.25
C GLU C 167 -25.97 -63.35 30.51
N ASP C 168 -25.24 -64.11 31.34
CA ASP C 168 -25.55 -65.54 31.64
C ASP C 168 -26.80 -65.71 32.52
N GLN C 169 -27.20 -64.69 33.28
CA GLN C 169 -28.39 -64.76 34.17
C GLN C 169 -29.63 -64.25 33.42
N LYS C 170 -29.48 -63.79 32.18
CA LYS C 170 -30.57 -63.15 31.40
C LYS C 170 -31.44 -64.26 30.79
N ASN C 171 -32.76 -64.09 30.89
CA ASN C 171 -33.78 -65.05 30.40
C ASN C 171 -34.91 -64.25 29.78
N PHE C 172 -34.87 -64.06 28.46
CA PHE C 172 -35.87 -63.27 27.68
C PHE C 172 -37.30 -63.69 28.04
N ASP C 173 -37.52 -64.99 28.26
CA ASP C 173 -38.86 -65.55 28.60
C ASP C 173 -39.56 -64.63 29.61
N LEU C 174 -38.84 -64.18 30.64
CA LEU C 174 -39.39 -63.34 31.75
C LEU C 174 -39.90 -62.02 31.19
N CYS C 175 -39.13 -61.37 30.32
CA CYS C 175 -39.52 -60.11 29.62
C CYS C 175 -40.73 -60.40 28.73
N PHE C 176 -40.69 -61.52 28.00
CA PHE C 176 -41.77 -61.90 27.04
C PHE C 176 -43.10 -62.06 27.79
N ASP C 177 -43.07 -62.78 28.91
CA ASP C 177 -44.28 -63.17 29.67
C ASP C 177 -44.87 -61.96 30.40
N ASN C 178 -44.00 -61.10 30.95
CA ASN C 178 -44.41 -60.06 31.93
C ASN C 178 -44.62 -58.71 31.24
N LYS C 179 -43.94 -58.41 30.12
CA LYS C 179 -44.07 -57.08 29.47
C LYS C 179 -44.50 -57.21 28.00
N ILE C 180 -43.79 -58.01 27.21
CA ILE C 180 -43.89 -57.99 25.71
C ILE C 180 -45.32 -58.37 25.30
N LEU C 181 -45.79 -59.55 25.70
CA LEU C 181 -47.11 -60.09 25.24
C LEU C 181 -48.24 -59.30 25.90
N PRO C 182 -48.21 -59.05 27.23
CA PRO C 182 -49.20 -58.15 27.84
C PRO C 182 -49.34 -56.83 27.08
N GLN C 183 -48.24 -56.16 26.74
CA GLN C 183 -48.28 -54.86 26.01
C GLN C 183 -48.84 -55.07 24.60
N ILE C 184 -48.49 -56.14 23.90
CA ILE C 184 -49.02 -56.40 22.53
C ILE C 184 -50.55 -56.56 22.63
N LYS C 185 -51.05 -57.20 23.69
CA LYS C 185 -52.51 -57.36 23.93
C LYS C 185 -53.15 -55.98 24.13
N GLU C 186 -52.51 -55.10 24.89
CA GLU C 186 -52.98 -53.71 25.17
C GLU C 186 -53.18 -52.92 23.86
N ILE C 187 -52.14 -52.86 23.02
CA ILE C 187 -52.17 -52.01 21.79
C ILE C 187 -53.18 -52.61 20.80
N MET C 188 -53.37 -53.94 20.84
CA MET C 188 -54.28 -54.65 19.88
C MET C 188 -55.72 -54.67 20.41
N SER C 189 -55.97 -54.17 21.62
CA SER C 189 -57.31 -54.22 22.29
C SER C 189 -57.89 -52.81 22.43
N ASN C 190 -57.06 -51.78 22.58
CA ASN C 190 -57.52 -50.47 23.14
C ASN C 190 -57.62 -49.35 22.09
N TYR C 191 -57.24 -49.55 20.84
CA TYR C 191 -57.11 -48.41 19.87
C TYR C 191 -57.89 -48.69 18.58
N GLY C 192 -58.97 -49.45 18.68
CA GLY C 192 -59.86 -49.80 17.55
C GLY C 192 -59.16 -50.71 16.55
N ASP C 193 -59.60 -50.68 15.29
CA ASP C 193 -59.14 -51.58 14.20
C ASP C 193 -57.69 -51.23 13.83
N ILE C 194 -56.79 -52.21 13.91
CA ILE C 194 -55.35 -52.07 13.51
C ILE C 194 -55.18 -52.76 12.16
N ALA C 195 -54.82 -51.99 11.12
CA ALA C 195 -54.67 -52.47 9.73
C ALA C 195 -53.37 -53.26 9.56
N THR C 196 -52.32 -52.81 10.23
CA THR C 196 -50.92 -53.28 10.00
C THR C 196 -50.22 -53.44 11.37
N ALA C 197 -49.38 -54.46 11.49
CA ALA C 197 -48.58 -54.77 12.71
C ALA C 197 -47.11 -54.90 12.31
N TRP C 198 -46.29 -54.02 12.86
CA TRP C 198 -44.88 -53.81 12.46
C TRP C 198 -43.97 -54.29 13.61
N PHE C 199 -43.55 -55.56 13.58
CA PHE C 199 -42.59 -56.13 14.53
C PHE C 199 -41.19 -56.02 13.92
N ASP C 200 -40.16 -56.11 14.76
CA ASP C 200 -38.75 -55.90 14.32
C ASP C 200 -38.03 -57.25 14.34
N VAL C 201 -36.92 -57.36 13.62
CA VAL C 201 -36.22 -58.64 13.29
C VAL C 201 -35.95 -59.38 14.60
N PRO C 202 -36.65 -60.51 14.84
CA PRO C 202 -36.51 -61.29 16.07
C PRO C 202 -35.18 -62.01 16.27
N MET C 203 -34.39 -61.56 17.23
CA MET C 203 -33.03 -62.09 17.48
C MET C 203 -33.04 -63.10 18.62
N THR C 204 -34.00 -62.97 19.55
CA THR C 204 -34.02 -63.71 20.84
C THR C 204 -35.28 -64.59 20.93
N LEU C 205 -36.41 -64.11 20.41
CA LEU C 205 -37.72 -64.83 20.32
C LEU C 205 -37.52 -66.27 19.83
N SER C 206 -38.02 -67.25 20.58
CA SER C 206 -38.27 -68.64 20.10
C SER C 206 -39.39 -68.61 19.05
N GLU C 207 -39.38 -69.63 18.20
CA GLU C 207 -40.49 -69.96 17.25
C GLU C 207 -41.83 -69.85 17.99
N ALA C 208 -41.95 -70.49 19.15
CA ALA C 208 -43.19 -70.57 19.96
C ALA C 208 -43.64 -69.15 20.37
N GLN C 209 -42.69 -68.30 20.77
CA GLN C 209 -42.97 -66.90 21.21
C GLN C 209 -43.48 -66.09 20.00
N SER C 210 -42.85 -66.24 18.83
CA SER C 210 -43.31 -65.62 17.56
C SER C 210 -44.73 -66.09 17.23
N GLN C 211 -44.98 -67.40 17.35
CA GLN C 211 -46.29 -68.05 17.06
C GLN C 211 -47.35 -67.43 17.98
N THR C 212 -47.06 -67.36 19.28
CA THR C 212 -47.96 -66.78 20.32
C THR C 212 -48.31 -65.33 19.96
N ILE C 213 -47.36 -64.54 19.44
CA ILE C 213 -47.63 -63.12 19.06
C ILE C 213 -48.59 -63.15 17.86
N TYR C 214 -48.23 -63.88 16.81
CA TYR C 214 -49.06 -64.05 15.60
C TYR C 214 -50.50 -64.40 16.01
N ASP C 215 -50.65 -65.46 16.83
CA ASP C 215 -51.97 -66.02 17.23
C ASP C 215 -52.76 -64.95 18.00
N THR C 216 -52.08 -64.19 18.85
CA THR C 216 -52.67 -63.11 19.69
C THR C 216 -53.22 -61.99 18.81
N VAL C 217 -52.43 -61.51 17.85
CA VAL C 217 -52.83 -60.42 16.91
C VAL C 217 -54.02 -60.92 16.09
N ARG C 218 -53.94 -62.13 15.54
CA ARG C 218 -55.05 -62.80 14.80
C ARG C 218 -56.36 -62.77 15.61
N GLU C 219 -56.31 -63.16 16.89
CA GLU C 219 -57.51 -63.24 17.78
C GLU C 219 -58.09 -61.84 18.01
N LEU C 220 -57.22 -60.89 18.39
CA LEU C 220 -57.64 -59.52 18.82
C LEU C 220 -57.95 -58.67 17.58
N GLN C 221 -57.23 -58.90 16.48
CA GLN C 221 -57.34 -58.06 15.25
C GLN C 221 -57.38 -58.97 14.04
N PRO C 222 -58.51 -59.67 13.79
CA PRO C 222 -58.59 -60.64 12.71
C PRO C 222 -58.04 -60.17 11.35
N ASN C 223 -58.20 -58.88 11.01
CA ASN C 223 -57.91 -58.34 9.66
C ASN C 223 -56.57 -57.59 9.63
N CYS C 224 -55.82 -57.61 10.73
CA CYS C 224 -54.48 -56.96 10.84
C CYS C 224 -53.47 -57.73 9.99
N LEU C 225 -52.79 -57.05 9.07
CA LEU C 225 -51.69 -57.64 8.25
C LEU C 225 -50.37 -57.53 9.04
N ILE C 226 -49.72 -58.67 9.27
CA ILE C 226 -48.47 -58.77 10.07
C ILE C 226 -47.26 -58.72 9.12
N ASN C 227 -46.26 -57.93 9.50
CA ASN C 227 -45.00 -57.67 8.74
C ASN C 227 -44.10 -58.90 8.88
N SER C 228 -43.26 -59.17 7.88
CA SER C 228 -42.43 -60.41 7.78
C SER C 228 -41.30 -60.44 8.82
N ARG C 229 -41.08 -59.35 9.57
CA ARG C 229 -40.04 -59.28 10.63
C ARG C 229 -40.63 -59.71 12.00
N LEU C 230 -41.78 -60.39 12.05
CA LEU C 230 -42.11 -61.33 13.15
C LEU C 230 -41.57 -62.63 12.58
N GLY C 231 -41.10 -63.56 13.41
CA GLY C 231 -40.18 -64.63 13.01
C GLY C 231 -40.62 -65.39 11.77
N ASN C 232 -39.76 -66.34 11.41
CA ASN C 232 -39.89 -67.22 10.22
C ASN C 232 -41.33 -67.74 10.08
N GLY C 233 -42.07 -67.17 9.12
CA GLY C 233 -43.29 -67.77 8.53
C GLY C 233 -44.56 -67.31 9.21
N LYS C 234 -44.44 -66.31 10.10
CA LYS C 234 -45.57 -65.69 10.85
C LYS C 234 -45.80 -64.29 10.30
N TYR C 235 -46.43 -64.14 9.14
CA TYR C 235 -46.66 -62.80 8.51
C TYR C 235 -47.67 -62.88 7.36
N ASP C 236 -48.11 -61.70 6.91
CA ASP C 236 -49.11 -61.49 5.83
C ASP C 236 -48.50 -60.68 4.69
N PHE C 237 -47.53 -59.81 4.98
CA PHE C 237 -46.82 -59.00 3.95
C PHE C 237 -45.33 -59.03 4.26
N VAL C 238 -44.50 -58.92 3.22
CA VAL C 238 -43.02 -58.94 3.37
C VAL C 238 -42.55 -57.49 3.40
N SER C 239 -41.81 -57.17 4.47
CA SER C 239 -41.01 -55.94 4.64
C SER C 239 -39.70 -56.12 3.86
N LEU C 240 -39.55 -55.46 2.72
CA LEU C 240 -38.33 -55.50 1.88
C LEU C 240 -37.35 -54.42 2.35
N GLY C 241 -36.09 -54.77 2.57
CA GLY C 241 -34.97 -53.81 2.70
C GLY C 241 -34.69 -53.11 1.40
N ASP C 242 -33.98 -51.98 1.44
CA ASP C 242 -33.62 -51.18 0.22
C ASP C 242 -32.87 -52.08 -0.77
N ALA C 243 -32.00 -52.97 -0.27
CA ALA C 243 -31.14 -53.87 -1.09
C ALA C 243 -31.94 -55.01 -1.72
N GLU C 244 -33.21 -55.21 -1.34
CA GLU C 244 -34.02 -56.40 -1.73
C GLU C 244 -35.06 -56.03 -2.80
N ILE C 245 -35.01 -54.80 -3.33
CA ILE C 245 -36.06 -54.22 -4.22
C ILE C 245 -35.85 -54.70 -5.65
N PRO C 267 -40.74 -65.15 0.72
CA PRO C 267 -41.95 -65.50 -0.04
C PRO C 267 -43.19 -64.75 0.46
N SER C 268 -44.03 -64.29 -0.46
CA SER C 268 -45.23 -63.46 -0.17
C SER C 268 -46.45 -64.07 -0.82
N PRO C 269 -47.12 -65.05 -0.18
CA PRO C 269 -48.19 -65.79 -0.82
C PRO C 269 -49.43 -64.93 -1.12
N LEU C 270 -49.59 -63.77 -0.45
CA LEU C 270 -50.69 -62.80 -0.78
C LEU C 270 -50.20 -61.73 -1.76
N GLY C 271 -48.92 -61.79 -2.17
CA GLY C 271 -48.29 -60.79 -3.08
C GLY C 271 -48.26 -59.39 -2.47
N LEU C 272 -48.15 -59.30 -1.14
CA LEU C 272 -48.16 -58.01 -0.41
C LEU C 272 -46.71 -57.64 -0.09
N TYR C 273 -46.31 -56.42 -0.45
CA TYR C 273 -44.93 -55.90 -0.24
C TYR C 273 -44.95 -54.46 0.26
N GLU C 274 -44.00 -54.17 1.14
CA GLU C 274 -43.80 -52.81 1.70
C GLU C 274 -42.32 -52.59 1.95
N THR C 275 -41.82 -51.42 1.55
CA THR C 275 -40.48 -50.92 1.91
C THR C 275 -40.65 -49.68 2.78
N ALA C 276 -40.03 -49.70 3.96
CA ALA C 276 -39.92 -48.52 4.84
C ALA C 276 -38.65 -47.74 4.48
N GLY C 277 -38.74 -46.41 4.44
CA GLY C 277 -37.59 -45.50 4.34
C GLY C 277 -37.86 -44.25 5.18
N THR C 278 -36.83 -43.45 5.44
CA THR C 278 -36.94 -42.16 6.16
C THR C 278 -36.55 -41.02 5.21
N ILE C 279 -36.81 -39.76 5.54
CA ILE C 279 -36.58 -38.61 4.60
C ILE C 279 -35.12 -38.15 4.70
N ASN C 280 -34.59 -37.96 5.90
CA ASN C 280 -33.13 -37.80 6.13
C ASN C 280 -32.58 -39.20 6.40
N ASP C 281 -31.51 -39.38 7.16
CA ASP C 281 -30.83 -40.70 7.30
C ASP C 281 -31.22 -41.32 8.63
N SER C 282 -31.90 -40.60 9.51
CA SER C 282 -32.28 -41.07 10.86
C SER C 282 -33.78 -41.42 10.90
N TRP C 283 -34.18 -42.37 11.74
CA TRP C 283 -35.63 -42.64 11.98
C TRP C 283 -36.15 -41.66 13.03
N GLY C 284 -35.49 -41.61 14.20
CA GLY C 284 -35.76 -40.58 15.21
C GLY C 284 -35.23 -39.23 14.76
N PHE C 285 -35.84 -38.15 15.28
CA PHE C 285 -35.42 -36.75 15.07
C PHE C 285 -33.94 -36.56 15.42
N SER C 286 -33.21 -35.90 14.53
CA SER C 286 -31.78 -35.58 14.73
C SER C 286 -31.53 -34.17 14.24
N TYR C 287 -31.13 -33.25 15.14
CA TYR C 287 -30.90 -31.81 14.79
C TYR C 287 -29.80 -31.75 13.72
N HIS C 288 -28.76 -32.58 13.83
CA HIS C 288 -27.54 -32.45 12.99
C HIS C 288 -27.75 -33.05 11.59
N ASP C 289 -28.78 -33.89 11.41
CA ASP C 289 -29.05 -34.55 10.12
C ASP C 289 -29.99 -33.67 9.30
N GLN C 290 -29.40 -32.90 8.38
CA GLN C 290 -30.14 -32.07 7.40
C GLN C 290 -30.03 -32.71 6.01
N ASN C 291 -29.80 -34.03 5.93
CA ASN C 291 -29.63 -34.75 4.64
C ASN C 291 -30.99 -35.23 4.13
N TRP C 292 -31.88 -34.28 3.92
CA TRP C 292 -33.28 -34.52 3.48
C TRP C 292 -33.27 -34.98 2.02
N LYS C 293 -33.82 -36.17 1.75
CA LYS C 293 -34.02 -36.59 0.33
C LYS C 293 -34.86 -35.49 -0.35
N THR C 294 -34.51 -35.11 -1.57
CA THR C 294 -35.26 -34.06 -2.33
C THR C 294 -36.65 -34.57 -2.71
N PRO C 295 -37.60 -33.65 -2.97
CA PRO C 295 -38.91 -34.00 -3.50
C PRO C 295 -38.80 -34.94 -4.70
N ARG C 296 -37.88 -34.66 -5.64
CA ARG C 296 -37.70 -35.49 -6.85
C ARG C 296 -37.30 -36.92 -6.43
N THR C 297 -36.36 -37.04 -5.49
CA THR C 297 -35.89 -38.35 -4.96
C THR C 297 -37.08 -39.10 -4.32
N LEU C 298 -37.86 -38.44 -3.48
CA LEU C 298 -39.03 -39.06 -2.79
C LEU C 298 -40.05 -39.55 -3.82
N TYR C 299 -40.39 -38.72 -4.81
CA TYR C 299 -41.42 -39.05 -5.82
C TYR C 299 -40.93 -40.22 -6.70
N ARG C 300 -39.70 -40.14 -7.20
CA ARG C 300 -39.13 -41.16 -8.11
C ARG C 300 -39.01 -42.51 -7.38
N TYR C 301 -38.56 -42.52 -6.13
CA TYR C 301 -38.47 -43.79 -5.34
C TYR C 301 -39.88 -44.38 -5.16
N LYS C 302 -40.84 -43.52 -4.83
CA LYS C 302 -42.25 -43.95 -4.65
C LYS C 302 -42.75 -44.59 -5.96
N GLN C 303 -42.56 -43.90 -7.10
CA GLN C 303 -43.05 -44.38 -8.42
C GLN C 303 -42.42 -45.75 -8.71
N HIS C 304 -41.11 -45.89 -8.46
CA HIS C 304 -40.37 -47.15 -8.67
C HIS C 304 -40.97 -48.27 -7.83
N LEU C 305 -41.08 -48.06 -6.51
CA LEU C 305 -41.70 -49.06 -5.58
C LEU C 305 -43.10 -49.44 -6.07
N ASN C 306 -43.97 -48.44 -6.31
CA ASN C 306 -45.40 -48.66 -6.68
C ASN C 306 -45.48 -49.47 -7.98
N ASP C 307 -44.58 -49.20 -8.94
CA ASP C 307 -44.55 -49.89 -10.26
C ASP C 307 -44.28 -51.38 -10.07
N PHE C 308 -43.58 -51.75 -9.00
CA PHE C 308 -43.25 -53.17 -8.66
C PHE C 308 -44.25 -53.76 -7.66
N GLY C 309 -45.35 -53.04 -7.39
CA GLY C 309 -46.40 -53.49 -6.44
C GLY C 309 -45.94 -53.41 -5.00
N ILE C 310 -45.04 -52.48 -4.68
CA ILE C 310 -44.50 -52.31 -3.29
C ILE C 310 -45.04 -51.01 -2.71
N ASN C 311 -45.58 -51.08 -1.49
CA ASN C 311 -45.99 -49.89 -0.71
C ASN C 311 -44.74 -49.18 -0.19
N TYR C 312 -44.72 -47.86 -0.28
CA TYR C 312 -43.70 -46.97 0.32
C TYR C 312 -44.22 -46.48 1.67
N LEU C 313 -43.66 -46.99 2.76
CA LEU C 313 -43.91 -46.48 4.13
C LEU C 313 -42.81 -45.46 4.46
N LEU C 314 -43.14 -44.17 4.47
CA LEU C 314 -42.15 -43.08 4.56
C LEU C 314 -42.23 -42.43 5.94
N ASN C 315 -41.12 -42.50 6.67
CA ASN C 315 -40.98 -42.14 8.10
C ASN C 315 -40.80 -40.64 8.31
N VAL C 316 -41.52 -40.10 9.29
CA VAL C 316 -41.28 -38.77 9.91
C VAL C 316 -40.79 -39.02 11.33
N GLY C 317 -39.72 -38.32 11.72
CA GLY C 317 -39.22 -38.25 13.10
C GLY C 317 -39.66 -36.94 13.75
N LEU C 318 -40.72 -36.96 14.58
CA LEU C 318 -41.24 -35.73 15.22
C LEU C 318 -40.19 -35.14 16.16
N ASP C 319 -40.18 -33.81 16.23
CA ASP C 319 -39.19 -33.04 17.02
C ASP C 319 -39.66 -33.04 18.48
N PRO C 320 -38.88 -32.44 19.40
CA PRO C 320 -39.28 -32.39 20.81
C PRO C 320 -40.58 -31.67 21.13
N LEU C 321 -41.07 -30.80 20.25
CA LEU C 321 -42.36 -30.08 20.46
C LEU C 321 -43.49 -30.83 19.79
N GLY C 322 -43.22 -32.03 19.24
CA GLY C 322 -44.23 -32.89 18.59
C GLY C 322 -44.48 -32.50 17.14
N ARG C 323 -43.50 -31.87 16.50
CA ARG C 323 -43.69 -31.25 15.17
C ARG C 323 -43.04 -32.12 14.09
N VAL C 324 -43.67 -32.14 12.91
CA VAL C 324 -43.03 -32.57 11.64
C VAL C 324 -41.96 -31.53 11.31
N PRO C 325 -40.67 -31.91 11.19
CA PRO C 325 -39.66 -30.94 10.82
C PRO C 325 -40.07 -30.17 9.56
N MET C 326 -39.79 -28.87 9.54
CA MET C 326 -40.16 -27.96 8.44
C MET C 326 -39.76 -28.55 7.10
N MET C 327 -38.55 -29.09 6.98
CA MET C 327 -38.02 -29.59 5.69
C MET C 327 -38.70 -30.93 5.35
N ALA C 328 -39.04 -31.79 6.32
CA ALA C 328 -39.78 -33.05 6.08
C ALA C 328 -41.13 -32.68 5.45
N GLU C 329 -41.83 -31.71 6.02
CA GLU C 329 -43.15 -31.24 5.52
C GLU C 329 -43.01 -30.61 4.13
N GLU C 330 -42.03 -29.73 3.89
CA GLU C 330 -41.86 -29.08 2.56
C GLU C 330 -41.56 -30.13 1.51
N ASN C 331 -40.71 -31.12 1.82
CA ASN C 331 -40.26 -32.13 0.84
C ASN C 331 -41.42 -33.11 0.55
N LEU C 332 -42.22 -33.45 1.56
CA LEU C 332 -43.41 -34.31 1.37
C LEU C 332 -44.40 -33.62 0.43
N LEU C 333 -44.71 -32.34 0.67
CA LEU C 333 -45.70 -31.59 -0.13
C LEU C 333 -45.19 -31.38 -1.54
N ALA C 334 -43.89 -31.12 -1.71
CA ALA C 334 -43.29 -30.88 -3.04
C ALA C 334 -43.24 -32.20 -3.82
N ALA C 335 -42.96 -33.33 -3.17
CA ALA C 335 -42.97 -34.67 -3.81
C ALA C 335 -44.37 -34.96 -4.33
N LYS C 336 -45.40 -34.58 -3.56
CA LYS C 336 -46.82 -34.78 -3.96
C LYS C 336 -47.13 -33.90 -5.18
N ALA C 337 -46.65 -32.65 -5.21
CA ALA C 337 -46.89 -31.72 -6.33
C ALA C 337 -46.23 -32.28 -7.60
N LEU C 338 -45.01 -32.84 -7.49
CA LEU C 338 -44.30 -33.47 -8.63
C LEU C 338 -45.10 -34.68 -9.11
N GLU C 339 -45.58 -35.51 -8.18
CA GLU C 339 -46.33 -36.77 -8.49
C GLU C 339 -47.62 -36.41 -9.24
N ASP C 340 -48.38 -35.44 -8.75
CA ASP C 340 -49.67 -35.03 -9.35
C ASP C 340 -49.41 -34.48 -10.76
N GLU C 341 -48.39 -33.64 -10.92
CA GLU C 341 -47.98 -33.07 -12.23
C GLU C 341 -47.62 -34.19 -13.21
N ALA C 342 -46.82 -35.16 -12.77
CA ALA C 342 -46.36 -36.30 -13.60
C ALA C 342 -47.56 -37.13 -14.03
N ASN C 343 -48.58 -37.28 -13.18
CA ASN C 343 -49.73 -38.19 -13.41
C ASN C 343 -50.79 -37.51 -14.28
N ARG C 344 -50.78 -36.18 -14.39
CA ARG C 344 -51.68 -35.43 -15.32
C ARG C 344 -51.13 -35.46 -16.73
N LEU C 345 -49.86 -35.08 -16.88
CA LEU C 345 -49.15 -35.03 -18.21
C LEU C 345 -48.82 -36.47 -18.63
N MET D 1 10.65 10.23 -3.10
CA MET D 1 11.42 10.99 -4.15
C MET D 1 12.85 10.43 -4.21
N ASN D 2 13.49 10.54 -5.37
CA ASN D 2 14.90 10.17 -5.64
C ASN D 2 15.82 11.31 -5.19
N ASP D 3 16.44 11.17 -4.01
CA ASP D 3 17.29 12.25 -3.44
C ASP D 3 18.74 12.03 -3.84
N ASN D 4 18.99 11.04 -4.71
CA ASN D 4 20.25 10.97 -5.49
C ASN D 4 20.34 12.20 -6.39
N VAL D 5 19.20 12.74 -6.84
CA VAL D 5 19.15 13.97 -7.69
C VAL D 5 19.81 15.11 -6.89
N ALA D 6 19.23 15.47 -5.74
CA ALA D 6 19.78 16.54 -4.86
C ALA D 6 21.22 16.18 -4.47
N TRP D 7 21.46 14.92 -4.10
CA TRP D 7 22.81 14.48 -3.68
C TRP D 7 23.82 14.69 -4.83
N PHE D 8 23.47 14.31 -6.06
CA PHE D 8 24.39 14.40 -7.23
C PHE D 8 24.73 15.85 -7.53
N LYS D 9 23.74 16.74 -7.38
CA LYS D 9 23.88 18.18 -7.65
C LYS D 9 25.05 18.76 -6.84
N GLN D 10 25.22 18.30 -5.60
CA GLN D 10 26.14 18.92 -4.60
C GLN D 10 27.37 18.03 -4.37
N ALA D 11 27.48 16.92 -5.12
CA ALA D 11 28.49 15.86 -4.86
C ALA D 11 29.88 16.37 -5.29
N LYS D 12 29.97 17.11 -6.42
CA LYS D 12 31.15 17.91 -6.85
C LYS D 12 32.32 17.01 -7.32
N TYR D 13 32.57 15.87 -6.68
CA TYR D 13 33.82 15.09 -6.83
C TYR D 13 33.56 13.60 -6.64
N GLY D 14 34.02 12.81 -7.62
CA GLY D 14 34.00 11.34 -7.59
C GLY D 14 35.34 10.74 -7.99
N MET D 15 35.58 9.52 -7.56
CA MET D 15 36.71 8.69 -8.04
C MET D 15 36.16 7.70 -9.07
N MET D 16 36.82 7.63 -10.23
CA MET D 16 36.62 6.55 -11.22
C MET D 16 37.80 5.58 -11.08
N ILE D 17 37.54 4.28 -11.29
CA ILE D 17 38.57 3.22 -11.31
C ILE D 17 38.52 2.51 -12.65
N HIS D 18 39.63 2.48 -13.38
CA HIS D 18 39.85 1.53 -14.49
C HIS D 18 40.82 0.47 -13.98
N TRP D 19 40.37 -0.78 -14.00
CA TRP D 19 41.16 -1.96 -13.59
C TRP D 19 40.73 -3.18 -14.38
N GLY D 20 41.71 -3.90 -14.97
CA GLY D 20 41.45 -5.11 -15.76
C GLY D 20 42.76 -5.80 -16.11
N LEU D 21 42.64 -6.81 -16.95
CA LEU D 21 43.77 -7.56 -17.52
C LEU D 21 44.73 -6.58 -18.19
N TYR D 22 44.23 -5.55 -18.85
CA TYR D 22 45.03 -4.51 -19.56
C TYR D 22 46.02 -3.86 -18.59
N SER D 23 45.66 -3.77 -17.31
CA SER D 23 46.53 -3.18 -16.25
C SER D 23 47.85 -3.95 -16.12
N LEU D 24 47.87 -5.24 -16.43
CA LEU D 24 49.08 -6.10 -16.26
C LEU D 24 50.10 -5.77 -17.36
N LEU D 25 49.67 -5.53 -18.60
CA LEU D 25 50.56 -5.13 -19.73
C LEU D 25 51.10 -3.72 -19.50
N ALA D 26 50.34 -2.88 -18.81
CA ALA D 26 50.78 -1.57 -18.27
C ALA D 26 51.31 -0.68 -19.39
N GLY D 27 50.68 -0.70 -20.55
CA GLY D 27 50.90 0.25 -21.65
C GLY D 27 51.98 -0.19 -22.59
N GLU D 28 52.38 -1.45 -22.49
CA GLU D 28 53.53 -2.01 -23.25
C GLU D 28 53.19 -3.41 -23.74
N TYR D 29 53.52 -3.71 -24.98
CA TYR D 29 53.32 -5.07 -25.56
C TYR D 29 54.46 -5.38 -26.53
N ARG D 30 55.23 -6.43 -26.22
CA ARG D 30 56.35 -6.96 -27.04
C ARG D 30 57.22 -5.79 -27.52
N GLY D 31 57.64 -4.94 -26.58
CA GLY D 31 58.60 -3.85 -26.82
C GLY D 31 57.97 -2.62 -27.43
N GLU D 32 56.64 -2.53 -27.54
CA GLU D 32 55.99 -1.37 -28.22
C GLU D 32 54.93 -0.76 -27.30
N SER D 33 54.65 0.52 -27.53
CA SER D 33 53.81 1.36 -26.65
C SER D 33 52.34 1.20 -27.06
N SER D 34 51.44 1.11 -26.08
CA SER D 34 49.99 1.42 -26.28
C SER D 34 49.87 2.82 -26.89
N SER D 35 48.68 3.18 -27.35
CA SER D 35 48.29 4.60 -27.51
C SER D 35 48.26 5.25 -26.12
N ALA D 36 47.82 6.50 -26.04
CA ALA D 36 47.62 7.21 -24.76
C ALA D 36 46.72 6.38 -23.84
N TYR D 37 45.82 5.58 -24.39
CA TYR D 37 44.85 4.75 -23.62
C TYR D 37 45.37 3.30 -23.50
N ALA D 38 46.00 2.97 -22.36
CA ALA D 38 46.62 1.64 -22.12
C ALA D 38 45.52 0.57 -22.02
N GLU D 39 44.30 0.91 -21.61
CA GLU D 39 43.15 -0.04 -21.52
C GLU D 39 42.70 -0.50 -22.91
N TRP D 40 43.11 0.16 -23.99
CA TRP D 40 42.82 -0.25 -25.40
C TRP D 40 43.90 -1.16 -25.99
N ILE D 41 44.78 -1.73 -25.17
CA ILE D 41 46.03 -2.40 -25.69
C ILE D 41 45.65 -3.64 -26.51
N GLN D 42 44.54 -4.33 -26.19
CA GLN D 42 44.18 -5.58 -26.89
C GLN D 42 43.88 -5.27 -28.36
N SER D 43 43.13 -4.19 -28.61
CA SER D 43 42.77 -3.72 -29.98
C SER D 43 44.00 -3.12 -30.68
N LYS D 44 44.83 -2.39 -29.95
CA LYS D 44 46.03 -1.68 -30.47
C LYS D 44 46.96 -2.69 -31.13
N PHE D 45 47.16 -3.87 -30.54
CA PHE D 45 48.11 -4.90 -31.03
C PHE D 45 47.38 -6.14 -31.51
N GLN D 46 46.04 -6.08 -31.59
CA GLN D 46 45.18 -7.21 -32.05
C GLN D 46 45.64 -8.49 -31.34
N ILE D 47 45.72 -8.46 -30.01
CA ILE D 47 46.20 -9.61 -29.20
C ILE D 47 45.08 -10.66 -29.21
N PRO D 48 45.32 -11.86 -29.75
CA PRO D 48 44.29 -12.90 -29.78
C PRO D 48 43.72 -13.17 -28.38
N ASN D 49 42.42 -13.42 -28.30
CA ASN D 49 41.68 -13.76 -27.04
C ASN D 49 42.40 -14.85 -26.22
N ALA D 50 42.90 -15.91 -26.84
CA ALA D 50 43.58 -17.03 -26.13
C ALA D 50 44.76 -16.47 -25.33
N GLU D 51 45.61 -15.65 -25.95
CA GLU D 51 46.80 -15.03 -25.30
C GLU D 51 46.35 -13.96 -24.28
N TYR D 52 45.54 -13.00 -24.69
CA TYR D 52 45.13 -11.87 -23.82
C TYR D 52 44.41 -12.43 -22.59
N GLY D 53 43.48 -13.36 -22.78
CA GLY D 53 42.76 -14.05 -21.70
C GLY D 53 43.68 -14.75 -20.72
N ASN D 54 44.84 -15.24 -21.17
CA ASN D 54 45.81 -15.94 -20.28
C ASN D 54 46.38 -14.96 -19.26
N LEU D 55 46.33 -13.65 -19.49
CA LEU D 55 46.72 -12.64 -18.46
C LEU D 55 45.94 -12.89 -17.17
N ALA D 56 44.70 -13.39 -17.25
CA ALA D 56 43.89 -13.75 -16.06
C ALA D 56 44.67 -14.67 -15.13
N THR D 57 45.48 -15.59 -15.66
CA THR D 57 46.25 -16.59 -14.86
C THR D 57 47.32 -15.86 -14.04
N ALA D 58 47.68 -14.64 -14.41
CA ALA D 58 48.73 -13.83 -13.74
C ALA D 58 48.10 -12.70 -12.93
N PHE D 59 46.77 -12.63 -12.85
CA PHE D 59 46.07 -11.55 -12.10
C PHE D 59 46.01 -11.96 -10.63
N ASN D 60 46.92 -11.41 -9.82
CA ASN D 60 47.04 -11.71 -8.37
C ASN D 60 47.47 -10.43 -7.65
N PRO D 61 46.57 -9.41 -7.58
CA PRO D 61 46.90 -8.14 -6.94
C PRO D 61 46.92 -8.19 -5.41
N LEU D 62 48.05 -8.58 -4.84
CA LEU D 62 48.20 -8.87 -3.38
C LEU D 62 47.91 -7.62 -2.53
N TYR D 63 48.02 -6.41 -3.09
CA TYR D 63 47.89 -5.15 -2.30
C TYR D 63 46.52 -4.51 -2.55
N PHE D 64 45.60 -5.17 -3.26
CA PHE D 64 44.23 -4.64 -3.48
C PHE D 64 43.56 -4.57 -2.10
N ASP D 65 43.10 -3.37 -1.76
CA ASP D 65 42.44 -3.07 -0.48
C ASP D 65 41.38 -2.01 -0.78
N ALA D 66 40.15 -2.48 -0.99
CA ALA D 66 38.97 -1.64 -1.32
C ALA D 66 38.75 -0.60 -0.22
N LYS D 67 38.99 -0.96 1.05
CA LYS D 67 38.84 -0.04 2.20
C LYS D 67 39.82 1.12 2.06
N LYS D 68 41.09 0.86 1.73
CA LYS D 68 42.14 1.91 1.64
C LYS D 68 41.85 2.78 0.42
N ILE D 69 41.32 2.20 -0.66
CA ILE D 69 41.00 2.97 -1.89
C ILE D 69 39.86 3.93 -1.56
N VAL D 70 38.85 3.45 -0.82
CA VAL D 70 37.66 4.28 -0.51
C VAL D 70 38.07 5.37 0.49
N ALA D 71 38.94 5.05 1.46
CA ALA D 71 39.48 6.00 2.45
C ALA D 71 40.23 7.14 1.77
N LEU D 72 41.01 6.85 0.70
CA LEU D 72 41.70 7.90 -0.08
C LEU D 72 40.66 8.81 -0.75
N ALA D 73 39.67 8.25 -1.44
CA ALA D 73 38.60 9.01 -2.11
C ALA D 73 37.92 9.92 -1.05
N LYS D 74 37.59 9.37 0.12
CA LYS D 74 36.91 10.09 1.21
C LYS D 74 37.76 11.28 1.70
N GLN D 75 39.04 11.03 1.98
CA GLN D 75 40.03 12.04 2.43
C GLN D 75 40.07 13.19 1.39
N CYS D 76 39.86 12.88 0.11
CA CYS D 76 39.94 13.89 -0.97
C CYS D 76 38.61 14.63 -1.16
N GLY D 77 37.59 14.31 -0.37
CA GLY D 77 36.26 14.93 -0.46
C GLY D 77 35.43 14.33 -1.59
N MET D 78 35.83 13.18 -2.11
CA MET D 78 35.05 12.47 -3.17
C MET D 78 33.85 11.80 -2.49
N GLN D 79 32.67 11.93 -3.06
CA GLN D 79 31.40 11.46 -2.44
C GLN D 79 30.90 10.20 -3.13
N TYR D 80 31.58 9.76 -4.18
CA TYR D 80 31.23 8.52 -4.90
C TYR D 80 32.44 7.95 -5.65
N LEU D 81 32.28 6.69 -6.01
CA LEU D 81 33.26 5.86 -6.73
C LEU D 81 32.51 5.16 -7.86
N VAL D 82 33.02 5.31 -9.08
CA VAL D 82 32.55 4.62 -10.31
C VAL D 82 33.66 3.66 -10.74
N VAL D 83 33.33 2.38 -10.95
CA VAL D 83 34.35 1.35 -11.30
C VAL D 83 33.93 0.60 -12.55
N THR D 84 34.92 0.26 -13.40
CA THR D 84 34.78 -0.62 -14.57
C THR D 84 34.38 -2.02 -14.10
N THR D 85 33.14 -2.41 -14.35
CA THR D 85 32.63 -3.80 -14.09
C THR D 85 33.02 -4.69 -15.27
N LYS D 86 33.04 -4.12 -16.48
CA LYS D 86 33.49 -4.79 -17.73
C LYS D 86 33.85 -3.73 -18.77
N HIS D 87 35.14 -3.68 -19.17
CA HIS D 87 35.63 -2.73 -20.19
C HIS D 87 35.50 -3.39 -21.56
N HIS D 88 36.04 -2.77 -22.62
CA HIS D 88 35.83 -3.16 -24.03
C HIS D 88 36.32 -4.60 -24.26
N ASP D 89 37.30 -5.05 -23.48
CA ASP D 89 37.95 -6.37 -23.65
C ASP D 89 36.94 -7.47 -23.28
N GLY D 90 35.88 -7.11 -22.56
CA GLY D 90 34.77 -8.02 -22.20
C GLY D 90 35.07 -8.87 -20.98
N PHE D 91 36.12 -8.55 -20.22
CA PHE D 91 36.51 -9.29 -18.99
C PHE D 91 35.77 -8.68 -17.80
N ALA D 92 34.92 -9.45 -17.13
CA ALA D 92 34.09 -8.92 -16.02
C ALA D 92 34.96 -8.86 -14.76
N MET D 93 34.83 -7.78 -13.97
CA MET D 93 35.63 -7.58 -12.72
C MET D 93 34.76 -7.91 -11.50
N TYR D 94 33.74 -8.71 -11.72
CA TYR D 94 32.79 -9.22 -10.71
C TYR D 94 32.51 -10.68 -11.04
N HIS D 95 31.91 -11.42 -10.12
CA HIS D 95 31.61 -12.86 -10.30
C HIS D 95 30.34 -12.98 -11.19
N SER D 96 30.53 -13.06 -12.50
CA SER D 96 29.42 -13.16 -13.50
C SER D 96 28.99 -14.63 -13.61
N LYS D 97 27.71 -14.92 -13.41
CA LYS D 97 27.16 -16.29 -13.56
C LYS D 97 27.10 -16.64 -15.04
N VAL D 98 26.83 -15.67 -15.91
CA VAL D 98 26.60 -15.94 -17.36
C VAL D 98 27.95 -16.10 -18.12
N ASP D 99 29.04 -15.54 -17.63
CA ASP D 99 30.36 -15.62 -18.33
C ASP D 99 31.50 -15.88 -17.34
N ALA D 100 32.20 -17.00 -17.53
CA ALA D 100 33.33 -17.47 -16.67
C ALA D 100 34.57 -16.61 -16.89
N TYR D 101 34.60 -15.79 -17.96
CA TYR D 101 35.67 -14.83 -18.28
C TYR D 101 35.52 -13.62 -17.35
N ASN D 102 35.88 -13.83 -16.09
CA ASN D 102 35.69 -12.83 -15.01
C ASN D 102 36.76 -13.03 -13.94
N VAL D 103 36.96 -12.01 -13.11
CA VAL D 103 38.08 -11.91 -12.12
C VAL D 103 37.94 -13.00 -11.05
N TYR D 104 36.70 -13.43 -10.78
CA TYR D 104 36.40 -14.44 -9.73
C TYR D 104 36.79 -15.85 -10.20
N ASP D 105 36.31 -16.23 -11.39
CA ASP D 105 36.44 -17.61 -11.91
C ASP D 105 37.82 -17.84 -12.54
N ALA D 106 38.41 -16.85 -13.22
CA ALA D 106 39.53 -17.03 -14.19
C ALA D 106 40.88 -16.69 -13.58
N THR D 107 40.94 -16.07 -12.39
CA THR D 107 42.19 -15.58 -11.79
C THR D 107 42.45 -16.32 -10.50
N PRO D 108 43.75 -16.49 -10.12
CA PRO D 108 44.11 -17.02 -8.82
C PRO D 108 43.71 -16.12 -7.65
N PHE D 109 43.43 -14.84 -7.92
CA PHE D 109 42.98 -13.87 -6.89
C PHE D 109 41.63 -14.33 -6.34
N HIS D 110 40.74 -14.77 -7.25
CA HIS D 110 39.54 -15.57 -6.94
C HIS D 110 38.66 -14.75 -5.99
N ARG D 111 38.47 -13.47 -6.29
CA ARG D 111 37.70 -12.54 -5.44
C ARG D 111 36.84 -11.63 -6.32
N ASP D 112 35.66 -11.24 -5.83
CA ASP D 112 34.75 -10.29 -6.50
C ASP D 112 35.16 -8.86 -6.10
N ILE D 113 35.88 -8.17 -7.00
CA ILE D 113 36.47 -6.83 -6.76
C ILE D 113 35.36 -5.77 -6.68
N ILE D 114 34.33 -5.88 -7.50
CA ILE D 114 33.14 -4.98 -7.49
C ILE D 114 32.46 -5.12 -6.12
N GLY D 115 32.25 -6.36 -5.66
CA GLY D 115 31.65 -6.67 -4.34
C GLY D 115 32.42 -6.04 -3.21
N GLU D 116 33.75 -6.11 -3.24
CA GLU D 116 34.61 -5.57 -2.17
C GLU D 116 34.54 -4.04 -2.20
N LEU D 117 34.48 -3.43 -3.38
CA LEU D 117 34.34 -1.95 -3.50
C LEU D 117 32.94 -1.52 -3.07
N ALA D 118 31.88 -2.27 -3.44
CA ALA D 118 30.49 -2.00 -3.01
C ALA D 118 30.42 -2.00 -1.47
N GLU D 119 30.98 -3.02 -0.83
CA GLU D 119 31.01 -3.15 0.67
C GLU D 119 31.79 -1.97 1.25
N ALA D 120 32.96 -1.64 0.70
CA ALA D 120 33.85 -0.58 1.23
C ALA D 120 33.14 0.78 1.16
N CYS D 121 32.46 1.07 0.05
CA CYS D 121 31.71 2.32 -0.19
C CYS D 121 30.52 2.45 0.79
N GLN D 122 29.81 1.34 1.02
CA GLN D 122 28.64 1.30 1.95
C GLN D 122 29.13 1.68 3.36
N LYS D 123 30.26 1.10 3.80
CA LYS D 123 30.73 1.26 5.20
C LYS D 123 31.28 2.66 5.43
N ALA D 124 31.79 3.32 4.39
CA ALA D 124 32.43 4.64 4.46
C ALA D 124 31.41 5.75 4.16
N GLY D 125 30.20 5.40 3.73
CA GLY D 125 29.14 6.36 3.35
C GLY D 125 29.39 7.02 2.00
N LEU D 126 30.12 6.37 1.08
CA LEU D 126 30.28 6.83 -0.32
C LEU D 126 29.23 6.16 -1.20
N LYS D 127 28.73 6.90 -2.18
CA LYS D 127 27.80 6.38 -3.23
C LYS D 127 28.60 5.53 -4.19
N PHE D 128 27.97 4.56 -4.82
CA PHE D 128 28.67 3.56 -5.65
C PHE D 128 28.05 3.53 -7.04
N GLY D 129 28.91 3.65 -8.07
CA GLY D 129 28.50 3.73 -9.48
C GLY D 129 29.22 2.68 -10.30
N LEU D 130 28.65 2.30 -11.44
CA LEU D 130 29.14 1.16 -12.25
C LEU D 130 29.30 1.60 -13.70
N TYR D 131 30.49 1.35 -14.25
CA TYR D 131 30.84 1.49 -15.67
C TYR D 131 30.66 0.10 -16.33
N TYR D 132 30.00 0.06 -17.48
CA TYR D 132 29.83 -1.18 -18.28
C TYR D 132 29.87 -0.83 -19.77
N SER D 133 30.78 -1.51 -20.51
CA SER D 133 30.90 -1.47 -21.98
C SER D 133 29.76 -2.28 -22.64
N GLN D 134 28.61 -1.64 -22.91
CA GLN D 134 27.36 -2.30 -23.37
C GLN D 134 27.43 -2.60 -24.87
N ASP D 135 28.31 -1.90 -25.60
CA ASP D 135 28.42 -2.02 -27.08
C ASP D 135 29.64 -2.87 -27.43
N LEU D 136 30.84 -2.40 -27.11
CA LEU D 136 32.12 -3.10 -27.47
C LEU D 136 32.35 -4.26 -26.51
N ASP D 137 32.69 -5.42 -27.04
CA ASP D 137 33.11 -6.63 -26.28
C ASP D 137 34.00 -7.49 -27.17
N TRP D 138 35.31 -7.40 -26.96
CA TRP D 138 36.36 -8.01 -27.82
C TRP D 138 36.42 -9.53 -27.59
N HIS D 139 35.91 -9.99 -26.45
CA HIS D 139 35.81 -11.43 -26.12
C HIS D 139 34.62 -12.08 -26.82
N ASP D 140 33.61 -11.30 -27.21
CA ASP D 140 32.37 -11.85 -27.82
C ASP D 140 32.50 -11.84 -29.34
N PRO D 141 32.19 -12.98 -30.01
CA PRO D 141 32.16 -13.04 -31.48
C PRO D 141 31.31 -11.94 -32.13
N ASN D 142 30.22 -11.52 -31.46
CA ASN D 142 29.24 -10.54 -32.00
C ASN D 142 29.33 -9.22 -31.24
N GLY D 143 30.47 -8.95 -30.60
CA GLY D 143 30.75 -7.67 -29.94
C GLY D 143 30.59 -6.50 -30.90
N GLY D 144 30.16 -5.34 -30.41
CA GLY D 144 29.81 -4.17 -31.26
C GLY D 144 31.02 -3.48 -31.84
N GLY D 145 30.80 -2.55 -32.77
CA GLY D 145 31.84 -1.70 -33.37
C GLY D 145 32.13 -2.04 -34.82
N TYR D 146 31.65 -3.19 -35.30
CA TYR D 146 31.95 -3.73 -36.66
C TYR D 146 31.30 -2.88 -37.76
N LYS D 147 30.48 -1.87 -37.41
CA LYS D 147 29.88 -0.95 -38.42
C LYS D 147 30.59 0.40 -38.42
N SER D 148 31.59 0.59 -37.55
CA SER D 148 32.13 1.93 -37.17
C SER D 148 33.59 2.11 -37.58
N ASN D 149 34.18 1.18 -38.35
CA ASN D 149 35.65 1.14 -38.57
C ASN D 149 36.08 2.14 -39.67
N ASP D 150 35.17 3.00 -40.13
CA ASP D 150 35.52 4.19 -40.96
C ASP D 150 36.11 5.31 -40.09
N VAL D 151 36.06 5.20 -38.76
CA VAL D 151 36.65 6.21 -37.82
C VAL D 151 37.74 5.54 -36.97
N GLU D 152 38.88 6.23 -36.80
CA GLU D 152 40.08 5.71 -36.09
C GLU D 152 39.77 5.58 -34.59
N THR D 153 40.56 4.77 -33.88
CA THR D 153 40.38 4.45 -32.44
C THR D 153 41.72 4.58 -31.70
N ALA D 154 41.69 4.44 -30.39
CA ALA D 154 42.87 4.40 -29.50
C ALA D 154 43.52 3.00 -29.56
N GLY D 155 42.99 2.10 -30.39
CA GLY D 155 43.59 0.79 -30.75
C GLY D 155 43.73 0.66 -32.25
N THR D 156 43.15 -0.39 -32.85
CA THR D 156 42.96 -0.51 -34.33
C THR D 156 41.47 -0.34 -34.63
N THR D 157 40.69 -1.43 -34.60
CA THR D 157 39.24 -1.45 -34.87
C THR D 157 38.46 -1.32 -33.55
N TRP D 158 37.19 -0.90 -33.65
CA TRP D 158 36.26 -0.79 -32.51
C TRP D 158 35.96 -2.20 -31.95
N ASP D 159 35.79 -3.17 -32.85
CA ASP D 159 35.47 -4.59 -32.55
C ASP D 159 36.76 -5.44 -32.52
N ASN D 160 36.66 -6.68 -32.05
CA ASN D 160 37.68 -7.75 -32.27
C ASN D 160 37.50 -8.26 -33.71
N SER D 161 38.32 -7.74 -34.63
CA SER D 161 38.32 -8.07 -36.08
C SER D 161 39.44 -9.07 -36.41
N TRP D 162 40.21 -9.53 -35.42
CA TRP D 162 41.38 -10.44 -35.61
C TRP D 162 40.96 -11.88 -35.26
N ASP D 163 40.36 -12.10 -34.09
CA ASP D 163 39.76 -13.41 -33.72
C ASP D 163 38.47 -13.63 -34.52
N PHE D 164 37.76 -12.56 -34.88
CA PHE D 164 36.44 -12.60 -35.55
C PHE D 164 36.46 -11.70 -36.78
N PRO D 165 37.16 -12.11 -37.86
CA PRO D 165 37.32 -11.26 -39.05
C PRO D 165 36.14 -11.17 -40.04
N ASP D 166 35.11 -12.02 -39.91
CA ASP D 166 33.98 -12.09 -40.85
C ASP D 166 32.91 -11.07 -40.41
N GLU D 167 33.05 -9.82 -40.87
CA GLU D 167 32.24 -8.65 -40.46
C GLU D 167 30.79 -8.81 -40.93
N ASP D 168 30.55 -9.42 -42.09
CA ASP D 168 29.18 -9.57 -42.68
C ASP D 168 28.36 -10.63 -41.94
N GLN D 169 28.98 -11.57 -41.22
CA GLN D 169 28.27 -12.63 -40.46
C GLN D 169 27.99 -12.16 -39.02
N LYS D 170 28.46 -10.97 -38.66
CA LYS D 170 28.37 -10.47 -37.27
C LYS D 170 26.98 -9.88 -37.02
N ASN D 171 26.39 -10.23 -35.88
CA ASN D 171 25.02 -9.83 -35.46
C ASN D 171 25.08 -9.49 -33.97
N PHE D 172 25.23 -8.20 -33.65
CA PHE D 172 25.34 -7.69 -32.26
C PHE D 172 24.20 -8.23 -31.39
N ASP D 173 22.99 -8.36 -31.96
CA ASP D 173 21.79 -8.87 -31.24
C ASP D 173 22.18 -10.07 -30.37
N LEU D 174 22.97 -10.99 -30.91
CA LEU D 174 23.38 -12.26 -30.23
C LEU D 174 24.19 -11.94 -28.98
N CYS D 175 25.16 -11.02 -29.09
CA CYS D 175 25.98 -10.53 -27.95
C CYS D 175 25.06 -9.83 -26.94
N PHE D 176 24.14 -8.99 -27.43
CA PHE D 176 23.21 -8.19 -26.59
C PHE D 176 22.35 -9.14 -25.74
N ASP D 177 21.78 -10.17 -26.37
CA ASP D 177 20.78 -11.08 -25.76
C ASP D 177 21.48 -12.02 -24.78
N ASN D 178 22.68 -12.50 -25.12
CA ASN D 178 23.34 -13.63 -24.41
C ASN D 178 24.33 -13.13 -23.36
N LYS D 179 24.93 -11.95 -23.53
CA LYS D 179 25.95 -11.45 -22.58
C LYS D 179 25.58 -10.08 -22.00
N ILE D 180 25.32 -9.09 -22.86
CA ILE D 180 25.25 -7.65 -22.47
C ILE D 180 24.13 -7.46 -21.43
N LEU D 181 22.90 -7.82 -21.77
CA LEU D 181 21.71 -7.53 -20.90
C LEU D 181 21.73 -8.45 -19.68
N PRO D 182 21.98 -9.77 -19.83
CA PRO D 182 22.18 -10.64 -18.66
C PRO D 182 23.20 -10.04 -17.68
N GLN D 183 24.36 -9.59 -18.14
CA GLN D 183 25.42 -9.04 -17.25
C GLN D 183 24.93 -7.73 -16.61
N ILE D 184 24.24 -6.87 -17.35
CA ILE D 184 23.73 -5.60 -16.78
C ILE D 184 22.75 -5.93 -15.64
N LYS D 185 21.95 -6.99 -15.79
CA LYS D 185 20.99 -7.42 -14.73
C LYS D 185 21.79 -7.88 -13.49
N GLU D 186 22.88 -8.62 -13.69
CA GLU D 186 23.76 -9.14 -12.61
C GLU D 186 24.30 -7.96 -11.76
N ILE D 187 24.95 -6.98 -12.40
CA ILE D 187 25.64 -5.87 -11.67
C ILE D 187 24.57 -5.00 -10.99
N MET D 188 23.38 -4.92 -11.56
CA MET D 188 22.29 -4.04 -11.02
C MET D 188 21.47 -4.78 -9.96
N SER D 189 21.73 -6.07 -9.71
CA SER D 189 20.95 -6.93 -8.78
C SER D 189 21.79 -7.31 -7.55
N ASN D 190 23.12 -7.44 -7.70
CA ASN D 190 23.94 -8.19 -6.72
C ASN D 190 24.82 -7.31 -5.83
N TYR D 191 24.89 -5.99 -6.01
CA TYR D 191 25.92 -5.16 -5.33
C TYR D 191 25.29 -3.98 -4.59
N GLY D 192 24.07 -4.16 -4.11
CA GLY D 192 23.32 -3.16 -3.34
C GLY D 192 22.89 -1.99 -4.21
N ASP D 193 22.64 -0.83 -3.59
CA ASP D 193 22.14 0.41 -4.26
C ASP D 193 23.26 0.97 -5.16
N ILE D 194 22.94 1.13 -6.44
CA ILE D 194 23.83 1.75 -7.46
C ILE D 194 23.34 3.18 -7.70
N ALA D 195 24.18 4.17 -7.37
CA ALA D 195 23.85 5.62 -7.45
C ALA D 195 23.92 6.09 -8.90
N THR D 196 24.89 5.56 -9.66
CA THR D 196 25.25 6.07 -11.00
C THR D 196 25.49 4.88 -11.95
N ALA D 197 25.11 5.04 -13.22
CA ALA D 197 25.27 4.03 -14.29
C ALA D 197 25.96 4.65 -15.48
N TRP D 198 27.18 4.14 -15.77
CA TRP D 198 28.12 4.74 -16.74
C TRP D 198 28.23 3.82 -17.95
N PHE D 199 27.42 4.05 -18.97
CA PHE D 199 27.50 3.33 -20.27
C PHE D 199 28.35 4.16 -21.21
N ASP D 200 28.85 3.55 -22.29
CA ASP D 200 29.76 4.24 -23.26
C ASP D 200 28.99 4.51 -24.56
N VAL D 201 29.49 5.42 -25.38
CA VAL D 201 28.80 5.96 -26.60
C VAL D 201 28.38 4.78 -27.48
N PRO D 202 27.07 4.50 -27.58
CA PRO D 202 26.55 3.38 -28.35
C PRO D 202 26.71 3.48 -29.88
N MET D 203 27.54 2.62 -30.46
CA MET D 203 27.87 2.66 -31.91
C MET D 203 27.04 1.64 -32.69
N THR D 204 26.62 0.57 -32.03
CA THR D 204 25.98 -0.61 -32.68
C THR D 204 24.54 -0.80 -32.16
N LEU D 205 24.29 -0.53 -30.89
CA LEU D 205 22.96 -0.65 -30.22
C LEU D 205 21.86 0.01 -31.06
N SER D 206 20.78 -0.71 -31.33
CA SER D 206 19.48 -0.13 -31.78
C SER D 206 18.86 0.71 -30.65
N GLU D 207 18.01 1.64 -31.04
CA GLU D 207 17.10 2.42 -30.15
C GLU D 207 16.47 1.47 -29.11
N ALA D 208 15.88 0.35 -29.58
CA ALA D 208 15.15 -0.62 -28.74
C ALA D 208 16.10 -1.22 -27.70
N GLN D 209 17.33 -1.56 -28.09
CA GLN D 209 18.34 -2.16 -27.19
C GLN D 209 18.74 -1.13 -26.11
N SER D 210 18.95 0.14 -26.49
CA SER D 210 19.20 1.25 -25.53
C SER D 210 18.03 1.38 -24.55
N GLN D 211 16.80 1.34 -25.08
CA GLN D 211 15.53 1.47 -24.29
C GLN D 211 15.48 0.33 -23.26
N THR D 212 15.72 -0.91 -23.71
CA THR D 212 15.73 -2.13 -22.87
C THR D 212 16.75 -1.98 -21.73
N ILE D 213 17.91 -1.38 -21.98
CA ILE D 213 18.94 -1.17 -20.91
C ILE D 213 18.38 -0.17 -19.91
N TYR D 214 17.96 0.99 -20.40
CA TYR D 214 17.31 2.05 -19.58
C TYR D 214 16.24 1.42 -18.67
N ASP D 215 15.30 0.69 -19.28
CA ASP D 215 14.11 0.11 -18.59
C ASP D 215 14.57 -0.87 -17.51
N THR D 216 15.60 -1.66 -17.82
CA THR D 216 16.18 -2.68 -16.91
C THR D 216 16.79 -2.02 -15.68
N VAL D 217 17.61 -0.99 -15.87
CA VAL D 217 18.29 -0.25 -14.77
C VAL D 217 17.20 0.39 -13.90
N ARG D 218 16.24 1.07 -14.53
CA ARG D 218 15.05 1.68 -13.85
C ARG D 218 14.36 0.66 -12.93
N GLU D 219 14.07 -0.56 -13.43
CA GLU D 219 13.35 -1.61 -12.66
C GLU D 219 14.20 -2.05 -11.47
N LEU D 220 15.47 -2.40 -11.73
CA LEU D 220 16.37 -3.03 -10.72
C LEU D 220 16.90 -1.95 -9.76
N GLN D 221 17.11 -0.73 -10.24
CA GLN D 221 17.75 0.36 -9.46
C GLN D 221 16.96 1.64 -9.69
N PRO D 222 15.75 1.77 -9.11
CA PRO D 222 14.90 2.94 -9.36
C PRO D 222 15.61 4.29 -9.24
N ASN D 223 16.58 4.43 -8.33
CA ASN D 223 17.20 5.73 -7.96
C ASN D 223 18.57 5.90 -8.62
N CYS D 224 18.97 4.98 -9.49
CA CYS D 224 20.25 5.04 -10.25
C CYS D 224 20.14 6.15 -11.31
N LEU D 225 21.09 7.09 -11.31
CA LEU D 225 21.16 8.17 -12.34
C LEU D 225 21.97 7.63 -13.52
N ILE D 226 21.35 7.65 -14.72
CA ILE D 226 21.93 7.09 -15.97
C ILE D 226 22.63 8.23 -16.72
N ASN D 227 23.84 7.95 -17.22
CA ASN D 227 24.72 8.90 -17.95
C ASN D 227 24.16 9.09 -19.37
N SER D 228 24.38 10.25 -19.97
CA SER D 228 23.76 10.67 -21.26
C SER D 228 24.31 9.86 -22.45
N ARG D 229 25.37 9.06 -22.26
CA ARG D 229 26.02 8.28 -23.34
C ARG D 229 25.47 6.84 -23.28
N LEU D 230 24.17 6.68 -23.11
CA LEU D 230 23.47 5.35 -23.23
C LEU D 230 22.94 5.18 -24.66
N ASN D 232 19.26 7.46 -28.73
CA ASN D 232 20.09 7.73 -27.52
C ASN D 232 19.66 9.08 -26.90
N GLY D 233 18.91 8.99 -25.81
CA GLY D 233 18.10 10.06 -25.18
C GLY D 233 17.43 9.52 -23.90
N LYS D 234 18.08 8.53 -23.29
CA LYS D 234 17.61 7.79 -22.10
C LYS D 234 18.68 8.08 -21.04
N TYR D 235 18.46 9.11 -20.23
CA TYR D 235 19.47 9.47 -19.19
C TYR D 235 18.89 10.42 -18.15
N ASP D 236 19.65 10.60 -17.06
CA ASP D 236 19.29 11.45 -15.89
C ASP D 236 20.31 12.57 -15.72
N PHE D 237 21.57 12.36 -16.11
CA PHE D 237 22.65 13.39 -16.06
C PHE D 237 23.41 13.38 -17.38
N VAL D 238 23.94 14.54 -17.78
CA VAL D 238 24.72 14.67 -19.04
C VAL D 238 26.21 14.52 -18.70
N SER D 239 26.85 13.55 -19.34
CA SER D 239 28.32 13.37 -19.41
C SER D 239 28.88 14.36 -20.44
N LEU D 240 29.53 15.43 -19.98
CA LEU D 240 30.15 16.47 -20.85
C LEU D 240 31.57 16.05 -21.18
N GLY D 241 31.94 16.08 -22.46
CA GLY D 241 33.36 15.98 -22.88
C GLY D 241 34.11 17.24 -22.53
N ASP D 242 35.44 17.18 -22.52
CA ASP D 242 36.33 18.33 -22.14
C ASP D 242 35.98 19.54 -23.03
N ALA D 243 35.70 19.32 -24.31
CA ALA D 243 35.42 20.39 -25.31
C ALA D 243 34.04 21.02 -25.13
N GLU D 244 33.17 20.44 -24.28
CA GLU D 244 31.73 20.81 -24.17
C GLU D 244 31.47 21.63 -22.90
N ILE D 245 32.54 22.01 -22.17
CA ILE D 245 32.47 22.63 -20.82
C ILE D 245 32.24 24.14 -20.97
N LYS D 266 23.50 18.49 -24.91
CA LYS D 266 22.34 17.66 -24.49
C LYS D 266 21.53 18.41 -23.43
N PRO D 267 20.20 18.55 -23.59
CA PRO D 267 19.37 19.05 -22.49
C PRO D 267 19.65 18.27 -21.19
N SER D 268 19.66 18.99 -20.06
CA SER D 268 19.71 18.39 -18.69
C SER D 268 18.57 18.96 -17.86
N PRO D 269 17.35 18.40 -17.95
CA PRO D 269 16.19 19.01 -17.27
C PRO D 269 16.28 18.93 -15.73
N LEU D 270 17.14 18.04 -15.19
CA LEU D 270 17.42 17.96 -13.73
C LEU D 270 18.63 18.84 -13.36
N GLY D 271 19.27 19.49 -14.35
CA GLY D 271 20.48 20.31 -14.14
C GLY D 271 21.65 19.50 -13.61
N LEU D 272 21.74 18.22 -13.96
CA LEU D 272 22.80 17.30 -13.48
C LEU D 272 23.87 17.18 -14.58
N TYR D 273 25.12 17.44 -14.21
CA TYR D 273 26.28 17.41 -15.14
C TYR D 273 27.49 16.75 -14.48
N GLU D 274 28.26 16.04 -15.30
CA GLU D 274 29.50 15.38 -14.86
C GLU D 274 30.49 15.36 -16.04
N THR D 275 31.73 15.71 -15.75
CA THR D 275 32.89 15.53 -16.65
C THR D 275 33.83 14.51 -16.04
N ALA D 276 34.15 13.45 -16.78
CA ALA D 276 35.19 12.46 -16.41
C ALA D 276 36.53 12.92 -16.96
N GLY D 277 37.60 12.79 -16.17
CA GLY D 277 39.00 12.99 -16.60
C GLY D 277 39.90 12.01 -15.87
N THR D 278 41.15 11.83 -16.34
CA THR D 278 42.17 10.97 -15.68
C THR D 278 43.34 11.85 -15.22
N ILE D 279 44.24 11.35 -14.37
CA ILE D 279 45.31 12.18 -13.77
C ILE D 279 46.50 12.28 -14.74
N ASN D 280 46.95 11.16 -15.30
CA ASN D 280 47.91 11.15 -16.44
C ASN D 280 47.04 11.13 -17.71
N ASP D 281 47.53 10.60 -18.83
CA ASP D 281 46.76 10.70 -20.12
C ASP D 281 46.03 9.38 -20.39
N SER D 282 46.27 8.35 -19.60
CA SER D 282 45.68 7.00 -19.79
C SER D 282 44.57 6.76 -18.74
N TRP D 283 43.55 5.98 -19.10
CA TRP D 283 42.53 5.52 -18.13
C TRP D 283 43.06 4.29 -17.39
N GLY D 284 43.49 3.26 -18.12
CA GLY D 284 44.23 2.11 -17.54
C GLY D 284 45.63 2.51 -17.13
N PHE D 285 46.18 1.80 -16.17
CA PHE D 285 47.58 1.90 -15.69
C PHE D 285 48.55 1.75 -16.88
N SER D 286 49.51 2.66 -16.95
CA SER D 286 50.58 2.65 -17.99
C SER D 286 51.90 3.03 -17.36
N TYR D 287 52.88 2.11 -17.35
CA TYR D 287 54.25 2.32 -16.78
C TYR D 287 54.84 3.58 -17.38
N HIS D 288 54.75 3.75 -18.68
CA HIS D 288 55.50 4.79 -19.45
C HIS D 288 54.84 6.16 -19.32
N ASP D 289 53.58 6.24 -18.91
CA ASP D 289 52.87 7.54 -18.79
C ASP D 289 53.09 8.11 -17.38
N GLN D 290 54.06 9.01 -17.25
CA GLN D 290 54.34 9.75 -16.00
C GLN D 290 53.88 11.21 -16.15
N ASN D 291 52.94 11.48 -17.06
CA ASN D 291 52.43 12.86 -17.34
C ASN D 291 51.25 13.15 -16.39
N TRP D 292 51.52 13.10 -15.10
CA TRP D 292 50.57 13.36 -14.01
C TRP D 292 50.18 14.85 -14.00
N LYS D 293 48.90 15.15 -14.14
CA LYS D 293 48.41 16.55 -13.91
C LYS D 293 48.89 17.00 -12.52
N THR D 294 49.42 18.23 -12.40
CA THR D 294 49.88 18.75 -11.08
C THR D 294 48.68 18.99 -10.16
N PRO D 295 48.92 19.00 -8.83
CA PRO D 295 47.87 19.32 -7.84
C PRO D 295 47.17 20.63 -8.21
N ARG D 296 47.90 21.67 -8.62
CA ARG D 296 47.31 22.95 -9.02
C ARG D 296 46.35 22.77 -10.21
N THR D 297 46.77 22.00 -11.21
CA THR D 297 45.92 21.68 -12.40
C THR D 297 44.64 20.93 -11.94
N LEU D 298 44.77 19.93 -11.09
CA LEU D 298 43.62 19.12 -10.61
C LEU D 298 42.64 20.02 -9.83
N TYR D 299 43.14 20.85 -8.93
CA TYR D 299 42.31 21.72 -8.05
C TYR D 299 41.60 22.77 -8.92
N ARG D 300 42.34 23.44 -9.81
CA ARG D 300 41.79 24.51 -10.67
C ARG D 300 40.71 23.95 -11.61
N TYR D 301 40.95 22.80 -12.22
CA TYR D 301 39.95 22.16 -13.11
C TYR D 301 38.69 21.81 -12.30
N LYS D 302 38.88 21.24 -11.11
CA LYS D 302 37.76 20.90 -10.21
C LYS D 302 36.95 22.16 -9.90
N GLN D 303 37.61 23.24 -9.46
CA GLN D 303 36.95 24.51 -9.05
C GLN D 303 36.16 25.04 -10.24
N HIS D 304 36.75 25.03 -11.44
CA HIS D 304 36.11 25.48 -12.70
C HIS D 304 34.85 24.66 -12.97
N LEU D 305 34.96 23.33 -13.02
CA LEU D 305 33.79 22.42 -13.23
C LEU D 305 32.71 22.71 -12.17
N ASN D 306 33.06 22.71 -10.88
CA ASN D 306 32.09 22.88 -9.76
C ASN D 306 31.38 24.23 -9.90
N ASP D 307 32.09 25.28 -10.31
CA ASP D 307 31.55 26.66 -10.48
C ASP D 307 30.45 26.67 -11.55
N PHE D 308 30.52 25.75 -12.52
CA PHE D 308 29.53 25.61 -13.62
C PHE D 308 28.47 24.55 -13.27
N GLY D 309 28.43 24.07 -12.03
CA GLY D 309 27.50 23.03 -11.57
C GLY D 309 27.84 21.65 -12.13
N ILE D 310 29.11 21.38 -12.42
CA ILE D 310 29.55 20.07 -13.02
C ILE D 310 30.35 19.28 -11.99
N ASN D 311 30.00 18.00 -11.83
CA ASN D 311 30.76 17.04 -11.02
C ASN D 311 32.04 16.68 -11.79
N TYR D 312 33.15 16.63 -11.07
CA TYR D 312 34.45 16.10 -11.58
C TYR D 312 34.57 14.65 -11.16
N LEU D 313 34.42 13.72 -12.11
CA LEU D 313 34.74 12.29 -11.90
C LEU D 313 36.20 12.05 -12.32
N LEU D 314 37.10 11.83 -11.37
CA LEU D 314 38.56 11.77 -11.61
C LEU D 314 39.04 10.34 -11.46
N ASN D 315 39.59 9.81 -12.56
CA ASN D 315 39.98 8.39 -12.76
C ASN D 315 41.33 8.05 -12.14
N VAL D 316 41.37 6.91 -11.45
CA VAL D 316 42.63 6.21 -11.03
C VAL D 316 42.69 4.92 -11.85
N GLY D 317 43.88 4.64 -12.41
CA GLY D 317 44.18 3.35 -13.04
C GLY D 317 45.03 2.52 -12.09
N LEU D 318 44.43 1.52 -11.43
CA LEU D 318 45.12 0.67 -10.45
C LEU D 318 46.22 -0.15 -11.16
N ASP D 319 47.30 -0.38 -10.47
CA ASP D 319 48.50 -1.06 -11.02
C ASP D 319 48.26 -2.56 -10.93
N PRO D 320 49.19 -3.41 -11.42
CA PRO D 320 49.02 -4.85 -11.34
C PRO D 320 48.86 -5.44 -9.93
N LEU D 321 49.34 -4.75 -8.89
CA LEU D 321 49.22 -5.24 -7.49
C LEU D 321 47.95 -4.69 -6.84
N GLY D 322 47.12 -3.98 -7.61
CA GLY D 322 45.83 -3.43 -7.12
C GLY D 322 46.01 -2.08 -6.45
N ARG D 323 47.09 -1.36 -6.78
CA ARG D 323 47.50 -0.15 -6.03
C ARG D 323 47.12 1.10 -6.82
N VAL D 324 46.76 2.15 -6.07
CA VAL D 324 46.76 3.55 -6.58
C VAL D 324 48.23 3.91 -6.81
N PRO D 325 48.63 4.28 -8.03
CA PRO D 325 50.01 4.71 -8.25
C PRO D 325 50.40 5.81 -7.25
N MET D 326 51.63 5.73 -6.74
CA MET D 326 52.21 6.71 -5.77
C MET D 326 51.94 8.14 -6.22
N MET D 327 52.14 8.46 -7.49
CA MET D 327 52.02 9.87 -7.96
C MET D 327 50.53 10.26 -8.07
N ALA D 328 49.62 9.35 -8.43
CA ALA D 328 48.15 9.59 -8.43
C ALA D 328 47.74 9.97 -7.01
N GLU D 329 48.16 9.20 -6.01
CA GLU D 329 47.85 9.42 -4.58
C GLU D 329 48.43 10.75 -4.10
N GLU D 330 49.71 11.06 -4.39
CA GLU D 330 50.34 12.32 -3.92
C GLU D 330 49.63 13.52 -4.53
N ASN D 331 49.27 13.43 -5.82
CA ASN D 331 48.68 14.60 -6.53
C ASN D 331 47.23 14.80 -6.07
N LEU D 332 46.50 13.72 -5.80
CA LEU D 332 45.13 13.78 -5.24
C LEU D 332 45.16 14.50 -3.89
N LEU D 333 46.05 14.08 -2.99
CA LEU D 333 46.13 14.63 -1.62
C LEU D 333 46.59 16.08 -1.65
N ALA D 334 47.53 16.42 -2.55
CA ALA D 334 48.06 17.79 -2.66
C ALA D 334 46.97 18.72 -3.24
N ALA D 335 46.19 18.24 -4.22
CA ALA D 335 45.07 19.01 -4.82
C ALA D 335 44.05 19.32 -3.72
N LYS D 336 43.81 18.37 -2.82
CA LYS D 336 42.86 18.54 -1.69
C LYS D 336 43.41 19.58 -0.71
N ALA D 337 44.72 19.56 -0.43
CA ALA D 337 45.36 20.54 0.48
C ALA D 337 45.25 21.95 -0.10
N LEU D 338 45.46 22.09 -1.41
CA LEU D 338 45.31 23.40 -2.12
C LEU D 338 43.85 23.85 -2.03
N GLU D 339 42.90 22.94 -2.26
CA GLU D 339 41.45 23.25 -2.27
C GLU D 339 41.01 23.73 -0.88
N ASP D 340 41.42 23.02 0.17
CA ASP D 340 41.06 23.36 1.58
C ASP D 340 41.65 24.73 1.92
N GLU D 341 42.90 24.98 1.57
CA GLU D 341 43.58 26.29 1.79
C GLU D 341 42.84 27.42 1.06
N ALA D 342 42.45 27.21 -0.20
CA ALA D 342 41.72 28.21 -1.01
C ALA D 342 40.35 28.50 -0.36
N ASN D 343 39.71 27.50 0.24
CA ASN D 343 38.34 27.60 0.79
C ASN D 343 38.34 28.20 2.19
N ARG D 344 39.49 28.20 2.90
CA ARG D 344 39.65 28.89 4.21
C ARG D 344 39.86 30.38 3.98
N LEU D 345 40.84 30.73 3.15
CA LEU D 345 41.23 32.14 2.86
C LEU D 345 40.18 32.73 1.90
N ASN E 2 14.98 -54.57 3.39
CA ASN E 2 13.88 -53.63 3.06
C ASN E 2 13.45 -52.89 4.32
N ASP E 3 13.96 -51.67 4.53
CA ASP E 3 13.64 -50.88 5.75
C ASP E 3 12.46 -49.96 5.45
N ASN E 4 11.81 -50.13 4.29
CA ASN E 4 10.43 -49.62 4.06
C ASN E 4 9.50 -50.34 5.05
N VAL E 5 9.82 -51.58 5.45
CA VAL E 5 9.03 -52.35 6.46
C VAL E 5 9.00 -51.54 7.75
N ALA E 6 10.16 -51.30 8.36
CA ALA E 6 10.28 -50.47 9.60
C ALA E 6 9.70 -49.07 9.35
N TRP E 7 9.99 -48.46 8.20
CA TRP E 7 9.48 -47.10 7.86
C TRP E 7 7.94 -47.12 7.84
N PHE E 8 7.33 -48.12 7.21
CA PHE E 8 5.85 -48.21 7.07
C PHE E 8 5.19 -48.38 8.44
N LYS E 9 5.83 -49.17 9.30
CA LYS E 9 5.34 -49.48 10.68
C LYS E 9 5.10 -48.17 11.45
N GLN E 10 5.96 -47.16 11.25
CA GLN E 10 5.98 -45.91 12.07
C GLN E 10 5.44 -44.72 11.27
N ALA E 11 4.98 -44.94 10.04
CA ALA E 11 4.66 -43.86 9.07
C ALA E 11 3.37 -43.15 9.48
N LYS E 12 2.37 -43.91 9.97
CA LYS E 12 1.15 -43.41 10.68
C LYS E 12 0.16 -42.72 9.74
N TYR E 13 0.62 -41.91 8.77
CA TYR E 13 -0.23 -40.93 8.05
C TYR E 13 0.26 -40.75 6.61
N GLY E 14 -0.64 -40.91 5.65
CA GLY E 14 -0.41 -40.69 4.21
C GLY E 14 -1.50 -39.84 3.58
N MET E 15 -1.20 -39.17 2.48
CA MET E 15 -2.19 -38.53 1.60
C MET E 15 -2.46 -39.44 0.41
N MET E 16 -3.73 -39.67 0.12
CA MET E 16 -4.18 -40.29 -1.14
C MET E 16 -4.73 -39.17 -2.03
N ILE E 17 -4.55 -39.30 -3.33
CA ILE E 17 -5.09 -38.35 -4.34
C ILE E 17 -5.91 -39.15 -5.33
N HIS E 18 -7.21 -38.80 -5.45
CA HIS E 18 -8.05 -39.23 -6.60
C HIS E 18 -8.19 -38.04 -7.53
N TRP E 19 -7.75 -38.20 -8.78
CA TRP E 19 -7.85 -37.15 -9.81
C TRP E 19 -7.98 -37.81 -11.18
N GLY E 20 -8.95 -37.38 -11.97
CA GLY E 20 -9.21 -37.89 -13.32
C GLY E 20 -10.29 -37.11 -14.03
N LEU E 21 -10.72 -37.64 -15.17
CA LEU E 21 -11.77 -37.02 -16.01
C LEU E 21 -13.05 -36.86 -15.16
N TYR E 22 -13.32 -37.82 -14.27
CA TYR E 22 -14.49 -37.86 -13.37
C TYR E 22 -14.53 -36.59 -12.52
N SER E 23 -13.36 -36.02 -12.19
CA SER E 23 -13.22 -34.79 -11.39
C SER E 23 -13.93 -33.61 -12.07
N LEU E 24 -14.01 -33.59 -13.39
CA LEU E 24 -14.59 -32.46 -14.15
C LEU E 24 -16.11 -32.48 -14.01
N LEU E 25 -16.76 -33.65 -14.04
CA LEU E 25 -18.24 -33.77 -13.85
C LEU E 25 -18.63 -33.46 -12.41
N ALA E 26 -17.71 -33.68 -11.46
CA ALA E 26 -17.79 -33.21 -10.07
C ALA E 26 -19.10 -33.69 -9.43
N GLY E 27 -19.49 -34.94 -9.70
CA GLY E 27 -20.55 -35.66 -8.99
C GLY E 27 -21.93 -35.42 -9.58
N GLU E 28 -21.97 -34.87 -10.78
CA GLU E 28 -23.21 -34.42 -11.45
C GLU E 28 -23.16 -34.80 -12.92
N TYR E 29 -24.25 -35.34 -13.45
CA TYR E 29 -24.40 -35.65 -14.89
C TYR E 29 -25.83 -35.40 -15.34
N ARG E 30 -26.00 -34.47 -16.29
CA ARG E 30 -27.30 -34.11 -16.93
C ARG E 30 -28.39 -33.99 -15.85
N GLY E 31 -28.10 -33.19 -14.82
CA GLY E 31 -29.07 -32.80 -13.80
C GLY E 31 -29.23 -33.86 -12.73
N GLU E 32 -28.41 -34.90 -12.68
CA GLU E 32 -28.58 -35.99 -11.69
C GLU E 32 -27.27 -36.25 -10.93
N SER E 33 -27.42 -36.80 -9.74
CA SER E 33 -26.32 -36.97 -8.77
C SER E 33 -25.60 -38.29 -9.04
N SER E 34 -24.27 -38.31 -8.94
CA SER E 34 -23.48 -39.54 -8.71
C SER E 34 -24.03 -40.24 -7.46
N SER E 35 -23.62 -41.48 -7.22
CA SER E 35 -23.67 -42.09 -5.86
C SER E 35 -22.70 -41.29 -4.96
N ALA E 36 -22.49 -41.77 -3.74
CA ALA E 36 -21.50 -41.19 -2.81
C ALA E 36 -20.12 -41.13 -3.49
N TYR E 37 -19.81 -42.03 -4.42
CA TYR E 37 -18.49 -42.10 -5.11
C TYR E 37 -18.60 -41.42 -6.49
N ALA E 38 -18.15 -40.16 -6.59
CA ALA E 38 -18.22 -39.33 -7.81
C ALA E 38 -17.27 -39.88 -8.88
N GLU E 39 -16.19 -40.59 -8.50
CA GLU E 39 -15.22 -41.20 -9.45
C GLU E 39 -15.87 -42.38 -10.20
N TRP E 40 -17.02 -42.88 -9.74
CA TRP E 40 -17.78 -43.97 -10.39
C TRP E 40 -18.83 -43.43 -11.37
N ILE E 41 -18.77 -42.15 -11.75
CA ILE E 41 -19.91 -41.49 -12.45
C ILE E 41 -20.11 -42.11 -13.84
N GLN E 42 -19.05 -42.61 -14.49
CA GLN E 42 -19.13 -43.15 -15.86
C GLN E 42 -20.03 -44.38 -15.84
N SER E 43 -19.84 -45.26 -14.85
CA SER E 43 -20.65 -46.50 -14.66
C SER E 43 -22.06 -46.15 -14.19
N LYS E 44 -22.18 -45.16 -13.30
CA LYS E 44 -23.47 -44.73 -12.68
C LYS E 44 -24.46 -44.35 -13.79
N PHE E 45 -24.01 -43.62 -14.81
CA PHE E 45 -24.89 -43.10 -15.89
C PHE E 45 -24.57 -43.76 -17.23
N GLN E 46 -23.74 -44.81 -17.22
CA GLN E 46 -23.34 -45.56 -18.44
C GLN E 46 -22.96 -44.57 -19.55
N ILE E 47 -22.07 -43.64 -19.25
CA ILE E 47 -21.65 -42.58 -20.21
C ILE E 47 -20.77 -43.24 -21.27
N PRO E 48 -21.17 -43.24 -22.56
CA PRO E 48 -20.35 -43.87 -23.61
C PRO E 48 -18.92 -43.30 -23.62
N ASN E 49 -17.93 -44.17 -23.86
CA ASN E 49 -16.49 -43.82 -23.96
C ASN E 49 -16.25 -42.59 -24.88
N ALA E 50 -16.92 -42.48 -26.03
CA ALA E 50 -16.75 -41.33 -26.96
C ALA E 50 -17.00 -40.01 -26.21
N GLU E 51 -18.14 -39.92 -25.50
CA GLU E 51 -18.54 -38.70 -24.74
C GLU E 51 -17.63 -38.53 -23.52
N TYR E 52 -17.50 -39.55 -22.67
CA TYR E 52 -16.74 -39.48 -21.41
C TYR E 52 -15.29 -39.08 -21.74
N GLY E 53 -14.68 -39.76 -22.72
CA GLY E 53 -13.32 -39.48 -23.19
C GLY E 53 -13.13 -38.03 -23.64
N ASN E 54 -14.16 -37.40 -24.21
CA ASN E 54 -14.08 -35.99 -24.68
C ASN E 54 -13.83 -35.06 -23.48
N LEU E 55 -14.13 -35.46 -22.24
CA LEU E 55 -13.76 -34.66 -21.04
C LEU E 55 -12.26 -34.33 -21.06
N ALA E 56 -11.43 -35.22 -21.62
CA ALA E 56 -9.96 -34.99 -21.74
C ALA E 56 -9.70 -33.64 -22.44
N THR E 57 -10.51 -33.25 -23.43
CA THR E 57 -10.30 -32.00 -24.20
C THR E 57 -10.53 -30.79 -23.29
N ALA E 58 -11.20 -30.96 -22.15
CA ALA E 58 -11.51 -29.87 -21.20
C ALA E 58 -10.64 -29.98 -19.94
N PHE E 59 -9.70 -30.93 -19.90
CA PHE E 59 -8.83 -31.11 -18.72
C PHE E 59 -7.66 -30.13 -18.85
N ASN E 60 -7.74 -29.00 -18.15
CA ASN E 60 -6.69 -27.94 -18.15
C ASN E 60 -6.62 -27.34 -16.75
N PRO E 61 -6.12 -28.12 -15.75
CA PRO E 61 -6.04 -27.65 -14.36
C PRO E 61 -4.94 -26.62 -14.10
N LEU E 62 -5.27 -25.34 -14.35
CA LEU E 62 -4.25 -24.24 -14.34
C LEU E 62 -3.62 -24.08 -12.97
N TYR E 63 -4.25 -24.54 -11.88
CA TYR E 63 -3.72 -24.31 -10.51
C TYR E 63 -3.05 -25.57 -9.96
N PHE E 64 -2.90 -26.63 -10.76
CA PHE E 64 -2.20 -27.87 -10.31
C PHE E 64 -0.76 -27.49 -9.94
N ASP E 65 -0.38 -27.80 -8.71
CA ASP E 65 0.96 -27.51 -8.16
C ASP E 65 1.34 -28.66 -7.24
N ALA E 66 2.11 -29.62 -7.77
CA ALA E 66 2.57 -30.84 -7.06
C ALA E 66 3.37 -30.45 -5.82
N LYS E 67 4.16 -29.36 -5.90
CA LYS E 67 4.99 -28.86 -4.77
C LYS E 67 4.08 -28.42 -3.62
N LYS E 68 2.99 -27.66 -3.92
CA LYS E 68 2.08 -27.13 -2.88
C LYS E 68 1.29 -28.29 -2.28
N ILE E 69 0.95 -29.29 -3.09
CA ILE E 69 0.17 -30.46 -2.61
C ILE E 69 1.06 -31.25 -1.64
N VAL E 70 2.34 -31.41 -1.97
CA VAL E 70 3.27 -32.21 -1.12
C VAL E 70 3.57 -31.42 0.17
N ALA E 71 3.72 -30.11 0.08
CA ALA E 71 3.93 -29.20 1.24
C ALA E 71 2.75 -29.28 2.22
N LEU E 72 1.51 -29.37 1.73
CA LEU E 72 0.30 -29.55 2.59
C LEU E 72 0.41 -30.89 3.33
N ALA E 73 0.69 -31.98 2.61
CA ALA E 73 0.83 -33.32 3.21
C ALA E 73 1.90 -33.27 4.30
N LYS E 74 3.05 -32.64 4.00
CA LYS E 74 4.20 -32.58 4.92
C LYS E 74 3.82 -31.79 6.19
N GLN E 75 3.20 -30.62 6.03
CA GLN E 75 2.72 -29.77 7.16
C GLN E 75 1.78 -30.60 8.06
N CYS E 76 1.04 -31.55 7.49
CA CYS E 76 0.06 -32.36 8.24
C CYS E 76 0.72 -33.59 8.90
N GLY E 77 2.04 -33.77 8.72
CA GLY E 77 2.77 -34.92 9.28
C GLY E 77 2.58 -36.17 8.44
N MET E 78 2.10 -36.04 7.21
CA MET E 78 1.95 -37.20 6.30
C MET E 78 3.34 -37.55 5.76
N GLN E 79 3.69 -38.83 5.73
CA GLN E 79 5.07 -39.28 5.37
C GLN E 79 5.08 -39.89 3.97
N TYR E 80 3.91 -39.98 3.34
CA TYR E 80 3.81 -40.53 1.97
C TYR E 80 2.53 -40.05 1.29
N LEU E 81 2.55 -40.21 -0.04
CA LEU E 81 1.47 -39.81 -0.96
C LEU E 81 1.22 -40.96 -1.91
N VAL E 82 -0.03 -41.38 -2.03
CA VAL E 82 -0.52 -42.43 -2.97
C VAL E 82 -1.43 -41.74 -3.96
N VAL E 83 -1.20 -41.92 -5.26
CA VAL E 83 -2.00 -41.19 -6.30
C VAL E 83 -2.53 -42.18 -7.32
N THR E 84 -3.77 -41.95 -7.78
CA THR E 84 -4.43 -42.69 -8.88
C THR E 84 -3.65 -42.47 -10.18
N THR E 85 -2.94 -43.49 -10.66
CA THR E 85 -2.25 -43.49 -11.97
C THR E 85 -3.26 -43.85 -13.06
N LYS E 86 -4.24 -44.69 -12.72
CA LYS E 86 -5.34 -45.11 -13.62
C LYS E 86 -6.46 -45.70 -12.78
N HIS E 87 -7.62 -45.02 -12.75
CA HIS E 87 -8.81 -45.47 -12.00
C HIS E 87 -9.65 -46.38 -12.92
N HIS E 88 -10.85 -46.76 -12.49
CA HIS E 88 -11.70 -47.77 -13.17
C HIS E 88 -12.02 -47.34 -14.60
N ASP E 89 -12.06 -46.03 -14.84
CA ASP E 89 -12.45 -45.48 -16.16
C ASP E 89 -11.38 -45.81 -17.21
N GLY E 90 -10.17 -46.17 -16.75
CA GLY E 90 -9.07 -46.62 -17.61
C GLY E 90 -8.26 -45.47 -18.19
N PHE E 91 -8.47 -44.24 -17.71
CA PHE E 91 -7.74 -43.03 -18.18
C PHE E 91 -6.45 -42.88 -17.38
N ALA E 92 -5.27 -42.99 -18.03
CA ALA E 92 -3.97 -42.92 -17.32
C ALA E 92 -3.63 -41.47 -17.01
N MET E 93 -3.13 -41.21 -15.79
CA MET E 93 -2.79 -39.83 -15.33
C MET E 93 -1.27 -39.64 -15.41
N TYR E 94 -0.63 -40.44 -16.26
CA TYR E 94 0.81 -40.39 -16.58
C TYR E 94 0.95 -40.58 -18.09
N HIS E 95 2.13 -40.31 -18.63
CA HIS E 95 2.39 -40.44 -20.09
C HIS E 95 2.60 -41.93 -20.41
N SER E 96 1.53 -42.65 -20.75
CA SER E 96 1.55 -44.09 -21.07
C SER E 96 1.95 -44.26 -22.54
N LYS E 97 2.99 -45.03 -22.82
CA LYS E 97 3.45 -45.30 -24.20
C LYS E 97 2.45 -46.27 -24.86
N VAL E 98 1.87 -47.19 -24.08
CA VAL E 98 1.01 -48.28 -24.64
C VAL E 98 -0.41 -47.77 -24.91
N ASP E 99 -0.88 -46.73 -24.22
CA ASP E 99 -2.27 -46.20 -24.38
C ASP E 99 -2.29 -44.67 -24.43
N ALA E 100 -2.74 -44.11 -25.56
CA ALA E 100 -2.80 -42.65 -25.82
C ALA E 100 -3.94 -42.01 -25.01
N TYR E 101 -4.83 -42.81 -24.43
CA TYR E 101 -5.91 -42.39 -23.51
C TYR E 101 -5.29 -42.04 -22.14
N ASN E 102 -4.59 -40.92 -22.09
CA ASN E 102 -3.80 -40.51 -20.90
C ASN E 102 -3.72 -38.97 -20.87
N VAL E 103 -3.39 -38.44 -19.69
CA VAL E 103 -3.44 -36.98 -19.36
C VAL E 103 -2.41 -36.22 -20.21
N TYR E 104 -1.34 -36.88 -20.62
CA TYR E 104 -0.22 -36.26 -21.40
C TYR E 104 -0.66 -36.07 -22.85
N ASP E 105 -1.14 -37.14 -23.48
CA ASP E 105 -1.44 -37.19 -24.93
C ASP E 105 -2.80 -36.54 -25.25
N ALA E 106 -3.82 -36.71 -24.39
CA ALA E 106 -5.25 -36.46 -24.74
C ALA E 106 -5.75 -35.12 -24.23
N THR E 107 -4.99 -34.40 -23.40
CA THR E 107 -5.48 -33.14 -22.75
C THR E 107 -4.62 -31.98 -23.21
N PRO E 108 -5.20 -30.75 -23.25
CA PRO E 108 -4.44 -29.53 -23.48
C PRO E 108 -3.42 -29.22 -22.37
N PHE E 109 -3.57 -29.82 -21.20
CA PHE E 109 -2.64 -29.64 -20.06
C PHE E 109 -1.27 -30.22 -20.45
N HIS E 110 -1.30 -31.39 -21.09
CA HIS E 110 -0.16 -31.97 -21.83
C HIS E 110 1.03 -32.11 -20.86
N ARG E 111 0.77 -32.64 -19.67
CA ARG E 111 1.78 -32.81 -18.61
C ARG E 111 1.61 -34.18 -17.94
N ASP E 112 2.72 -34.76 -17.47
CA ASP E 112 2.72 -36.02 -16.70
C ASP E 112 2.54 -35.69 -15.22
N ILE E 113 1.33 -35.85 -14.70
CA ILE E 113 0.94 -35.45 -13.32
C ILE E 113 1.59 -36.38 -12.30
N ILE E 114 1.70 -37.67 -12.63
CA ILE E 114 2.38 -38.67 -11.76
C ILE E 114 3.86 -38.26 -11.65
N GLY E 115 4.50 -37.93 -12.77
CA GLY E 115 5.89 -37.45 -12.82
C GLY E 115 6.14 -36.24 -11.95
N GLU E 116 5.22 -35.27 -11.98
CA GLU E 116 5.34 -34.01 -11.21
C GLU E 116 5.19 -34.33 -9.73
N LEU E 117 4.27 -35.24 -9.37
CA LEU E 117 4.08 -35.65 -7.95
C LEU E 117 5.28 -36.47 -7.49
N ALA E 118 5.81 -37.38 -8.33
CA ALA E 118 7.03 -38.16 -8.01
C ALA E 118 8.17 -37.22 -7.68
N GLU E 119 8.42 -36.23 -8.53
CA GLU E 119 9.52 -35.23 -8.35
C GLU E 119 9.28 -34.44 -7.07
N ALA E 120 8.05 -33.96 -6.82
CA ALA E 120 7.71 -33.14 -5.65
C ALA E 120 7.95 -33.93 -4.34
N CYS E 121 7.52 -35.19 -4.31
CA CYS E 121 7.70 -36.11 -3.15
C CYS E 121 9.19 -36.39 -2.88
N GLN E 122 9.98 -36.59 -3.95
CA GLN E 122 11.44 -36.86 -3.86
C GLN E 122 12.13 -35.67 -3.20
N LYS E 123 11.78 -34.44 -3.61
CA LYS E 123 12.48 -33.21 -3.15
C LYS E 123 12.12 -32.91 -1.70
N ALA E 124 10.92 -33.28 -1.27
CA ALA E 124 10.38 -32.97 0.08
C ALA E 124 10.68 -34.11 1.05
N GLY E 125 11.20 -35.24 0.57
CA GLY E 125 11.55 -36.42 1.38
C GLY E 125 10.33 -37.23 1.77
N LEU E 126 9.24 -37.17 0.99
CA LEU E 126 8.04 -38.02 1.21
C LEU E 126 8.16 -39.27 0.34
N LYS E 127 7.71 -40.43 0.87
CA LYS E 127 7.64 -41.69 0.11
C LYS E 127 6.50 -41.59 -0.89
N PHE E 128 6.61 -42.31 -2.02
CA PHE E 128 5.66 -42.15 -3.14
C PHE E 128 5.03 -43.51 -3.47
N GLY E 129 3.70 -43.55 -3.50
CA GLY E 129 2.89 -44.76 -3.75
C GLY E 129 2.00 -44.57 -4.95
N LEU E 130 1.58 -45.67 -5.55
CA LEU E 130 0.82 -45.65 -6.83
C LEU E 130 -0.40 -46.54 -6.71
N TYR E 131 -1.56 -45.96 -7.03
CA TYR E 131 -2.86 -46.66 -7.18
C TYR E 131 -3.04 -47.00 -8.66
N TYR E 132 -3.44 -48.24 -8.95
CA TYR E 132 -3.72 -48.72 -10.32
C TYR E 132 -4.88 -49.72 -10.27
N SER E 133 -5.93 -49.44 -11.05
CA SER E 133 -7.10 -50.33 -11.28
C SER E 133 -6.71 -51.47 -12.23
N GLN E 134 -6.21 -52.60 -11.69
CA GLN E 134 -5.63 -53.73 -12.47
C GLN E 134 -6.75 -54.61 -13.05
N ASP E 135 -7.95 -54.54 -12.47
CA ASP E 135 -9.09 -55.42 -12.85
C ASP E 135 -10.07 -54.62 -13.73
N LEU E 136 -10.70 -53.59 -13.17
CA LEU E 136 -11.74 -52.78 -13.85
C LEU E 136 -11.05 -51.82 -14.82
N ASP E 137 -11.55 -51.75 -16.06
CA ASP E 137 -11.09 -50.77 -17.08
C ASP E 137 -12.23 -50.56 -18.07
N TRP E 138 -12.95 -49.44 -17.90
CA TRP E 138 -14.21 -49.15 -18.64
C TRP E 138 -13.86 -48.73 -20.08
N HIS E 139 -12.63 -48.30 -20.32
CA HIS E 139 -12.14 -47.94 -21.68
C HIS E 139 -11.77 -49.19 -22.49
N ASP E 140 -11.48 -50.31 -21.83
CA ASP E 140 -11.03 -51.55 -22.52
C ASP E 140 -12.21 -52.46 -22.80
N PRO E 141 -12.35 -52.95 -24.06
CA PRO E 141 -13.39 -53.92 -24.41
C PRO E 141 -13.45 -55.15 -23.49
N ASN E 142 -12.29 -55.57 -22.96
CA ASN E 142 -12.15 -56.80 -22.14
C ASN E 142 -11.82 -56.44 -20.70
N GLY E 143 -12.16 -55.21 -20.27
CA GLY E 143 -12.03 -54.76 -18.88
C GLY E 143 -12.77 -55.69 -17.94
N GLY E 144 -12.28 -55.85 -16.70
CA GLY E 144 -12.80 -56.84 -15.74
C GLY E 144 -14.13 -56.41 -15.13
N GLY E 145 -14.77 -57.32 -14.40
CA GLY E 145 -16.00 -57.06 -13.64
C GLY E 145 -17.21 -57.76 -14.23
N TYR E 146 -17.10 -58.27 -15.45
CA TYR E 146 -18.23 -58.87 -16.24
C TYR E 146 -18.70 -60.19 -15.62
N LYS E 147 -18.02 -60.71 -14.58
CA LYS E 147 -18.45 -61.96 -13.90
C LYS E 147 -19.08 -61.64 -12.53
N SER E 148 -19.14 -60.35 -12.16
CA SER E 148 -19.39 -59.92 -10.76
C SER E 148 -20.69 -59.13 -10.62
N ASN E 149 -21.53 -59.06 -11.65
CA ASN E 149 -22.68 -58.13 -11.71
C ASN E 149 -23.89 -58.69 -10.93
N ASP E 150 -23.71 -59.79 -10.19
CA ASP E 150 -24.68 -60.28 -9.17
C ASP E 150 -24.59 -59.43 -7.89
N VAL E 151 -23.59 -58.57 -7.73
CA VAL E 151 -23.45 -57.67 -6.56
C VAL E 151 -23.49 -56.21 -7.04
N GLU E 152 -24.22 -55.36 -6.30
CA GLU E 152 -24.46 -53.93 -6.67
C GLU E 152 -23.15 -53.14 -6.52
N THR E 153 -23.08 -51.98 -7.16
CA THR E 153 -21.87 -51.12 -7.21
C THR E 153 -22.25 -49.67 -6.90
N ALA E 154 -21.25 -48.81 -6.79
CA ALA E 154 -21.40 -47.34 -6.64
C ALA E 154 -21.71 -46.70 -8.00
N GLY E 155 -21.85 -47.51 -9.06
CA GLY E 155 -22.35 -47.10 -10.39
C GLY E 155 -23.51 -47.97 -10.82
N THR E 156 -23.42 -48.63 -11.98
CA THR E 156 -24.35 -49.73 -12.40
C THR E 156 -23.59 -51.05 -12.31
N THR E 157 -22.90 -51.43 -13.38
CA THR E 157 -22.10 -52.68 -13.49
C THR E 157 -20.63 -52.40 -13.12
N TRP E 158 -19.90 -53.45 -12.75
CA TRP E 158 -18.44 -53.39 -12.44
C TRP E 158 -17.67 -53.05 -13.73
N ASP E 159 -18.10 -53.60 -14.86
CA ASP E 159 -17.48 -53.43 -16.21
C ASP E 159 -18.22 -52.35 -17.00
N ASN E 160 -17.64 -51.93 -18.13
CA ASN E 160 -18.36 -51.16 -19.20
C ASN E 160 -19.22 -52.15 -19.98
N SER E 161 -20.51 -52.21 -19.64
CA SER E 161 -21.52 -53.12 -20.24
C SER E 161 -22.38 -52.36 -21.24
N TRP E 162 -22.11 -51.07 -21.49
CA TRP E 162 -22.93 -50.21 -22.41
C TRP E 162 -22.20 -50.09 -23.76
N ASP E 163 -20.92 -49.70 -23.75
CA ASP E 163 -20.08 -49.70 -24.99
C ASP E 163 -19.77 -51.14 -25.38
N PHE E 164 -19.68 -52.06 -24.42
CA PHE E 164 -19.28 -53.48 -24.63
C PHE E 164 -20.33 -54.40 -23.98
N PRO E 165 -21.53 -54.51 -24.58
CA PRO E 165 -22.63 -55.27 -23.98
C PRO E 165 -22.62 -56.80 -24.04
N ASP E 166 -21.75 -57.40 -24.86
CA ASP E 166 -21.73 -58.87 -25.06
C ASP E 166 -20.79 -59.49 -24.02
N GLU E 167 -21.33 -59.80 -22.83
CA GLU E 167 -20.56 -60.30 -21.66
C GLU E 167 -20.00 -61.70 -21.94
N ASP E 168 -20.73 -62.54 -22.68
CA ASP E 168 -20.25 -63.84 -23.23
C ASP E 168 -19.31 -63.51 -24.38
N GLN E 169 -18.06 -63.95 -24.25
CA GLN E 169 -16.93 -63.77 -25.19
C GLN E 169 -16.27 -62.38 -24.96
N LYS E 170 -16.52 -61.78 -23.78
CA LYS E 170 -15.49 -60.96 -23.06
C LYS E 170 -14.42 -61.89 -22.48
N ASN E 171 -13.15 -61.52 -22.65
CA ASN E 171 -11.98 -62.31 -22.19
C ASN E 171 -10.95 -61.34 -21.59
N PHE E 172 -10.98 -61.17 -20.26
CA PHE E 172 -10.09 -60.27 -19.48
C PHE E 172 -8.62 -60.47 -19.89
N ASP E 173 -8.21 -61.71 -20.14
CA ASP E 173 -6.82 -62.08 -20.52
C ASP E 173 -6.28 -61.05 -21.52
N LEU E 174 -7.09 -60.69 -22.53
CA LEU E 174 -6.70 -59.76 -23.63
C LEU E 174 -6.37 -58.38 -23.06
N CYS E 175 -7.22 -57.86 -22.15
CA CYS E 175 -7.00 -56.58 -21.44
C CYS E 175 -5.74 -56.70 -20.57
N PHE E 176 -5.59 -57.82 -19.87
CA PHE E 176 -4.45 -58.06 -18.94
C PHE E 176 -3.13 -57.99 -19.71
N ASP E 177 -3.08 -58.68 -20.86
CA ASP E 177 -1.84 -58.88 -21.64
C ASP E 177 -1.47 -57.58 -22.36
N ASN E 178 -2.45 -56.84 -22.87
CA ASN E 178 -2.23 -55.73 -23.84
C ASN E 178 -2.22 -54.36 -23.13
N LYS E 179 -2.89 -54.21 -21.99
CA LYS E 179 -2.96 -52.90 -21.29
C LYS E 179 -2.48 -52.99 -19.85
N ILE E 180 -3.05 -53.90 -19.06
CA ILE E 180 -2.90 -53.90 -17.57
C ILE E 180 -1.42 -54.07 -17.19
N LEU E 181 -0.79 -55.16 -17.64
CA LEU E 181 0.60 -55.50 -17.22
C LEU E 181 1.59 -54.53 -17.88
N PRO E 182 1.51 -54.26 -19.20
CA PRO E 182 2.34 -53.22 -19.81
C PRO E 182 2.30 -51.91 -19.01
N GLN E 183 1.11 -51.42 -18.65
CA GLN E 183 0.98 -50.13 -17.88
C GLN E 183 1.60 -50.27 -16.48
N ILE E 184 1.40 -51.40 -15.81
CA ILE E 184 2.01 -51.60 -14.46
C ILE E 184 3.54 -51.54 -14.59
N LYS E 185 4.11 -52.08 -15.67
CA LYS E 185 5.57 -52.02 -15.94
C LYS E 185 6.00 -50.56 -16.10
N GLU E 186 5.23 -49.76 -16.85
CA GLU E 186 5.51 -48.31 -17.12
C GLU E 186 5.60 -47.53 -15.79
N ILE E 187 4.59 -47.63 -14.93
CA ILE E 187 4.53 -46.82 -13.67
C ILE E 187 5.61 -47.29 -12.72
N MET E 188 6.00 -48.57 -12.79
CA MET E 188 6.99 -49.16 -11.85
C MET E 188 8.43 -49.00 -12.39
N SER E 189 8.59 -48.46 -13.60
CA SER E 189 9.91 -48.31 -14.28
C SER E 189 10.33 -46.84 -14.37
N ASN E 190 9.35 -45.95 -14.45
CA ASN E 190 9.53 -44.52 -14.75
C ASN E 190 9.17 -44.02 -13.35
N TYR E 191 9.42 -42.78 -12.93
CA TYR E 191 8.85 -42.23 -11.67
C TYR E 191 9.65 -42.69 -10.44
N GLY E 192 10.82 -43.33 -10.59
CA GLY E 192 11.75 -43.55 -9.49
C GLY E 192 11.22 -44.58 -8.50
N ASP E 193 11.70 -44.51 -7.24
CA ASP E 193 11.42 -45.54 -6.20
C ASP E 193 9.97 -45.41 -5.75
N ILE E 194 9.22 -46.51 -5.85
CA ILE E 194 7.81 -46.62 -5.43
C ILE E 194 7.77 -47.36 -4.09
N ALA E 195 7.32 -46.67 -3.03
CA ALA E 195 7.31 -47.19 -1.64
C ALA E 195 6.15 -48.16 -1.46
N THR E 196 5.00 -47.85 -2.09
CA THR E 196 3.71 -48.52 -1.87
C THR E 196 3.03 -48.76 -3.23
N ALA E 197 2.33 -49.88 -3.36
CA ALA E 197 1.58 -50.28 -4.57
C ALA E 197 0.14 -50.62 -4.17
N TRP E 198 -0.80 -49.87 -4.71
CA TRP E 198 -2.22 -49.86 -4.29
C TRP E 198 -3.07 -50.44 -5.41
N PHE E 199 -3.32 -51.74 -5.39
CA PHE E 199 -4.22 -52.43 -6.35
C PHE E 199 -5.62 -52.50 -5.73
N ASP E 200 -6.63 -52.70 -6.57
CA ASP E 200 -8.05 -52.72 -6.16
C ASP E 200 -8.55 -54.17 -6.12
N VAL E 201 -9.63 -54.44 -5.39
CA VAL E 201 -10.11 -55.82 -5.07
C VAL E 201 -10.29 -56.58 -6.39
N PRO E 202 -9.45 -57.59 -6.65
CA PRO E 202 -9.48 -58.36 -7.88
C PRO E 202 -10.72 -59.25 -8.03
N MET E 203 -11.59 -58.91 -8.96
CA MET E 203 -12.87 -59.64 -9.19
C MET E 203 -12.73 -60.62 -10.34
N THR E 204 -11.82 -60.36 -11.29
CA THR E 204 -11.72 -61.10 -12.57
C THR E 204 -10.35 -61.79 -12.68
N LEU E 205 -9.28 -61.17 -12.19
CA LEU E 205 -7.88 -61.69 -12.19
C LEU E 205 -7.84 -63.14 -11.71
N SER E 206 -7.22 -64.02 -12.50
CA SER E 206 -6.77 -65.36 -12.05
C SER E 206 -5.63 -65.20 -11.05
N GLU E 207 -5.45 -66.23 -10.21
CA GLU E 207 -4.27 -66.43 -9.33
C GLU E 207 -2.98 -66.09 -10.09
N ALA E 208 -2.80 -66.68 -11.28
CA ALA E 208 -1.59 -66.55 -12.11
C ALA E 208 -1.37 -65.08 -12.49
N GLN E 209 -2.44 -64.37 -12.85
CA GLN E 209 -2.39 -62.94 -13.25
C GLN E 209 -1.97 -62.08 -12.04
N SER E 210 -2.53 -62.35 -10.87
CA SER E 210 -2.12 -61.70 -9.58
C SER E 210 -0.64 -61.96 -9.31
N GLN E 211 -0.20 -63.21 -9.47
CA GLN E 211 1.20 -63.66 -9.25
C GLN E 211 2.13 -62.88 -10.17
N THR E 212 1.79 -62.81 -11.46
CA THR E 212 2.55 -62.08 -12.52
C THR E 212 2.72 -60.61 -12.12
N ILE E 213 1.67 -59.98 -11.56
CA ILE E 213 1.74 -58.55 -11.14
C ILE E 213 2.72 -58.45 -9.97
N TYR E 214 2.50 -59.27 -8.94
CA TYR E 214 3.38 -59.34 -7.73
C TYR E 214 4.83 -59.47 -8.19
N ASP E 215 5.12 -60.46 -9.04
CA ASP E 215 6.50 -60.81 -9.47
C ASP E 215 7.11 -59.61 -10.22
N THR E 216 6.30 -58.94 -11.04
CA THR E 216 6.71 -57.76 -11.86
C THR E 216 7.12 -56.59 -10.96
N VAL E 217 6.28 -56.26 -9.97
CA VAL E 217 6.54 -55.14 -9.02
C VAL E 217 7.80 -55.47 -8.22
N ARG E 218 7.89 -56.70 -7.71
CA ARG E 218 9.10 -57.21 -6.98
C ARG E 218 10.38 -56.98 -7.79
N GLU E 219 10.38 -57.36 -9.09
CA GLU E 219 11.57 -57.23 -9.97
C GLU E 219 11.92 -55.75 -10.17
N LEU E 220 10.93 -54.93 -10.54
CA LEU E 220 11.12 -53.50 -10.92
C LEU E 220 11.32 -52.63 -9.67
N GLN E 221 10.67 -52.99 -8.57
CA GLN E 221 10.65 -52.18 -7.32
C GLN E 221 10.85 -53.10 -6.12
N PRO E 222 12.08 -53.63 -5.91
CA PRO E 222 12.33 -54.60 -4.85
C PRO E 222 11.74 -54.23 -3.48
N ASN E 223 11.72 -52.94 -3.11
CA ASN E 223 11.37 -52.50 -1.73
C ASN E 223 9.96 -51.94 -1.67
N CYS E 224 9.19 -52.02 -2.77
CA CYS E 224 7.77 -51.60 -2.84
C CYS E 224 6.91 -52.55 -2.00
N LEU E 225 6.14 -52.00 -1.05
CA LEU E 225 5.18 -52.79 -0.24
C LEU E 225 3.86 -52.85 -1.00
N ILE E 226 3.38 -54.08 -1.27
CA ILE E 226 2.14 -54.34 -2.07
C ILE E 226 0.96 -54.49 -1.10
N ASN E 227 -0.16 -53.85 -1.44
CA ASN E 227 -1.41 -53.81 -0.65
C ASN E 227 -2.13 -55.16 -0.85
N SER E 228 -2.91 -55.58 0.14
CA SER E 228 -3.55 -56.93 0.21
C SER E 228 -4.67 -57.09 -0.83
N ARG E 229 -5.06 -56.03 -1.54
CA ARG E 229 -6.14 -56.06 -2.57
C ARG E 229 -5.55 -56.34 -3.96
N LEU E 230 -4.39 -56.97 -4.08
CA LEU E 230 -3.87 -57.39 -5.40
C LEU E 230 -4.55 -58.72 -5.77
N GLY E 231 -4.88 -59.53 -4.77
CA GLY E 231 -5.22 -60.95 -4.96
C GLY E 231 -4.67 -61.86 -3.89
N ASN E 232 -5.38 -62.95 -3.61
CA ASN E 232 -5.16 -63.86 -2.45
C ASN E 232 -3.67 -64.19 -2.31
N GLY E 233 -3.00 -63.59 -1.32
CA GLY E 233 -1.72 -64.05 -0.74
C GLY E 233 -0.53 -63.38 -1.39
N LYS E 234 -0.75 -62.40 -2.25
CA LYS E 234 0.28 -61.62 -2.99
C LYS E 234 0.32 -60.19 -2.43
N TYR E 235 0.93 -59.98 -1.27
CA TYR E 235 0.99 -58.65 -0.62
C TYR E 235 2.00 -58.62 0.52
N ASP E 236 2.28 -57.41 1.01
CA ASP E 236 3.25 -57.08 2.10
C ASP E 236 2.51 -56.42 3.28
N PHE E 237 1.43 -55.69 3.02
CA PHE E 237 0.62 -55.02 4.07
C PHE E 237 -0.86 -55.25 3.76
N VAL E 238 -1.68 -55.30 4.80
CA VAL E 238 -3.15 -55.52 4.65
C VAL E 238 -3.83 -54.15 4.64
N SER E 239 -4.59 -53.90 3.57
CA SER E 239 -5.60 -52.81 3.47
C SER E 239 -6.85 -53.25 4.24
N LEU E 240 -7.10 -52.66 5.41
CA LEU E 240 -8.33 -52.88 6.22
C LEU E 240 -9.42 -51.93 5.73
N GLY E 241 -10.61 -52.45 5.42
CA GLY E 241 -11.81 -51.63 5.14
C GLY E 241 -12.34 -51.04 6.43
N ASP E 242 -13.24 -50.05 6.31
CA ASP E 242 -13.88 -49.37 7.48
C ASP E 242 -14.49 -50.40 8.43
N ALA E 243 -15.11 -51.45 7.89
CA ALA E 243 -15.81 -52.51 8.66
C ALA E 243 -14.85 -53.44 9.42
N GLU E 244 -13.54 -53.37 9.13
CA GLU E 244 -12.53 -54.36 9.62
C GLU E 244 -11.67 -53.76 10.74
N ILE E 245 -12.02 -52.57 11.22
CA ILE E 245 -11.22 -51.73 12.16
C ILE E 245 -11.51 -52.19 13.58
N PRO E 246 -10.50 -52.31 14.48
CA PRO E 246 -10.78 -52.57 15.89
C PRO E 246 -11.78 -51.57 16.51
N LYS E 247 -12.35 -51.93 17.65
CA LYS E 247 -13.28 -51.07 18.46
C LYS E 247 -12.45 -50.02 19.21
N PHE E 265 -10.55 -61.91 8.13
CA PHE E 265 -9.41 -60.95 8.14
C PHE E 265 -8.17 -61.63 7.57
N LYS E 266 -7.32 -60.85 6.90
CA LYS E 266 -6.18 -61.37 6.10
C LYS E 266 -4.93 -61.34 6.99
N PRO E 267 -4.21 -62.49 7.14
CA PRO E 267 -2.94 -62.48 7.87
C PRO E 267 -1.99 -61.37 7.39
N SER E 268 -1.26 -60.77 8.31
CA SER E 268 -0.22 -59.73 8.04
C SER E 268 1.08 -60.14 8.69
N PRO E 269 1.91 -60.99 8.02
CA PRO E 269 3.06 -61.59 8.69
C PRO E 269 4.16 -60.58 9.04
N LEU E 270 4.17 -59.41 8.41
CA LEU E 270 5.10 -58.28 8.74
C LEU E 270 4.42 -57.31 9.72
N GLY E 271 3.16 -57.57 10.12
CA GLY E 271 2.38 -56.70 11.03
C GLY E 271 2.15 -55.31 10.46
N LEU E 272 2.02 -55.20 9.14
CA LEU E 272 1.82 -53.92 8.43
C LEU E 272 0.33 -53.75 8.12
N TYR E 273 -0.25 -52.62 8.51
CA TYR E 273 -1.69 -52.32 8.31
C TYR E 273 -1.91 -50.88 7.86
N GLU E 274 -2.91 -50.71 6.99
CA GLU E 274 -3.30 -49.39 6.47
C GLU E 274 -4.82 -49.40 6.24
N THR E 275 -5.47 -48.32 6.67
CA THR E 275 -6.87 -48.02 6.33
C THR E 275 -6.88 -46.76 5.48
N ALA E 276 -7.50 -46.83 4.30
CA ALA E 276 -7.80 -45.64 3.48
C ALA E 276 -9.16 -45.09 3.86
N GLY E 277 -9.28 -43.76 3.95
CA GLY E 277 -10.56 -43.04 4.11
C GLY E 277 -10.52 -41.75 3.32
N THR E 278 -11.67 -41.12 3.09
CA THR E 278 -11.77 -39.79 2.47
C THR E 278 -12.33 -38.79 3.48
N ILE E 279 -12.28 -37.49 3.21
CA ILE E 279 -12.70 -36.42 4.15
C ILE E 279 -14.20 -36.20 4.05
N ASN E 280 -14.76 -36.05 2.84
CA ASN E 280 -16.22 -36.11 2.61
C ASN E 280 -16.54 -37.58 2.30
N ASP E 281 -17.60 -37.88 1.57
CA ASP E 281 -18.04 -39.30 1.40
C ASP E 281 -17.54 -39.82 0.04
N SER E 282 -17.02 -38.96 -0.83
CA SER E 282 -16.55 -39.31 -2.19
C SER E 282 -15.03 -39.39 -2.24
N TRP E 283 -14.48 -40.25 -3.09
CA TRP E 283 -13.02 -40.28 -3.37
C TRP E 283 -12.68 -39.22 -4.43
N GLY E 284 -13.37 -39.22 -5.56
CA GLY E 284 -13.28 -38.14 -6.55
C GLY E 284 -14.02 -36.90 -6.06
N PHE E 285 -13.59 -35.73 -6.53
CA PHE E 285 -14.21 -34.42 -6.28
C PHE E 285 -15.70 -34.46 -6.62
N SER E 286 -16.53 -33.91 -5.71
CA SER E 286 -17.98 -33.81 -5.92
C SER E 286 -18.48 -32.46 -5.40
N TYR E 287 -19.03 -31.60 -6.26
CA TYR E 287 -19.54 -30.24 -5.90
C TYR E 287 -20.55 -30.38 -4.75
N HIS E 288 -21.46 -31.34 -4.88
CA HIS E 288 -22.67 -31.45 -4.00
C HIS E 288 -22.33 -32.07 -2.65
N ASP E 289 -21.18 -32.74 -2.52
CA ASP E 289 -20.80 -33.43 -1.26
C ASP E 289 -20.00 -32.45 -0.39
N GLN E 290 -20.70 -31.82 0.55
CA GLN E 290 -20.10 -30.92 1.56
C GLN E 290 -20.07 -31.60 2.92
N ASN E 291 -20.08 -32.93 2.96
CA ASN E 291 -20.15 -33.74 4.22
C ASN E 291 -18.72 -34.01 4.70
N TRP E 292 -17.97 -32.93 4.93
CA TRP E 292 -16.55 -32.96 5.35
C TRP E 292 -16.47 -33.48 6.79
N LYS E 293 -15.77 -34.58 7.03
CA LYS E 293 -15.45 -34.99 8.44
C LYS E 293 -14.80 -33.81 9.15
N THR E 294 -15.21 -33.49 10.38
CA THR E 294 -14.61 -32.39 11.18
C THR E 294 -13.16 -32.71 11.53
N PRO E 295 -12.35 -31.68 11.83
CA PRO E 295 -11.01 -31.86 12.34
C PRO E 295 -10.98 -32.84 13.51
N ARG E 296 -11.91 -32.75 14.46
CA ARG E 296 -11.97 -33.67 15.63
C ARG E 296 -12.15 -35.11 15.14
N THR E 297 -13.05 -35.34 14.17
CA THR E 297 -13.32 -36.68 13.61
C THR E 297 -12.03 -37.21 12.94
N LEU E 298 -11.36 -36.40 12.12
CA LEU E 298 -10.12 -36.79 11.40
C LEU E 298 -9.02 -37.15 12.41
N TYR E 299 -8.80 -36.31 13.43
CA TYR E 299 -7.71 -36.49 14.42
C TYR E 299 -8.00 -37.74 15.26
N ARG E 300 -9.21 -37.88 15.77
CA ARG E 300 -9.59 -39.00 16.65
C ARG E 300 -9.51 -40.33 15.88
N TYR E 301 -9.98 -40.38 14.64
CA TYR E 301 -9.87 -41.62 13.82
C TYR E 301 -8.38 -41.96 13.60
N LYS E 302 -7.58 -40.95 13.29
CA LYS E 302 -6.11 -41.13 13.10
C LYS E 302 -5.52 -41.73 14.38
N GLN E 303 -5.78 -41.12 15.53
CA GLN E 303 -5.22 -41.53 16.84
C GLN E 303 -5.63 -43.00 17.10
N HIS E 304 -6.89 -43.34 16.86
CA HIS E 304 -7.43 -44.71 17.04
C HIS E 304 -6.67 -45.69 16.15
N LEU E 305 -6.62 -45.44 14.83
CA LEU E 305 -5.88 -46.30 13.88
C LEU E 305 -4.42 -46.45 14.34
N ASN E 306 -3.70 -45.35 14.60
CA ASN E 306 -2.26 -45.36 14.95
C ASN E 306 -2.04 -46.18 16.24
N ASP E 307 -2.96 -46.08 17.21
CA ASP E 307 -2.87 -46.80 18.51
C ASP E 307 -2.88 -48.31 18.28
N PHE E 308 -3.53 -48.77 17.19
CA PHE E 308 -3.64 -50.20 16.81
C PHE E 308 -2.56 -50.59 15.80
N GLY E 309 -1.60 -49.71 15.53
CA GLY E 309 -0.51 -49.95 14.56
C GLY E 309 -1.01 -49.89 13.12
N ILE E 310 -2.06 -49.10 12.86
CA ILE E 310 -2.63 -48.95 11.48
C ILE E 310 -2.30 -47.57 10.93
N ASN E 311 -1.78 -47.52 9.72
CA ASN E 311 -1.55 -46.26 8.96
C ASN E 311 -2.91 -45.74 8.49
N TYR E 312 -3.12 -44.42 8.62
CA TYR E 312 -4.28 -43.70 8.05
C TYR E 312 -3.85 -43.07 6.72
N LEU E 313 -4.34 -43.63 5.62
CA LEU E 313 -4.19 -43.04 4.26
C LEU E 313 -5.44 -42.20 3.98
N LEU E 314 -5.30 -40.87 3.98
CA LEU E 314 -6.43 -39.92 3.96
C LEU E 314 -6.48 -39.22 2.59
N ASN E 315 -7.57 -39.46 1.87
CA ASN E 315 -7.80 -39.10 0.46
C ASN E 315 -8.21 -37.64 0.30
N VAL E 316 -7.60 -36.96 -0.66
CA VAL E 316 -8.08 -35.67 -1.22
C VAL E 316 -8.54 -35.96 -2.65
N GLY E 317 -9.69 -35.42 -3.02
CA GLY E 317 -10.20 -35.39 -4.40
C GLY E 317 -9.96 -34.04 -5.02
N LEU E 318 -8.92 -33.89 -5.87
CA LEU E 318 -8.57 -32.60 -6.49
C LEU E 318 -9.71 -32.15 -7.40
N ASP E 319 -9.92 -30.83 -7.45
CA ASP E 319 -11.03 -30.22 -8.20
C ASP E 319 -10.60 -30.11 -9.66
N PRO E 320 -11.48 -29.61 -10.55
CA PRO E 320 -11.14 -29.48 -11.96
C PRO E 320 -9.93 -28.58 -12.26
N LEU E 321 -9.59 -27.64 -11.37
CA LEU E 321 -8.45 -26.72 -11.60
C LEU E 321 -7.18 -27.29 -10.95
N GLY E 322 -7.25 -28.51 -10.40
CA GLY E 322 -6.10 -29.22 -9.81
C GLY E 322 -5.87 -28.83 -8.36
N ARG E 323 -6.94 -28.38 -7.68
CA ARG E 323 -6.83 -27.78 -6.33
C ARG E 323 -7.32 -28.78 -5.29
N VAL E 324 -6.69 -28.75 -4.12
CA VAL E 324 -7.23 -29.31 -2.86
C VAL E 324 -8.45 -28.45 -2.49
N PRO E 325 -9.66 -29.02 -2.37
CA PRO E 325 -10.81 -28.23 -1.96
C PRO E 325 -10.49 -27.45 -0.68
N MET E 326 -10.96 -26.21 -0.61
CA MET E 326 -10.79 -25.30 0.56
C MET E 326 -11.11 -26.04 1.86
N MET E 327 -12.21 -26.78 1.91
CA MET E 327 -12.65 -27.40 3.19
C MET E 327 -11.78 -28.63 3.50
N ALA E 328 -11.31 -29.39 2.48
CA ALA E 328 -10.37 -30.51 2.68
C ALA E 328 -9.09 -29.96 3.33
N GLU E 329 -8.54 -28.87 2.80
CA GLU E 329 -7.32 -28.24 3.32
C GLU E 329 -7.54 -27.69 4.73
N GLU E 330 -8.65 -26.97 4.99
CA GLU E 330 -8.90 -26.40 6.33
C GLU E 330 -9.01 -27.51 7.35
N ASN E 331 -9.71 -28.60 7.02
CA ASN E 331 -9.98 -29.68 7.99
C ASN E 331 -8.70 -30.48 8.23
N LEU E 332 -7.88 -30.69 7.20
CA LEU E 332 -6.55 -31.34 7.39
C LEU E 332 -5.68 -30.54 8.35
N LEU E 333 -5.55 -29.22 8.13
CA LEU E 333 -4.69 -28.35 8.95
C LEU E 333 -5.25 -28.24 10.38
N ALA E 334 -6.57 -28.18 10.55
CA ALA E 334 -7.20 -28.09 11.89
C ALA E 334 -7.02 -29.42 12.64
N ALA E 335 -7.12 -30.55 11.97
CA ALA E 335 -6.90 -31.90 12.57
C ALA E 335 -5.46 -31.98 13.06
N LYS E 336 -4.50 -31.41 12.31
CA LYS E 336 -3.08 -31.37 12.68
C LYS E 336 -2.89 -30.49 13.92
N ALA E 337 -3.58 -29.33 13.99
CA ALA E 337 -3.48 -28.41 15.16
C ALA E 337 -4.03 -29.13 16.41
N LEU E 338 -5.14 -29.86 16.29
CA LEU E 338 -5.72 -30.65 17.41
C LEU E 338 -4.72 -31.74 17.83
N GLU E 339 -4.13 -32.44 16.87
CA GLU E 339 -3.17 -33.55 17.11
C GLU E 339 -1.95 -33.03 17.88
N ASP E 340 -1.37 -31.92 17.41
CA ASP E 340 -0.16 -31.32 18.02
C ASP E 340 -0.47 -30.88 19.44
N GLU E 341 -1.61 -30.22 19.64
CA GLU E 341 -2.09 -29.76 20.99
C GLU E 341 -2.24 -30.97 21.92
N ALA E 342 -2.89 -32.04 21.46
CA ALA E 342 -3.13 -33.26 22.26
C ALA E 342 -1.80 -33.90 22.65
N ASN E 343 -0.79 -33.85 21.77
CA ASN E 343 0.51 -34.55 21.95
C ASN E 343 1.47 -33.72 22.82
N ARG E 344 1.22 -32.42 22.99
CA ARG E 344 2.00 -31.56 23.92
C ARG E 344 1.49 -31.76 25.35
N LEU E 345 0.17 -31.62 25.55
CA LEU E 345 -0.49 -31.77 26.87
C LEU E 345 -0.52 -33.26 27.24
N MET F 1 62.74 23.14 -67.61
CA MET F 1 61.50 23.13 -66.78
C MET F 1 61.88 23.17 -65.29
N ASN F 2 60.89 23.09 -64.40
CA ASN F 2 61.07 23.14 -62.92
C ASN F 2 61.36 21.73 -62.39
N ASP F 3 62.63 21.41 -62.17
CA ASP F 3 63.07 20.07 -61.70
C ASP F 3 63.18 20.10 -60.18
N ASN F 4 62.72 21.18 -59.53
CA ASN F 4 62.35 21.14 -58.09
C ASN F 4 61.20 20.15 -57.91
N VAL F 5 60.34 19.98 -58.93
CA VAL F 5 59.22 18.99 -58.89
C VAL F 5 59.82 17.59 -58.66
N ALA F 6 60.66 17.12 -59.59
CA ALA F 6 61.35 15.81 -59.48
C ALA F 6 62.18 15.79 -58.18
N TRP F 7 62.91 16.86 -57.89
CA TRP F 7 63.75 16.95 -56.66
C TRP F 7 62.88 16.76 -55.41
N PHE F 8 61.73 17.44 -55.34
CA PHE F 8 60.84 17.40 -54.15
C PHE F 8 60.29 15.98 -53.95
N LYS F 9 59.95 15.32 -55.05
CA LYS F 9 59.36 13.96 -55.05
C LYS F 9 60.30 12.98 -54.31
N GLN F 10 61.62 13.16 -54.42
CA GLN F 10 62.64 12.19 -53.92
C GLN F 10 63.37 12.75 -52.69
N ALA F 11 62.96 13.92 -52.20
CA ALA F 11 63.69 14.67 -51.15
C ALA F 11 63.52 13.99 -49.80
N LYS F 12 62.32 13.46 -49.51
CA LYS F 12 62.01 12.52 -48.39
C LYS F 12 62.05 13.20 -47.01
N TYR F 13 62.97 14.14 -46.77
CA TYR F 13 63.32 14.60 -45.40
C TYR F 13 63.80 16.07 -45.44
N GLY F 14 63.18 16.91 -44.62
CA GLY F 14 63.54 18.33 -44.42
C GLY F 14 63.61 18.68 -42.95
N MET F 15 64.36 19.74 -42.62
CA MET F 15 64.36 20.36 -41.29
C MET F 15 63.50 21.61 -41.33
N MET F 16 62.58 21.74 -40.38
CA MET F 16 61.85 23.01 -40.10
C MET F 16 62.49 23.66 -38.88
N ILE F 17 62.52 24.99 -38.85
CA ILE F 17 63.00 25.78 -37.69
C ILE F 17 61.91 26.73 -37.27
N HIS F 18 61.47 26.65 -36.02
CA HIS F 18 60.67 27.71 -35.35
C HIS F 18 61.61 28.43 -34.39
N TRP F 19 61.77 29.73 -34.59
CA TRP F 19 62.59 30.61 -33.75
C TRP F 19 62.01 32.02 -33.76
N GLY F 20 61.83 32.60 -32.58
CA GLY F 20 61.32 33.97 -32.41
C GLY F 20 61.37 34.44 -30.96
N LEU F 21 60.74 35.58 -30.70
CA LEU F 21 60.62 36.17 -29.36
C LEU F 21 59.98 35.15 -28.40
N TYR F 22 59.02 34.37 -28.90
CA TYR F 22 58.29 33.35 -28.11
C TYR F 22 59.30 32.33 -27.53
N SER F 23 60.41 32.09 -28.21
CA SER F 23 61.47 31.16 -27.77
C SER F 23 62.07 31.58 -26.43
N LEU F 24 62.10 32.88 -26.13
CA LEU F 24 62.72 33.40 -24.87
C LEU F 24 61.81 33.06 -23.67
N LEU F 25 60.48 33.15 -23.80
CA LEU F 25 59.52 32.79 -22.72
C LEU F 25 59.54 31.27 -22.49
N ALA F 26 59.85 30.49 -23.54
CA ALA F 26 60.17 29.05 -23.46
C ALA F 26 59.02 28.29 -22.78
N GLY F 27 57.80 28.64 -23.12
CA GLY F 27 56.57 27.88 -22.79
C GLY F 27 56.01 28.24 -21.43
N GLU F 28 56.46 29.35 -20.87
CA GLU F 28 56.14 29.78 -19.50
C GLU F 28 55.90 31.29 -19.48
N TYR F 29 54.85 31.73 -18.78
CA TYR F 29 54.54 33.18 -18.60
C TYR F 29 53.95 33.42 -17.22
N ARG F 30 54.64 34.22 -16.40
CA ARG F 30 54.22 34.62 -15.03
C ARG F 30 53.70 33.41 -14.27
N GLY F 31 54.50 32.34 -14.25
CA GLY F 31 54.24 31.14 -13.43
C GLY F 31 53.22 30.20 -14.06
N GLU F 32 52.82 30.40 -15.32
CA GLU F 32 51.81 29.53 -15.96
C GLU F 32 52.32 28.98 -17.28
N SER F 33 51.74 27.85 -17.70
CA SER F 33 52.22 27.09 -18.87
C SER F 33 51.54 27.62 -20.13
N SER F 34 52.28 27.71 -21.23
CA SER F 34 51.70 27.78 -22.59
C SER F 34 50.78 26.58 -22.78
N SER F 35 50.00 26.55 -23.86
CA SER F 35 49.44 25.29 -24.41
C SER F 35 50.61 24.43 -24.91
N ALA F 36 50.34 23.30 -25.54
CA ALA F 36 51.37 22.43 -26.14
C ALA F 36 52.21 23.25 -27.13
N TYR F 37 51.67 24.32 -27.72
CA TYR F 37 52.36 25.18 -28.71
C TYR F 37 52.90 26.44 -28.02
N ALA F 38 54.19 26.44 -27.66
CA ALA F 38 54.86 27.54 -26.93
C ALA F 38 54.95 28.79 -27.82
N GLU F 39 54.99 28.65 -29.15
CA GLU F 39 55.03 29.79 -30.11
C GLU F 39 53.71 30.57 -30.08
N TRP F 40 52.63 30.03 -29.52
CA TRP F 40 51.31 30.73 -29.39
C TRP F 40 51.19 31.49 -28.06
N ILE F 41 52.28 31.72 -27.33
CA ILE F 41 52.22 32.20 -25.92
C ILE F 41 51.64 33.61 -25.88
N GLN F 42 51.85 34.44 -26.91
CA GLN F 42 51.39 35.85 -26.88
C GLN F 42 49.86 35.87 -26.83
N SER F 43 49.22 35.03 -27.65
CA SER F 43 47.73 34.89 -27.72
C SER F 43 47.20 34.21 -26.46
N LYS F 44 47.92 33.18 -25.98
CA LYS F 44 47.54 32.34 -24.82
C LYS F 44 47.33 33.23 -23.58
N PHE F 45 48.20 34.23 -23.36
CA PHE F 45 48.16 35.09 -22.16
C PHE F 45 47.82 36.54 -22.55
N GLN F 46 47.41 36.78 -23.80
CA GLN F 46 47.06 38.13 -24.32
C GLN F 46 48.13 39.14 -23.88
N ILE F 47 49.40 38.84 -24.15
CA ILE F 47 50.55 39.71 -23.73
C ILE F 47 50.53 40.95 -24.61
N PRO F 48 50.35 42.16 -24.05
CA PRO F 48 50.33 43.38 -24.87
C PRO F 48 51.60 43.50 -25.73
N ASN F 49 51.45 44.00 -26.96
CA ASN F 49 52.56 44.26 -27.92
C ASN F 49 53.73 45.03 -27.26
N ALA F 50 53.47 46.06 -26.45
CA ALA F 50 54.54 46.85 -25.79
C ALA F 50 55.46 45.92 -24.97
N GLU F 51 54.87 45.06 -24.13
CA GLU F 51 55.60 44.10 -23.26
C GLU F 51 56.23 42.99 -24.12
N TYR F 52 55.44 42.30 -24.95
CA TYR F 52 55.91 41.15 -25.76
C TYR F 52 57.06 41.62 -26.65
N GLY F 53 56.88 42.76 -27.34
CA GLY F 53 57.91 43.37 -28.21
C GLY F 53 59.21 43.66 -27.47
N ASN F 54 59.15 44.00 -26.18
CA ASN F 54 60.35 44.30 -25.36
C ASN F 54 61.23 43.03 -25.25
N LEU F 55 60.69 41.83 -25.44
CA LEU F 55 61.51 40.59 -25.48
C LEU F 55 62.65 40.74 -26.51
N ALA F 56 62.41 41.50 -27.59
CA ALA F 56 63.46 41.78 -28.61
C ALA F 56 64.72 42.34 -27.94
N THR F 57 64.58 43.17 -26.90
CA THR F 57 65.75 43.80 -26.22
C THR F 57 66.60 42.73 -25.52
N ALA F 58 66.04 41.54 -25.29
CA ALA F 58 66.71 40.43 -24.57
C ALA F 58 67.12 39.33 -25.56
N PHE F 59 66.90 39.52 -26.86
CA PHE F 59 67.23 38.50 -27.89
C PHE F 59 68.69 38.65 -28.26
N ASN F 60 69.56 37.80 -27.67
CA ASN F 60 71.02 37.80 -27.94
C ASN F 60 71.53 36.36 -27.92
N PRO F 61 71.14 35.55 -28.91
CA PRO F 61 71.53 34.13 -28.96
C PRO F 61 73.00 33.90 -29.37
N LEU F 62 73.90 33.96 -28.40
CA LEU F 62 75.37 33.95 -28.61
C LEU F 62 75.83 32.65 -29.29
N TYR F 63 75.06 31.55 -29.23
CA TYR F 63 75.51 30.23 -29.75
C TYR F 63 74.80 29.93 -31.08
N PHE F 64 74.06 30.87 -31.66
CA PHE F 64 73.44 30.67 -33.00
C PHE F 64 74.57 30.44 -34.03
N ASP F 65 74.50 29.31 -34.72
CA ASP F 65 75.47 28.97 -35.80
C ASP F 65 74.70 28.27 -36.92
N ALA F 66 74.40 29.03 -37.97
CA ALA F 66 73.63 28.55 -39.15
C ALA F 66 74.36 27.37 -39.82
N LYS F 67 75.69 27.42 -39.85
CA LYS F 67 76.53 26.35 -40.44
C LYS F 67 76.34 25.06 -39.65
N LYS F 68 76.37 25.10 -38.31
CA LYS F 68 76.24 23.88 -37.46
C LYS F 68 74.81 23.33 -37.57
N ILE F 69 73.82 24.20 -37.71
CA ILE F 69 72.41 23.77 -37.83
C ILE F 69 72.24 23.05 -39.19
N VAL F 70 72.85 23.58 -40.24
CA VAL F 70 72.74 22.99 -41.60
C VAL F 70 73.51 21.67 -41.63
N ALA F 71 74.68 21.61 -40.99
CA ALA F 71 75.51 20.39 -40.88
C ALA F 71 74.75 19.27 -40.17
N LEU F 72 73.95 19.58 -39.14
CA LEU F 72 73.08 18.58 -38.45
C LEU F 72 72.04 18.04 -39.44
N ALA F 73 71.33 18.92 -40.14
CA ALA F 73 70.31 18.54 -41.14
C ALA F 73 70.95 17.64 -42.19
N LYS F 74 72.13 18.02 -42.69
CA LYS F 74 72.83 17.27 -43.77
C LYS F 74 73.23 15.88 -43.25
N GLN F 75 73.82 15.79 -42.06
CA GLN F 75 74.22 14.51 -41.42
C GLN F 75 72.98 13.59 -41.31
N CYS F 76 71.80 14.17 -41.13
CA CYS F 76 70.53 13.39 -40.96
C CYS F 76 69.91 12.99 -42.31
N GLY F 77 70.52 13.39 -43.43
CA GLY F 77 70.02 13.10 -44.79
C GLY F 77 68.88 14.02 -45.17
N MET F 78 68.74 15.15 -44.46
CA MET F 78 67.69 16.17 -44.81
C MET F 78 68.21 16.94 -46.04
N GLN F 79 67.35 17.17 -47.02
CA GLN F 79 67.76 17.77 -48.32
C GLN F 79 67.32 19.23 -48.40
N TYR F 80 66.58 19.70 -47.40
CA TYR F 80 66.10 21.10 -47.33
C TYR F 80 65.80 21.51 -45.90
N LEU F 81 65.72 22.82 -45.74
CA LEU F 81 65.49 23.53 -44.47
C LEU F 81 64.42 24.59 -44.73
N VAL F 82 63.37 24.58 -43.92
CA VAL F 82 62.26 25.57 -43.93
C VAL F 82 62.32 26.33 -42.61
N VAL F 83 62.37 27.66 -42.65
CA VAL F 83 62.53 28.47 -41.41
C VAL F 83 61.45 29.55 -41.34
N THR F 84 60.93 29.80 -40.14
CA THR F 84 59.99 30.88 -39.81
C THR F 84 60.64 32.23 -40.08
N THR F 85 60.21 32.93 -41.13
CA THR F 85 60.64 34.31 -41.45
C THR F 85 59.79 35.29 -40.64
N LYS F 86 58.54 34.95 -40.37
CA LYS F 86 57.59 35.73 -39.52
C LYS F 86 56.43 34.82 -39.10
N HIS F 87 56.31 34.56 -37.80
CA HIS F 87 55.26 33.72 -37.21
C HIS F 87 54.06 34.63 -36.88
N HIS F 88 53.04 34.09 -36.22
CA HIS F 88 51.73 34.77 -35.97
C HIS F 88 51.94 36.08 -35.21
N ASP F 89 53.00 36.18 -34.41
CA ASP F 89 53.27 37.35 -33.54
C ASP F 89 53.63 38.55 -34.42
N GLY F 90 54.03 38.30 -35.66
CA GLY F 90 54.32 39.35 -36.66
C GLY F 90 55.75 39.86 -36.55
N PHE F 91 56.61 39.21 -35.77
CA PHE F 91 58.03 39.61 -35.59
C PHE F 91 58.89 38.96 -36.70
N ALA F 92 59.49 39.76 -37.58
CA ALA F 92 60.26 39.24 -38.72
C ALA F 92 61.63 38.77 -38.24
N MET F 93 62.12 37.62 -38.72
CA MET F 93 63.43 37.03 -38.34
C MET F 93 64.46 37.29 -39.43
N TYR F 94 64.20 38.33 -40.22
CA TYR F 94 65.09 38.82 -41.31
C TYR F 94 65.06 40.34 -41.24
N HIS F 95 65.98 41.01 -41.94
CA HIS F 95 66.06 42.48 -41.95
C HIS F 95 64.99 43.02 -42.90
N SER F 96 63.79 43.31 -42.39
CA SER F 96 62.65 43.83 -43.16
C SER F 96 62.80 45.36 -43.29
N LYS F 97 62.79 45.88 -44.51
CA LYS F 97 62.88 47.33 -44.77
C LYS F 97 61.53 47.96 -44.40
N VAL F 98 60.42 47.25 -44.62
CA VAL F 98 59.04 47.81 -44.46
C VAL F 98 58.65 47.84 -42.97
N ASP F 99 59.21 46.99 -42.11
CA ASP F 99 58.82 46.91 -40.68
C ASP F 99 60.06 46.73 -39.80
N ALA F 100 60.28 47.67 -38.87
CA ALA F 100 61.43 47.71 -37.95
C ALA F 100 61.26 46.66 -36.83
N TYR F 101 60.08 46.07 -36.71
CA TYR F 101 59.76 44.98 -35.76
C TYR F 101 60.35 43.68 -36.29
N ASN F 102 61.68 43.57 -36.22
CA ASN F 102 62.43 42.46 -36.84
C ASN F 102 63.73 42.24 -36.05
N VAL F 103 64.33 41.06 -36.22
CA VAL F 103 65.47 40.54 -35.44
C VAL F 103 66.71 41.41 -35.68
N TYR F 104 66.81 42.04 -36.85
CA TYR F 104 67.96 42.88 -37.24
C TYR F 104 67.92 44.21 -36.52
N ASP F 105 66.79 44.91 -36.61
CA ASP F 105 66.62 46.30 -36.12
C ASP F 105 66.38 46.35 -34.61
N ALA F 106 65.62 45.40 -34.05
CA ALA F 106 65.03 45.51 -32.69
C ALA F 106 65.84 44.76 -31.62
N THR F 107 66.82 43.93 -32.00
CA THR F 107 67.56 43.10 -31.02
C THR F 107 69.02 43.51 -31.00
N PRO F 108 69.70 43.33 -29.83
CA PRO F 108 71.15 43.51 -29.73
C PRO F 108 71.95 42.51 -30.57
N PHE F 109 71.33 41.41 -30.99
CA PHE F 109 71.97 40.40 -31.85
C PHE F 109 72.30 41.03 -33.21
N HIS F 110 71.34 41.80 -33.72
CA HIS F 110 71.54 42.76 -34.85
C HIS F 110 72.06 41.99 -36.06
N ARG F 111 71.44 40.84 -36.36
CA ARG F 111 71.86 39.96 -37.47
C ARG F 111 70.64 39.44 -38.23
N ASP F 112 70.81 39.23 -39.54
CA ASP F 112 69.79 38.62 -40.42
C ASP F 112 69.92 37.10 -40.37
N ILE F 113 69.06 36.44 -39.57
CA ILE F 113 69.12 34.98 -39.29
C ILE F 113 68.71 34.20 -40.53
N ILE F 114 67.72 34.69 -41.27
CA ILE F 114 67.27 34.08 -42.56
C ILE F 114 68.45 34.12 -43.54
N GLY F 115 69.13 35.27 -43.66
CA GLY F 115 70.30 35.46 -44.53
C GLY F 115 71.42 34.48 -44.21
N GLU F 116 71.71 34.28 -42.92
CA GLU F 116 72.80 33.39 -42.47
C GLU F 116 72.41 31.93 -42.78
N LEU F 117 71.12 31.57 -42.62
CA LEU F 117 70.64 30.20 -42.96
C LEU F 117 70.63 30.02 -44.48
N ALA F 118 70.21 31.03 -45.26
CA ALA F 118 70.25 30.99 -46.74
C ALA F 118 71.69 30.70 -47.21
N GLU F 119 72.66 31.45 -46.69
CA GLU F 119 74.09 31.30 -47.06
C GLU F 119 74.58 29.89 -46.66
N ALA F 120 74.26 29.43 -45.45
CA ALA F 120 74.69 28.12 -44.93
C ALA F 120 74.14 26.97 -45.79
N CYS F 121 72.86 27.06 -46.17
CA CYS F 121 72.15 26.06 -47.03
C CYS F 121 72.77 26.02 -48.44
N GLN F 122 73.08 27.18 -49.00
CA GLN F 122 73.70 27.31 -50.35
C GLN F 122 75.05 26.58 -50.34
N LYS F 123 75.88 26.80 -49.32
CA LYS F 123 77.26 26.27 -49.26
C LYS F 123 77.26 24.76 -49.05
N ALA F 124 76.23 24.23 -48.38
CA ALA F 124 76.13 22.79 -48.02
C ALA F 124 75.34 22.02 -49.08
N GLY F 125 74.75 22.72 -50.06
CA GLY F 125 73.93 22.12 -51.13
C GLY F 125 72.56 21.70 -50.66
N LEU F 126 72.01 22.32 -49.61
CA LEU F 126 70.61 22.08 -49.18
C LEU F 126 69.70 23.12 -49.82
N LYS F 127 68.48 22.69 -50.21
CA LYS F 127 67.43 23.60 -50.72
C LYS F 127 66.88 24.40 -49.54
N PHE F 128 66.39 25.61 -49.79
CA PHE F 128 66.01 26.56 -48.72
C PHE F 128 64.58 26.99 -48.92
N GLY F 129 63.77 26.82 -47.87
CA GLY F 129 62.34 27.13 -47.85
C GLY F 129 62.01 28.15 -46.77
N LEU F 130 60.90 28.86 -46.95
CA LEU F 130 60.50 29.99 -46.08
C LEU F 130 59.08 29.80 -45.61
N TYR F 131 58.91 29.86 -44.29
CA TYR F 131 57.61 29.92 -43.59
C TYR F 131 57.25 31.40 -43.37
N TYR F 132 56.03 31.79 -43.68
CA TYR F 132 55.50 33.17 -43.47
C TYR F 132 54.02 33.08 -43.10
N SER F 133 53.67 33.65 -41.95
CA SER F 133 52.25 33.84 -41.47
C SER F 133 51.60 34.99 -42.24
N GLN F 134 50.95 34.69 -43.38
CA GLN F 134 50.38 35.68 -44.33
C GLN F 134 49.03 36.21 -43.82
N ASP F 135 48.39 35.48 -42.90
CA ASP F 135 47.02 35.80 -42.42
C ASP F 135 47.12 36.42 -41.02
N LEU F 136 47.58 35.65 -40.03
CA LEU F 136 47.66 36.09 -38.62
C LEU F 136 48.90 36.99 -38.47
N ASP F 137 48.71 38.14 -37.81
CA ASP F 137 49.80 39.08 -37.44
C ASP F 137 49.31 39.87 -36.22
N TRP F 138 49.78 39.46 -35.03
CA TRP F 138 49.32 40.00 -33.72
C TRP F 138 49.91 41.41 -33.49
N HIS F 139 50.97 41.76 -34.20
CA HIS F 139 51.59 43.10 -34.15
C HIS F 139 50.81 44.10 -35.00
N ASP F 140 50.05 43.64 -35.99
CA ASP F 140 49.33 44.54 -36.92
C ASP F 140 47.91 44.77 -36.43
N PRO F 141 47.45 46.05 -36.36
CA PRO F 141 46.08 46.36 -36.00
C PRO F 141 45.02 45.62 -36.83
N ASN F 142 45.32 45.33 -38.09
CA ASN F 142 44.39 44.69 -39.05
C ASN F 142 44.83 43.26 -39.37
N GLY F 143 45.63 42.65 -38.49
CA GLY F 143 46.04 41.23 -38.59
C GLY F 143 44.83 40.33 -38.66
N GLY F 144 44.94 39.19 -39.37
CA GLY F 144 43.81 38.30 -39.68
C GLY F 144 43.37 37.49 -38.47
N GLY F 145 42.23 36.79 -38.61
CA GLY F 145 41.72 35.85 -37.58
C GLY F 145 40.47 36.36 -36.89
N TYR F 146 40.15 37.65 -37.04
CA TYR F 146 39.05 38.35 -36.32
C TYR F 146 37.67 37.86 -36.79
N LYS F 147 37.61 36.98 -37.81
CA LYS F 147 36.31 36.42 -38.29
C LYS F 147 36.17 34.95 -37.83
N SER F 148 37.17 34.42 -37.13
CA SER F 148 37.34 32.95 -36.92
C SER F 148 37.24 32.56 -35.44
N ASN F 149 36.85 33.46 -34.54
CA ASN F 149 36.98 33.25 -33.07
C ASN F 149 35.82 32.39 -32.53
N ASP F 150 34.98 31.84 -33.39
CA ASP F 150 33.99 30.78 -33.05
C ASP F 150 34.66 29.41 -32.93
N VAL F 151 35.94 29.27 -33.32
CA VAL F 151 36.73 28.01 -33.15
C VAL F 151 37.91 28.27 -32.22
N GLU F 152 38.19 27.32 -31.32
CA GLU F 152 39.20 27.42 -30.24
C GLU F 152 40.61 27.40 -30.87
N THR F 153 41.62 27.91 -30.15
CA THR F 153 43.03 28.00 -30.63
C THR F 153 43.98 27.46 -29.57
N ALA F 154 45.26 27.35 -29.91
CA ALA F 154 46.37 27.00 -29.00
C ALA F 154 46.77 28.22 -28.14
N GLY F 155 46.06 29.35 -28.30
CA GLY F 155 46.16 30.55 -27.45
C GLY F 155 44.79 30.93 -26.92
N THR F 156 44.34 32.17 -27.16
CA THR F 156 42.93 32.60 -26.93
C THR F 156 42.27 32.78 -28.30
N THR F 157 42.38 33.97 -28.88
CA THR F 157 41.81 34.34 -30.21
C THR F 157 42.86 34.14 -31.30
N TRP F 158 42.40 34.01 -32.56
CA TRP F 158 43.28 33.89 -33.75
C TRP F 158 44.03 35.21 -33.96
N ASP F 159 43.36 36.34 -33.73
CA ASP F 159 43.90 37.72 -33.88
C ASP F 159 44.38 38.26 -32.53
N ASN F 160 45.09 39.40 -32.55
CA ASN F 160 45.33 40.24 -31.35
C ASN F 160 44.05 41.04 -31.06
N SER F 161 43.24 40.53 -30.12
CA SER F 161 41.95 41.10 -29.69
C SER F 161 42.10 41.90 -28.38
N TRP F 162 43.32 42.01 -27.84
CA TRP F 162 43.61 42.69 -26.54
C TRP F 162 44.17 44.08 -26.82
N ASP F 163 45.21 44.20 -27.64
CA ASP F 163 45.72 45.51 -28.11
C ASP F 163 44.74 46.14 -29.11
N PHE F 164 43.99 45.31 -29.85
CA PHE F 164 43.06 45.75 -30.93
C PHE F 164 41.69 45.11 -30.71
N PRO F 165 40.91 45.57 -29.70
CA PRO F 165 39.62 44.94 -29.37
C PRO F 165 38.40 45.32 -30.24
N ASP F 166 38.51 46.31 -31.13
CA ASP F 166 37.38 46.78 -31.97
C ASP F 166 37.33 45.93 -33.25
N GLU F 167 36.64 44.78 -33.18
CA GLU F 167 36.61 43.76 -34.27
C GLU F 167 35.87 44.30 -35.51
N ASP F 168 34.87 45.14 -35.33
CA ASP F 168 34.02 45.73 -36.40
C ASP F 168 34.82 46.74 -37.27
N GLN F 169 35.88 47.38 -36.74
CA GLN F 169 36.66 48.41 -37.45
C GLN F 169 37.86 47.73 -38.15
N LYS F 170 38.03 46.42 -37.98
CA LYS F 170 39.21 45.68 -38.49
C LYS F 170 38.99 45.38 -39.98
N ASN F 171 40.00 45.62 -40.79
CA ASN F 171 39.99 45.44 -42.26
C ASN F 171 41.35 44.85 -42.66
N PHE F 172 41.42 43.52 -42.79
CA PHE F 172 42.66 42.78 -43.14
C PHE F 172 43.34 43.39 -44.36
N ASP F 173 42.57 43.86 -45.36
CA ASP F 173 43.09 44.48 -46.60
C ASP F 173 44.26 45.42 -46.26
N LEU F 174 44.12 46.24 -45.22
CA LEU F 174 45.13 47.26 -44.81
C LEU F 174 46.44 46.56 -44.40
N CYS F 175 46.35 45.49 -43.61
CA CYS F 175 47.50 44.66 -43.19
C CYS F 175 48.10 43.99 -44.44
N PHE F 176 47.26 43.46 -45.32
CA PHE F 176 47.70 42.75 -46.55
C PHE F 176 48.52 43.69 -47.44
N ASP F 177 48.01 44.91 -47.64
CA ASP F 177 48.59 45.88 -48.60
C ASP F 177 49.89 46.46 -48.04
N ASN F 178 49.94 46.72 -46.73
CA ASN F 178 51.00 47.55 -46.10
C ASN F 178 52.09 46.68 -45.48
N LYS F 179 51.81 45.45 -45.06
CA LYS F 179 52.83 44.59 -44.41
C LYS F 179 53.00 43.25 -45.13
N ILE F 180 51.91 42.52 -45.33
CA ILE F 180 51.95 41.07 -45.72
C ILE F 180 52.66 40.95 -47.08
N LEU F 181 52.16 41.61 -48.12
CA LEU F 181 52.67 41.46 -49.51
C LEU F 181 54.03 42.12 -49.64
N PRO F 182 54.23 43.37 -49.16
CA PRO F 182 55.58 43.94 -49.12
C PRO F 182 56.62 42.98 -48.52
N GLN F 183 56.33 42.38 -47.36
CA GLN F 183 57.28 41.45 -46.67
C GLN F 183 57.47 40.19 -47.52
N ILE F 184 56.42 39.64 -48.12
CA ILE F 184 56.57 38.43 -48.98
C ILE F 184 57.52 38.75 -50.15
N LYS F 185 57.44 39.97 -50.70
CA LYS F 185 58.34 40.41 -51.80
C LYS F 185 59.79 40.44 -51.30
N GLU F 186 60.01 40.95 -50.08
CA GLU F 186 61.34 41.06 -49.43
C GLU F 186 62.00 39.67 -49.32
N ILE F 187 61.31 38.71 -48.72
CA ILE F 187 61.89 37.36 -48.45
C ILE F 187 62.11 36.63 -49.77
N MET F 188 61.30 36.92 -50.78
CA MET F 188 61.39 36.24 -52.10
C MET F 188 62.39 36.93 -53.03
N SER F 189 62.97 38.06 -52.61
CA SER F 189 63.88 38.90 -53.46
C SER F 189 65.31 38.85 -52.91
N ASN F 190 65.49 38.69 -51.60
CA ASN F 190 66.77 39.06 -50.94
C ASN F 190 67.62 37.86 -50.51
N TYR F 191 67.17 36.62 -50.63
CA TYR F 191 67.85 35.48 -49.96
C TYR F 191 68.17 34.34 -50.96
N GLY F 192 68.39 34.71 -52.21
CA GLY F 192 68.69 33.77 -53.32
C GLY F 192 67.48 32.89 -53.65
N ASP F 193 67.75 31.71 -54.23
CA ASP F 193 66.71 30.77 -54.71
C ASP F 193 65.95 30.15 -53.52
N ILE F 194 64.63 30.30 -53.53
CA ILE F 194 63.71 29.70 -52.52
C ILE F 194 63.04 28.48 -53.16
N ALA F 195 63.30 27.29 -52.63
CA ALA F 195 62.78 26.00 -53.14
C ALA F 195 61.32 25.81 -52.77
N THR F 196 60.95 26.23 -51.57
CA THR F 196 59.65 25.92 -50.93
C THR F 196 59.12 27.20 -50.26
N ALA F 197 57.81 27.39 -50.30
CA ALA F 197 57.08 28.51 -49.66
C ALA F 197 55.97 27.92 -48.77
N TRP F 198 56.08 28.18 -47.48
CA TRP F 198 55.25 27.57 -46.41
C TRP F 198 54.32 28.64 -45.84
N PHE F 199 53.11 28.74 -46.37
CA PHE F 199 52.08 29.67 -45.85
C PHE F 199 51.20 28.88 -44.88
N ASP F 200 50.57 29.60 -43.95
CA ASP F 200 49.84 28.98 -42.82
C ASP F 200 48.37 29.37 -42.93
N VAL F 201 47.64 29.13 -41.85
CA VAL F 201 46.16 28.94 -41.81
C VAL F 201 45.47 30.12 -42.48
N PRO F 202 44.92 29.93 -43.71
CA PRO F 202 44.30 31.02 -44.47
C PRO F 202 42.84 31.28 -44.09
N MET F 203 42.61 32.07 -43.06
CA MET F 203 41.29 32.23 -42.40
C MET F 203 40.60 33.51 -42.87
N THR F 204 41.38 34.51 -43.28
CA THR F 204 40.88 35.89 -43.55
C THR F 204 41.11 36.27 -45.01
N LEU F 205 42.23 35.84 -45.61
CA LEU F 205 42.62 36.08 -47.03
C LEU F 205 41.45 35.80 -47.96
N SER F 206 41.11 36.76 -48.83
CA SER F 206 40.26 36.55 -50.03
C SER F 206 41.02 35.68 -51.03
N GLU F 207 40.27 35.00 -51.90
CA GLU F 207 40.78 34.29 -53.10
C GLU F 207 41.78 35.19 -53.84
N ALA F 208 41.40 36.45 -54.11
CA ALA F 208 42.21 37.43 -54.86
C ALA F 208 43.56 37.67 -54.15
N GLN F 209 43.54 37.79 -52.82
CA GLN F 209 44.75 38.04 -51.99
C GLN F 209 45.67 36.81 -52.04
N SER F 210 45.11 35.60 -51.96
CA SER F 210 45.84 34.32 -52.15
C SER F 210 46.49 34.29 -53.54
N GLN F 211 45.72 34.67 -54.57
CA GLN F 211 46.15 34.69 -55.99
C GLN F 211 47.34 35.63 -56.13
N THR F 212 47.21 36.85 -55.58
CA THR F 212 48.27 37.90 -55.59
C THR F 212 49.56 37.35 -54.97
N ILE F 213 49.47 36.60 -53.86
CA ILE F 213 50.66 36.02 -53.19
C ILE F 213 51.29 34.98 -54.13
N TYR F 214 50.48 34.03 -54.60
CA TYR F 214 50.88 32.97 -55.56
C TYR F 214 51.63 33.63 -56.72
N ASP F 215 51.01 34.63 -57.37
CA ASP F 215 51.53 35.30 -58.59
C ASP F 215 52.86 35.98 -58.27
N THR F 216 52.98 36.58 -57.09
CA THR F 216 54.19 37.30 -56.60
C THR F 216 55.35 36.30 -56.44
N VAL F 217 55.11 35.18 -55.76
CA VAL F 217 56.14 34.13 -55.53
C VAL F 217 56.58 33.59 -56.90
N ARG F 218 55.63 33.26 -57.77
CA ARG F 218 55.88 32.78 -59.16
C ARG F 218 56.83 33.75 -59.90
N GLU F 219 56.56 35.06 -59.85
CA GLU F 219 57.35 36.10 -60.58
C GLU F 219 58.77 36.14 -60.01
N LEU F 220 58.89 36.26 -58.68
CA LEU F 220 60.18 36.47 -57.98
C LEU F 220 60.97 35.17 -57.91
N GLN F 221 60.27 34.04 -57.77
CA GLN F 221 60.90 32.71 -57.56
C GLN F 221 60.23 31.67 -58.45
N PRO F 222 60.49 31.71 -59.77
CA PRO F 222 59.81 30.84 -60.72
C PRO F 222 59.73 29.35 -60.31
N ASN F 223 60.74 28.81 -59.62
CA ASN F 223 60.82 27.34 -59.35
C ASN F 223 60.39 27.01 -57.91
N CYS F 224 59.91 28.00 -57.14
CA CYS F 224 59.46 27.82 -55.74
C CYS F 224 58.17 27.00 -55.70
N LEU F 225 58.14 25.91 -54.96
CA LEU F 225 56.92 25.08 -54.74
C LEU F 225 56.13 25.64 -53.55
N ILE F 226 54.88 25.99 -53.79
CA ILE F 226 53.97 26.64 -52.79
C ILE F 226 53.15 25.56 -52.09
N ASN F 227 53.04 25.66 -50.77
CA ASN F 227 52.34 24.71 -49.87
C ASN F 227 50.83 24.97 -49.99
N SER F 228 50.02 23.94 -49.77
CA SER F 228 48.55 23.94 -50.00
C SER F 228 47.80 24.84 -49.00
N ARG F 229 48.47 25.36 -47.97
CA ARG F 229 47.85 26.22 -46.93
C ARG F 229 48.00 27.71 -47.28
N LEU F 230 48.16 28.06 -48.56
CA LEU F 230 48.15 29.50 -48.98
C LEU F 230 46.70 29.96 -49.06
N GLY F 231 45.77 29.04 -49.35
CA GLY F 231 44.34 29.36 -49.43
C GLY F 231 43.77 29.03 -50.78
N ASN F 232 42.50 28.62 -50.79
CA ASN F 232 41.75 27.89 -51.85
C ASN F 232 42.49 27.81 -53.21
N GLY F 233 43.31 26.78 -53.44
CA GLY F 233 43.61 26.22 -54.78
C GLY F 233 44.85 26.81 -55.40
N LYS F 234 45.63 27.57 -54.63
CA LYS F 234 46.90 28.23 -55.06
C LYS F 234 48.11 27.51 -54.43
N TYR F 235 48.58 26.43 -55.05
CA TYR F 235 49.71 25.63 -54.48
C TYR F 235 50.30 24.65 -55.50
N ASP F 236 51.44 24.06 -55.14
CA ASP F 236 52.21 23.08 -55.94
C ASP F 236 52.31 21.74 -55.22
N PHE F 237 52.32 21.75 -53.89
CA PHE F 237 52.38 20.50 -53.05
C PHE F 237 51.36 20.63 -51.92
N VAL F 238 50.82 19.49 -51.49
CA VAL F 238 49.80 19.45 -50.40
C VAL F 238 50.56 19.17 -49.09
N SER F 239 50.34 20.07 -48.12
CA SER F 239 50.65 19.88 -46.68
C SER F 239 49.56 18.98 -46.09
N LEU F 240 49.90 17.71 -45.80
CA LEU F 240 48.99 16.76 -45.13
C LEU F 240 49.14 16.89 -43.61
N GLY F 241 48.03 17.05 -42.89
CA GLY F 241 47.96 16.83 -41.44
C GLY F 241 48.15 15.36 -41.12
N ASP F 242 48.53 15.01 -39.88
CA ASP F 242 48.72 13.61 -39.41
C ASP F 242 47.42 12.82 -39.68
N ALA F 243 46.26 13.45 -39.43
CA ALA F 243 44.92 12.82 -39.52
C ALA F 243 44.46 12.67 -40.98
N GLU F 244 45.20 13.21 -41.95
CA GLU F 244 44.73 13.31 -43.37
C GLU F 244 45.44 12.30 -44.25
N ILE F 245 46.27 11.42 -43.66
CA ILE F 245 46.92 10.29 -44.39
C ILE F 245 45.93 9.12 -44.51
N SER F 268 46.43 16.73 -55.43
CA SER F 268 47.86 17.01 -55.70
C SER F 268 48.20 16.60 -57.13
N PRO F 269 47.95 17.47 -58.13
CA PRO F 269 48.11 17.08 -59.53
C PRO F 269 49.58 16.81 -59.93
N LEU F 270 50.55 17.29 -59.16
CA LEU F 270 52.00 16.99 -59.35
C LEU F 270 52.42 15.79 -58.50
N GLY F 271 51.50 15.22 -57.70
CA GLY F 271 51.78 14.10 -56.77
C GLY F 271 52.81 14.46 -55.71
N LEU F 272 52.85 15.73 -55.29
CA LEU F 272 53.82 16.24 -54.29
C LEU F 272 53.11 16.30 -52.93
N TYR F 273 53.71 15.68 -51.92
CA TYR F 273 53.14 15.62 -50.54
C TYR F 273 54.22 15.84 -49.49
N GLU F 274 53.81 16.51 -48.42
CA GLU F 274 54.69 16.80 -47.25
C GLU F 274 53.85 16.81 -45.99
N THR F 275 54.33 16.16 -44.95
CA THR F 275 53.78 16.22 -43.58
C THR F 275 54.83 16.86 -42.68
N ALA F 276 54.46 17.93 -42.00
CA ALA F 276 55.29 18.57 -40.97
C ALA F 276 54.98 17.93 -39.61
N GLY F 277 56.00 17.68 -38.80
CA GLY F 277 55.89 17.26 -37.40
C GLY F 277 56.99 17.89 -36.59
N THR F 278 56.89 17.88 -35.26
CA THR F 278 57.93 18.38 -34.33
C THR F 278 58.42 17.21 -33.48
N ILE F 279 59.53 17.35 -32.77
CA ILE F 279 60.18 16.22 -32.03
C ILE F 279 59.51 16.05 -30.66
N ASN F 280 59.33 17.14 -29.90
CA ASN F 280 58.45 17.15 -28.70
C ASN F 280 57.05 17.57 -29.19
N ASP F 281 56.21 18.18 -28.35
CA ASP F 281 54.80 18.47 -28.75
C ASP F 281 54.66 19.93 -29.17
N SER F 282 55.68 20.74 -28.97
CA SER F 282 55.68 22.19 -29.29
C SER F 282 56.46 22.47 -30.56
N TRP F 283 56.07 23.50 -31.33
CA TRP F 283 56.88 23.98 -32.48
C TRP F 283 57.97 24.91 -31.98
N GLY F 284 57.61 25.95 -31.22
CA GLY F 284 58.59 26.78 -30.51
C GLY F 284 59.17 26.06 -29.32
N PHE F 285 60.39 26.45 -28.94
CA PHE F 285 61.11 25.93 -27.75
C PHE F 285 60.23 26.07 -26.49
N SER F 286 60.18 25.02 -25.69
CA SER F 286 59.44 25.02 -24.39
C SER F 286 60.27 24.27 -23.36
N TYR F 287 60.71 24.93 -22.27
CA TYR F 287 61.55 24.34 -21.19
C TYR F 287 60.85 23.08 -20.66
N HIS F 288 59.53 23.18 -20.42
CA HIS F 288 58.76 22.17 -19.65
C HIS F 288 58.43 20.95 -20.52
N ASP F 289 58.50 21.08 -21.84
CA ASP F 289 58.15 19.97 -22.77
C ASP F 289 59.41 19.14 -23.04
N GLN F 290 59.53 18.03 -22.31
CA GLN F 290 60.57 17.01 -22.49
C GLN F 290 59.97 15.77 -23.12
N ASN F 291 58.84 15.87 -23.82
CA ASN F 291 58.13 14.73 -24.48
C ASN F 291 58.73 14.49 -25.88
N TRP F 292 60.03 14.24 -25.94
CA TRP F 292 60.81 13.98 -27.18
C TRP F 292 60.41 12.65 -27.80
N LYS F 293 59.91 12.66 -29.04
CA LYS F 293 59.71 11.38 -29.78
C LYS F 293 61.06 10.64 -29.81
N THR F 294 61.05 9.33 -29.56
CA THR F 294 62.27 8.49 -29.56
C THR F 294 62.84 8.37 -30.97
N PRO F 295 64.16 8.09 -31.08
CA PRO F 295 64.78 7.83 -32.38
C PRO F 295 63.98 6.80 -33.19
N ARG F 296 63.53 5.71 -32.56
CA ARG F 296 62.74 4.66 -33.25
C ARG F 296 61.45 5.24 -33.80
N THR F 297 60.74 6.07 -33.01
CA THR F 297 59.50 6.75 -33.45
C THR F 297 59.80 7.66 -34.64
N LEU F 298 60.85 8.48 -34.59
CA LEU F 298 61.23 9.40 -35.68
C LEU F 298 61.53 8.61 -36.96
N TYR F 299 62.33 7.55 -36.88
CA TYR F 299 62.75 6.76 -38.05
C TYR F 299 61.53 6.03 -38.65
N ARG F 300 60.74 5.38 -37.82
CA ARG F 300 59.55 4.60 -38.28
C ARG F 300 58.52 5.52 -38.93
N TYR F 301 58.25 6.69 -38.36
CA TYR F 301 57.30 7.67 -38.95
C TYR F 301 57.84 8.13 -40.31
N LYS F 302 59.13 8.43 -40.37
CA LYS F 302 59.79 8.84 -41.64
C LYS F 302 59.60 7.73 -42.68
N GLN F 303 59.92 6.49 -42.34
CA GLN F 303 59.84 5.32 -43.28
C GLN F 303 58.40 5.21 -43.79
N HIS F 304 57.41 5.32 -42.88
CA HIS F 304 55.97 5.26 -43.21
C HIS F 304 55.60 6.37 -44.21
N LEU F 305 55.90 7.62 -43.90
CA LEU F 305 55.65 8.77 -44.81
C LEU F 305 56.30 8.54 -46.17
N ASN F 306 57.60 8.23 -46.19
CA ASN F 306 58.39 8.05 -47.44
C ASN F 306 57.78 6.93 -48.28
N ASP F 307 57.31 5.85 -47.66
CA ASP F 307 56.70 4.68 -48.34
C ASP F 307 55.44 5.10 -49.10
N PHE F 308 54.76 6.16 -48.64
CA PHE F 308 53.53 6.70 -49.26
C PHE F 308 53.86 7.88 -50.18
N GLY F 309 55.14 8.13 -50.45
CA GLY F 309 55.59 9.25 -51.30
C GLY F 309 55.41 10.60 -50.62
N ILE F 310 55.48 10.65 -49.29
CA ILE F 310 55.31 11.92 -48.51
C ILE F 310 56.66 12.33 -47.91
N ASN F 311 57.01 13.60 -48.07
CA ASN F 311 58.21 14.21 -47.43
C ASN F 311 57.88 14.41 -45.95
N TYR F 312 58.83 14.08 -45.08
CA TYR F 312 58.79 14.38 -43.63
C TYR F 312 59.55 15.66 -43.39
N LEU F 313 58.84 16.76 -43.09
CA LEU F 313 59.45 18.03 -42.63
C LEU F 313 59.46 18.02 -41.10
N LEU F 314 60.63 17.86 -40.48
CA LEU F 314 60.76 17.63 -39.02
C LEU F 314 61.33 18.88 -38.36
N ASN F 315 60.54 19.48 -37.45
CA ASN F 315 60.77 20.79 -36.81
C ASN F 315 61.74 20.71 -35.64
N VAL F 316 62.65 21.67 -35.58
CA VAL F 316 63.47 22.00 -34.39
C VAL F 316 63.01 23.37 -33.90
N GLY F 317 62.80 23.49 -32.59
CA GLY F 317 62.57 24.77 -31.91
C GLY F 317 63.82 25.24 -31.20
N LEU F 318 64.55 26.19 -31.78
CA LEU F 318 65.84 26.68 -31.21
C LEU F 318 65.58 27.36 -29.86
N ASP F 319 66.53 27.21 -28.95
CA ASP F 319 66.44 27.71 -27.56
C ASP F 319 66.81 29.19 -27.57
N PRO F 320 66.76 29.88 -26.42
CA PRO F 320 67.10 31.29 -26.34
C PRO F 320 68.54 31.64 -26.75
N LEU F 321 69.48 30.69 -26.68
CA LEU F 321 70.89 30.94 -27.07
C LEU F 321 71.11 30.57 -28.54
N GLY F 322 70.04 30.21 -29.26
CA GLY F 322 70.09 29.87 -30.69
C GLY F 322 70.46 28.43 -30.94
N ARG F 323 70.22 27.56 -29.95
CA ARG F 323 70.75 26.17 -29.96
C ARG F 323 69.64 25.20 -30.32
N VAL F 324 70.00 24.15 -31.04
CA VAL F 324 69.20 22.90 -31.17
C VAL F 324 69.20 22.26 -29.79
N PRO F 325 68.04 22.04 -29.14
CA PRO F 325 68.05 21.41 -27.83
C PRO F 325 68.83 20.08 -27.89
N MET F 326 69.61 19.81 -26.85
CA MET F 326 70.47 18.59 -26.72
C MET F 326 69.67 17.34 -27.13
N MET F 327 68.41 17.21 -26.66
CA MET F 327 67.66 15.96 -26.90
C MET F 327 67.16 15.92 -28.35
N ALA F 328 66.82 17.06 -28.97
CA ALA F 328 66.42 17.15 -30.39
C ALA F 328 67.59 16.66 -31.24
N GLU F 329 68.80 17.15 -30.95
CA GLU F 329 70.03 16.75 -31.68
C GLU F 329 70.36 15.26 -31.48
N GLU F 330 70.30 14.74 -30.25
CA GLU F 330 70.61 13.31 -29.98
C GLU F 330 69.59 12.44 -30.71
N ASN F 331 68.31 12.80 -30.68
CA ASN F 331 67.24 11.94 -31.23
C ASN F 331 67.29 11.98 -32.77
N LEU F 332 67.62 13.13 -33.35
CA LEU F 332 67.80 13.23 -34.83
C LEU F 332 68.94 12.32 -35.28
N LEU F 333 70.08 12.38 -34.62
CA LEU F 333 71.30 11.61 -34.99
C LEU F 333 71.05 10.12 -34.77
N ALA F 334 70.34 9.76 -33.70
CA ALA F 334 70.06 8.34 -33.38
C ALA F 334 69.03 7.79 -34.39
N ALA F 335 68.04 8.59 -34.80
CA ALA F 335 67.05 8.17 -35.82
C ALA F 335 67.78 7.88 -37.12
N LYS F 336 68.78 8.70 -37.45
CA LYS F 336 69.61 8.53 -38.69
C LYS F 336 70.41 7.23 -38.59
N ALA F 337 71.00 6.94 -37.42
CA ALA F 337 71.79 5.71 -37.20
C ALA F 337 70.87 4.49 -37.34
N LEU F 338 69.65 4.53 -36.81
CA LEU F 338 68.65 3.44 -36.97
C LEU F 338 68.29 3.27 -38.45
N GLU F 339 68.06 4.36 -39.17
CA GLU F 339 67.66 4.37 -40.60
C GLU F 339 68.79 3.72 -41.44
N ASP F 340 70.03 4.14 -41.22
CA ASP F 340 71.21 3.64 -41.97
C ASP F 340 71.38 2.14 -41.70
N GLU F 341 71.26 1.72 -40.44
CA GLU F 341 71.36 0.30 -40.01
C GLU F 341 70.26 -0.53 -40.70
N ALA F 342 69.02 -0.04 -40.72
CA ALA F 342 67.88 -0.73 -41.35
C ALA F 342 68.12 -0.88 -42.86
N ASN F 343 68.76 0.11 -43.49
CA ASN F 343 68.93 0.17 -44.97
C ASN F 343 70.15 -0.66 -45.41
N ARG F 344 71.07 -0.99 -44.50
CA ARG F 344 72.22 -1.88 -44.79
C ARG F 344 71.75 -3.34 -44.72
N LEU F 345 71.11 -3.72 -43.62
CA LEU F 345 70.59 -5.10 -43.39
C LEU F 345 69.35 -5.31 -44.27
N ASN G 4 -43.93 -4.55 -26.24
CA ASN G 4 -43.09 -5.12 -25.16
C ASN G 4 -43.55 -4.56 -23.80
N VAL G 5 -44.12 -3.34 -23.78
CA VAL G 5 -44.67 -2.71 -22.54
C VAL G 5 -45.74 -3.65 -21.97
N ALA G 6 -46.81 -3.89 -22.72
CA ALA G 6 -47.92 -4.80 -22.32
C ALA G 6 -47.34 -6.19 -22.04
N TRP G 7 -46.45 -6.69 -22.89
CA TRP G 7 -45.82 -8.03 -22.72
C TRP G 7 -45.07 -8.08 -21.39
N PHE G 8 -44.28 -7.07 -21.07
CA PHE G 8 -43.44 -7.04 -19.83
C PHE G 8 -44.33 -7.05 -18.59
N LYS G 9 -45.44 -6.30 -18.66
CA LYS G 9 -46.40 -6.15 -17.54
C LYS G 9 -46.90 -7.53 -17.09
N GLN G 10 -47.09 -8.46 -18.02
CA GLN G 10 -47.77 -9.78 -17.76
C GLN G 10 -46.75 -10.93 -17.80
N ALA G 11 -45.45 -10.62 -17.97
CA ALA G 11 -44.40 -11.63 -18.21
C ALA G 11 -44.11 -12.43 -16.94
N LYS G 12 -44.11 -11.77 -15.78
CA LYS G 12 -44.14 -12.38 -14.41
C LYS G 12 -42.81 -13.04 -14.03
N TYR G 13 -42.13 -13.72 -14.96
CA TYR G 13 -41.04 -14.68 -14.64
C TYR G 13 -40.01 -14.69 -15.76
N GLY G 14 -38.75 -14.46 -15.39
CA GLY G 14 -37.59 -14.54 -16.31
C GLY G 14 -36.46 -15.36 -15.70
N MET G 15 -35.59 -15.90 -16.56
CA MET G 15 -34.31 -16.49 -16.13
C MET G 15 -33.19 -15.48 -16.37
N MET G 16 -32.36 -15.25 -15.36
CA MET G 16 -31.07 -14.54 -15.51
C MET G 16 -29.95 -15.58 -15.53
N ILE G 17 -28.89 -15.30 -16.28
CA ILE G 17 -27.69 -16.17 -16.37
C ILE G 17 -26.47 -15.31 -16.04
N HIS G 18 -25.71 -15.70 -15.01
CA HIS G 18 -24.33 -15.22 -14.79
C HIS G 18 -23.38 -16.33 -15.21
N TRP G 19 -22.51 -16.03 -16.16
CA TRP G 19 -21.51 -16.98 -16.68
C TRP G 19 -20.28 -16.21 -17.17
N GLY G 20 -19.10 -16.62 -16.71
CA GLY G 20 -17.83 -15.99 -17.08
C GLY G 20 -16.63 -16.76 -16.56
N LEU G 21 -15.46 -16.16 -16.72
CA LEU G 21 -14.19 -16.74 -16.24
C LEU G 21 -14.30 -17.04 -14.73
N TYR G 22 -14.99 -16.17 -13.99
CA TYR G 22 -15.19 -16.29 -12.52
C TYR G 22 -15.86 -17.63 -12.20
N SER G 23 -16.66 -18.17 -13.10
CA SER G 23 -17.36 -19.46 -12.92
C SER G 23 -16.37 -20.62 -12.75
N LEU G 24 -15.17 -20.50 -13.32
CA LEU G 24 -14.14 -21.60 -13.25
C LEU G 24 -13.53 -21.65 -11.84
N LEU G 25 -13.27 -20.52 -11.19
CA LEU G 25 -12.75 -20.46 -9.80
C LEU G 25 -13.81 -20.94 -8.80
N ALA G 26 -15.09 -20.75 -9.15
CA ALA G 26 -16.25 -21.35 -8.45
C ALA G 26 -16.24 -20.99 -6.97
N GLY G 27 -15.87 -19.75 -6.64
CA GLY G 27 -16.03 -19.17 -5.30
C GLY G 27 -14.84 -19.44 -4.39
N GLU G 28 -13.73 -19.89 -4.97
CA GLU G 28 -12.53 -20.35 -4.26
C GLU G 28 -11.28 -19.81 -4.98
N TYR G 29 -10.32 -19.28 -4.26
CA TYR G 29 -9.00 -18.88 -4.78
C TYR G 29 -7.90 -19.18 -3.77
N ARG G 30 -6.96 -20.05 -4.17
CA ARG G 30 -5.75 -20.44 -3.39
C ARG G 30 -6.17 -20.74 -1.94
N GLY G 31 -7.17 -21.59 -1.78
CA GLY G 31 -7.62 -22.10 -0.48
C GLY G 31 -8.50 -21.14 0.29
N GLU G 32 -8.96 -20.03 -0.31
CA GLU G 32 -9.81 -19.04 0.41
C GLU G 32 -11.10 -18.78 -0.34
N SER G 33 -12.11 -18.34 0.40
CA SER G 33 -13.50 -18.20 -0.07
C SER G 33 -13.66 -16.80 -0.70
N SER G 34 -14.38 -16.73 -1.81
CA SER G 34 -15.04 -15.48 -2.28
C SER G 34 -15.91 -14.92 -1.15
N SER G 35 -16.36 -13.68 -1.28
CA SER G 35 -17.58 -13.21 -0.56
C SER G 35 -18.78 -14.03 -1.04
N ALA G 36 -19.98 -13.69 -0.58
CA ALA G 36 -21.23 -14.33 -1.05
C ALA G 36 -21.33 -14.25 -2.57
N TYR G 37 -20.71 -13.25 -3.21
CA TYR G 37 -20.75 -13.04 -4.68
C TYR G 37 -19.47 -13.58 -5.33
N ALA G 38 -19.53 -14.82 -5.86
CA ALA G 38 -18.37 -15.52 -6.47
C ALA G 38 -17.91 -14.80 -7.75
N GLU G 39 -18.80 -14.09 -8.45
CA GLU G 39 -18.49 -13.33 -9.69
C GLU G 39 -17.59 -12.12 -9.36
N TRP G 40 -17.45 -11.73 -8.09
CA TRP G 40 -16.55 -10.63 -7.67
C TRP G 40 -15.13 -11.12 -7.29
N ILE G 41 -14.77 -12.35 -7.65
CA ILE G 41 -13.56 -13.01 -7.05
C ILE G 41 -12.28 -12.28 -7.49
N GLN G 42 -12.25 -11.69 -8.68
CA GLN G 42 -11.03 -11.04 -9.22
C GLN G 42 -10.66 -9.84 -8.31
N SER G 43 -11.66 -9.05 -7.92
CA SER G 43 -11.49 -7.88 -7.03
C SER G 43 -11.21 -8.35 -5.59
N LYS G 44 -11.90 -9.41 -5.15
CA LYS G 44 -11.80 -9.96 -3.78
C LYS G 44 -10.34 -10.32 -3.46
N PHE G 45 -9.62 -10.93 -4.41
CA PHE G 45 -8.23 -11.40 -4.21
C PHE G 45 -7.23 -10.59 -5.05
N GLN G 46 -7.69 -9.51 -5.69
CA GLN G 46 -6.85 -8.62 -6.54
C GLN G 46 -6.01 -9.50 -7.48
N ILE G 47 -6.67 -10.40 -8.22
CA ILE G 47 -5.97 -11.36 -9.12
C ILE G 47 -5.51 -10.56 -10.33
N PRO G 48 -4.20 -10.47 -10.61
CA PRO G 48 -3.71 -9.74 -11.77
C PRO G 48 -4.38 -10.19 -13.07
N ASN G 49 -4.67 -9.26 -13.98
CA ASN G 49 -5.25 -9.53 -15.32
C ASN G 49 -4.49 -10.65 -16.07
N ALA G 50 -3.16 -10.69 -16.03
CA ALA G 50 -2.37 -11.74 -16.73
C ALA G 50 -2.82 -13.14 -16.25
N GLU G 51 -2.89 -13.35 -14.94
CA GLU G 51 -3.33 -14.64 -14.32
C GLU G 51 -4.83 -14.87 -14.55
N TYR G 52 -5.68 -13.92 -14.18
CA TYR G 52 -7.16 -14.07 -14.25
C TYR G 52 -7.55 -14.34 -15.71
N GLY G 53 -7.01 -13.56 -16.64
CA GLY G 53 -7.24 -13.72 -18.09
C GLY G 53 -6.84 -15.10 -18.61
N ASN G 54 -5.83 -15.72 -18.01
CA ASN G 54 -5.37 -17.09 -18.41
C ASN G 54 -6.47 -18.12 -18.14
N LEU G 55 -7.44 -17.84 -17.25
CA LEU G 55 -8.62 -18.73 -17.06
C LEU G 55 -9.31 -19.00 -18.41
N ALA G 56 -9.28 -18.03 -19.33
CA ALA G 56 -9.87 -18.18 -20.67
C ALA G 56 -9.32 -19.42 -21.36
N THR G 57 -8.03 -19.74 -21.16
CA THR G 57 -7.36 -20.90 -21.83
C THR G 57 -7.98 -22.20 -21.31
N ALA G 58 -8.66 -22.18 -20.17
CA ALA G 58 -9.27 -23.38 -19.55
C ALA G 58 -10.79 -23.36 -19.70
N PHE G 59 -11.35 -22.38 -20.41
CA PHE G 59 -12.81 -22.25 -20.57
C PHE G 59 -13.25 -23.14 -21.73
N ASN G 60 -13.75 -24.34 -21.43
CA ASN G 60 -14.21 -25.34 -22.44
C ASN G 60 -15.43 -26.06 -21.90
N PRO G 61 -16.57 -25.36 -21.75
CA PRO G 61 -17.80 -25.95 -21.20
C PRO G 61 -18.51 -26.92 -22.14
N LEU G 62 -18.08 -28.19 -22.13
CA LEU G 62 -18.52 -29.23 -23.09
C LEU G 62 -20.02 -29.49 -23.01
N TYR G 63 -20.69 -29.16 -21.89
CA TYR G 63 -22.12 -29.50 -21.69
C TYR G 63 -22.98 -28.25 -21.85
N PHE G 64 -22.43 -27.12 -22.30
CA PHE G 64 -23.22 -25.91 -22.61
C PHE G 64 -24.21 -26.27 -23.73
N ASP G 65 -25.50 -26.07 -23.44
CA ASP G 65 -26.58 -26.33 -24.42
C ASP G 65 -27.66 -25.26 -24.22
N ALA G 66 -27.60 -24.21 -25.04
CA ALA G 66 -28.53 -23.06 -25.02
C ALA G 66 -29.97 -23.54 -25.20
N LYS G 67 -30.20 -24.56 -26.03
CA LYS G 67 -31.53 -25.15 -26.28
C LYS G 67 -32.06 -25.75 -24.96
N LYS G 68 -31.25 -26.52 -24.23
CA LYS G 68 -31.69 -27.20 -22.98
C LYS G 68 -31.91 -26.16 -21.90
N ILE G 69 -31.12 -25.09 -21.88
CA ILE G 69 -31.26 -24.01 -20.87
C ILE G 69 -32.58 -23.29 -21.13
N VAL G 70 -32.91 -23.03 -22.40
CA VAL G 70 -34.14 -22.29 -22.76
C VAL G 70 -35.35 -23.19 -22.49
N ALA G 71 -35.25 -24.49 -22.77
CA ALA G 71 -36.31 -25.50 -22.50
C ALA G 71 -36.60 -25.57 -21.00
N LEU G 72 -35.59 -25.48 -20.13
CA LEU G 72 -35.79 -25.44 -18.65
C LEU G 72 -36.59 -24.17 -18.29
N ALA G 73 -36.15 -23.01 -18.76
CA ALA G 73 -36.83 -21.72 -18.50
C ALA G 73 -38.30 -21.83 -18.94
N LYS G 74 -38.53 -22.37 -20.14
CA LYS G 74 -39.89 -22.48 -20.76
C LYS G 74 -40.75 -23.41 -19.90
N GLN G 75 -40.23 -24.58 -19.51
CA GLN G 75 -40.94 -25.56 -18.64
C GLN G 75 -41.36 -24.87 -17.34
N CYS G 76 -40.56 -23.90 -16.86
CA CYS G 76 -40.83 -23.21 -15.57
C CYS G 76 -41.80 -22.04 -15.74
N GLY G 77 -42.27 -21.77 -16.97
CA GLY G 77 -43.19 -20.66 -17.27
C GLY G 77 -42.45 -19.34 -17.37
N MET G 78 -41.12 -19.36 -17.52
CA MET G 78 -40.32 -18.12 -17.71
C MET G 78 -40.54 -17.65 -19.17
N GLN G 79 -40.78 -16.36 -19.38
CA GLN G 79 -41.13 -15.81 -20.72
C GLN G 79 -39.95 -15.05 -21.30
N TYR G 80 -38.84 -14.95 -20.57
CA TYR G 80 -37.61 -14.29 -21.07
C TYR G 80 -36.38 -14.77 -20.31
N LEU G 81 -35.23 -14.48 -20.92
CA LEU G 81 -33.89 -14.82 -20.44
C LEU G 81 -33.02 -13.56 -20.58
N VAL G 82 -32.36 -13.20 -19.49
CA VAL G 82 -31.36 -12.09 -19.42
C VAL G 82 -29.99 -12.73 -19.13
N VAL G 83 -28.98 -12.42 -19.92
CA VAL G 83 -27.63 -13.05 -19.77
C VAL G 83 -26.54 -11.98 -19.71
N THR G 84 -25.53 -12.21 -18.86
CA THR G 84 -24.28 -11.41 -18.76
C THR G 84 -23.52 -11.48 -20.09
N THR G 85 -23.51 -10.39 -20.85
CA THR G 85 -22.68 -10.23 -22.06
C THR G 85 -21.26 -9.83 -21.66
N LYS G 86 -21.13 -9.05 -20.58
CA LYS G 86 -19.83 -8.64 -19.99
C LYS G 86 -20.05 -8.16 -18.55
N HIS G 87 -19.49 -8.89 -17.59
CA HIS G 87 -19.55 -8.56 -16.14
C HIS G 87 -18.39 -7.63 -15.79
N HIS G 88 -18.20 -7.32 -14.51
CA HIS G 88 -17.24 -6.31 -14.00
C HIS G 88 -15.81 -6.62 -14.44
N ASP G 89 -15.51 -7.91 -14.65
CA ASP G 89 -14.13 -8.36 -14.98
C ASP G 89 -13.77 -7.87 -16.40
N GLY G 90 -14.78 -7.52 -17.19
CA GLY G 90 -14.59 -6.95 -18.54
C GLY G 90 -14.41 -8.02 -19.62
N PHE G 91 -14.67 -9.29 -19.30
CA PHE G 91 -14.55 -10.41 -20.27
C PHE G 91 -15.87 -10.57 -21.02
N ALA G 92 -15.88 -10.36 -22.34
CA ALA G 92 -17.12 -10.42 -23.14
C ALA G 92 -17.49 -11.89 -23.40
N MET G 93 -18.78 -12.23 -23.28
CA MET G 93 -19.30 -13.62 -23.49
C MET G 93 -19.94 -13.73 -24.88
N TYR G 94 -19.53 -12.84 -25.77
CA TYR G 94 -19.94 -12.81 -27.20
C TYR G 94 -18.70 -12.48 -28.02
N HIS G 95 -18.76 -12.65 -29.34
CA HIS G 95 -17.63 -12.36 -30.25
C HIS G 95 -17.53 -10.84 -30.45
N SER G 96 -16.76 -10.16 -29.62
CA SER G 96 -16.55 -8.69 -29.69
C SER G 96 -15.47 -8.39 -30.74
N LYS G 97 -15.77 -7.55 -31.72
CA LYS G 97 -14.77 -7.13 -32.74
C LYS G 97 -13.81 -6.14 -32.11
N VAL G 98 -14.28 -5.31 -31.17
CA VAL G 98 -13.46 -4.22 -30.59
C VAL G 98 -12.49 -4.75 -29.51
N ASP G 99 -12.77 -5.89 -28.88
CA ASP G 99 -11.91 -6.45 -27.79
C ASP G 99 -11.76 -7.96 -27.92
N ALA G 100 -10.53 -8.45 -28.08
CA ALA G 100 -10.20 -9.90 -28.25
C ALA G 100 -10.34 -10.65 -26.92
N TYR G 101 -10.49 -9.93 -25.81
CA TYR G 101 -10.75 -10.48 -24.45
C TYR G 101 -12.21 -10.90 -24.37
N ASN G 102 -12.54 -12.00 -25.05
CA ASN G 102 -13.93 -12.48 -25.20
C ASN G 102 -13.91 -14.00 -25.39
N VAL G 103 -15.07 -14.63 -25.17
CA VAL G 103 -15.26 -16.11 -25.08
C VAL G 103 -14.96 -16.73 -26.45
N TYR G 104 -15.16 -15.99 -27.54
CA TYR G 104 -14.98 -16.48 -28.92
C TYR G 104 -13.48 -16.56 -29.26
N ASP G 105 -12.76 -15.46 -29.04
CA ASP G 105 -11.34 -15.31 -29.45
C ASP G 105 -10.38 -15.98 -28.48
N ALA G 106 -10.64 -15.92 -27.17
CA ALA G 106 -9.65 -16.19 -26.10
C ALA G 106 -9.79 -17.60 -25.50
N THR G 107 -10.84 -18.35 -25.83
CA THR G 107 -11.09 -19.68 -25.22
C THR G 107 -11.04 -20.75 -26.29
N PRO G 108 -10.65 -21.99 -25.90
CA PRO G 108 -10.74 -23.15 -26.79
C PRO G 108 -12.17 -23.51 -27.20
N PHE G 109 -13.17 -23.03 -26.45
CA PHE G 109 -14.60 -23.29 -26.74
C PHE G 109 -14.94 -22.62 -28.06
N HIS G 110 -14.45 -21.39 -28.26
CA HIS G 110 -14.39 -20.70 -29.56
C HIS G 110 -15.82 -20.59 -30.11
N ARG G 111 -16.77 -20.20 -29.26
CA ARG G 111 -18.21 -20.11 -29.63
C ARG G 111 -18.81 -18.83 -29.03
N ASP G 112 -19.77 -18.25 -29.74
CA ASP G 112 -20.51 -17.05 -29.29
C ASP G 112 -21.72 -17.51 -28.46
N ILE G 113 -21.60 -17.43 -27.14
CA ILE G 113 -22.58 -17.98 -26.17
C ILE G 113 -23.86 -17.13 -26.20
N ILE G 114 -23.73 -15.80 -26.34
CA ILE G 114 -24.86 -14.86 -26.45
C ILE G 114 -25.63 -15.20 -27.74
N GLY G 115 -24.92 -15.41 -28.85
CA GLY G 115 -25.52 -15.80 -30.14
C GLY G 115 -26.34 -17.08 -30.04
N GLU G 116 -25.81 -18.08 -29.35
CA GLU G 116 -26.47 -19.40 -29.21
C GLU G 116 -27.71 -19.24 -28.32
N LEU G 117 -27.64 -18.39 -27.28
CA LEU G 117 -28.83 -18.14 -26.40
C LEU G 117 -29.87 -17.30 -27.16
N ALA G 118 -29.44 -16.30 -27.96
CA ALA G 118 -30.34 -15.49 -28.81
C ALA G 118 -31.13 -16.42 -29.74
N GLU G 119 -30.43 -17.32 -30.44
CA GLU G 119 -31.04 -18.27 -31.40
C GLU G 119 -32.00 -19.21 -30.66
N ALA G 120 -31.60 -19.73 -29.50
CA ALA G 120 -32.41 -20.70 -28.72
C ALA G 120 -33.71 -20.06 -28.25
N CYS G 121 -33.63 -18.80 -27.76
CA CYS G 121 -34.78 -18.00 -27.27
C CYS G 121 -35.75 -17.70 -28.43
N GLN G 122 -35.21 -17.33 -29.60
CA GLN G 122 -36.03 -17.01 -30.81
C GLN G 122 -36.86 -18.25 -31.18
N LYS G 123 -36.25 -19.44 -31.20
CA LYS G 123 -36.91 -20.67 -31.70
C LYS G 123 -37.98 -21.15 -30.71
N ALA G 124 -37.81 -20.86 -29.42
CA ALA G 124 -38.72 -21.32 -28.34
C ALA G 124 -39.80 -20.26 -28.06
N GLY G 125 -39.69 -19.07 -28.64
CA GLY G 125 -40.62 -17.95 -28.42
C GLY G 125 -40.40 -17.25 -27.09
N LEU G 126 -39.20 -17.29 -26.54
CA LEU G 126 -38.82 -16.51 -25.32
C LEU G 126 -38.21 -15.17 -25.75
N LYS G 127 -38.50 -14.10 -25.01
CA LYS G 127 -37.88 -12.78 -25.20
C LYS G 127 -36.45 -12.84 -24.66
N PHE G 128 -35.56 -12.01 -25.20
CA PHE G 128 -34.11 -12.09 -24.92
C PHE G 128 -33.60 -10.74 -24.41
N GLY G 129 -32.93 -10.74 -23.27
CA GLY G 129 -32.39 -9.55 -22.60
C GLY G 129 -30.91 -9.67 -22.36
N LEU G 130 -30.24 -8.53 -22.21
CA LEU G 130 -28.76 -8.46 -22.13
C LEU G 130 -28.34 -7.63 -20.92
N TYR G 131 -27.46 -8.21 -20.10
CA TYR G 131 -26.74 -7.58 -18.98
C TYR G 131 -25.38 -7.09 -19.50
N TYR G 132 -25.01 -5.85 -19.20
CA TYR G 132 -23.68 -5.27 -19.55
C TYR G 132 -23.23 -4.34 -18.43
N SER G 133 -22.03 -4.58 -17.89
CA SER G 133 -21.31 -3.73 -16.92
C SER G 133 -20.71 -2.51 -17.63
N GLN G 134 -21.48 -1.41 -17.72
CA GLN G 134 -21.15 -0.18 -18.50
C GLN G 134 -20.14 0.68 -17.73
N ASP G 135 -20.05 0.50 -16.41
CA ASP G 135 -19.20 1.36 -15.54
C ASP G 135 -17.91 0.60 -15.17
N LEU G 136 -18.04 -0.49 -14.42
CA LEU G 136 -16.88 -1.27 -13.91
C LEU G 136 -16.33 -2.14 -15.06
N ASP G 137 -15.01 -2.12 -15.22
CA ASP G 137 -14.27 -2.98 -16.19
C ASP G 137 -12.84 -3.16 -15.67
N TRP G 138 -12.58 -4.29 -15.04
CA TRP G 138 -11.30 -4.58 -14.33
C TRP G 138 -10.18 -4.87 -15.34
N HIS G 139 -10.54 -5.23 -16.57
CA HIS G 139 -9.59 -5.46 -17.68
C HIS G 139 -9.12 -4.13 -18.28
N ASP G 140 -9.90 -3.06 -18.14
CA ASP G 140 -9.58 -1.77 -18.78
C ASP G 140 -8.81 -0.87 -17.81
N PRO G 141 -7.66 -0.29 -18.24
CA PRO G 141 -6.91 0.66 -17.43
C PRO G 141 -7.76 1.81 -16.86
N ASN G 142 -8.78 2.23 -17.59
CA ASN G 142 -9.65 3.38 -17.23
C ASN G 142 -11.05 2.92 -16.84
N GLY G 143 -11.19 1.65 -16.44
CA GLY G 143 -12.46 1.09 -15.94
C GLY G 143 -12.97 1.90 -14.77
N GLY G 144 -14.30 1.95 -14.58
CA GLY G 144 -14.94 2.84 -13.58
C GLY G 144 -14.78 2.32 -12.16
N GLY G 145 -15.15 3.14 -11.18
CA GLY G 145 -15.20 2.78 -9.75
C GLY G 145 -14.11 3.45 -8.93
N TYR G 146 -13.12 4.06 -9.58
CA TYR G 146 -11.92 4.67 -8.93
C TYR G 146 -12.29 5.92 -8.11
N LYS G 147 -13.55 6.38 -8.16
CA LYS G 147 -14.02 7.55 -7.36
C LYS G 147 -14.86 7.08 -6.17
N SER G 148 -15.09 5.77 -6.03
CA SER G 148 -16.18 5.21 -5.18
C SER G 148 -15.63 4.34 -4.03
N ASN G 149 -14.31 4.34 -3.80
CA ASN G 149 -13.66 3.35 -2.90
C ASN G 149 -13.78 3.77 -1.43
N ASP G 150 -14.56 4.83 -1.14
CA ASP G 150 -14.99 5.15 0.25
C ASP G 150 -16.11 4.22 0.73
N VAL G 151 -16.70 3.41 -0.17
CA VAL G 151 -17.72 2.38 0.25
C VAL G 151 -17.22 0.98 -0.10
N GLU G 152 -17.39 0.02 0.83
CA GLU G 152 -16.91 -1.38 0.69
C GLU G 152 -17.73 -2.09 -0.40
N THR G 153 -17.19 -3.20 -0.91
CA THR G 153 -17.69 -3.99 -2.05
C THR G 153 -17.70 -5.48 -1.67
N ALA G 154 -18.22 -6.32 -2.57
CA ALA G 154 -18.22 -7.79 -2.45
C ALA G 154 -16.84 -8.34 -2.87
N GLY G 155 -15.88 -7.44 -3.19
CA GLY G 155 -14.46 -7.74 -3.45
C GLY G 155 -13.57 -6.90 -2.57
N THR G 156 -12.63 -6.14 -3.14
CA THR G 156 -11.88 -5.06 -2.43
C THR G 156 -12.38 -3.71 -2.95
N THR G 157 -11.79 -3.20 -4.03
CA THR G 157 -12.15 -1.91 -4.67
C THR G 157 -13.16 -2.15 -5.80
N TRP G 158 -13.89 -1.09 -6.18
CA TRP G 158 -14.85 -1.10 -7.31
C TRP G 158 -14.09 -1.30 -8.64
N ASP G 159 -12.92 -0.67 -8.76
CA ASP G 159 -12.03 -0.70 -9.95
C ASP G 159 -10.93 -1.76 -9.77
N ASN G 160 -10.19 -2.06 -10.85
CA ASN G 160 -8.88 -2.76 -10.80
C ASN G 160 -7.83 -1.74 -10.34
N SER G 161 -7.51 -1.76 -9.05
CA SER G 161 -6.55 -0.85 -8.37
C SER G 161 -5.20 -1.56 -8.16
N TRP G 162 -5.04 -2.81 -8.62
CA TRP G 162 -3.81 -3.62 -8.42
C TRP G 162 -2.98 -3.61 -9.70
N ASP G 163 -3.59 -3.92 -10.86
CA ASP G 163 -2.92 -3.77 -12.19
C ASP G 163 -2.79 -2.30 -12.54
N PHE G 164 -3.73 -1.46 -12.07
CA PHE G 164 -3.81 -0.01 -12.41
C PHE G 164 -3.93 0.79 -11.12
N PRO G 165 -2.82 0.93 -10.34
CA PRO G 165 -2.87 1.61 -9.04
C PRO G 165 -2.86 3.15 -9.02
N ASP G 166 -2.59 3.80 -10.16
CA ASP G 166 -2.45 5.28 -10.26
C ASP G 166 -3.85 5.87 -10.50
N GLU G 167 -4.58 6.16 -9.42
CA GLU G 167 -6.01 6.59 -9.44
C GLU G 167 -6.11 8.00 -10.06
N ASP G 168 -5.12 8.88 -9.85
CA ASP G 168 -5.11 10.27 -10.38
C ASP G 168 -4.96 10.33 -11.91
N GLN G 169 -4.39 9.31 -12.55
CA GLN G 169 -4.14 9.29 -14.02
C GLN G 169 -5.33 8.62 -14.72
N LYS G 170 -6.31 8.13 -13.97
CA LYS G 170 -7.45 7.35 -14.52
C LYS G 170 -8.49 8.33 -15.07
N ASN G 171 -8.99 8.05 -16.27
CA ASN G 171 -9.99 8.86 -17.01
C ASN G 171 -10.96 7.89 -17.67
N PHE G 172 -12.10 7.62 -17.01
CA PHE G 172 -13.16 6.70 -17.47
C PHE G 172 -13.54 6.99 -18.94
N ASP G 173 -13.57 8.26 -19.32
CA ASP G 173 -13.95 8.72 -20.70
C ASP G 173 -13.27 7.80 -21.73
N LEU G 174 -11.98 7.50 -21.53
CA LEU G 174 -11.17 6.67 -22.47
C LEU G 174 -11.76 5.26 -22.59
N CYS G 175 -12.11 4.64 -21.46
CA CYS G 175 -12.77 3.31 -21.40
C CYS G 175 -14.15 3.42 -22.07
N PHE G 176 -14.90 4.48 -21.78
CA PHE G 176 -16.27 4.70 -22.32
C PHE G 176 -16.22 4.77 -23.85
N ASP G 177 -15.28 5.54 -24.39
CA ASP G 177 -15.20 5.87 -25.84
C ASP G 177 -14.69 4.65 -26.61
N ASN G 178 -13.72 3.90 -26.04
CA ASN G 178 -12.95 2.89 -26.79
C ASN G 178 -13.52 1.48 -26.57
N LYS G 179 -14.18 1.21 -25.44
CA LYS G 179 -14.69 -0.17 -25.16
C LYS G 179 -16.19 -0.16 -24.88
N ILE G 180 -16.65 0.66 -23.93
CA ILE G 180 -18.01 0.54 -23.34
C ILE G 180 -19.06 0.73 -24.45
N LEU G 181 -19.05 1.89 -25.12
CA LEU G 181 -20.10 2.24 -26.11
C LEU G 181 -19.95 1.38 -27.37
N PRO G 182 -18.74 1.22 -27.95
CA PRO G 182 -18.54 0.28 -29.04
C PRO G 182 -19.16 -1.11 -28.73
N GLN G 183 -18.89 -1.68 -27.55
CA GLN G 183 -19.42 -3.01 -27.19
C GLN G 183 -20.94 -2.97 -27.06
N ILE G 184 -21.50 -1.92 -26.47
CA ILE G 184 -22.98 -1.83 -26.33
C ILE G 184 -23.61 -1.81 -27.74
N LYS G 185 -22.98 -1.15 -28.71
CA LYS G 185 -23.46 -1.12 -30.12
C LYS G 185 -23.43 -2.54 -30.70
N GLU G 186 -22.35 -3.30 -30.43
CA GLU G 186 -22.17 -4.69 -30.91
C GLU G 186 -23.33 -5.58 -30.44
N ILE G 187 -23.60 -5.62 -29.14
CA ILE G 187 -24.61 -6.54 -28.55
C ILE G 187 -26.01 -6.11 -29.02
N MET G 188 -26.21 -4.83 -29.28
CA MET G 188 -27.54 -4.28 -29.66
C MET G 188 -27.75 -4.37 -31.19
N SER G 189 -26.73 -4.80 -31.95
CA SER G 189 -26.75 -4.84 -33.44
C SER G 189 -26.77 -6.29 -33.95
N ASN G 190 -26.15 -7.22 -33.23
CA ASN G 190 -25.72 -8.51 -33.83
C ASN G 190 -26.56 -9.72 -33.39
N TYR G 191 -27.50 -9.59 -32.48
CA TYR G 191 -28.16 -10.76 -31.84
C TYR G 191 -29.69 -10.63 -31.91
N GLY G 192 -30.19 -10.00 -32.97
CA GLY G 192 -31.65 -9.85 -33.22
C GLY G 192 -32.33 -8.93 -32.22
N ASP G 193 -33.65 -9.10 -32.02
CA ASP G 193 -34.48 -8.24 -31.14
C ASP G 193 -34.10 -8.45 -29.67
N ILE G 194 -33.71 -7.38 -28.99
CA ILE G 194 -33.40 -7.37 -27.53
C ILE G 194 -34.59 -6.76 -26.79
N ALA G 195 -35.27 -7.54 -25.96
CA ALA G 195 -36.50 -7.14 -25.22
C ALA G 195 -36.14 -6.26 -24.04
N THR G 196 -35.02 -6.54 -23.37
CA THR G 196 -34.63 -5.95 -22.07
C THR G 196 -33.13 -5.62 -22.09
N ALA G 197 -32.75 -4.51 -21.45
CA ALA G 197 -31.35 -4.04 -21.32
C ALA G 197 -31.04 -3.79 -19.84
N TRP G 198 -30.08 -4.55 -19.33
CA TRP G 198 -29.76 -4.65 -17.89
C TRP G 198 -28.40 -4.00 -17.63
N PHE G 199 -28.38 -2.71 -17.31
CA PHE G 199 -27.14 -1.98 -16.93
C PHE G 199 -27.04 -2.00 -15.41
N ASP G 200 -25.81 -1.82 -14.91
CA ASP G 200 -25.50 -2.01 -13.48
C ASP G 200 -25.01 -0.67 -12.93
N VAL G 201 -24.45 -0.74 -11.71
CA VAL G 201 -24.26 0.42 -10.79
C VAL G 201 -23.50 1.53 -11.51
N PRO G 202 -24.19 2.65 -11.84
CA PRO G 202 -23.55 3.79 -12.51
C PRO G 202 -22.82 4.73 -11.53
N MET G 203 -21.55 4.45 -11.25
CA MET G 203 -20.77 5.14 -10.18
C MET G 203 -19.87 6.21 -10.78
N THR G 204 -19.47 6.06 -12.04
CA THR G 204 -18.43 6.89 -12.70
C THR G 204 -19.03 7.62 -13.91
N LEU G 205 -19.97 7.00 -14.64
CA LEU G 205 -20.72 7.57 -15.79
C LEU G 205 -21.20 8.99 -15.49
N SER G 206 -20.88 9.95 -16.36
CA SER G 206 -21.56 11.26 -16.45
C SER G 206 -22.99 11.05 -16.96
N GLU G 207 -23.87 12.01 -16.64
CA GLU G 207 -25.23 12.16 -17.20
C GLU G 207 -25.16 11.95 -18.72
N ALA G 208 -24.26 12.66 -19.40
CA ALA G 208 -24.10 12.65 -20.88
C ALA G 208 -23.80 11.23 -21.36
N GLN G 209 -22.93 10.50 -20.66
CA GLN G 209 -22.52 9.11 -21.01
C GLN G 209 -23.73 8.18 -20.85
N SER G 210 -24.50 8.31 -19.77
CA SER G 210 -25.78 7.58 -19.57
C SER G 210 -26.76 7.87 -20.71
N GLN G 211 -26.89 9.15 -21.07
CA GLN G 211 -27.81 9.65 -22.13
C GLN G 211 -27.41 8.98 -23.46
N THR G 212 -26.13 9.02 -23.79
CA THR G 212 -25.54 8.42 -25.03
C THR G 212 -25.88 6.91 -25.09
N ILE G 213 -25.82 6.20 -23.96
CA ILE G 213 -26.14 4.75 -23.93
C ILE G 213 -27.63 4.59 -24.23
N TYR G 214 -28.48 5.28 -23.47
CA TYR G 214 -29.96 5.30 -23.65
C TYR G 214 -30.26 5.53 -25.14
N ASP G 215 -29.72 6.60 -25.72
CA ASP G 215 -30.02 7.05 -27.11
C ASP G 215 -29.60 5.96 -28.10
N THR G 216 -28.45 5.31 -27.83
CA THR G 216 -27.88 4.23 -28.68
C THR G 216 -28.81 3.01 -28.69
N VAL G 217 -29.24 2.56 -27.51
CA VAL G 217 -30.14 1.37 -27.37
C VAL G 217 -31.46 1.70 -28.08
N ARG G 218 -32.03 2.88 -27.82
CA ARG G 218 -33.27 3.38 -28.50
C ARG G 218 -33.14 3.27 -30.04
N GLU G 219 -32.04 3.75 -30.61
CA GLU G 219 -31.82 3.77 -32.08
C GLU G 219 -31.72 2.33 -32.61
N LEU G 220 -30.89 1.50 -31.98
CA LEU G 220 -30.56 0.13 -32.47
C LEU G 220 -31.70 -0.83 -32.12
N GLN G 221 -32.37 -0.61 -30.98
CA GLN G 221 -33.41 -1.53 -30.47
C GLN G 221 -34.60 -0.72 -30.00
N PRO G 222 -35.41 -0.15 -30.93
CA PRO G 222 -36.52 0.71 -30.57
C PRO G 222 -37.44 0.16 -29.46
N ASN G 223 -37.62 -1.15 -29.36
CA ASN G 223 -38.63 -1.79 -28.48
C ASN G 223 -37.98 -2.33 -27.20
N CYS G 224 -36.67 -2.15 -27.02
CA CYS G 224 -35.91 -2.64 -25.85
C CYS G 224 -36.29 -1.81 -24.62
N LEU G 225 -36.72 -2.46 -23.54
CA LEU G 225 -37.03 -1.81 -22.24
C LEU G 225 -35.73 -1.74 -21.42
N ILE G 226 -35.34 -0.54 -21.03
CA ILE G 226 -34.07 -0.26 -20.30
C ILE G 226 -34.36 -0.24 -18.79
N ASN G 227 -33.51 -0.90 -18.03
CA ASN G 227 -33.60 -1.05 -16.55
C ASN G 227 -33.17 0.27 -15.90
N SER G 228 -33.69 0.56 -14.70
CA SER G 228 -33.54 1.86 -14.00
C SER G 228 -32.10 2.08 -13.50
N ARG G 229 -31.22 1.08 -13.59
CA ARG G 229 -29.80 1.17 -13.12
C ARG G 229 -28.85 1.61 -14.25
N LEU G 230 -29.35 2.30 -15.28
CA LEU G 230 -28.44 2.85 -16.33
C LEU G 230 -27.85 4.17 -15.82
N GLY G 231 -28.60 4.87 -14.97
CA GLY G 231 -28.33 6.29 -14.66
C GLY G 231 -29.62 7.10 -14.57
N ASN G 232 -29.57 8.15 -13.75
CA ASN G 232 -30.73 8.95 -13.30
C ASN G 232 -31.62 9.32 -14.50
N GLY G 233 -32.77 8.62 -14.65
CA GLY G 233 -33.92 9.10 -15.46
C GLY G 233 -33.89 8.56 -16.88
N LYS G 234 -32.97 7.64 -17.17
CA LYS G 234 -32.79 6.98 -18.48
C LYS G 234 -33.24 5.51 -18.37
N TYR G 235 -34.53 5.24 -18.38
CA TYR G 235 -35.06 3.85 -18.24
C TYR G 235 -36.54 3.74 -18.59
N ASP G 236 -37.02 2.50 -18.71
CA ASP G 236 -38.41 2.12 -19.08
C ASP G 236 -39.06 1.32 -17.95
N PHE G 237 -38.28 0.57 -17.18
CA PHE G 237 -38.78 -0.23 -16.03
C PHE G 237 -37.83 -0.03 -14.85
N VAL G 238 -38.36 -0.13 -13.63
CA VAL G 238 -37.56 0.05 -12.39
C VAL G 238 -37.17 -1.35 -11.91
N SER G 239 -35.85 -1.54 -11.74
CA SER G 239 -35.22 -2.66 -11.02
C SER G 239 -35.33 -2.38 -9.51
N LEU G 240 -36.22 -3.08 -8.82
CA LEU G 240 -36.41 -2.96 -7.34
C LEU G 240 -35.44 -3.92 -6.63
N GLY G 241 -34.71 -3.44 -5.64
CA GLY G 241 -33.98 -4.31 -4.69
C GLY G 241 -34.95 -5.00 -3.75
N ASP G 242 -34.49 -6.06 -3.07
CA ASP G 242 -35.32 -6.88 -2.13
C ASP G 242 -35.95 -5.95 -1.08
N ALA G 243 -35.22 -4.94 -0.60
CA ALA G 243 -35.66 -4.01 0.48
C ALA G 243 -36.70 -3.00 -0.02
N GLU G 244 -36.95 -2.93 -1.33
CA GLU G 244 -37.77 -1.85 -1.96
C GLU G 244 -39.15 -2.38 -2.36
N ILE G 245 -39.48 -3.62 -2.00
CA ILE G 245 -40.68 -4.37 -2.49
C ILE G 245 -41.91 -3.96 -1.68
N GLY G 271 -45.40 1.92 -15.11
CA GLY G 271 -45.86 0.87 -14.19
C GLY G 271 -45.15 -0.47 -14.40
N LEU G 272 -43.92 -0.45 -14.90
CA LEU G 272 -43.12 -1.67 -15.18
C LEU G 272 -42.15 -1.87 -14.03
N TYR G 273 -42.15 -3.07 -13.44
CA TYR G 273 -41.29 -3.42 -12.26
C TYR G 273 -40.71 -4.82 -12.42
N GLU G 274 -39.47 -4.96 -11.96
CA GLU G 274 -38.74 -6.24 -11.95
C GLU G 274 -37.83 -6.29 -10.71
N THR G 275 -37.84 -7.42 -10.01
CA THR G 275 -36.88 -7.74 -8.94
C THR G 275 -36.04 -8.93 -9.41
N ALA G 276 -34.72 -8.77 -9.40
CA ALA G 276 -33.75 -9.87 -9.65
C ALA G 276 -33.44 -10.56 -8.31
N GLY G 277 -33.35 -11.88 -8.32
CA GLY G 277 -32.82 -12.69 -7.20
C GLY G 277 -32.03 -13.87 -7.73
N THR G 278 -31.24 -14.53 -6.88
CA THR G 278 -30.54 -15.78 -7.21
C THR G 278 -31.10 -16.92 -6.36
N ILE G 279 -30.83 -18.20 -6.68
CA ILE G 279 -31.41 -19.36 -5.96
C ILE G 279 -30.58 -19.66 -4.71
N ASN G 280 -29.25 -19.70 -4.81
CA ASN G 280 -28.35 -19.68 -3.62
C ASN G 280 -28.03 -18.21 -3.33
N ASP G 281 -26.89 -17.86 -2.73
CA ASP G 281 -26.61 -16.48 -2.30
C ASP G 281 -25.68 -15.78 -3.29
N SER G 282 -25.11 -16.53 -4.24
CA SER G 282 -24.15 -16.00 -5.22
C SER G 282 -24.82 -15.82 -6.58
N TRP G 283 -24.37 -14.85 -7.38
CA TRP G 283 -24.83 -14.71 -8.79
C TRP G 283 -24.04 -15.66 -9.68
N GLY G 284 -22.72 -15.57 -9.63
CA GLY G 284 -21.83 -16.55 -10.28
C GLY G 284 -21.86 -17.87 -9.52
N PHE G 285 -21.55 -18.95 -10.22
CA PHE G 285 -21.39 -20.32 -9.68
C PHE G 285 -20.35 -20.29 -8.54
N SER G 286 -20.71 -20.93 -7.44
CA SER G 286 -19.84 -21.04 -6.24
C SER G 286 -20.02 -22.46 -5.69
N TYR G 287 -18.98 -23.31 -5.72
CA TYR G 287 -19.25 -24.71 -5.35
C TYR G 287 -19.54 -24.77 -3.83
N HIS G 288 -19.01 -23.86 -3.00
CA HIS G 288 -19.16 -23.91 -1.53
C HIS G 288 -20.57 -23.43 -1.10
N ASP G 289 -21.27 -22.71 -1.96
CA ASP G 289 -22.62 -22.19 -1.64
C ASP G 289 -23.68 -23.22 -2.04
N GLN G 290 -24.12 -24.00 -1.07
CA GLN G 290 -25.25 -24.96 -1.22
C GLN G 290 -26.49 -24.43 -0.52
N ASN G 291 -26.60 -23.11 -0.35
CA ASN G 291 -27.77 -22.45 0.32
C ASN G 291 -28.87 -22.17 -0.68
N TRP G 292 -29.36 -23.22 -1.32
CA TRP G 292 -30.44 -23.18 -2.35
C TRP G 292 -31.78 -22.80 -1.69
N LYS G 293 -32.40 -21.70 -2.08
CA LYS G 293 -33.80 -21.39 -1.68
C LYS G 293 -34.68 -22.61 -2.02
N THR G 294 -35.55 -23.02 -1.11
CA THR G 294 -36.47 -24.17 -1.34
C THR G 294 -37.50 -23.83 -2.42
N PRO G 295 -38.05 -24.87 -3.09
CA PRO G 295 -39.16 -24.71 -4.04
C PRO G 295 -40.28 -23.83 -3.46
N ARG G 296 -40.67 -24.08 -2.21
CA ARG G 296 -41.74 -23.30 -1.54
C ARG G 296 -41.36 -21.82 -1.46
N THR G 297 -40.10 -21.53 -1.06
CA THR G 297 -39.58 -20.15 -0.99
C THR G 297 -39.62 -19.50 -2.37
N LEU G 298 -39.16 -20.19 -3.42
CA LEU G 298 -39.12 -19.65 -4.81
C LEU G 298 -40.55 -19.34 -5.28
N TYR G 299 -41.49 -20.27 -5.08
CA TYR G 299 -42.88 -20.11 -5.55
C TYR G 299 -43.57 -18.97 -4.80
N ARG G 300 -43.46 -18.97 -3.47
CA ARG G 300 -44.13 -17.95 -2.61
C ARG G 300 -43.57 -16.54 -2.91
N TYR G 301 -42.26 -16.41 -3.09
CA TYR G 301 -41.65 -15.09 -3.43
C TYR G 301 -42.16 -14.63 -4.80
N LYS G 302 -42.21 -15.55 -5.76
CA LYS G 302 -42.72 -15.27 -7.12
C LYS G 302 -44.17 -14.77 -7.00
N GLN G 303 -45.03 -15.50 -6.29
CA GLN G 303 -46.47 -15.18 -6.15
C GLN G 303 -46.59 -13.78 -5.53
N HIS G 304 -45.82 -13.49 -4.48
CA HIS G 304 -45.78 -12.17 -3.80
C HIS G 304 -45.43 -11.06 -4.80
N LEU G 305 -44.29 -11.19 -5.49
CA LEU G 305 -43.85 -10.20 -6.52
C LEU G 305 -44.95 -10.00 -7.56
N ASN G 306 -45.45 -11.10 -8.16
CA ASN G 306 -46.44 -11.05 -9.27
C ASN G 306 -47.72 -10.35 -8.79
N ASP G 307 -48.14 -10.60 -7.53
CA ASP G 307 -49.36 -10.00 -6.94
C ASP G 307 -49.23 -8.48 -6.89
N PHE G 308 -48.00 -7.96 -6.78
CA PHE G 308 -47.69 -6.50 -6.74
C PHE G 308 -47.34 -5.97 -8.13
N GLY G 309 -47.53 -6.75 -9.18
CA GLY G 309 -47.23 -6.37 -10.57
C GLY G 309 -45.71 -6.30 -10.83
N ILE G 310 -44.92 -7.10 -10.11
CA ILE G 310 -43.44 -7.13 -10.25
C ILE G 310 -43.02 -8.44 -10.93
N ASN G 311 -42.18 -8.34 -11.95
CA ASN G 311 -41.54 -9.52 -12.61
C ASN G 311 -40.46 -10.05 -11.66
N TYR G 312 -40.40 -11.38 -11.51
CA TYR G 312 -39.31 -12.10 -10.82
C TYR G 312 -38.29 -12.55 -11.89
N LEU G 313 -37.13 -11.90 -11.93
CA LEU G 313 -35.98 -12.36 -12.74
C LEU G 313 -35.09 -13.23 -11.85
N LEU G 314 -35.08 -14.55 -12.08
CA LEU G 314 -34.43 -15.52 -11.16
C LEU G 314 -33.17 -16.07 -11.82
N ASN G 315 -32.04 -15.83 -11.19
CA ASN G 315 -30.65 -16.04 -11.69
C ASN G 315 -30.22 -17.50 -11.53
N VAL G 316 -29.62 -18.03 -12.59
CA VAL G 316 -28.82 -19.29 -12.56
C VAL G 316 -27.38 -18.89 -12.79
N GLY G 317 -26.46 -19.45 -12.00
CA GLY G 317 -25.01 -19.35 -12.23
C GLY G 317 -24.50 -20.65 -12.83
N LEU G 318 -24.25 -20.68 -14.15
CA LEU G 318 -23.79 -21.89 -14.85
C LEU G 318 -22.41 -22.31 -14.32
N ASP G 319 -22.19 -23.61 -14.26
CA ASP G 319 -20.97 -24.20 -13.69
C ASP G 319 -19.89 -24.17 -14.76
N PRO G 320 -18.66 -24.63 -14.47
CA PRO G 320 -17.57 -24.61 -15.44
C PRO G 320 -17.82 -25.41 -16.73
N LEU G 321 -18.72 -26.41 -16.70
CA LEU G 321 -19.03 -27.23 -17.89
C LEU G 321 -20.23 -26.66 -18.64
N GLY G 322 -20.73 -25.48 -18.21
CA GLY G 322 -21.86 -24.78 -18.87
C GLY G 322 -23.21 -25.28 -18.38
N ARG G 323 -23.26 -25.86 -17.18
CA ARG G 323 -24.45 -26.60 -16.70
C ARG G 323 -25.20 -25.75 -15.68
N VAL G 324 -26.53 -25.87 -15.70
CA VAL G 324 -27.41 -25.48 -14.56
C VAL G 324 -27.10 -26.44 -13.43
N PRO G 325 -26.65 -25.96 -12.25
CA PRO G 325 -26.42 -26.88 -11.14
C PRO G 325 -27.66 -27.73 -10.87
N MET G 326 -27.43 -29.00 -10.55
CA MET G 326 -28.48 -30.01 -10.27
C MET G 326 -29.53 -29.43 -9.31
N MET G 327 -29.12 -28.75 -8.25
CA MET G 327 -30.08 -28.30 -7.21
C MET G 327 -30.85 -27.07 -7.71
N ALA G 328 -30.25 -26.19 -8.51
CA ALA G 328 -30.93 -25.05 -9.15
C ALA G 328 -32.06 -25.60 -10.03
N GLU G 329 -31.76 -26.61 -10.85
CA GLU G 329 -32.74 -27.24 -11.76
C GLU G 329 -33.85 -27.95 -10.97
N GLU G 330 -33.51 -28.73 -9.93
CA GLU G 330 -34.54 -29.46 -9.13
C GLU G 330 -35.47 -28.45 -8.46
N ASN G 331 -34.92 -27.37 -7.92
CA ASN G 331 -35.72 -26.40 -7.12
C ASN G 331 -36.59 -25.56 -8.07
N LEU G 332 -36.08 -25.24 -9.27
CA LEU G 332 -36.89 -24.52 -10.30
C LEU G 332 -38.10 -25.38 -10.68
N LEU G 333 -37.87 -26.66 -11.00
CA LEU G 333 -38.96 -27.57 -11.47
C LEU G 333 -39.96 -27.83 -10.34
N ALA G 334 -39.49 -27.97 -9.10
CA ALA G 334 -40.36 -28.23 -7.94
C ALA G 334 -41.19 -26.97 -7.62
N ALA G 335 -40.60 -25.78 -7.74
CA ALA G 335 -41.32 -24.50 -7.54
C ALA G 335 -42.45 -24.42 -8.57
N LYS G 336 -42.19 -24.85 -9.81
CA LYS G 336 -43.20 -24.83 -10.90
C LYS G 336 -44.33 -25.82 -10.58
N ALA G 337 -44.01 -27.01 -10.06
CA ALA G 337 -45.01 -28.02 -9.67
C ALA G 337 -45.91 -27.48 -8.55
N LEU G 338 -45.32 -26.78 -7.56
CA LEU G 338 -46.09 -26.13 -6.46
C LEU G 338 -47.00 -25.05 -7.05
N GLU G 339 -46.47 -24.22 -7.97
CA GLU G 339 -47.21 -23.10 -8.59
C GLU G 339 -48.43 -23.65 -9.37
N ASP G 340 -48.21 -24.68 -10.18
CA ASP G 340 -49.29 -25.26 -11.03
C ASP G 340 -50.37 -25.87 -10.13
N GLU G 341 -49.97 -26.58 -9.07
CA GLU G 341 -50.90 -27.18 -8.06
C GLU G 341 -51.72 -26.07 -7.39
N ALA G 342 -51.08 -24.98 -6.97
CA ALA G 342 -51.77 -23.85 -6.30
C ALA G 342 -52.78 -23.20 -7.26
N ASN G 343 -52.47 -23.15 -8.56
CA ASN G 343 -53.28 -22.44 -9.58
C ASN G 343 -54.44 -23.30 -10.07
N ARG G 344 -54.39 -24.63 -9.86
CA ARG G 344 -55.50 -25.56 -10.20
C ARG G 344 -56.54 -25.51 -9.07
N LEU G 345 -56.09 -25.70 -7.83
CA LEU G 345 -56.97 -25.67 -6.62
C LEU G 345 -57.38 -24.21 -6.34
N MET H 1 3.04 73.86 47.80
CA MET H 1 3.04 72.36 47.74
C MET H 1 2.58 71.93 46.34
N ASN H 2 3.07 70.79 45.86
CA ASN H 2 2.78 70.28 44.49
C ASN H 2 1.55 69.37 44.55
N ASP H 3 0.38 69.90 44.25
CA ASP H 3 -0.90 69.13 44.31
C ASP H 3 -1.19 68.58 42.90
N ASN H 4 -0.25 68.72 41.97
CA ASN H 4 -0.22 67.87 40.74
C ASN H 4 -0.04 66.41 41.18
N VAL H 5 0.64 66.16 42.31
CA VAL H 5 0.82 64.79 42.87
C VAL H 5 -0.57 64.20 43.14
N ALA H 6 -1.37 64.81 44.01
CA ALA H 6 -2.74 64.38 44.33
C ALA H 6 -3.57 64.34 43.04
N TRP H 7 -3.46 65.37 42.20
CA TRP H 7 -4.23 65.44 40.92
C TRP H 7 -3.87 64.23 40.04
N PHE H 8 -2.58 63.91 39.90
CA PHE H 8 -2.11 62.81 39.01
C PHE H 8 -2.64 61.47 39.51
N LYS H 9 -2.65 61.29 40.82
CA LYS H 9 -3.09 60.04 41.49
C LYS H 9 -4.52 59.68 41.04
N GLN H 10 -5.39 60.69 40.83
CA GLN H 10 -6.85 60.49 40.60
C GLN H 10 -7.21 60.78 39.15
N ALA H 11 -6.22 61.10 38.30
CA ALA H 11 -6.45 61.62 36.93
C ALA H 11 -6.97 60.49 36.02
N LYS H 12 -6.44 59.27 36.19
CA LYS H 12 -6.97 57.99 35.61
C LYS H 12 -6.76 57.90 34.10
N TYR H 13 -6.90 58.99 33.33
CA TYR H 13 -7.07 58.95 31.86
C TYR H 13 -6.50 60.21 31.22
N GLY H 14 -5.60 60.02 30.24
CA GLY H 14 -4.99 61.09 29.44
C GLY H 14 -5.03 60.76 27.96
N MET H 15 -4.98 61.79 27.11
CA MET H 15 -4.76 61.64 25.66
C MET H 15 -3.29 61.93 25.36
N MET H 16 -2.66 61.03 24.60
CA MET H 16 -1.34 61.27 23.97
C MET H 16 -1.59 61.59 22.49
N ILE H 17 -0.75 62.45 21.92
CA ILE H 17 -0.80 62.81 20.47
C ILE H 17 0.59 62.56 19.89
N HIS H 18 0.66 61.71 18.85
CA HIS H 18 1.82 61.62 17.95
C HIS H 18 1.44 62.30 16.66
N TRP H 19 2.20 63.33 16.29
CA TRP H 19 2.00 64.07 15.02
C TRP H 19 3.33 64.62 14.54
N GLY H 20 3.66 64.39 13.27
CA GLY H 20 4.92 64.85 12.66
C GLY H 20 4.94 64.60 11.16
N LEU H 21 6.11 64.81 10.57
CA LEU H 21 6.35 64.60 9.12
C LEU H 21 6.02 63.14 8.79
N TYR H 22 6.33 62.21 9.71
CA TYR H 22 6.06 60.76 9.56
C TYR H 22 4.60 60.51 9.27
N SER H 23 3.71 61.35 9.81
CA SER H 23 2.24 61.24 9.62
C SER H 23 1.86 61.34 8.15
N LEU H 24 2.63 62.06 7.34
CA LEU H 24 2.30 62.28 5.91
C LEU H 24 2.56 61.00 5.11
N LEU H 25 3.63 60.26 5.39
CA LEU H 25 3.94 58.96 4.72
C LEU H 25 2.94 57.89 5.15
N ALA H 26 2.39 58.01 6.36
CA ALA H 26 1.19 57.26 6.83
C ALA H 26 1.46 55.75 6.73
N GLY H 27 2.67 55.33 7.07
CA GLY H 27 3.05 53.92 7.29
C GLY H 27 3.48 53.23 6.01
N GLU H 28 3.75 54.01 4.98
CA GLU H 28 4.02 53.50 3.61
C GLU H 28 5.17 54.31 3.01
N TYR H 29 6.13 53.63 2.38
CA TYR H 29 7.22 54.31 1.64
C TYR H 29 7.58 53.52 0.38
N ARG H 30 7.42 54.16 -0.78
CA ARG H 30 7.73 53.62 -2.12
C ARG H 30 7.22 52.17 -2.21
N GLY H 31 5.95 51.98 -1.88
CA GLY H 31 5.23 50.70 -2.08
C GLY H 31 5.51 49.70 -0.96
N GLU H 32 6.17 50.08 0.14
CA GLU H 32 6.52 49.11 1.22
C GLU H 32 6.02 49.62 2.57
N SER H 33 5.81 48.68 3.49
CA SER H 33 5.16 48.95 4.79
C SER H 33 6.20 49.40 5.82
N SER H 34 5.88 50.39 6.65
CA SER H 34 6.58 50.61 7.94
C SER H 34 6.52 49.32 8.76
N SER H 35 7.26 49.24 9.84
CA SER H 35 6.99 48.30 10.97
C SER H 35 5.65 48.72 11.59
N ALA H 36 5.26 48.07 12.69
CA ALA H 36 4.03 48.43 13.45
C ALA H 36 4.08 49.91 13.82
N TYR H 37 5.27 50.50 14.00
CA TYR H 37 5.43 51.93 14.40
C TYR H 37 5.70 52.81 13.18
N ALA H 38 4.67 53.46 12.64
CA ALA H 38 4.74 54.32 11.42
C ALA H 38 5.61 55.54 11.69
N GLU H 39 5.69 56.02 12.94
CA GLU H 39 6.54 57.19 13.33
C GLU H 39 8.04 56.87 13.19
N TRP H 40 8.42 55.60 13.08
CA TRP H 40 9.82 55.14 12.88
C TRP H 40 10.19 55.00 11.40
N ILE H 41 9.40 55.55 10.47
CA ILE H 41 9.52 55.22 9.02
C ILE H 41 10.86 55.74 8.48
N GLN H 42 11.41 56.84 9.02
CA GLN H 42 12.64 57.44 8.50
C GLN H 42 13.80 56.44 8.69
N SER H 43 13.87 55.82 9.88
CA SER H 43 14.90 54.80 10.24
C SER H 43 14.63 53.50 9.48
N LYS H 44 13.34 53.12 9.36
CA LYS H 44 12.91 51.85 8.71
C LYS H 44 13.47 51.78 7.27
N PHE H 45 13.40 52.89 6.52
CA PHE H 45 13.81 52.94 5.09
C PHE H 45 15.06 53.79 4.89
N GLN H 46 15.70 54.21 5.99
CA GLN H 46 16.94 55.06 5.96
C GLN H 46 16.71 56.22 4.98
N ILE H 47 15.62 56.95 5.14
CA ILE H 47 15.25 58.08 4.23
C ILE H 47 16.21 59.24 4.53
N PRO H 48 17.03 59.67 3.56
CA PRO H 48 17.95 60.79 3.80
C PRO H 48 17.22 62.03 4.33
N ASN H 49 17.85 62.76 5.23
CA ASN H 49 17.34 64.04 5.81
C ASN H 49 16.84 65.01 4.72
N ALA H 50 17.57 65.18 3.61
CA ALA H 50 17.17 66.12 2.53
C ALA H 50 15.76 65.75 2.03
N GLU H 51 15.52 64.46 1.73
CA GLU H 51 14.21 63.95 1.23
C GLU H 51 13.15 64.01 2.34
N TYR H 52 13.44 63.41 3.50
CA TYR H 52 12.47 63.30 4.62
C TYR H 52 12.06 64.72 5.04
N GLY H 53 13.03 65.62 5.22
CA GLY H 53 12.80 67.03 5.57
C GLY H 53 11.88 67.74 4.57
N ASN H 54 11.94 67.38 3.29
CA ASN H 54 11.10 68.00 2.23
C ASN H 54 9.61 67.70 2.51
N LEU H 55 9.27 66.66 3.28
CA LEU H 55 7.86 66.43 3.70
C LEU H 55 7.29 67.69 4.37
N ALA H 56 8.13 68.48 5.05
CA ALA H 56 7.70 69.75 5.69
C ALA H 56 7.00 70.64 4.65
N THR H 57 7.46 70.65 3.39
CA THR H 57 6.89 71.53 2.33
C THR H 57 5.45 71.10 2.02
N ALA H 58 5.06 69.87 2.39
CA ALA H 58 3.72 69.31 2.12
C ALA H 58 2.89 69.27 3.40
N PHE H 59 3.39 69.79 4.51
CA PHE H 59 2.67 69.75 5.81
C PHE H 59 1.70 70.95 5.85
N ASN H 60 0.43 70.70 5.55
CA ASN H 60 -0.65 71.73 5.53
C ASN H 60 -1.95 71.09 6.03
N PRO H 61 -2.02 70.75 7.33
CA PRO H 61 -3.21 70.11 7.89
C PRO H 61 -4.40 71.06 8.11
N LEU H 62 -5.19 71.25 7.06
CA LEU H 62 -6.28 72.26 7.00
C LEU H 62 -7.33 72.01 8.08
N TYR H 63 -7.48 70.79 8.59
CA TYR H 63 -8.58 70.46 9.55
C TYR H 63 -8.04 70.35 10.98
N PHE H 64 -6.77 70.71 11.23
CA PHE H 64 -6.23 70.76 12.60
C PHE H 64 -7.05 71.77 13.42
N ASP H 65 -7.62 71.29 14.52
CA ASP H 65 -8.44 72.14 15.44
C ASP H 65 -8.17 71.65 16.87
N ALA H 66 -7.25 72.33 17.55
CA ALA H 66 -6.80 72.02 18.92
C ALA H 66 -7.99 72.03 19.89
N LYS H 67 -8.95 72.94 19.68
CA LYS H 67 -10.18 73.05 20.52
C LYS H 67 -11.00 71.76 20.38
N LYS H 68 -11.22 71.26 19.15
CA LYS H 68 -12.05 70.04 18.91
C LYS H 68 -11.31 68.81 19.45
N ILE H 69 -9.98 68.79 19.37
CA ILE H 69 -9.17 67.65 19.88
C ILE H 69 -9.29 67.61 21.41
N VAL H 70 -9.23 68.78 22.04
CA VAL H 70 -9.31 68.86 23.54
C VAL H 70 -10.74 68.51 23.99
N ALA H 71 -11.75 68.95 23.24
CA ALA H 71 -13.18 68.67 23.51
C ALA H 71 -13.45 67.16 23.45
N LEU H 72 -12.82 66.44 22.50
CA LEU H 72 -12.94 64.97 22.40
C LEU H 72 -12.36 64.32 23.66
N ALA H 73 -11.13 64.70 24.03
CA ALA H 73 -10.44 64.19 25.24
C ALA H 73 -11.37 64.42 26.46
N LYS H 74 -11.91 65.63 26.58
CA LYS H 74 -12.74 66.05 27.75
C LYS H 74 -14.02 65.19 27.80
N GLN H 75 -14.71 65.02 26.66
CA GLN H 75 -15.95 64.20 26.55
C GLN H 75 -15.62 62.76 27.02
N CYS H 76 -14.39 62.30 26.80
CA CYS H 76 -13.98 60.91 27.14
C CYS H 76 -13.54 60.79 28.61
N GLY H 77 -13.56 61.89 29.36
CA GLY H 77 -13.16 61.90 30.78
C GLY H 77 -11.65 61.97 30.91
N MET H 78 -10.92 62.32 29.86
CA MET H 78 -9.45 62.49 29.93
C MET H 78 -9.16 63.83 30.63
N GLN H 79 -8.23 63.85 31.58
CA GLN H 79 -7.96 65.04 32.43
C GLN H 79 -6.66 65.73 32.00
N TYR H 80 -5.96 65.14 31.02
CA TYR H 80 -4.71 65.74 30.49
C TYR H 80 -4.43 65.23 29.08
N LEU H 81 -3.53 65.96 28.43
CA LEU H 81 -3.06 65.73 27.05
C LEU H 81 -1.53 65.84 27.06
N VAL H 82 -0.88 64.82 26.52
CA VAL H 82 0.59 64.75 26.30
C VAL H 82 0.82 64.75 24.79
N VAL H 83 1.68 65.63 24.29
CA VAL H 83 1.90 65.75 22.80
C VAL H 83 3.38 65.71 22.49
N THR H 84 3.74 65.05 21.38
CA THR H 84 5.10 65.02 20.80
C THR H 84 5.50 66.45 20.39
N THR H 85 6.43 67.06 21.13
CA THR H 85 7.05 68.36 20.77
C THR H 85 8.17 68.12 19.76
N LYS H 86 8.86 66.98 19.88
CA LYS H 86 9.95 66.55 18.94
C LYS H 86 10.16 65.05 19.10
N HIS H 87 9.87 64.28 18.05
CA HIS H 87 10.03 62.81 18.05
C HIS H 87 11.45 62.48 17.57
N HIS H 88 11.77 61.20 17.34
CA HIS H 88 13.13 60.70 17.04
C HIS H 88 13.70 61.38 15.80
N ASP H 89 12.83 61.79 14.87
CA ASP H 89 13.24 62.36 13.56
C ASP H 89 13.88 63.73 13.80
N GLY H 90 13.63 64.33 14.97
CA GLY H 90 14.24 65.61 15.37
C GLY H 90 13.49 66.81 14.84
N PHE H 91 12.30 66.63 14.28
CA PHE H 91 11.47 67.74 13.74
C PHE H 91 10.60 68.31 14.86
N ALA H 92 10.80 69.58 15.22
CA ALA H 92 10.07 70.21 16.35
C ALA H 92 8.66 70.58 15.87
N MET H 93 7.64 70.34 16.70
CA MET H 93 6.20 70.64 16.39
C MET H 93 5.78 71.92 17.10
N TYR H 94 6.76 72.75 17.44
CA TYR H 94 6.61 74.08 18.07
C TYR H 94 7.60 75.03 17.40
N HIS H 95 7.45 76.33 17.60
CA HIS H 95 8.33 77.36 17.00
C HIS H 95 9.64 77.39 17.80
N SER H 96 10.63 76.59 17.40
CA SER H 96 11.96 76.51 18.08
C SER H 96 12.85 77.65 17.56
N LYS H 97 13.39 78.47 18.46
CA LYS H 97 14.32 79.57 18.08
C LYS H 97 15.67 78.93 17.69
N VAL H 98 16.07 77.83 18.33
CA VAL H 98 17.43 77.25 18.16
C VAL H 98 17.50 76.40 16.89
N ASP H 99 16.38 75.87 16.39
CA ASP H 99 16.37 74.99 15.18
C ASP H 99 15.21 75.34 14.27
N ALA H 100 15.52 75.72 13.02
CA ALA H 100 14.53 76.12 11.98
C ALA H 100 13.79 74.89 11.44
N TYR H 101 14.27 73.68 11.74
CA TYR H 101 13.64 72.38 11.38
C TYR H 101 12.45 72.16 12.32
N ASN H 102 11.38 72.91 12.10
CA ASN H 102 10.20 72.93 12.99
C ASN H 102 8.97 73.29 12.18
N VAL H 103 7.79 72.99 12.71
CA VAL H 103 6.47 73.06 12.03
C VAL H 103 6.14 74.53 11.68
N TYR H 104 6.67 75.47 12.47
CA TYR H 104 6.39 76.92 12.31
C TYR H 104 7.18 77.47 11.11
N ASP H 105 8.48 77.23 11.10
CA ASP H 105 9.44 77.82 10.13
C ASP H 105 9.41 77.08 8.79
N ALA H 106 9.28 75.75 8.77
CA ALA H 106 9.60 74.88 7.61
C ALA H 106 8.35 74.47 6.82
N THR H 107 7.13 74.74 7.33
CA THR H 107 5.88 74.25 6.67
C THR H 107 5.05 75.44 6.22
N PRO H 108 4.24 75.26 5.14
CA PRO H 108 3.25 76.27 4.75
C PRO H 108 2.15 76.50 5.79
N PHE H 109 1.96 75.56 6.71
CA PHE H 109 0.94 75.67 7.79
C PHE H 109 1.33 76.83 8.69
N HIS H 110 2.63 76.94 9.00
CA HIS H 110 3.26 78.15 9.59
C HIS H 110 2.55 78.47 10.91
N ARG H 111 2.33 77.46 11.74
CA ARG H 111 1.62 77.61 13.04
C ARG H 111 2.32 76.79 14.11
N ASP H 112 2.30 77.26 15.35
CA ASP H 112 2.85 76.56 16.53
C ASP H 112 1.75 75.64 17.08
N ILE H 113 1.84 74.35 16.79
CA ILE H 113 0.81 73.32 17.10
C ILE H 113 0.77 73.07 18.61
N ILE H 114 1.96 73.06 19.26
CA ILE H 114 2.10 72.90 20.72
C ILE H 114 1.39 74.08 21.40
N GLY H 115 1.64 75.31 20.93
CA GLY H 115 1.03 76.55 21.44
C GLY H 115 -0.48 76.50 21.37
N GLU H 116 -1.03 76.01 20.26
CA GLU H 116 -2.51 75.95 20.05
C GLU H 116 -3.09 74.89 20.99
N LEU H 117 -2.38 73.77 21.20
CA LEU H 117 -2.86 72.72 22.15
C LEU H 117 -2.72 73.22 23.59
N ALA H 118 -1.64 73.92 23.94
CA ALA H 118 -1.45 74.54 25.28
C ALA H 118 -2.64 75.46 25.59
N GLU H 119 -2.98 76.36 24.65
CA GLU H 119 -4.08 77.33 24.80
C GLU H 119 -5.41 76.58 24.95
N ALA H 120 -5.66 75.57 24.11
CA ALA H 120 -6.93 74.80 24.09
C ALA H 120 -7.12 74.07 25.42
N CYS H 121 -6.06 73.46 25.95
CA CYS H 121 -6.06 72.71 27.23
C CYS H 121 -6.34 73.66 28.40
N GLN H 122 -5.72 74.84 28.40
CA GLN H 122 -5.89 75.86 29.45
C GLN H 122 -7.37 76.26 29.51
N LYS H 123 -7.99 76.53 28.37
CA LYS H 123 -9.37 77.08 28.29
C LYS H 123 -10.39 76.01 28.71
N ALA H 124 -10.10 74.74 28.49
CA ALA H 124 -11.01 73.61 28.76
C ALA H 124 -10.78 73.03 30.16
N GLY H 125 -9.72 73.48 30.85
CA GLY H 125 -9.36 72.99 32.20
C GLY H 125 -8.68 71.64 32.17
N LEU H 126 -8.02 71.27 31.07
CA LEU H 126 -7.18 70.03 31.01
C LEU H 126 -5.73 70.38 31.33
N LYS H 127 -5.03 69.48 32.03
CA LYS H 127 -3.58 69.60 32.29
C LYS H 127 -2.83 69.28 30.99
N PHE H 128 -1.63 69.84 30.83
CA PHE H 128 -0.88 69.78 29.56
C PHE H 128 0.51 69.21 29.82
N GLY H 129 0.86 68.16 29.07
CA GLY H 129 2.14 67.42 29.18
C GLY H 129 2.87 67.43 27.86
N LEU H 130 4.20 67.24 27.90
CA LEU H 130 5.08 67.36 26.72
C LEU H 130 5.96 66.12 26.61
N TYR H 131 5.96 65.50 25.43
CA TYR H 131 6.87 64.42 24.99
C TYR H 131 8.05 65.08 24.25
N TYR H 132 9.27 64.66 24.57
CA TYR H 132 10.50 65.12 23.87
C TYR H 132 11.50 63.97 23.81
N SER H 133 11.95 63.64 22.60
CA SER H 133 13.04 62.67 22.30
C SER H 133 14.40 63.28 22.64
N GLN H 134 14.87 63.11 23.88
CA GLN H 134 16.08 63.78 24.44
C GLN H 134 17.35 63.05 23.96
N ASP H 135 17.23 61.79 23.54
CA ASP H 135 18.37 60.93 23.19
C ASP H 135 18.47 60.83 21.66
N LEU H 136 17.47 60.23 21.01
CA LEU H 136 17.47 60.00 19.54
C LEU H 136 17.11 61.30 18.83
N ASP H 137 17.89 61.64 17.79
CA ASP H 137 17.63 62.80 16.90
C ASP H 137 18.28 62.52 15.55
N TRP H 138 17.47 62.09 14.58
CA TRP H 138 17.93 61.61 13.25
C TRP H 138 18.37 62.78 12.39
N HIS H 139 17.90 63.99 12.70
CA HIS H 139 18.30 65.24 12.01
C HIS H 139 19.67 65.73 12.49
N ASP H 140 20.11 65.33 13.68
CA ASP H 140 21.38 65.84 14.27
C ASP H 140 22.52 64.87 13.95
N PRO H 141 23.65 65.37 13.45
CA PRO H 141 24.84 64.55 13.21
C PRO H 141 25.30 63.72 14.42
N ASN H 142 25.07 64.24 15.63
CA ASN H 142 25.53 63.62 16.90
C ASN H 142 24.33 63.10 17.70
N GLY H 143 23.20 62.87 17.04
CA GLY H 143 22.00 62.26 17.65
C GLY H 143 22.33 60.92 18.29
N GLY H 144 21.62 60.56 19.36
CA GLY H 144 21.94 59.38 20.19
C GLY H 144 21.54 58.07 19.51
N GLY H 145 21.94 56.95 20.10
CA GLY H 145 21.58 55.59 19.66
C GLY H 145 22.74 54.83 19.01
N TYR H 146 23.83 55.54 18.68
CA TYR H 146 24.99 54.98 17.94
C TYR H 146 25.78 53.95 18.77
N LYS H 147 25.43 53.78 20.05
CA LYS H 147 26.08 52.78 20.95
C LYS H 147 25.18 51.56 21.14
N SER H 148 23.99 51.55 20.56
CA SER H 148 22.88 50.63 20.95
C SER H 148 22.47 49.69 19.81
N ASN H 149 23.21 49.65 18.69
CA ASN H 149 22.74 48.98 17.45
C ASN H 149 22.97 47.47 17.51
N ASP H 150 23.40 46.92 18.66
CA ASP H 150 23.38 45.46 18.93
C ASP H 150 21.96 44.97 19.24
N VAL H 151 20.98 45.86 19.45
CA VAL H 151 19.55 45.48 19.68
C VAL H 151 18.68 46.05 18.54
N GLU H 152 17.75 45.24 18.03
CA GLU H 152 16.89 45.58 16.85
C GLU H 152 15.89 46.66 17.26
N THR H 153 15.33 47.37 16.26
CA THR H 153 14.43 48.54 16.45
C THR H 153 13.19 48.38 15.57
N ALA H 154 12.24 49.30 15.72
CA ALA H 154 11.04 49.42 14.87
C ALA H 154 11.40 50.09 13.54
N GLY H 155 12.67 50.42 13.32
CA GLY H 155 13.24 50.88 12.04
C GLY H 155 14.41 50.02 11.61
N THR H 156 15.57 50.62 11.39
CA THR H 156 16.88 49.90 11.24
C THR H 156 17.70 50.16 12.51
N THR H 157 18.47 51.25 12.52
CA THR H 157 19.36 51.66 13.64
C THR H 157 18.62 52.65 14.54
N TRP H 158 19.08 52.78 15.79
CA TRP H 158 18.55 53.76 16.78
C TRP H 158 18.87 55.19 16.29
N ASP H 159 20.05 55.39 15.72
CA ASP H 159 20.58 56.68 15.21
C ASP H 159 20.34 56.80 13.70
N ASN H 160 20.55 58.00 13.14
CA ASN H 160 20.71 58.21 11.68
C ASN H 160 22.14 57.78 11.30
N SER H 161 22.26 56.56 10.79
CA SER H 161 23.53 55.91 10.39
C SER H 161 23.72 55.98 8.87
N TRP H 162 22.79 56.60 8.13
CA TRP H 162 22.81 56.68 6.65
C TRP H 162 23.33 58.06 6.22
N ASP H 163 22.76 59.15 6.75
CA ASP H 163 23.30 60.52 6.55
C ASP H 163 24.61 60.70 7.33
N PHE H 164 24.75 59.99 8.46
CA PHE H 164 25.90 60.14 9.40
C PHE H 164 26.47 58.74 9.70
N PRO H 165 27.18 58.12 8.73
CA PRO H 165 27.66 56.75 8.89
C PRO H 165 28.92 56.51 9.74
N ASP H 166 29.65 57.56 10.11
CA ASP H 166 30.95 57.42 10.86
C ASP H 166 30.63 57.40 12.36
N GLU H 167 30.32 56.22 12.91
CA GLU H 167 29.89 56.01 14.32
C GLU H 167 31.03 56.35 15.29
N ASP H 168 32.29 56.07 14.92
CA ASP H 168 33.50 56.55 15.64
C ASP H 168 33.64 58.02 15.31
N GLN H 169 33.65 58.88 16.31
CA GLN H 169 33.75 60.37 16.17
C GLN H 169 32.34 60.97 16.04
N LYS H 170 31.29 60.16 16.28
CA LYS H 170 29.99 60.67 16.83
C LYS H 170 30.19 60.96 18.33
N ASN H 171 29.70 62.11 18.78
CA ASN H 171 29.83 62.60 20.18
C ASN H 171 28.50 63.26 20.56
N PHE H 172 27.61 62.50 21.20
CA PHE H 172 26.26 62.94 21.63
C PHE H 172 26.34 64.29 22.37
N ASP H 173 27.37 64.50 23.19
CA ASP H 173 27.58 65.73 23.98
C ASP H 173 27.23 66.96 23.12
N LEU H 174 27.70 66.99 21.87
CA LEU H 174 27.52 68.12 20.92
C LEU H 174 26.03 68.35 20.65
N CYS H 175 25.29 67.27 20.37
CA CYS H 175 23.82 67.29 20.16
C CYS H 175 23.14 67.77 21.46
N PHE H 176 23.58 67.22 22.60
CA PHE H 176 22.99 67.55 23.92
C PHE H 176 23.11 69.05 24.21
N ASP H 177 24.31 69.60 24.00
CA ASP H 177 24.66 70.99 24.38
C ASP H 177 23.97 71.97 23.43
N ASN H 178 23.91 71.65 22.14
CA ASN H 178 23.55 72.63 21.07
C ASN H 178 22.07 72.52 20.70
N LYS H 179 21.42 71.36 20.86
CA LYS H 179 20.00 71.20 20.44
C LYS H 179 19.13 70.72 21.61
N ILE H 180 19.50 69.62 22.26
CA ILE H 180 18.60 68.87 23.19
C ILE H 180 18.20 69.79 24.37
N LEU H 181 19.18 70.31 25.12
CA LEU H 181 18.91 71.10 26.35
C LEU H 181 18.32 72.46 25.98
N PRO H 182 18.90 73.20 25.01
CA PRO H 182 18.27 74.44 24.54
C PRO H 182 16.77 74.23 24.21
N GLN H 183 16.43 73.18 23.45
CA GLN H 183 15.01 72.93 23.07
C GLN H 183 14.17 72.57 24.31
N ILE H 184 14.71 71.79 25.25
CA ILE H 184 13.95 71.45 26.49
C ILE H 184 13.64 72.74 27.26
N LYS H 185 14.57 73.71 27.27
CA LYS H 185 14.37 75.01 27.93
C LYS H 185 13.23 75.77 27.23
N GLU H 186 13.19 75.74 25.90
CA GLU H 186 12.16 76.42 25.06
C GLU H 186 10.76 75.91 25.43
N ILE H 187 10.55 74.59 25.39
CA ILE H 187 9.20 73.99 25.60
C ILE H 187 8.77 74.21 27.06
N MET H 188 9.74 74.27 27.98
CA MET H 188 9.45 74.40 29.43
C MET H 188 9.32 75.88 29.84
N SER H 189 9.56 76.82 28.93
CA SER H 189 9.56 78.29 29.21
C SER H 189 8.38 78.99 28.54
N ASN H 190 7.93 78.46 27.41
CA ASN H 190 6.92 79.05 26.53
C ASN H 190 5.80 78.05 26.83
N TYR H 191 4.53 78.25 26.50
CA TYR H 191 3.49 77.18 26.59
C TYR H 191 2.96 77.03 28.03
N GLY H 192 3.30 77.93 28.96
CA GLY H 192 2.67 78.03 30.29
C GLY H 192 3.00 76.83 31.17
N ASP H 193 2.11 76.51 32.12
CA ASP H 193 2.33 75.43 33.12
C ASP H 193 2.30 74.05 32.44
N ILE H 194 3.38 73.28 32.61
CA ILE H 194 3.50 71.89 32.10
C ILE H 194 3.30 70.93 33.27
N ALA H 195 2.25 70.12 33.23
CA ALA H 195 1.86 69.17 34.31
C ALA H 195 2.79 67.95 34.29
N THR H 196 3.16 67.49 33.11
CA THR H 196 3.85 66.18 32.88
C THR H 196 4.97 66.37 31.86
N ALA H 197 6.09 65.67 32.03
CA ALA H 197 7.26 65.68 31.13
C ALA H 197 7.60 64.24 30.75
N TRP H 198 7.49 63.94 29.45
CA TRP H 198 7.56 62.57 28.88
C TRP H 198 8.86 62.43 28.08
N PHE H 199 9.91 61.95 28.71
CA PHE H 199 11.20 61.64 28.04
C PHE H 199 11.19 60.16 27.66
N ASP H 200 11.98 59.82 26.66
CA ASP H 200 11.97 58.49 26.01
C ASP H 200 13.32 57.82 26.24
N VAL H 201 13.54 56.74 25.49
CA VAL H 201 14.55 55.68 25.78
C VAL H 201 15.93 56.33 25.95
N PRO H 202 16.45 56.37 27.19
CA PRO H 202 17.77 56.98 27.46
C PRO H 202 18.93 56.00 27.20
N MET H 203 19.43 55.96 25.98
CA MET H 203 20.39 54.93 25.51
C MET H 203 21.81 55.50 25.50
N THR H 204 21.95 56.82 25.35
CA THR H 204 23.25 57.49 25.10
C THR H 204 23.57 58.47 26.23
N LEU H 205 22.56 59.17 26.77
CA LEU H 205 22.69 60.16 27.87
C LEU H 205 23.52 59.61 29.02
N SER H 206 24.53 60.37 29.45
CA SER H 206 25.22 60.20 30.75
C SER H 206 24.25 60.54 31.88
N GLU H 207 24.52 59.98 33.07
CA GLU H 207 23.89 60.33 34.36
C GLU H 207 23.80 61.86 34.48
N ALA H 208 24.92 62.57 34.26
CA ALA H 208 25.06 64.03 34.40
C ALA H 208 24.08 64.74 33.46
N GLN H 209 23.96 64.26 32.22
CA GLN H 209 23.06 64.84 31.18
C GLN H 209 21.60 64.66 31.62
N SER H 210 21.24 63.48 32.12
CA SER H 210 19.90 63.20 32.70
C SER H 210 19.62 64.15 33.88
N GLN H 211 20.61 64.33 34.76
CA GLN H 211 20.54 65.19 35.98
C GLN H 211 20.26 66.63 35.52
N THR H 212 21.04 67.12 34.54
CA THR H 212 20.91 68.49 33.96
C THR H 212 19.49 68.70 33.42
N ILE H 213 18.89 67.69 32.77
CA ILE H 213 17.51 67.81 32.23
C ILE H 213 16.55 67.93 33.41
N TYR H 214 16.62 66.99 34.35
CA TYR H 214 15.80 66.96 35.58
C TYR H 214 15.86 68.35 36.24
N ASP H 215 17.06 68.86 36.49
CA ASP H 215 17.30 70.13 37.24
C ASP H 215 16.67 71.30 36.46
N THR H 216 16.78 71.28 35.13
CA THR H 216 16.25 72.32 34.22
C THR H 216 14.71 72.36 34.29
N VAL H 217 14.07 71.20 34.19
CA VAL H 217 12.58 71.09 34.23
C VAL H 217 12.11 71.57 35.62
N ARG H 218 12.76 71.10 36.69
CA ARG H 218 12.48 71.52 38.08
C ARG H 218 12.50 73.05 38.21
N GLU H 219 13.54 73.71 37.69
CA GLU H 219 13.72 75.19 37.78
C GLU H 219 12.59 75.89 37.02
N LEU H 220 12.37 75.49 35.76
CA LEU H 220 11.44 76.19 34.82
C LEU H 220 9.99 75.80 35.15
N GLN H 221 9.76 74.57 35.60
CA GLN H 221 8.40 74.03 35.85
C GLN H 221 8.39 73.31 37.19
N PRO H 222 8.41 74.05 38.31
CA PRO H 222 8.51 73.42 39.64
C PRO H 222 7.54 72.26 39.88
N ASN H 223 6.33 72.30 39.32
CA ASN H 223 5.23 71.33 39.67
C ASN H 223 5.07 70.28 38.57
N CYS H 224 5.95 70.28 37.55
CA CYS H 224 5.94 69.29 36.44
C CYS H 224 6.38 67.93 36.97
N LEU H 225 5.57 66.90 36.76
CA LEU H 225 5.91 65.49 37.11
C LEU H 225 6.70 64.86 35.96
N ILE H 226 7.90 64.38 36.24
CA ILE H 226 8.83 63.79 35.24
C ILE H 226 8.65 62.28 35.20
N ASN H 227 8.58 61.73 33.99
CA ASN H 227 8.36 60.29 33.70
C ASN H 227 9.69 59.54 33.97
N SER H 228 9.60 58.26 34.34
CA SER H 228 10.74 57.44 34.82
C SER H 228 11.73 57.11 33.67
N ARG H 229 11.38 57.42 32.41
CA ARG H 229 12.21 57.14 31.21
C ARG H 229 13.14 58.32 30.87
N LEU H 230 13.45 59.19 31.83
CA LEU H 230 14.46 60.26 31.61
C LEU H 230 15.86 59.66 31.74
N ASN H 232 17.92 56.72 36.12
CA ASN H 232 18.77 56.55 37.33
C ASN H 232 18.26 57.43 38.46
N GLY H 233 16.94 57.43 38.70
CA GLY H 233 16.30 58.10 39.86
C GLY H 233 16.00 59.58 39.60
N LYS H 234 15.87 59.93 38.32
CA LYS H 234 15.46 61.31 37.89
C LYS H 234 14.01 61.31 37.39
N TYR H 235 13.02 61.20 38.28
CA TYR H 235 11.59 61.13 37.93
C TYR H 235 10.68 61.31 39.14
N ASP H 236 9.39 61.50 38.86
CA ASP H 236 8.30 61.72 39.85
C ASP H 236 7.25 60.62 39.73
N PHE H 237 7.04 60.08 38.53
CA PHE H 237 6.09 58.96 38.28
C PHE H 237 6.77 57.91 37.41
N VAL H 238 6.36 56.65 37.58
CA VAL H 238 6.95 55.52 36.80
C VAL H 238 6.03 55.26 35.60
N SER H 239 6.63 55.31 34.42
CA SER H 239 6.08 54.83 33.12
C SER H 239 6.22 53.30 33.08
N LEU H 240 5.12 52.59 33.27
CA LEU H 240 5.09 51.10 33.24
C LEU H 240 4.86 50.63 31.80
N GLY H 241 5.67 49.70 31.31
CA GLY H 241 5.39 48.95 30.07
C GLY H 241 4.22 47.98 30.28
N ASP H 242 3.60 47.51 29.20
CA ASP H 242 2.47 46.53 29.26
C ASP H 242 2.87 45.31 30.09
N ALA H 243 4.12 44.84 29.96
CA ALA H 243 4.65 43.64 30.63
C ALA H 243 4.89 43.86 32.13
N GLU H 244 4.83 45.10 32.62
CA GLU H 244 5.25 45.47 34.00
C GLU H 244 4.03 45.74 34.89
N ILE H 245 2.82 45.47 34.40
CA ILE H 245 1.53 45.88 35.05
C ILE H 245 1.15 44.85 36.13
N PRO H 267 10.72 51.69 41.23
CA PRO H 267 10.19 52.19 42.50
C PRO H 267 9.54 53.58 42.38
N SER H 268 8.39 53.75 43.03
CA SER H 268 7.54 54.96 42.93
C SER H 268 7.20 55.45 44.33
N PRO H 269 8.08 56.25 44.98
CA PRO H 269 7.85 56.66 46.36
C PRO H 269 6.64 57.58 46.54
N LEU H 270 6.15 58.22 45.46
CA LEU H 270 4.91 59.04 45.47
C LEU H 270 3.69 58.18 45.08
N GLY H 271 3.91 56.91 44.75
CA GLY H 271 2.83 55.98 44.30
C GLY H 271 2.18 56.44 43.00
N LEU H 272 2.93 57.12 42.13
CA LEU H 272 2.40 57.65 40.84
C LEU H 272 2.80 56.69 39.73
N TYR H 273 1.82 56.24 38.94
CA TYR H 273 2.01 55.26 37.84
C TYR H 273 1.19 55.66 36.62
N GLU H 274 1.77 55.38 35.45
CA GLU H 274 1.13 55.65 34.15
C GLU H 274 1.59 54.59 33.15
N THR H 275 0.65 54.02 32.40
CA THR H 275 0.91 53.15 31.24
C THR H 275 0.40 53.86 30.00
N ALA H 276 1.27 54.03 28.99
CA ALA H 276 0.90 54.55 27.66
C ALA H 276 0.50 53.38 26.76
N GLY H 277 -0.54 53.55 25.96
CA GLY H 277 -0.94 52.62 24.88
C GLY H 277 -1.49 53.39 23.71
N THR H 278 -1.62 52.77 22.54
CA THR H 278 -2.22 53.36 21.32
C THR H 278 -3.48 52.56 20.97
N ILE H 279 -4.34 53.05 20.08
CA ILE H 279 -5.64 52.40 19.76
C ILE H 279 -5.43 51.31 18.71
N ASN H 280 -4.73 51.60 17.62
CA ASN H 280 -4.27 50.55 16.66
C ASN H 280 -2.86 50.14 17.15
N ASP H 281 -1.98 49.65 16.29
CA ASP H 281 -0.68 49.11 16.77
C ASP H 281 0.44 50.14 16.58
N SER H 282 0.16 51.25 15.90
CA SER H 282 1.11 52.32 15.59
C SER H 282 0.87 53.53 16.49
N TRP H 283 1.91 54.29 16.82
CA TRP H 283 1.79 55.59 17.53
C TRP H 283 1.48 56.68 16.50
N GLY H 284 2.30 56.80 15.46
CA GLY H 284 2.00 57.67 14.31
C GLY H 284 0.89 57.08 13.46
N PHE H 285 0.18 57.96 12.75
CA PHE H 285 -0.88 57.61 11.77
C PHE H 285 -0.32 56.63 10.73
N SER H 286 -1.10 55.58 10.45
CA SER H 286 -0.74 54.58 9.42
C SER H 286 -1.99 54.19 8.66
N TYR H 287 -2.04 54.44 7.35
CA TYR H 287 -3.19 54.11 6.45
C TYR H 287 -3.53 52.63 6.61
N HIS H 288 -2.53 51.78 6.58
CA HIS H 288 -2.69 50.31 6.44
C HIS H 288 -3.07 49.65 7.77
N ASP H 289 -2.86 50.34 8.90
CA ASP H 289 -3.15 49.79 10.23
C ASP H 289 -4.60 50.13 10.60
N GLN H 290 -5.49 49.19 10.37
CA GLN H 290 -6.91 49.27 10.77
C GLN H 290 -7.18 48.33 11.95
N ASN H 291 -6.15 48.01 12.75
CA ASN H 291 -6.26 47.07 13.89
C ASN H 291 -6.62 47.85 15.15
N TRP H 292 -7.74 48.55 15.11
CA TRP H 292 -8.27 49.40 16.20
C TRP H 292 -8.73 48.52 17.36
N LYS H 293 -8.16 48.69 18.55
CA LYS H 293 -8.68 48.02 19.77
C LYS H 293 -10.17 48.38 19.90
N THR H 294 -11.01 47.38 20.22
CA THR H 294 -12.47 47.60 20.37
C THR H 294 -12.75 48.47 21.60
N PRO H 295 -13.92 49.15 21.60
CA PRO H 295 -14.35 49.92 22.77
C PRO H 295 -14.28 49.07 24.05
N ARG H 296 -14.72 47.81 24.01
CA ARG H 296 -14.67 46.90 25.18
C ARG H 296 -13.23 46.73 25.65
N THR H 297 -12.29 46.50 24.72
CA THR H 297 -10.85 46.36 25.03
C THR H 297 -10.33 47.64 25.70
N LEU H 298 -10.64 48.81 25.14
CA LEU H 298 -10.18 50.13 25.67
C LEU H 298 -10.73 50.32 27.09
N TYR H 299 -12.02 50.07 27.31
CA TYR H 299 -12.70 50.30 28.62
C TYR H 299 -12.14 49.34 29.65
N ARG H 300 -12.07 48.05 29.31
CA ARG H 300 -11.59 47.00 30.24
C ARG H 300 -10.14 47.24 30.65
N TYR H 301 -9.27 47.61 29.70
CA TYR H 301 -7.85 47.91 29.99
C TYR H 301 -7.77 49.12 30.92
N LYS H 302 -8.56 50.14 30.64
CA LYS H 302 -8.62 51.37 31.48
C LYS H 302 -9.02 50.98 32.90
N GLN H 303 -10.10 50.21 33.05
CA GLN H 303 -10.65 49.82 34.38
C GLN H 303 -9.57 49.05 35.13
N HIS H 304 -8.89 48.11 34.46
CA HIS H 304 -7.79 47.28 35.02
C HIS H 304 -6.67 48.20 35.54
N LEU H 305 -6.14 49.08 34.68
CA LEU H 305 -5.06 50.03 35.07
C LEU H 305 -5.52 50.87 36.27
N ASN H 306 -6.70 51.51 36.19
CA ASN H 306 -7.22 52.43 37.25
C ASN H 306 -7.36 51.66 38.58
N ASP H 307 -7.79 50.39 38.53
CA ASP H 307 -7.99 49.53 39.73
C ASP H 307 -6.66 49.31 40.45
N PHE H 308 -5.54 49.37 39.74
CA PHE H 308 -4.17 49.19 40.27
C PHE H 308 -3.51 50.55 40.56
N GLY H 309 -4.28 51.65 40.48
CA GLY H 309 -3.77 53.02 40.70
C GLY H 309 -2.86 53.49 39.57
N ILE H 310 -3.08 53.01 38.35
CA ILE H 310 -2.27 53.39 37.15
C ILE H 310 -3.12 54.27 36.23
N ASN H 311 -2.56 55.39 35.79
CA ASN H 311 -3.17 56.26 34.75
C ASN H 311 -3.00 55.57 33.39
N TYR H 312 -4.05 55.60 32.58
CA TYR H 312 -4.04 55.16 31.16
C TYR H 312 -3.82 56.39 30.29
N LEU H 313 -2.63 56.52 29.71
CA LEU H 313 -2.35 57.54 28.67
C LEU H 313 -2.59 56.92 27.29
N LEU H 314 -3.66 57.29 26.60
CA LEU H 314 -4.12 56.61 25.37
C LEU H 314 -3.86 57.53 24.16
N ASN H 315 -3.03 57.03 23.24
CA ASN H 315 -2.46 57.78 22.10
C ASN H 315 -3.43 57.87 20.92
N VAL H 316 -3.52 59.06 20.33
CA VAL H 316 -4.10 59.31 18.98
C VAL H 316 -2.95 59.70 18.05
N GLY H 317 -2.92 59.13 16.85
CA GLY H 317 -2.05 59.53 15.74
C GLY H 317 -2.82 60.34 14.74
N LEU H 318 -2.68 61.68 14.76
CA LEU H 318 -3.40 62.58 13.83
C LEU H 318 -2.97 62.30 12.40
N ASP H 319 -3.93 62.44 11.48
CA ASP H 319 -3.75 62.11 10.06
C ASP H 319 -3.08 63.31 9.40
N PRO H 320 -2.77 63.25 8.08
CA PRO H 320 -2.13 64.36 7.39
C PRO H 320 -2.93 65.69 7.39
N LEU H 321 -4.24 65.64 7.56
CA LEU H 321 -5.10 66.87 7.59
C LEU H 321 -5.26 67.35 9.03
N GLY H 322 -4.59 66.73 9.99
CA GLY H 322 -4.61 67.13 11.41
C GLY H 322 -5.81 66.52 12.15
N ARG H 323 -6.35 65.41 11.65
CA ARG H 323 -7.63 64.85 12.13
C ARG H 323 -7.36 63.64 13.03
N VAL H 324 -8.21 63.48 14.06
CA VAL H 324 -8.39 62.20 14.79
C VAL H 324 -9.02 61.22 13.80
N PRO H 325 -8.39 60.07 13.50
CA PRO H 325 -9.03 59.13 12.59
C PRO H 325 -10.44 58.77 13.08
N MET H 326 -11.36 58.65 12.13
CA MET H 326 -12.80 58.35 12.40
C MET H 326 -12.92 57.15 13.34
N MET H 327 -12.15 56.08 13.15
CA MET H 327 -12.30 54.86 13.98
C MET H 327 -11.70 55.09 15.40
N ALA H 328 -10.63 55.88 15.54
CA ALA H 328 -10.05 56.26 16.85
C ALA H 328 -11.13 57.00 17.63
N GLU H 329 -11.79 57.98 17.02
CA GLU H 329 -12.86 58.78 17.63
C GLU H 329 -14.08 57.92 18.00
N GLU H 330 -14.55 57.04 17.10
CA GLU H 330 -15.73 56.18 17.39
C GLU H 330 -15.42 55.25 18.56
N ASN H 331 -14.22 54.68 18.59
CA ASN H 331 -13.86 53.67 19.62
C ASN H 331 -13.62 54.38 20.97
N LEU H 332 -13.07 55.59 20.97
CA LEU H 332 -12.90 56.40 22.21
C LEU H 332 -14.26 56.70 22.80
N LEU H 333 -15.21 57.19 21.98
CA LEU H 333 -16.56 57.58 22.46
C LEU H 333 -17.33 56.34 22.92
N ALA H 334 -17.18 55.21 22.24
CA ALA H 334 -17.90 53.96 22.59
C ALA H 334 -17.32 53.39 23.89
N ALA H 335 -15.99 53.47 24.08
CA ALA H 335 -15.35 53.01 25.33
C ALA H 335 -15.90 53.85 26.50
N LYS H 336 -16.10 55.15 26.29
CA LYS H 336 -16.65 56.08 27.31
C LYS H 336 -18.11 55.70 27.62
N ALA H 337 -18.91 55.36 26.61
CA ALA H 337 -20.33 54.95 26.78
C ALA H 337 -20.38 53.66 27.59
N LEU H 338 -19.48 52.70 27.32
CA LEU H 338 -19.40 51.42 28.10
C LEU H 338 -19.01 51.74 29.55
N GLU H 339 -18.03 52.62 29.74
CA GLU H 339 -17.52 53.00 31.09
C GLU H 339 -18.64 53.64 31.91
N ASP H 340 -19.36 54.59 31.33
CA ASP H 340 -20.46 55.34 32.01
C ASP H 340 -21.56 54.34 32.38
N GLU H 341 -21.95 53.46 31.46
CA GLU H 341 -22.97 52.40 31.71
C GLU H 341 -22.54 51.49 32.86
N ALA H 342 -21.28 51.04 32.87
CA ALA H 342 -20.74 50.15 33.91
C ALA H 342 -20.77 50.86 35.27
N ASN H 343 -20.54 52.17 35.31
CA ASN H 343 -20.40 52.96 36.56
C ASN H 343 -21.76 53.38 37.11
N ARG H 344 -22.82 53.34 36.30
CA ARG H 344 -24.21 53.61 36.75
C ARG H 344 -24.77 52.34 37.40
N LEU H 345 -24.70 51.22 36.69
CA LEU H 345 -25.21 49.90 37.16
C LEU H 345 -24.25 49.35 38.22
C1 FUL I . -29.18 -7.23 18.54
C2 FUL I . -30.41 -8.00 18.98
O2 FUL I . -31.60 -7.48 18.33
C3 FUL I . -30.12 -9.41 18.65
O3 FUL I . -31.19 -10.22 19.13
C4 FUL I . -28.83 -9.90 19.28
O4 FUL I . -29.07 -10.19 20.66
C5 FUL I . -27.63 -8.95 19.18
C6 FUL I . -26.47 -9.36 20.07
O5 FUL I . -28.03 -7.57 19.46
O1 FUL I . -29.45 -5.91 18.51
C1 FUL J . 6.00 27.62 19.73
C2 FUL J . 4.70 27.00 20.24
O2 FUL J . 4.42 27.22 21.66
C3 FUL J . 3.64 27.58 19.40
O3 FUL J . 2.32 27.24 19.93
C4 FUL J . 3.80 27.10 17.99
O4 FUL J . 3.46 25.72 17.89
C5 FUL J . 5.24 27.34 17.44
C6 FUL J . 5.48 26.53 16.21
O5 FUL J . 6.32 26.98 18.40
O1 FUL J . 7.04 27.46 20.61
C1 FUL K . -35.90 -50.94 12.84
C2 FUL K . -35.09 -50.25 13.95
O2 FUL K . -33.83 -50.93 14.19
C3 FUL K . -34.87 -48.82 13.60
O3 FUL K . -34.45 -48.04 14.76
C4 FUL K . -36.15 -48.23 13.08
O4 FUL K . -37.19 -48.56 14.02
C5 FUL K . -36.39 -48.80 11.65
C6 FUL K . -37.83 -48.72 11.22
O5 FUL K . -35.94 -50.20 11.52
O1 FUL K . -37.20 -51.07 13.25
C1 FUL L . 36.45 6.60 -23.50
C2 FUL L . 36.68 5.09 -23.47
O2 FUL L . 36.82 4.47 -24.76
C3 FUL L . 37.88 4.89 -22.60
O3 FUL L . 38.41 3.53 -22.68
C4 FUL L . 37.51 5.20 -21.18
O4 FUL L . 37.18 3.97 -20.57
C5 FUL L . 36.33 6.21 -20.99
C6 FUL L . 35.12 5.51 -20.49
O5 FUL L . 35.87 6.98 -22.18
O1 FUL L . 35.65 7.03 -24.52
C1 FUL M . -12.60 -48.55 -3.82
C2 FUL M . -12.78 -48.02 -5.24
O2 FUL M . -13.86 -48.67 -5.94
C3 FUL M . -13.01 -46.56 -5.11
O3 FUL M . -13.40 -45.97 -6.39
C4 FUL M . -11.79 -45.89 -4.55
O4 FUL M . -10.74 -45.99 -5.52
C5 FUL M . -11.36 -46.54 -3.22
C6 FUL M . -10.01 -46.06 -2.73
O5 FUL M . -11.29 -48.02 -3.32
O1 FUL M . -12.61 -49.90 -3.75
C1 FUL N . 50.52 24.43 -37.04
C2 FUL N . 49.52 25.40 -36.49
O2 FUL N . 48.64 24.67 -35.61
C3 FUL N . 50.13 26.51 -35.71
O3 FUL N . 49.93 27.74 -36.47
C4 FUL N . 51.59 26.30 -35.30
O4 FUL N . 52.12 27.53 -34.80
C5 FUL N . 52.51 25.71 -36.40
C6 FUL N . 53.49 26.71 -36.92
O5 FUL N . 51.73 25.18 -37.54
O1 FUL N . 49.91 23.71 -38.01
C1 FUL O . -24.78 -6.33 -8.97
C2 FUL O . -23.48 -6.98 -9.36
O2 FUL O . -22.41 -6.27 -8.69
C3 FUL O . -23.56 -8.43 -9.03
O3 FUL O . -22.29 -9.11 -9.34
C4 FUL O . -24.67 -9.07 -9.81
O4 FUL O . -24.34 -9.06 -11.21
C5 FUL O . -26.02 -8.36 -9.55
C6 FUL O . -27.12 -8.88 -10.42
O5 FUL O . -25.92 -6.90 -9.76
O1 FUL O . -24.68 -4.99 -9.19
C1 FUL P . 8.54 53.98 22.14
C2 FUL P . 8.96 54.85 20.97
O2 FUL P . 10.02 54.22 20.20
C3 FUL P . 7.76 55.09 20.14
O3 FUL P . 8.13 55.88 18.97
C4 FUL P . 6.65 55.78 20.88
O4 FUL P . 6.98 57.16 21.09
C5 FUL P . 6.34 55.05 22.21
C6 FUL P . 5.40 55.82 23.09
O5 FUL P . 7.55 54.74 22.98
O1 FUL P . 9.61 53.64 22.93
#